data_2K4K
#
_entry.id   2K4K
#
_entity_poly.entity_id   1
_entity_poly.type   'polypeptide(L)'
_entity_poly.pdbx_seq_one_letter_code
;MAAKFEVGSVYTGKVTGLQAYGAFVALDEETQGLVHISEVTHGFVKDINEHLSVGDEVQVKVLAVDEEKGKISLSIRATQ
AAPEKKESKPRKPKAAQVSEEASTPQGFNTLKDKLEEWIEMSNRKDLIKK
;
_entity_poly.pdbx_strand_id   A
#
# COMPACT_ATOMS: atom_id res chain seq x y z
N MET A 1 20.82 -18.51 0.56
CA MET A 1 21.02 -17.42 -0.41
C MET A 1 21.73 -16.26 0.27
N ALA A 2 21.01 -15.26 0.79
CA ALA A 2 21.55 -14.06 1.42
C ALA A 2 20.42 -13.35 2.18
N ALA A 3 20.79 -12.43 3.06
CA ALA A 3 19.89 -11.49 3.73
C ALA A 3 20.69 -10.26 4.16
N LYS A 4 20.01 -9.11 4.24
CA LYS A 4 20.56 -7.82 4.68
C LYS A 4 19.51 -6.92 5.33
N PHE A 5 18.49 -7.55 5.91
CA PHE A 5 17.39 -6.94 6.64
C PHE A 5 17.20 -7.72 7.94
N GLU A 6 16.42 -7.20 8.88
CA GLU A 6 16.12 -7.85 10.15
C GLU A 6 14.68 -7.55 10.53
N VAL A 7 14.03 -8.50 11.20
CA VAL A 7 12.66 -8.42 11.67
C VAL A 7 12.41 -7.14 12.47
N GLY A 8 11.26 -6.52 12.22
CA GLY A 8 10.82 -5.29 12.85
C GLY A 8 11.29 -4.03 12.13
N SER A 9 12.26 -4.13 11.21
CA SER A 9 12.70 -3.00 10.41
C SER A 9 11.59 -2.53 9.45
N VAL A 10 11.76 -1.35 8.88
CA VAL A 10 10.80 -0.72 7.97
C VAL A 10 11.61 -0.10 6.84
N TYR A 11 11.26 -0.41 5.60
CA TYR A 11 11.93 0.06 4.39
C TYR A 11 10.90 0.27 3.27
N THR A 12 11.32 0.85 2.15
CA THR A 12 10.43 1.22 1.05
C THR A 12 10.85 0.46 -0.20
N GLY A 13 9.87 0.07 -1.01
CA GLY A 13 10.03 -0.77 -2.18
C GLY A 13 8.89 -0.55 -3.17
N LYS A 14 8.82 -1.36 -4.23
CA LYS A 14 7.79 -1.23 -5.26
C LYS A 14 7.09 -2.56 -5.49
N VAL A 15 5.78 -2.50 -5.63
CA VAL A 15 4.92 -3.67 -5.74
C VAL A 15 5.16 -4.30 -7.11
N THR A 16 5.50 -5.58 -7.12
CA THR A 16 5.86 -6.35 -8.31
C THR A 16 4.78 -7.38 -8.69
N GLY A 17 3.79 -7.63 -7.85
CA GLY A 17 2.63 -8.43 -8.21
C GLY A 17 1.57 -8.41 -7.12
N LEU A 18 0.37 -8.88 -7.45
CA LEU A 18 -0.73 -9.08 -6.51
C LEU A 18 -1.29 -10.48 -6.75
N GLN A 19 -1.76 -11.12 -5.68
CA GLN A 19 -2.28 -12.49 -5.65
C GLN A 19 -3.41 -12.54 -4.62
N ALA A 20 -4.28 -13.55 -4.72
CA ALA A 20 -5.36 -13.77 -3.75
C ALA A 20 -4.86 -14.07 -2.32
N TYR A 21 -3.55 -14.23 -2.12
CA TYR A 21 -2.92 -14.49 -0.82
C TYR A 21 -1.91 -13.43 -0.40
N GLY A 22 -1.58 -12.45 -1.25
CA GLY A 22 -0.64 -11.40 -0.87
C GLY A 22 -0.14 -10.59 -2.05
N ALA A 23 0.79 -9.67 -1.80
CA ALA A 23 1.39 -8.78 -2.78
C ALA A 23 2.90 -8.97 -2.76
N PHE A 24 3.51 -9.19 -3.92
CA PHE A 24 4.95 -9.20 -4.03
C PHE A 24 5.45 -7.76 -4.06
N VAL A 25 6.56 -7.48 -3.38
CA VAL A 25 7.19 -6.16 -3.34
C VAL A 25 8.68 -6.40 -3.52
N ALA A 26 9.30 -5.73 -4.49
CA ALA A 26 10.75 -5.63 -4.62
C ALA A 26 11.24 -4.58 -3.63
N LEU A 27 12.20 -4.97 -2.78
CA LEU A 27 12.83 -4.07 -1.81
C LEU A 27 14.17 -3.56 -2.32
N ASP A 28 14.89 -4.41 -3.06
CA ASP A 28 16.22 -4.14 -3.59
C ASP A 28 16.48 -5.09 -4.76
N GLU A 29 17.50 -4.82 -5.56
CA GLU A 29 17.99 -5.73 -6.59
C GLU A 29 18.31 -7.14 -6.07
N GLU A 30 18.54 -7.28 -4.76
CA GLU A 30 18.90 -8.55 -4.10
C GLU A 30 17.86 -8.94 -3.03
N THR A 31 16.70 -8.28 -2.95
CA THR A 31 15.72 -8.59 -1.91
C THR A 31 14.29 -8.30 -2.39
N GLN A 32 13.39 -9.24 -2.15
CA GLN A 32 12.02 -9.26 -2.66
C GLN A 32 11.20 -10.01 -1.61
N GLY A 33 10.04 -9.49 -1.21
CA GLY A 33 9.23 -10.07 -0.14
C GLY A 33 7.75 -10.12 -0.48
N LEU A 34 6.95 -10.62 0.46
CA LEU A 34 5.55 -10.98 0.26
C LEU A 34 4.74 -10.38 1.40
N VAL A 35 4.02 -9.30 1.13
CA VAL A 35 2.99 -8.82 2.04
C VAL A 35 1.91 -9.89 2.03
N HIS A 36 1.66 -10.56 3.15
CA HIS A 36 0.60 -11.56 3.24
C HIS A 36 -0.74 -10.79 3.28
N ILE A 37 -1.80 -11.33 2.69
CA ILE A 37 -3.09 -10.62 2.61
C ILE A 37 -3.63 -10.22 3.98
N SER A 38 -3.42 -11.04 5.00
CA SER A 38 -3.78 -10.76 6.39
C SER A 38 -2.98 -9.61 7.02
N GLU A 39 -2.00 -9.08 6.30
CA GLU A 39 -1.07 -8.03 6.70
C GLU A 39 -1.14 -6.85 5.72
N VAL A 40 -1.99 -6.91 4.68
CA VAL A 40 -2.22 -5.78 3.77
C VAL A 40 -3.06 -4.69 4.46
N THR A 41 -4.06 -5.08 5.24
CA THR A 41 -4.96 -4.18 5.95
C THR A 41 -5.45 -4.93 7.20
N HIS A 42 -5.94 -4.20 8.20
CA HIS A 42 -6.27 -4.76 9.52
C HIS A 42 -7.33 -5.87 9.49
N GLY A 43 -8.23 -5.83 8.50
CA GLY A 43 -9.29 -6.81 8.31
C GLY A 43 -10.14 -6.44 7.10
N PHE A 44 -11.15 -7.28 6.82
CA PHE A 44 -12.06 -7.13 5.67
C PHE A 44 -11.31 -6.87 4.36
N VAL A 45 -10.21 -7.60 4.15
CA VAL A 45 -9.39 -7.52 2.93
C VAL A 45 -10.07 -8.32 1.80
N LYS A 46 -11.30 -7.91 1.46
CA LYS A 46 -12.20 -8.64 0.56
C LYS A 46 -11.56 -8.96 -0.80
N ASP A 47 -10.74 -8.05 -1.31
CA ASP A 47 -9.87 -8.30 -2.47
C ASP A 47 -8.66 -7.37 -2.34
N ILE A 48 -7.48 -7.88 -2.68
CA ILE A 48 -6.22 -7.15 -2.47
C ILE A 48 -6.11 -5.90 -3.34
N ASN A 49 -6.66 -5.89 -4.55
CA ASN A 49 -6.59 -4.71 -5.42
C ASN A 49 -7.35 -3.50 -4.86
N GLU A 50 -8.27 -3.72 -3.92
CA GLU A 50 -8.98 -2.62 -3.25
C GLU A 50 -8.11 -1.98 -2.15
N HIS A 51 -6.90 -2.52 -1.90
CA HIS A 51 -6.05 -2.18 -0.76
C HIS A 51 -4.58 -1.92 -1.15
N LEU A 52 -4.14 -2.45 -2.28
CA LEU A 52 -2.80 -2.26 -2.85
C LEU A 52 -2.89 -2.20 -4.38
N SER A 53 -1.80 -1.80 -5.02
CA SER A 53 -1.70 -1.61 -6.46
C SER A 53 -0.34 -2.12 -6.93
N VAL A 54 -0.29 -2.98 -7.95
CA VAL A 54 0.96 -3.33 -8.63
C VAL A 54 1.55 -2.11 -9.32
N GLY A 55 2.88 -2.06 -9.40
CA GLY A 55 3.60 -0.99 -10.05
C GLY A 55 3.47 0.33 -9.29
N ASP A 56 3.37 0.26 -7.96
CA ASP A 56 3.33 1.43 -7.08
C ASP A 56 4.43 1.30 -6.04
N GLU A 57 4.83 2.40 -5.40
CA GLU A 57 5.81 2.41 -4.33
C GLU A 57 5.09 2.35 -2.99
N VAL A 58 5.63 1.56 -2.05
CA VAL A 58 5.02 1.27 -0.77
C VAL A 58 6.13 1.16 0.28
N GLN A 59 5.82 1.55 1.51
CA GLN A 59 6.70 1.34 2.65
C GLN A 59 6.16 0.15 3.43
N VAL A 60 7.02 -0.81 3.75
CA VAL A 60 6.69 -2.12 4.30
C VAL A 60 7.44 -2.33 5.61
N LYS A 61 6.84 -3.07 6.54
CA LYS A 61 7.52 -3.56 7.74
C LYS A 61 7.98 -5.00 7.49
N VAL A 62 9.23 -5.30 7.80
CA VAL A 62 9.79 -6.64 7.82
C VAL A 62 9.14 -7.42 8.97
N LEU A 63 8.42 -8.50 8.67
CA LEU A 63 7.86 -9.38 9.69
C LEU A 63 8.80 -10.56 9.98
N ALA A 64 9.40 -11.13 8.94
CA ALA A 64 10.25 -12.32 9.00
C ALA A 64 11.17 -12.32 7.80
N VAL A 65 12.35 -12.92 7.92
CA VAL A 65 13.34 -13.01 6.84
C VAL A 65 13.67 -14.49 6.62
N ASP A 66 13.91 -14.86 5.36
CA ASP A 66 14.15 -16.23 4.92
C ASP A 66 15.40 -16.25 4.04
N GLU A 67 16.54 -16.19 4.70
CA GLU A 67 17.89 -16.16 4.12
C GLU A 67 18.14 -17.33 3.16
N GLU A 68 17.42 -18.44 3.33
CA GLU A 68 17.48 -19.60 2.44
C GLU A 68 17.19 -19.21 0.99
N LYS A 69 16.31 -18.22 0.77
CA LYS A 69 15.90 -17.77 -0.57
C LYS A 69 16.02 -16.25 -0.73
N GLY A 70 16.46 -15.53 0.30
CA GLY A 70 16.44 -14.07 0.33
C GLY A 70 15.02 -13.50 0.24
N LYS A 71 14.00 -14.27 0.67
CA LYS A 71 12.63 -13.78 0.76
C LYS A 71 12.41 -13.12 2.11
N ILE A 72 11.34 -12.34 2.22
CA ILE A 72 10.96 -11.62 3.43
C ILE A 72 9.43 -11.65 3.48
N SER A 73 8.85 -11.93 4.64
CA SER A 73 7.43 -11.72 4.90
C SER A 73 7.25 -10.26 5.33
N LEU A 74 6.24 -9.58 4.81
CA LEU A 74 6.08 -8.13 4.94
C LEU A 74 4.69 -7.79 5.47
N SER A 75 4.53 -6.55 5.94
CA SER A 75 3.24 -5.96 6.31
C SER A 75 3.12 -4.57 5.72
N ILE A 76 1.88 -4.17 5.50
CA ILE A 76 1.42 -2.84 5.07
C ILE A 76 0.39 -2.30 6.08
N ARG A 77 -0.38 -3.14 6.76
CA ARG A 77 -1.20 -2.66 7.87
C ARG A 77 -0.35 -2.00 8.94
N ALA A 78 0.86 -2.52 9.18
CA ALA A 78 1.82 -1.92 10.10
C ALA A 78 2.16 -0.49 9.68
N THR A 79 2.50 -0.27 8.41
CA THR A 79 3.03 1.01 7.95
C THR A 79 1.92 2.03 7.69
N GLN A 80 0.76 1.61 7.19
CA GLN A 80 -0.40 2.49 7.01
C GLN A 80 -0.90 3.02 8.36
N ALA A 81 -0.76 2.24 9.44
CA ALA A 81 -1.11 2.69 10.78
C ALA A 81 -0.10 3.69 11.36
N ALA A 82 1.17 3.63 10.95
CA ALA A 82 2.22 4.48 11.48
C ALA A 82 2.04 5.95 11.05
N PRO A 83 2.47 6.92 11.88
CA PRO A 83 2.54 8.32 11.48
C PRO A 83 3.70 8.54 10.49
N GLU A 84 3.80 9.76 9.95
CA GLU A 84 4.91 10.20 9.13
C GLU A 84 5.16 11.71 9.33
N LYS A 85 6.24 12.22 8.74
CA LYS A 85 6.53 13.66 8.68
C LYS A 85 5.37 14.37 7.97
N LYS A 86 4.74 15.31 8.67
CA LYS A 86 3.63 16.11 8.16
C LYS A 86 4.18 17.28 7.35
N GLU A 87 4.88 16.95 6.28
CA GLU A 87 5.48 17.88 5.32
C GLU A 87 5.24 17.33 3.91
N SER A 88 5.26 18.21 2.91
CA SER A 88 5.05 17.88 1.51
C SER A 88 6.09 16.86 1.01
N LYS A 89 5.65 16.01 0.07
CA LYS A 89 6.45 15.02 -0.63
C LYS A 89 5.97 14.99 -2.10
N PRO A 90 6.76 14.51 -3.07
CA PRO A 90 6.48 14.65 -4.51
C PRO A 90 5.07 14.26 -4.99
N ARG A 91 4.39 13.33 -4.33
CA ARG A 91 3.05 12.86 -4.74
C ARG A 91 1.93 13.29 -3.79
N LYS A 92 2.21 13.92 -2.64
CA LYS A 92 1.16 14.56 -1.84
C LYS A 92 0.32 15.60 -2.61
N PRO A 93 0.85 16.37 -3.58
CA PRO A 93 0.03 17.19 -4.47
C PRO A 93 -1.04 16.43 -5.27
N LYS A 94 -0.96 15.09 -5.36
CA LYS A 94 -1.88 14.22 -6.11
C LYS A 94 -2.07 14.74 -7.53
N ALA A 95 -0.94 14.95 -8.22
CA ALA A 95 -0.92 15.51 -9.57
C ALA A 95 -1.70 14.68 -10.61
N ALA A 96 -2.00 13.40 -10.31
CA ALA A 96 -2.86 12.55 -11.13
C ALA A 96 -4.31 13.06 -11.25
N GLN A 97 -4.76 13.94 -10.36
CA GLN A 97 -6.08 14.57 -10.44
C GLN A 97 -6.27 15.32 -11.78
N VAL A 98 -7.53 15.37 -12.24
CA VAL A 98 -7.94 16.05 -13.49
C VAL A 98 -9.17 16.93 -13.29
N SER A 99 -9.61 17.09 -12.04
CA SER A 99 -10.80 17.85 -11.64
C SER A 99 -10.54 18.51 -10.29
N GLU A 100 -11.34 19.52 -9.95
CA GLU A 100 -11.33 20.13 -8.61
C GLU A 100 -11.71 19.09 -7.55
N GLU A 101 -11.11 19.20 -6.37
CA GLU A 101 -11.24 18.26 -5.25
C GLU A 101 -12.61 18.33 -4.55
N ALA A 102 -13.56 19.06 -5.12
CA ALA A 102 -14.91 19.25 -4.57
C ALA A 102 -15.60 17.91 -4.35
N SER A 103 -16.28 17.79 -3.20
CA SER A 103 -17.10 16.64 -2.84
C SER A 103 -18.40 16.58 -3.63
N THR A 104 -18.83 17.68 -4.26
CA THR A 104 -20.14 17.85 -4.87
C THR A 104 -20.02 18.73 -6.13
N PRO A 105 -20.99 18.66 -7.06
CA PRO A 105 -21.04 19.56 -8.21
C PRO A 105 -21.63 20.94 -7.87
N GLN A 106 -22.54 21.00 -6.87
CA GLN A 106 -23.29 22.21 -6.52
C GLN A 106 -22.47 23.22 -5.71
N GLY A 107 -21.30 22.82 -5.21
CA GLY A 107 -20.39 23.61 -4.39
C GLY A 107 -19.23 22.73 -3.93
N PHE A 108 -18.22 23.31 -3.29
CA PHE A 108 -17.02 22.55 -2.94
C PHE A 108 -17.35 21.39 -1.99
N ASN A 109 -18.30 21.58 -1.07
CA ASN A 109 -18.88 20.51 -0.27
C ASN A 109 -20.31 20.92 0.09
N THR A 110 -21.28 20.11 -0.31
CA THR A 110 -22.70 20.46 -0.26
C THR A 110 -23.54 19.24 0.15
N LEU A 111 -22.97 18.29 0.90
CA LEU A 111 -23.72 17.12 1.38
C LEU A 111 -25.00 17.51 2.10
N LYS A 112 -26.09 16.80 1.79
CA LYS A 112 -27.47 17.13 2.18
C LYS A 112 -28.38 15.95 1.86
N ASP A 113 -29.65 16.05 2.28
CA ASP A 113 -30.68 15.04 1.99
C ASP A 113 -32.02 15.69 1.67
N LYS A 114 -32.42 16.71 2.47
CA LYS A 114 -33.70 17.41 2.29
C LYS A 114 -33.80 18.13 0.95
N LEU A 115 -32.67 18.48 0.32
CA LEU A 115 -32.60 19.06 -1.01
C LEU A 115 -31.50 18.35 -1.81
N GLU A 116 -31.42 17.02 -1.72
CA GLU A 116 -30.60 16.23 -2.64
C GLU A 116 -31.25 16.15 -4.03
N GLU A 117 -31.31 17.32 -4.66
CA GLU A 117 -31.88 17.59 -5.98
C GLU A 117 -31.03 18.69 -6.62
N TRP A 118 -31.19 18.86 -7.94
CA TRP A 118 -30.39 19.72 -8.82
C TRP A 118 -28.93 19.28 -8.90
N ILE A 119 -28.14 19.96 -9.74
CA ILE A 119 -26.74 19.61 -10.05
C ILE A 119 -25.88 20.84 -10.31
N GLU A 120 -26.46 21.92 -10.84
CA GLU A 120 -25.74 23.16 -11.13
C GLU A 120 -26.56 24.36 -10.63
N MET A 121 -27.51 24.11 -9.72
CA MET A 121 -28.36 25.10 -9.08
C MET A 121 -28.56 24.66 -7.62
N SER A 122 -28.98 25.60 -6.77
CA SER A 122 -29.31 25.38 -5.37
C SER A 122 -30.42 26.38 -4.99
N ASN A 123 -31.13 26.14 -3.88
CA ASN A 123 -32.07 27.13 -3.34
C ASN A 123 -31.33 28.40 -2.92
N ARG A 124 -31.98 29.56 -3.04
CA ARG A 124 -31.46 30.84 -2.55
C ARG A 124 -31.38 30.84 -1.01
N LYS A 125 -30.63 31.79 -0.45
CA LYS A 125 -30.66 32.07 0.98
C LYS A 125 -32.10 32.38 1.40
N ASP A 126 -32.48 32.06 2.63
CA ASP A 126 -33.83 32.29 3.18
C ASP A 126 -34.29 33.75 3.08
N LEU A 127 -33.33 34.68 3.06
CA LEU A 127 -33.52 36.11 2.80
C LEU A 127 -34.25 36.44 1.48
N ILE A 128 -34.36 35.48 0.55
CA ILE A 128 -35.26 35.60 -0.61
C ILE A 128 -36.70 35.88 -0.21
N LYS A 129 -37.20 35.32 0.90
CA LYS A 129 -38.53 35.58 1.42
C LYS A 129 -38.60 37.02 1.92
N LYS A 130 -39.67 37.74 1.58
CA LYS A 130 -39.90 39.13 1.95
C LYS A 130 -41.19 39.20 2.76
N MET A 1 23.89 -15.63 -0.11
CA MET A 1 23.62 -14.19 -0.17
C MET A 1 22.75 -13.80 1.01
N ALA A 2 23.20 -12.85 1.83
CA ALA A 2 22.42 -12.32 2.93
C ALA A 2 21.14 -11.64 2.43
N ALA A 3 20.08 -11.68 3.23
CA ALA A 3 18.79 -11.08 2.90
C ALA A 3 18.80 -9.55 2.99
N LYS A 4 19.84 -8.93 3.57
CA LYS A 4 20.05 -7.47 3.72
C LYS A 4 18.90 -6.70 4.37
N PHE A 5 18.01 -7.41 5.05
CA PHE A 5 16.94 -6.87 5.86
C PHE A 5 16.82 -7.74 7.12
N GLU A 6 16.17 -7.22 8.16
CA GLU A 6 15.99 -7.89 9.44
C GLU A 6 14.58 -7.56 9.96
N VAL A 7 13.95 -8.50 10.65
CA VAL A 7 12.60 -8.37 11.17
C VAL A 7 12.44 -7.14 12.05
N GLY A 8 11.28 -6.50 11.93
CA GLY A 8 10.92 -5.31 12.68
C GLY A 8 11.42 -4.02 12.06
N SER A 9 12.37 -4.08 11.12
CA SER A 9 12.79 -2.93 10.33
C SER A 9 11.66 -2.45 9.42
N VAL A 10 11.78 -1.25 8.86
CA VAL A 10 10.78 -0.66 7.97
C VAL A 10 11.51 0.19 6.93
N TYR A 11 11.18 -0.03 5.67
CA TYR A 11 11.79 0.60 4.51
C TYR A 11 10.72 0.88 3.46
N THR A 12 11.13 1.31 2.27
CA THR A 12 10.22 1.58 1.15
C THR A 12 10.56 0.63 0.00
N GLY A 13 9.57 0.30 -0.81
CA GLY A 13 9.69 -0.63 -1.92
C GLY A 13 8.62 -0.36 -2.97
N LYS A 14 8.61 -1.14 -4.04
CA LYS A 14 7.75 -0.93 -5.21
C LYS A 14 7.05 -2.24 -5.50
N VAL A 15 5.72 -2.23 -5.53
CA VAL A 15 4.90 -3.42 -5.67
C VAL A 15 5.14 -4.00 -7.06
N THR A 16 5.46 -5.29 -7.11
CA THR A 16 5.90 -6.03 -8.29
C THR A 16 4.88 -7.08 -8.74
N GLY A 17 3.87 -7.40 -7.95
CA GLY A 17 2.75 -8.22 -8.39
C GLY A 17 1.72 -8.37 -7.29
N LEU A 18 0.55 -8.88 -7.65
CA LEU A 18 -0.53 -9.23 -6.73
C LEU A 18 -0.92 -10.69 -6.97
N GLN A 19 -1.40 -11.34 -5.92
CA GLN A 19 -1.85 -12.73 -5.92
C GLN A 19 -3.01 -12.83 -4.92
N ALA A 20 -3.82 -13.89 -5.03
CA ALA A 20 -4.96 -14.13 -4.15
C ALA A 20 -4.59 -14.33 -2.67
N TYR A 21 -3.30 -14.39 -2.33
CA TYR A 21 -2.80 -14.56 -0.97
C TYR A 21 -1.71 -13.57 -0.56
N GLY A 22 -1.39 -12.57 -1.40
CA GLY A 22 -0.44 -11.53 -1.03
C GLY A 22 0.06 -10.73 -2.23
N ALA A 23 0.92 -9.75 -1.98
CA ALA A 23 1.50 -8.88 -2.99
C ALA A 23 3.01 -8.87 -2.85
N PHE A 24 3.71 -8.99 -3.97
CA PHE A 24 5.16 -8.88 -4.00
C PHE A 24 5.55 -7.41 -3.97
N VAL A 25 6.60 -7.06 -3.24
CA VAL A 25 7.16 -5.73 -3.18
C VAL A 25 8.68 -5.88 -3.26
N ALA A 26 9.26 -5.41 -4.36
CA ALA A 26 10.71 -5.28 -4.49
C ALA A 26 11.20 -4.20 -3.53
N LEU A 27 12.39 -4.40 -2.98
CA LEU A 27 12.94 -3.60 -1.89
C LEU A 27 14.29 -2.99 -2.30
N ASP A 28 14.99 -3.67 -3.18
CA ASP A 28 16.34 -3.37 -3.66
C ASP A 28 16.52 -4.11 -4.99
N GLU A 29 17.53 -3.72 -5.75
CA GLU A 29 17.80 -4.21 -7.12
C GLU A 29 17.94 -5.74 -7.22
N GLU A 30 18.15 -6.44 -6.11
CA GLU A 30 18.25 -7.90 -6.05
C GLU A 30 17.50 -8.50 -4.85
N THR A 31 16.57 -7.74 -4.22
CA THR A 31 15.88 -8.16 -3.01
C THR A 31 14.42 -7.76 -3.05
N GLN A 32 13.54 -8.62 -2.56
CA GLN A 32 12.09 -8.54 -2.67
C GLN A 32 11.46 -9.32 -1.51
N GLY A 33 10.24 -8.97 -1.13
CA GLY A 33 9.47 -9.71 -0.15
C GLY A 33 7.99 -9.74 -0.50
N LEU A 34 7.19 -10.40 0.34
CA LEU A 34 5.79 -10.74 0.07
C LEU A 34 4.94 -10.32 1.26
N VAL A 35 4.21 -9.21 1.13
CA VAL A 35 3.14 -8.92 2.09
C VAL A 35 2.03 -9.95 1.86
N HIS A 36 1.79 -10.81 2.85
CA HIS A 36 0.71 -11.77 2.80
C HIS A 36 -0.62 -11.01 2.93
N ILE A 37 -1.70 -11.53 2.36
CA ILE A 37 -2.99 -10.81 2.29
C ILE A 37 -3.49 -10.39 3.69
N SER A 38 -3.28 -11.24 4.69
CA SER A 38 -3.64 -10.98 6.09
C SER A 38 -2.82 -9.85 6.74
N GLU A 39 -1.85 -9.30 6.01
CA GLU A 39 -0.90 -8.30 6.47
C GLU A 39 -0.99 -7.05 5.60
N VAL A 40 -1.88 -7.01 4.60
CA VAL A 40 -2.09 -5.83 3.75
C VAL A 40 -2.78 -4.72 4.56
N THR A 41 -3.79 -5.07 5.35
CA THR A 41 -4.60 -4.10 6.10
C THR A 41 -5.02 -4.73 7.42
N HIS A 42 -5.12 -3.90 8.46
CA HIS A 42 -5.54 -4.25 9.82
C HIS A 42 -7.07 -4.41 9.90
N GLY A 43 -7.61 -5.26 9.03
CA GLY A 43 -9.04 -5.51 8.87
C GLY A 43 -9.26 -6.54 7.76
N PHE A 44 -10.52 -6.79 7.40
CA PHE A 44 -10.86 -7.63 6.25
C PHE A 44 -10.25 -7.05 4.97
N VAL A 45 -10.00 -7.91 3.98
CA VAL A 45 -9.48 -7.56 2.66
C VAL A 45 -10.43 -8.21 1.65
N LYS A 46 -11.40 -7.42 1.17
CA LYS A 46 -12.44 -7.90 0.24
C LYS A 46 -11.81 -8.58 -0.97
N ASP A 47 -10.83 -7.90 -1.55
CA ASP A 47 -9.91 -8.40 -2.57
C ASP A 47 -8.65 -7.53 -2.46
N ILE A 48 -7.48 -8.11 -2.70
CA ILE A 48 -6.21 -7.40 -2.51
C ILE A 48 -6.08 -6.15 -3.39
N ASN A 49 -6.61 -6.15 -4.62
CA ASN A 49 -6.55 -4.97 -5.49
C ASN A 49 -7.35 -3.78 -4.94
N GLU A 50 -8.26 -4.00 -3.99
CA GLU A 50 -9.00 -2.93 -3.34
C GLU A 50 -8.19 -2.32 -2.17
N HIS A 51 -7.03 -2.90 -1.84
CA HIS A 51 -6.25 -2.58 -0.63
C HIS A 51 -4.75 -2.36 -0.90
N LEU A 52 -4.25 -2.81 -2.05
CA LEU A 52 -2.92 -2.50 -2.58
C LEU A 52 -2.99 -2.47 -4.11
N SER A 53 -1.88 -2.12 -4.77
CA SER A 53 -1.83 -1.89 -6.21
C SER A 53 -0.44 -2.26 -6.70
N VAL A 54 -0.32 -3.10 -7.73
CA VAL A 54 0.95 -3.28 -8.44
C VAL A 54 1.36 -1.97 -9.11
N GLY A 55 2.68 -1.75 -9.23
CA GLY A 55 3.22 -0.57 -9.86
C GLY A 55 3.01 0.68 -9.00
N ASP A 56 3.05 0.52 -7.67
CA ASP A 56 2.99 1.63 -6.71
C ASP A 56 4.18 1.53 -5.76
N GLU A 57 4.49 2.60 -5.04
CA GLU A 57 5.60 2.69 -4.12
C GLU A 57 5.02 2.78 -2.70
N VAL A 58 5.42 1.88 -1.83
CA VAL A 58 4.81 1.67 -0.51
C VAL A 58 5.90 1.49 0.53
N GLN A 59 5.64 1.96 1.76
CA GLN A 59 6.48 1.68 2.90
C GLN A 59 6.05 0.32 3.46
N VAL A 60 7.00 -0.52 3.83
CA VAL A 60 6.82 -1.92 4.17
C VAL A 60 7.61 -2.20 5.44
N LYS A 61 6.96 -2.82 6.42
CA LYS A 61 7.65 -3.34 7.60
C LYS A 61 8.11 -4.76 7.28
N VAL A 62 9.36 -5.11 7.59
CA VAL A 62 9.85 -6.46 7.52
C VAL A 62 9.15 -7.29 8.61
N LEU A 63 8.36 -8.28 8.21
CA LEU A 63 7.59 -9.11 9.11
C LEU A 63 8.33 -10.41 9.43
N ALA A 64 9.00 -11.01 8.46
CA ALA A 64 9.80 -12.22 8.63
C ALA A 64 10.90 -12.24 7.58
N VAL A 65 11.96 -13.01 7.83
CA VAL A 65 13.05 -13.28 6.90
C VAL A 65 13.41 -14.76 7.07
N ASP A 66 13.73 -15.45 5.98
CA ASP A 66 14.29 -16.79 6.00
C ASP A 66 15.38 -16.86 4.93
N GLU A 67 16.63 -16.84 5.35
CA GLU A 67 17.77 -16.75 4.45
C GLU A 67 18.12 -18.10 3.81
N GLU A 68 17.59 -19.22 4.31
CA GLU A 68 17.78 -20.52 3.70
C GLU A 68 16.84 -20.65 2.50
N LYS A 69 15.58 -20.24 2.66
CA LYS A 69 14.63 -20.07 1.57
C LYS A 69 15.05 -18.92 0.64
N GLY A 70 15.75 -17.92 1.16
CA GLY A 70 16.03 -16.68 0.46
C GLY A 70 14.74 -15.88 0.25
N LYS A 71 13.95 -15.71 1.32
CA LYS A 71 12.61 -15.12 1.27
C LYS A 71 12.46 -14.10 2.41
N ILE A 72 11.51 -13.18 2.23
CA ILE A 72 11.16 -12.12 3.17
C ILE A 72 9.63 -12.03 3.12
N SER A 73 9.00 -11.88 4.28
CA SER A 73 7.60 -11.54 4.39
C SER A 73 7.50 -10.12 4.92
N LEU A 74 6.45 -9.41 4.55
CA LEU A 74 6.30 -7.98 4.80
C LEU A 74 4.91 -7.72 5.37
N SER A 75 4.69 -6.51 5.89
CA SER A 75 3.37 -6.04 6.28
C SER A 75 3.19 -4.60 5.81
N ILE A 76 1.95 -4.28 5.46
CA ILE A 76 1.46 -2.95 5.08
C ILE A 76 0.42 -2.49 6.12
N ARG A 77 -0.23 -3.40 6.86
CA ARG A 77 -1.07 -3.01 7.99
C ARG A 77 -0.30 -2.23 9.04
N ALA A 78 1.01 -2.45 9.14
CA ALA A 78 1.90 -1.68 10.00
C ALA A 78 2.13 -0.24 9.52
N THR A 79 2.02 0.02 8.22
CA THR A 79 2.41 1.31 7.62
C THR A 79 1.19 2.14 7.18
N GLN A 80 0.04 1.51 6.96
CA GLN A 80 -1.25 2.18 6.78
C GLN A 80 -1.68 2.88 8.08
N ALA A 81 -2.70 3.73 7.95
CA ALA A 81 -3.29 4.55 9.00
C ALA A 81 -2.24 5.35 9.80
N ALA A 82 -1.27 5.92 9.07
CA ALA A 82 -0.22 6.79 9.59
C ALA A 82 0.14 7.83 8.52
N PRO A 83 0.78 8.96 8.89
CA PRO A 83 1.30 9.94 7.95
C PRO A 83 2.21 9.34 6.88
N GLU A 84 2.34 10.06 5.76
CA GLU A 84 3.30 9.78 4.69
C GLU A 84 3.88 11.12 4.25
N LYS A 85 5.14 11.40 4.61
CA LYS A 85 5.79 12.69 4.33
C LYS A 85 5.79 13.04 2.83
N LYS A 86 5.83 12.04 1.96
CA LYS A 86 5.83 12.21 0.51
C LYS A 86 4.52 12.77 -0.06
N GLU A 87 3.44 12.79 0.70
CA GLU A 87 2.17 13.36 0.26
C GLU A 87 2.29 14.88 0.01
N SER A 88 1.40 15.40 -0.85
CA SER A 88 1.37 16.80 -1.27
C SER A 88 -0.08 17.33 -1.36
N LYS A 89 -1.03 16.62 -0.76
CA LYS A 89 -2.47 16.92 -0.79
C LYS A 89 -3.07 16.65 0.60
N PRO A 90 -4.26 17.19 0.91
CA PRO A 90 -5.01 16.85 2.12
C PRO A 90 -5.16 15.33 2.30
N ARG A 91 -5.31 14.91 3.55
CA ARG A 91 -5.31 13.50 3.97
C ARG A 91 -6.09 13.38 5.26
N LYS A 92 -6.85 12.29 5.44
CA LYS A 92 -7.73 12.12 6.59
C LYS A 92 -6.91 12.09 7.89
N PRO A 93 -7.42 12.62 9.02
CA PRO A 93 -6.75 12.57 10.32
C PRO A 93 -6.28 11.16 10.72
N LYS A 94 -7.08 10.13 10.40
CA LYS A 94 -6.76 8.72 10.67
C LYS A 94 -5.48 8.24 9.98
N ALA A 95 -4.93 9.00 9.05
CA ALA A 95 -3.63 8.75 8.42
C ALA A 95 -2.80 10.04 8.35
N ALA A 96 -3.06 11.01 9.21
CA ALA A 96 -2.38 12.30 9.27
C ALA A 96 -2.23 12.77 10.73
N GLN A 97 -2.10 11.83 11.66
CA GLN A 97 -1.93 12.08 13.08
C GLN A 97 -0.70 12.95 13.36
N VAL A 98 -0.69 13.61 14.52
CA VAL A 98 0.42 14.47 14.97
C VAL A 98 0.91 14.11 16.37
N SER A 99 0.24 13.17 17.05
CA SER A 99 0.67 12.62 18.32
C SER A 99 2.05 11.95 18.18
N GLU A 100 2.82 11.93 19.26
CA GLU A 100 4.12 11.27 19.36
C GLU A 100 4.42 10.94 20.83
N GLU A 101 5.42 10.10 21.05
CA GLU A 101 5.98 9.76 22.36
C GLU A 101 7.46 9.43 22.14
N ALA A 102 8.31 9.73 23.12
CA ALA A 102 9.74 9.48 23.09
C ALA A 102 10.26 9.33 24.53
N SER A 103 11.52 8.89 24.66
CA SER A 103 12.25 8.75 25.93
C SER A 103 12.72 10.11 26.51
N THR A 104 12.15 11.22 26.04
CA THR A 104 12.44 12.58 26.49
C THR A 104 12.27 12.75 28.01
N PRO A 105 12.95 13.73 28.63
CA PRO A 105 12.94 13.89 30.08
C PRO A 105 11.59 14.39 30.61
N GLN A 106 10.90 15.27 29.86
CA GLN A 106 9.57 15.82 30.22
C GLN A 106 9.53 16.44 31.63
N GLY A 107 10.70 16.79 32.19
CA GLY A 107 10.82 17.29 33.55
C GLY A 107 10.32 16.30 34.64
N PHE A 108 10.25 15.00 34.34
CA PHE A 108 9.75 13.98 35.25
C PHE A 108 10.33 12.59 34.93
N ASN A 109 10.31 12.20 33.65
CA ASN A 109 10.97 10.99 33.14
C ASN A 109 12.50 11.12 33.10
N THR A 110 13.03 12.31 33.38
CA THR A 110 14.45 12.65 33.45
C THR A 110 15.26 11.55 34.15
N LEU A 111 16.26 11.01 33.43
CA LEU A 111 17.09 9.92 33.93
C LEU A 111 18.02 10.41 35.03
N LYS A 112 18.44 9.50 35.91
CA LYS A 112 19.49 9.75 36.90
C LYS A 112 20.87 10.00 36.28
N ASP A 113 21.07 9.52 35.05
CA ASP A 113 22.34 9.57 34.32
C ASP A 113 22.95 10.98 34.32
N LYS A 114 24.12 11.10 34.95
CA LYS A 114 24.84 12.35 35.19
C LYS A 114 23.91 13.50 35.62
N LEU A 115 22.98 13.18 36.53
CA LEU A 115 22.12 14.16 37.19
C LEU A 115 22.03 13.87 38.69
N GLU A 116 21.92 12.59 39.06
CA GLU A 116 22.03 12.16 40.46
C GLU A 116 23.48 12.24 40.95
N GLU A 117 24.43 12.20 40.02
CA GLU A 117 25.86 12.39 40.24
C GLU A 117 26.40 13.22 39.05
N TRP A 118 27.67 13.63 39.09
CA TRP A 118 28.26 14.58 38.15
C TRP A 118 29.63 14.09 37.69
N ILE A 119 29.72 12.79 37.38
CA ILE A 119 30.91 12.08 36.94
C ILE A 119 30.60 11.24 35.70
N GLU A 120 31.63 10.66 35.10
CA GLU A 120 31.52 9.75 33.97
C GLU A 120 31.08 8.35 34.46
N MET A 121 31.30 7.31 33.64
CA MET A 121 31.15 5.91 34.08
C MET A 121 32.08 5.55 35.25
N SER A 122 33.09 6.37 35.53
CA SER A 122 33.97 6.30 36.68
C SER A 122 34.17 7.71 37.23
N ASN A 123 34.74 7.83 38.44
CA ASN A 123 35.09 9.11 39.08
C ASN A 123 36.31 9.77 38.43
N ARG A 124 36.23 10.04 37.13
CA ARG A 124 37.25 10.78 36.37
C ARG A 124 37.47 12.15 37.02
N LYS A 125 38.73 12.61 37.04
CA LYS A 125 39.08 13.95 37.48
C LYS A 125 38.36 15.01 36.63
N ASP A 126 38.29 16.23 37.16
CA ASP A 126 37.79 17.42 36.45
C ASP A 126 38.65 18.64 36.78
N LEU A 127 38.96 18.84 38.07
CA LEU A 127 39.98 19.81 38.48
C LEU A 127 41.35 19.28 38.04
N ILE A 128 42.10 20.11 37.32
CA ILE A 128 43.45 19.82 36.82
C ILE A 128 44.16 21.15 36.59
N LYS A 129 45.50 21.13 36.59
CA LYS A 129 46.36 22.26 36.24
C LYS A 129 47.61 21.70 35.56
N LYS A 130 48.15 22.41 34.57
CA LYS A 130 49.37 22.02 33.89
C LYS A 130 50.52 21.93 34.92
N MET A 1 23.70 -6.02 12.87
CA MET A 1 23.19 -6.32 11.53
C MET A 1 23.88 -7.54 10.93
N ALA A 2 23.19 -8.26 10.07
CA ALA A 2 23.68 -9.43 9.33
C ALA A 2 23.28 -9.40 7.84
N ALA A 3 22.39 -8.49 7.45
CA ALA A 3 21.97 -8.23 6.07
C ALA A 3 21.75 -6.72 5.92
N LYS A 4 21.21 -6.29 4.76
CA LYS A 4 20.87 -4.89 4.51
C LYS A 4 19.88 -4.35 5.54
N PHE A 5 18.99 -5.21 6.02
CA PHE A 5 17.85 -4.93 6.91
C PHE A 5 17.41 -6.22 7.58
N GLU A 6 16.61 -6.12 8.63
CA GLU A 6 16.19 -7.25 9.47
C GLU A 6 14.73 -7.05 9.92
N VAL A 7 14.15 -8.08 10.54
CA VAL A 7 12.80 -8.05 11.11
C VAL A 7 12.61 -6.83 12.00
N GLY A 8 11.44 -6.19 11.84
CA GLY A 8 11.07 -5.00 12.60
C GLY A 8 11.56 -3.69 11.97
N SER A 9 12.44 -3.74 10.97
CA SER A 9 12.81 -2.55 10.21
C SER A 9 11.62 -2.04 9.41
N VAL A 10 11.67 -0.78 8.98
CA VAL A 10 10.68 -0.18 8.08
C VAL A 10 11.48 0.44 6.93
N TYR A 11 11.09 0.08 5.71
CA TYR A 11 11.75 0.48 4.46
C TYR A 11 10.69 0.86 3.43
N THR A 12 11.11 1.28 2.23
CA THR A 12 10.22 1.70 1.15
C THR A 12 10.61 0.92 -0.10
N GLY A 13 9.63 0.52 -0.89
CA GLY A 13 9.80 -0.34 -2.05
C GLY A 13 8.66 -0.13 -3.05
N LYS A 14 8.67 -0.91 -4.14
CA LYS A 14 7.78 -0.73 -5.28
C LYS A 14 7.11 -2.07 -5.54
N VAL A 15 5.78 -2.09 -5.58
CA VAL A 15 4.99 -3.30 -5.71
C VAL A 15 5.22 -3.90 -7.09
N THR A 16 5.57 -5.18 -7.13
CA THR A 16 6.00 -5.90 -8.32
C THR A 16 5.01 -7.00 -8.74
N GLY A 17 4.03 -7.35 -7.91
CA GLY A 17 2.94 -8.24 -8.31
C GLY A 17 1.93 -8.40 -7.19
N LEU A 18 0.78 -8.97 -7.52
CA LEU A 18 -0.30 -9.31 -6.58
C LEU A 18 -0.70 -10.76 -6.82
N GLN A 19 -1.11 -11.43 -5.76
CA GLN A 19 -1.48 -12.83 -5.73
C GLN A 19 -2.62 -12.97 -4.71
N ALA A 20 -3.39 -14.06 -4.76
CA ALA A 20 -4.45 -14.36 -3.81
C ALA A 20 -3.95 -14.54 -2.36
N TYR A 21 -2.63 -14.54 -2.14
CA TYR A 21 -2.01 -14.72 -0.82
C TYR A 21 -1.06 -13.58 -0.46
N GLY A 22 -0.86 -12.56 -1.31
CA GLY A 22 -0.01 -11.44 -0.96
C GLY A 22 0.46 -10.60 -2.15
N ALA A 23 1.25 -9.57 -1.87
CA ALA A 23 1.78 -8.61 -2.84
C ALA A 23 3.30 -8.64 -2.76
N PHE A 24 3.97 -8.85 -3.89
CA PHE A 24 5.42 -8.75 -3.95
C PHE A 24 5.79 -7.27 -3.95
N VAL A 25 6.87 -6.91 -3.26
CA VAL A 25 7.40 -5.55 -3.21
C VAL A 25 8.91 -5.66 -3.33
N ALA A 26 9.45 -5.13 -4.43
CA ALA A 26 10.88 -5.03 -4.64
C ALA A 26 11.42 -3.87 -3.80
N LEU A 27 12.67 -4.01 -3.37
CA LEU A 27 13.32 -3.12 -2.40
C LEU A 27 14.70 -2.70 -2.89
N ASP A 28 15.34 -3.55 -3.70
CA ASP A 28 16.58 -3.28 -4.42
C ASP A 28 16.54 -4.14 -5.69
N GLU A 29 17.50 -3.97 -6.59
CA GLU A 29 17.66 -4.75 -7.81
C GLU A 29 17.88 -6.24 -7.53
N GLU A 30 18.13 -6.60 -6.28
CA GLU A 30 18.48 -7.94 -5.81
C GLU A 30 17.87 -8.23 -4.42
N THR A 31 16.87 -7.45 -3.98
CA THR A 31 16.21 -7.63 -2.67
C THR A 31 14.73 -7.30 -2.85
N GLN A 32 13.86 -8.15 -2.31
CA GLN A 32 12.41 -8.16 -2.52
C GLN A 32 11.78 -8.92 -1.35
N GLY A 33 10.52 -8.67 -1.07
CA GLY A 33 9.74 -9.43 -0.09
C GLY A 33 8.28 -9.52 -0.48
N LEU A 34 7.48 -10.16 0.37
CA LEU A 34 6.10 -10.54 0.11
C LEU A 34 5.23 -10.08 1.27
N VAL A 35 4.46 -9.01 1.06
CA VAL A 35 3.40 -8.62 1.98
C VAL A 35 2.38 -9.75 1.91
N HIS A 36 2.13 -10.44 3.01
CA HIS A 36 1.12 -11.50 3.03
C HIS A 36 -0.25 -10.84 3.07
N ILE A 37 -1.26 -11.45 2.46
CA ILE A 37 -2.59 -10.84 2.29
C ILE A 37 -3.20 -10.41 3.63
N SER A 38 -3.00 -11.19 4.68
CA SER A 38 -3.47 -10.92 6.05
C SER A 38 -2.79 -9.70 6.69
N GLU A 39 -1.81 -9.11 6.01
CA GLU A 39 -0.97 -8.02 6.50
C GLU A 39 -1.09 -6.78 5.59
N VAL A 40 -1.95 -6.82 4.57
CA VAL A 40 -2.10 -5.70 3.62
C VAL A 40 -2.89 -4.55 4.26
N THR A 41 -3.87 -4.82 5.10
CA THR A 41 -4.71 -3.80 5.76
C THR A 41 -5.27 -4.42 7.04
N HIS A 42 -5.58 -3.58 8.04
CA HIS A 42 -6.09 -3.98 9.35
C HIS A 42 -7.60 -4.27 9.28
N GLY A 43 -8.00 -5.16 8.38
CA GLY A 43 -9.38 -5.55 8.15
C GLY A 43 -9.44 -6.78 7.25
N PHE A 44 -10.66 -7.25 6.94
CA PHE A 44 -10.84 -8.38 6.03
C PHE A 44 -10.48 -7.93 4.60
N VAL A 45 -9.30 -8.35 4.13
CA VAL A 45 -8.83 -8.12 2.77
C VAL A 45 -9.59 -9.07 1.84
N LYS A 46 -10.85 -8.75 1.55
CA LYS A 46 -11.74 -9.57 0.71
C LYS A 46 -11.14 -9.83 -0.67
N ASP A 47 -10.40 -8.87 -1.21
CA ASP A 47 -9.59 -9.01 -2.41
C ASP A 47 -8.43 -8.03 -2.29
N ILE A 48 -7.22 -8.46 -2.64
CA ILE A 48 -6.00 -7.68 -2.41
C ILE A 48 -5.95 -6.41 -3.26
N ASN A 49 -6.49 -6.42 -4.48
CA ASN A 49 -6.46 -5.24 -5.36
C ASN A 49 -7.33 -4.10 -4.82
N GLU A 50 -8.26 -4.39 -3.90
CA GLU A 50 -9.07 -3.37 -3.24
C GLU A 50 -8.32 -2.72 -2.07
N HIS A 51 -7.11 -3.21 -1.73
CA HIS A 51 -6.38 -2.84 -0.51
C HIS A 51 -4.90 -2.49 -0.77
N LEU A 52 -4.33 -2.87 -1.92
CA LEU A 52 -3.03 -2.44 -2.42
C LEU A 52 -3.10 -2.33 -3.94
N SER A 53 -2.01 -1.92 -4.59
CA SER A 53 -1.94 -1.73 -6.04
C SER A 53 -0.55 -2.13 -6.52
N VAL A 54 -0.46 -2.88 -7.63
CA VAL A 54 0.80 -3.12 -8.32
C VAL A 54 1.26 -1.83 -8.99
N GLY A 55 2.59 -1.72 -9.19
CA GLY A 55 3.17 -0.58 -9.88
C GLY A 55 3.04 0.70 -9.07
N ASP A 56 3.08 0.60 -7.75
CA ASP A 56 3.01 1.74 -6.84
C ASP A 56 4.18 1.65 -5.84
N GLU A 57 4.51 2.74 -5.18
CA GLU A 57 5.55 2.80 -4.16
C GLU A 57 4.87 2.77 -2.80
N VAL A 58 5.40 1.96 -1.87
CA VAL A 58 4.78 1.69 -0.58
C VAL A 58 5.88 1.59 0.48
N GLN A 59 5.59 2.04 1.69
CA GLN A 59 6.45 1.78 2.84
C GLN A 59 6.00 0.46 3.44
N VAL A 60 6.94 -0.40 3.80
CA VAL A 60 6.73 -1.76 4.31
C VAL A 60 7.46 -1.92 5.63
N LYS A 61 6.89 -2.70 6.55
CA LYS A 61 7.58 -3.14 7.75
C LYS A 61 7.99 -4.58 7.49
N VAL A 62 9.25 -4.92 7.79
CA VAL A 62 9.73 -6.29 7.73
C VAL A 62 9.04 -7.08 8.84
N LEU A 63 8.51 -8.24 8.47
CA LEU A 63 7.70 -9.09 9.34
C LEU A 63 8.43 -10.40 9.65
N ALA A 64 9.15 -10.98 8.70
CA ALA A 64 9.97 -12.17 8.88
C ALA A 64 11.04 -12.24 7.80
N VAL A 65 12.06 -13.05 8.00
CA VAL A 65 13.09 -13.38 7.01
C VAL A 65 13.16 -14.91 7.04
N ASP A 66 12.84 -15.55 5.91
CA ASP A 66 12.66 -17.01 5.82
C ASP A 66 14.01 -17.71 5.74
N GLU A 67 14.92 -17.17 4.93
CA GLU A 67 16.31 -17.64 4.69
C GLU A 67 16.43 -19.16 4.54
N GLU A 68 15.43 -19.78 3.93
CA GLU A 68 15.47 -21.19 3.50
C GLU A 68 14.89 -21.37 2.10
N LYS A 69 13.99 -20.48 1.71
CA LYS A 69 13.44 -20.28 0.37
C LYS A 69 14.00 -18.98 -0.21
N GLY A 70 14.80 -18.21 0.56
CA GLY A 70 15.32 -16.92 0.14
C GLY A 70 14.19 -15.91 0.01
N LYS A 71 13.32 -15.79 1.01
CA LYS A 71 12.18 -14.88 0.99
C LYS A 71 12.14 -14.06 2.28
N ILE A 72 11.34 -13.00 2.26
CA ILE A 72 11.19 -12.03 3.35
C ILE A 72 9.70 -11.72 3.38
N SER A 73 9.07 -11.84 4.54
CA SER A 73 7.69 -11.45 4.72
C SER A 73 7.65 -9.98 5.12
N LEU A 74 6.66 -9.25 4.64
CA LEU A 74 6.48 -7.82 4.84
C LEU A 74 5.07 -7.57 5.34
N SER A 75 4.78 -6.35 5.77
CA SER A 75 3.46 -5.92 6.22
C SER A 75 3.21 -4.47 5.80
N ILE A 76 1.94 -4.13 5.59
CA ILE A 76 1.46 -2.80 5.20
C ILE A 76 0.42 -2.31 6.20
N ARG A 77 -0.35 -3.17 6.87
CA ARG A 77 -1.21 -2.75 7.97
C ARG A 77 -0.41 -2.03 9.07
N ALA A 78 0.86 -2.40 9.23
CA ALA A 78 1.81 -1.70 10.08
C ALA A 78 1.99 -0.25 9.62
N THR A 79 2.38 -0.03 8.38
CA THR A 79 2.74 1.30 7.87
C THR A 79 1.52 2.19 7.66
N GLN A 80 0.36 1.61 7.31
CA GLN A 80 -0.94 2.30 7.30
C GLN A 80 -1.34 2.79 8.70
N ALA A 81 -0.69 2.32 9.76
CA ALA A 81 -0.93 2.69 11.15
C ALA A 81 0.37 3.17 11.83
N ALA A 82 1.27 3.77 11.04
CA ALA A 82 2.51 4.37 11.54
C ALA A 82 2.22 5.42 12.63
N PRO A 83 3.20 5.72 13.52
CA PRO A 83 3.05 6.68 14.62
C PRO A 83 2.59 8.09 14.21
N GLU A 84 2.81 8.49 12.96
CA GLU A 84 2.41 9.78 12.42
C GLU A 84 1.99 9.59 10.96
N LYS A 85 1.04 10.40 10.50
CA LYS A 85 0.55 10.47 9.12
C LYS A 85 0.02 11.89 8.86
N LYS A 86 -0.45 12.14 7.64
CA LYS A 86 -1.07 13.40 7.23
C LYS A 86 -2.23 13.13 6.28
N GLU A 87 -3.00 14.16 5.98
CA GLU A 87 -4.14 14.13 5.07
C GLU A 87 -4.28 15.50 4.38
N SER A 88 -5.21 15.59 3.43
CA SER A 88 -5.65 16.83 2.81
C SER A 88 -7.12 16.67 2.42
N LYS A 89 -7.90 17.76 2.51
CA LYS A 89 -9.30 17.77 2.06
C LYS A 89 -9.32 17.72 0.52
N PRO A 90 -10.38 17.17 -0.09
CA PRO A 90 -10.45 17.02 -1.54
C PRO A 90 -10.52 18.40 -2.23
N ARG A 91 -10.07 18.44 -3.48
CA ARG A 91 -9.98 19.68 -4.28
C ARG A 91 -11.13 19.81 -5.27
N LYS A 92 -12.15 18.95 -5.15
CA LYS A 92 -13.44 19.04 -5.84
C LYS A 92 -14.52 18.66 -4.82
N PRO A 93 -15.78 19.09 -4.99
CA PRO A 93 -16.88 18.58 -4.16
C PRO A 93 -17.10 17.09 -4.43
N LYS A 94 -17.86 16.43 -3.55
CA LYS A 94 -18.19 15.00 -3.62
C LYS A 94 -19.67 14.81 -3.31
N ALA A 95 -20.24 13.69 -3.74
CA ALA A 95 -21.66 13.36 -3.62
C ALA A 95 -21.88 11.88 -3.25
N ALA A 96 -20.85 11.21 -2.71
CA ALA A 96 -20.90 9.80 -2.33
C ALA A 96 -21.76 9.53 -1.07
N GLN A 97 -22.19 10.58 -0.37
CA GLN A 97 -23.04 10.48 0.82
C GLN A 97 -24.40 9.85 0.48
N VAL A 98 -25.12 9.46 1.54
CA VAL A 98 -26.46 8.86 1.51
C VAL A 98 -27.27 9.50 2.63
N SER A 99 -28.59 9.29 2.65
CA SER A 99 -29.49 9.91 3.64
C SER A 99 -29.08 9.59 5.08
N GLU A 100 -28.54 8.39 5.32
CA GLU A 100 -28.08 7.92 6.63
C GLU A 100 -26.79 8.65 7.09
N GLU A 101 -26.16 9.43 6.22
CA GLU A 101 -24.86 10.06 6.42
C GLU A 101 -24.87 11.47 5.78
N ALA A 102 -26.04 12.11 5.75
CA ALA A 102 -26.27 13.42 5.11
C ALA A 102 -25.68 14.61 5.88
N SER A 103 -24.74 14.34 6.78
CA SER A 103 -23.99 15.32 7.59
C SER A 103 -23.16 16.26 6.71
N THR A 104 -22.48 17.22 7.33
CA THR A 104 -21.46 18.06 6.67
C THR A 104 -20.44 17.14 5.95
N PRO A 105 -20.02 17.47 4.71
CA PRO A 105 -19.05 16.65 3.98
C PRO A 105 -17.68 16.66 4.68
N GLN A 106 -16.83 15.68 4.34
CA GLN A 106 -15.46 15.60 4.86
C GLN A 106 -14.64 16.84 4.46
N GLY A 107 -14.92 17.41 3.29
CA GLY A 107 -14.37 18.67 2.83
C GLY A 107 -14.69 18.92 1.37
N PHE A 108 -14.25 20.06 0.87
CA PHE A 108 -14.25 20.49 -0.53
C PHE A 108 -13.16 21.55 -0.68
N ASN A 109 -12.90 22.05 -1.90
CA ASN A 109 -11.78 22.95 -2.15
C ASN A 109 -11.96 24.27 -1.40
N THR A 110 -10.84 24.87 -0.99
CA THR A 110 -10.77 26.08 -0.16
C THR A 110 -10.03 27.22 -0.89
N LEU A 111 -9.34 26.91 -1.99
CA LEU A 111 -8.45 27.86 -2.68
C LEU A 111 -9.27 28.88 -3.46
N LYS A 112 -8.89 30.16 -3.35
CA LYS A 112 -9.54 31.26 -4.08
C LYS A 112 -9.29 31.14 -5.58
N ASP A 113 -8.09 30.72 -5.97
CA ASP A 113 -7.66 30.47 -7.35
C ASP A 113 -6.65 29.32 -7.32
N LYS A 114 -6.44 28.63 -8.45
CA LYS A 114 -5.65 27.41 -8.51
C LYS A 114 -4.25 27.62 -7.93
N LEU A 115 -3.80 26.64 -7.15
CA LEU A 115 -2.47 26.57 -6.52
C LEU A 115 -1.96 25.12 -6.51
N GLU A 116 -2.82 24.16 -6.86
CA GLU A 116 -2.54 22.73 -6.97
C GLU A 116 -1.59 22.44 -8.15
N GLU A 117 -1.45 23.40 -9.07
CA GLU A 117 -0.63 23.37 -10.27
C GLU A 117 0.03 24.74 -10.43
N TRP A 118 1.01 24.84 -11.33
CA TRP A 118 1.85 26.02 -11.54
C TRP A 118 2.07 26.22 -13.04
N ILE A 119 2.80 27.29 -13.41
CA ILE A 119 3.18 27.61 -14.80
C ILE A 119 4.19 26.61 -15.41
N GLU A 120 4.58 25.59 -14.65
CA GLU A 120 5.54 24.55 -15.05
C GLU A 120 5.09 23.25 -14.38
N MET A 121 5.58 22.10 -14.86
CA MET A 121 5.29 20.77 -14.31
C MET A 121 5.75 20.63 -12.86
N SER A 122 6.81 21.36 -12.47
CA SER A 122 7.34 21.39 -11.10
C SER A 122 6.27 21.81 -10.09
N ASN A 123 6.45 21.39 -8.83
CA ASN A 123 5.58 21.72 -7.71
C ASN A 123 6.42 21.86 -6.45
N ARG A 124 6.09 22.83 -5.60
CA ARG A 124 6.71 23.08 -4.30
C ARG A 124 5.63 23.57 -3.35
N LYS A 125 5.83 23.45 -2.04
CA LYS A 125 4.93 24.03 -1.04
C LYS A 125 4.94 25.55 -1.22
N ASP A 126 3.77 26.17 -1.15
CA ASP A 126 3.62 27.63 -1.26
C ASP A 126 4.41 28.39 -0.18
N LEU A 127 4.65 27.73 0.95
CA LEU A 127 5.38 28.24 2.12
C LEU A 127 6.81 28.73 1.82
N ILE A 128 7.40 28.36 0.67
CA ILE A 128 8.69 28.91 0.25
C ILE A 128 8.68 30.44 0.11
N LYS A 129 7.52 31.05 -0.14
CA LYS A 129 7.41 32.52 -0.26
C LYS A 129 7.75 33.17 1.09
N LYS A 130 8.48 34.29 1.03
CA LYS A 130 8.73 35.12 2.21
C LYS A 130 7.40 35.58 2.83
N MET A 1 22.04 -9.71 8.99
CA MET A 1 22.59 -11.06 9.20
C MET A 1 21.93 -12.05 8.25
N ALA A 2 20.66 -12.41 8.47
CA ALA A 2 19.91 -13.27 7.55
C ALA A 2 19.75 -12.61 6.17
N ALA A 3 19.60 -11.28 6.15
CA ALA A 3 19.67 -10.41 4.98
C ALA A 3 20.30 -9.09 5.42
N LYS A 4 20.44 -8.12 4.51
CA LYS A 4 20.85 -6.75 4.87
C LYS A 4 19.76 -5.94 5.59
N PHE A 5 18.59 -6.53 5.83
CA PHE A 5 17.55 -6.02 6.70
C PHE A 5 17.12 -7.17 7.62
N GLU A 6 16.43 -6.86 8.71
CA GLU A 6 16.05 -7.82 9.75
C GLU A 6 14.62 -7.55 10.23
N VAL A 7 14.00 -8.56 10.84
CA VAL A 7 12.64 -8.50 11.37
C VAL A 7 12.50 -7.31 12.31
N GLY A 8 11.43 -6.53 12.07
CA GLY A 8 11.09 -5.36 12.86
C GLY A 8 11.56 -4.05 12.22
N SER A 9 12.48 -4.12 11.25
CA SER A 9 12.87 -2.95 10.46
C SER A 9 11.69 -2.46 9.62
N VAL A 10 11.75 -1.20 9.17
CA VAL A 10 10.83 -0.65 8.18
C VAL A 10 11.70 -0.15 7.03
N TYR A 11 11.22 -0.40 5.81
CA TYR A 11 11.90 -0.11 4.56
C TYR A 11 10.85 0.38 3.56
N THR A 12 11.23 0.51 2.30
CA THR A 12 10.34 0.89 1.22
C THR A 12 10.62 -0.05 0.04
N GLY A 13 9.60 -0.30 -0.78
CA GLY A 13 9.74 -1.08 -1.99
C GLY A 13 8.63 -0.74 -2.98
N LYS A 14 8.66 -1.40 -4.14
CA LYS A 14 7.76 -1.16 -5.27
C LYS A 14 7.04 -2.47 -5.54
N VAL A 15 5.71 -2.46 -5.50
CA VAL A 15 4.87 -3.65 -5.63
C VAL A 15 5.04 -4.20 -7.03
N THR A 16 5.39 -5.48 -7.13
CA THR A 16 5.76 -6.17 -8.37
C THR A 16 4.71 -7.20 -8.81
N GLY A 17 3.78 -7.60 -7.96
CA GLY A 17 2.69 -8.48 -8.36
C GLY A 17 1.70 -8.68 -7.21
N LEU A 18 0.58 -9.33 -7.52
CA LEU A 18 -0.49 -9.65 -6.57
C LEU A 18 -0.87 -11.12 -6.75
N GLN A 19 -1.36 -11.71 -5.66
CA GLN A 19 -1.80 -13.09 -5.55
C GLN A 19 -2.99 -13.10 -4.59
N ALA A 20 -3.81 -14.15 -4.62
CA ALA A 20 -4.96 -14.29 -3.72
C ALA A 20 -4.58 -14.40 -2.23
N TYR A 21 -3.28 -14.49 -1.91
CA TYR A 21 -2.76 -14.56 -0.55
C TYR A 21 -1.65 -13.56 -0.24
N GLY A 22 -1.34 -12.62 -1.14
CA GLY A 22 -0.33 -11.61 -0.84
C GLY A 22 0.12 -10.80 -2.07
N ALA A 23 1.01 -9.84 -1.84
CA ALA A 23 1.56 -8.94 -2.85
C ALA A 23 3.08 -9.02 -2.82
N PHE A 24 3.70 -9.24 -3.97
CA PHE A 24 5.15 -9.19 -4.09
C PHE A 24 5.59 -7.73 -4.11
N VAL A 25 6.75 -7.44 -3.51
CA VAL A 25 7.32 -6.10 -3.44
C VAL A 25 8.82 -6.26 -3.67
N ALA A 26 9.36 -5.59 -4.68
CA ALA A 26 10.79 -5.42 -4.86
C ALA A 26 11.27 -4.37 -3.87
N LEU A 27 12.14 -4.76 -2.95
CA LEU A 27 12.67 -3.85 -1.93
C LEU A 27 13.93 -3.15 -2.44
N ASP A 28 14.72 -3.84 -3.25
CA ASP A 28 15.98 -3.42 -3.81
C ASP A 28 16.24 -4.26 -5.06
N GLU A 29 17.25 -3.88 -5.85
CA GLU A 29 17.77 -4.69 -6.96
C GLU A 29 18.17 -6.12 -6.53
N GLU A 30 18.47 -6.31 -5.24
CA GLU A 30 18.94 -7.59 -4.69
C GLU A 30 18.19 -7.93 -3.39
N THR A 31 16.97 -7.42 -3.19
CA THR A 31 16.12 -7.80 -2.05
C THR A 31 14.65 -7.71 -2.46
N GLN A 32 13.81 -8.65 -2.03
CA GLN A 32 12.44 -8.84 -2.51
C GLN A 32 11.66 -9.54 -1.41
N GLY A 33 10.38 -9.20 -1.18
CA GLY A 33 9.56 -9.86 -0.18
C GLY A 33 8.08 -9.90 -0.53
N LEU A 34 7.27 -10.46 0.36
CA LEU A 34 5.88 -10.81 0.13
C LEU A 34 5.05 -10.29 1.29
N VAL A 35 4.22 -9.28 1.05
CA VAL A 35 3.18 -8.87 1.99
C VAL A 35 2.13 -9.98 1.98
N HIS A 36 1.84 -10.61 3.11
CA HIS A 36 0.72 -11.56 3.20
C HIS A 36 -0.59 -10.77 3.23
N ILE A 37 -1.65 -11.27 2.60
CA ILE A 37 -2.93 -10.58 2.48
C ILE A 37 -3.49 -10.10 3.81
N SER A 38 -3.37 -10.89 4.88
CA SER A 38 -3.84 -10.53 6.22
C SER A 38 -3.08 -9.35 6.83
N GLU A 39 -1.94 -9.00 6.25
CA GLU A 39 -1.07 -7.90 6.65
C GLU A 39 -1.14 -6.72 5.67
N VAL A 40 -2.07 -6.73 4.72
CA VAL A 40 -2.30 -5.58 3.84
C VAL A 40 -3.06 -4.46 4.57
N THR A 41 -4.00 -4.80 5.46
CA THR A 41 -4.86 -3.83 6.16
C THR A 41 -5.44 -4.48 7.40
N HIS A 42 -5.91 -3.67 8.36
CA HIS A 42 -6.74 -4.13 9.47
C HIS A 42 -8.16 -4.47 9.02
N GLY A 43 -8.63 -3.89 7.91
CA GLY A 43 -9.97 -4.10 7.39
C GLY A 43 -10.17 -5.51 6.83
N PHE A 44 -11.43 -5.90 6.61
CA PHE A 44 -11.76 -7.10 5.86
C PHE A 44 -11.24 -6.93 4.42
N VAL A 45 -10.35 -7.82 3.98
CA VAL A 45 -9.87 -7.85 2.60
C VAL A 45 -10.97 -8.37 1.67
N LYS A 46 -11.64 -7.45 0.98
CA LYS A 46 -12.61 -7.79 -0.06
C LYS A 46 -11.93 -8.59 -1.17
N ASP A 47 -10.80 -8.06 -1.65
CA ASP A 47 -9.83 -8.68 -2.53
C ASP A 47 -8.57 -7.80 -2.42
N ILE A 48 -7.37 -8.37 -2.48
CA ILE A 48 -6.13 -7.59 -2.31
C ILE A 48 -6.04 -6.35 -3.20
N ASN A 49 -6.52 -6.40 -4.45
CA ASN A 49 -6.48 -5.24 -5.34
C ASN A 49 -7.36 -4.07 -4.89
N GLU A 50 -8.27 -4.28 -3.94
CA GLU A 50 -9.08 -3.22 -3.35
C GLU A 50 -8.38 -2.54 -2.16
N HIS A 51 -7.21 -3.05 -1.72
CA HIS A 51 -6.49 -2.57 -0.54
C HIS A 51 -4.99 -2.37 -0.78
N LEU A 52 -4.48 -2.76 -1.95
CA LEU A 52 -3.11 -2.53 -2.41
C LEU A 52 -3.15 -2.39 -3.94
N SER A 53 -2.05 -1.96 -4.53
CA SER A 53 -1.92 -1.71 -5.97
C SER A 53 -0.55 -2.19 -6.45
N VAL A 54 -0.49 -2.97 -7.52
CA VAL A 54 0.76 -3.26 -8.22
C VAL A 54 1.28 -1.99 -8.91
N GLY A 55 2.60 -1.93 -9.09
CA GLY A 55 3.25 -0.83 -9.78
C GLY A 55 3.18 0.46 -8.97
N ASP A 56 3.20 0.37 -7.64
CA ASP A 56 3.19 1.52 -6.75
C ASP A 56 4.32 1.35 -5.73
N GLU A 57 4.72 2.43 -5.07
CA GLU A 57 5.79 2.44 -4.08
C GLU A 57 5.18 2.58 -2.68
N VAL A 58 5.64 1.78 -1.72
CA VAL A 58 5.02 1.61 -0.41
C VAL A 58 6.10 1.41 0.65
N GLN A 59 5.87 2.00 1.84
CA GLN A 59 6.65 1.69 3.02
C GLN A 59 6.15 0.34 3.54
N VAL A 60 7.06 -0.54 3.93
CA VAL A 60 6.80 -1.92 4.34
C VAL A 60 7.60 -2.24 5.60
N LYS A 61 6.96 -2.89 6.58
CA LYS A 61 7.68 -3.44 7.73
C LYS A 61 8.18 -4.82 7.35
N VAL A 62 9.43 -5.13 7.70
CA VAL A 62 10.00 -6.48 7.61
C VAL A 62 9.35 -7.35 8.69
N LEU A 63 8.60 -8.36 8.25
CA LEU A 63 7.78 -9.21 9.11
C LEU A 63 8.48 -10.54 9.39
N ALA A 64 9.30 -11.03 8.47
CA ALA A 64 10.15 -12.21 8.62
C ALA A 64 11.25 -12.15 7.57
N VAL A 65 12.31 -12.93 7.75
CA VAL A 65 13.37 -13.14 6.76
C VAL A 65 13.60 -14.66 6.65
N ASP A 66 13.87 -15.15 5.45
CA ASP A 66 13.91 -16.57 5.10
C ASP A 66 15.11 -16.83 4.19
N GLU A 67 16.29 -16.76 4.81
CA GLU A 67 17.58 -16.90 4.13
C GLU A 67 17.76 -18.23 3.39
N GLU A 68 16.97 -19.25 3.72
CA GLU A 68 16.97 -20.54 3.02
C GLU A 68 16.49 -20.39 1.57
N LYS A 69 15.70 -19.35 1.29
CA LYS A 69 15.14 -19.05 -0.03
C LYS A 69 15.52 -17.66 -0.52
N GLY A 70 16.22 -16.87 0.31
CA GLY A 70 16.53 -15.48 0.00
C GLY A 70 15.24 -14.67 -0.12
N LYS A 71 14.28 -14.89 0.78
CA LYS A 71 12.96 -14.26 0.77
C LYS A 71 12.75 -13.50 2.07
N ILE A 72 11.74 -12.63 2.07
CA ILE A 72 11.34 -11.77 3.18
C ILE A 72 9.81 -11.77 3.17
N SER A 73 9.21 -11.75 4.36
CA SER A 73 7.78 -11.47 4.50
C SER A 73 7.62 -10.03 4.96
N LEU A 74 6.54 -9.38 4.58
CA LEU A 74 6.35 -7.94 4.74
C LEU A 74 4.96 -7.65 5.30
N SER A 75 4.75 -6.41 5.76
CA SER A 75 3.44 -5.93 6.19
C SER A 75 3.25 -4.49 5.71
N ILE A 76 1.99 -4.15 5.47
CA ILE A 76 1.50 -2.81 5.14
C ILE A 76 0.55 -2.33 6.23
N ARG A 77 -0.23 -3.19 6.89
CA ARG A 77 -1.02 -2.79 8.05
C ARG A 77 -0.14 -2.20 9.15
N ALA A 78 1.13 -2.63 9.22
CA ALA A 78 2.12 -2.05 10.11
C ALA A 78 2.54 -0.62 9.75
N THR A 79 2.37 -0.18 8.50
CA THR A 79 2.87 1.11 8.01
C THR A 79 1.72 2.10 7.73
N GLN A 80 0.56 1.57 7.33
CA GLN A 80 -0.71 2.27 7.22
C GLN A 80 -1.80 1.30 7.66
N ALA A 81 -2.42 1.55 8.82
CA ALA A 81 -3.38 0.64 9.44
C ALA A 81 -4.50 0.24 8.48
N ALA A 82 -4.94 1.19 7.65
CA ALA A 82 -5.80 1.00 6.50
C ALA A 82 -5.20 1.81 5.35
N PRO A 83 -5.51 1.51 4.07
CA PRO A 83 -4.92 2.17 2.91
C PRO A 83 -5.34 3.64 2.73
N GLU A 84 -5.80 4.30 3.79
CA GLU A 84 -6.25 5.69 3.82
C GLU A 84 -5.79 6.45 5.09
N LYS A 85 -5.15 5.79 6.07
CA LYS A 85 -4.70 6.44 7.31
C LYS A 85 -3.52 5.68 7.91
N LYS A 86 -2.55 6.40 8.47
CA LYS A 86 -1.36 5.80 9.08
C LYS A 86 -1.75 4.91 10.25
N GLU A 87 -2.58 5.41 11.16
CA GLU A 87 -3.12 4.65 12.29
C GLU A 87 -4.45 5.31 12.67
N SER A 88 -5.36 4.51 13.24
CA SER A 88 -6.71 4.90 13.60
C SER A 88 -7.03 4.59 15.06
N LYS A 89 -6.25 3.70 15.71
CA LYS A 89 -6.42 3.39 17.13
C LYS A 89 -6.13 4.65 17.98
N PRO A 90 -6.85 4.84 19.11
CA PRO A 90 -6.48 5.85 20.09
C PRO A 90 -5.21 5.44 20.83
N ARG A 91 -4.71 6.30 21.72
CA ARG A 91 -3.64 5.97 22.66
C ARG A 91 -3.92 6.66 23.99
N LYS A 92 -3.56 6.01 25.10
CA LYS A 92 -3.61 6.61 26.43
C LYS A 92 -2.69 7.84 26.50
N PRO A 93 -2.93 8.78 27.44
CA PRO A 93 -1.99 9.86 27.72
C PRO A 93 -0.66 9.30 28.23
N LYS A 94 0.42 10.11 28.16
CA LYS A 94 1.67 9.79 28.84
C LYS A 94 1.46 9.91 30.34
N ALA A 95 1.06 8.81 30.97
CA ALA A 95 0.64 8.76 32.38
C ALA A 95 1.22 7.52 33.07
N ALA A 96 2.35 7.01 32.57
CA ALA A 96 3.12 5.93 33.18
C ALA A 96 4.60 6.24 33.05
N GLN A 97 5.40 5.74 33.98
CA GLN A 97 6.86 5.89 33.96
C GLN A 97 7.55 5.04 32.88
N VAL A 98 6.84 4.07 32.30
CA VAL A 98 7.41 3.06 31.42
C VAL A 98 7.87 3.68 30.10
N SER A 99 7.03 4.53 29.49
CA SER A 99 7.36 5.18 28.22
C SER A 99 8.44 6.24 28.40
N GLU A 100 9.17 6.54 27.33
CA GLU A 100 10.22 7.55 27.28
C GLU A 100 10.22 8.21 25.91
N GLU A 101 10.90 9.35 25.81
CA GLU A 101 10.88 10.24 24.64
C GLU A 101 12.28 10.85 24.44
N ALA A 102 12.48 11.56 23.33
CA ALA A 102 13.73 12.22 22.96
C ALA A 102 13.53 13.72 22.65
N SER A 103 12.44 14.30 23.15
CA SER A 103 12.05 15.70 22.94
C SER A 103 11.90 16.08 21.46
N THR A 104 11.65 15.08 20.62
CA THR A 104 11.36 15.23 19.20
C THR A 104 10.05 16.02 18.95
N PRO A 105 9.88 16.66 17.79
CA PRO A 105 8.69 17.44 17.47
C PRO A 105 7.45 16.58 17.14
N GLN A 106 7.63 15.28 16.92
CA GLN A 106 6.54 14.33 16.64
C GLN A 106 5.42 14.48 17.67
N GLY A 107 4.19 14.63 17.17
CA GLY A 107 3.01 14.73 18.01
C GLY A 107 2.80 16.13 18.61
N PHE A 108 3.62 17.11 18.22
CA PHE A 108 3.66 18.50 18.68
C PHE A 108 4.02 18.67 20.16
N ASN A 109 3.27 18.06 21.08
CA ASN A 109 3.47 18.13 22.52
C ASN A 109 2.96 16.81 23.12
N THR A 110 3.43 16.45 24.30
CA THR A 110 3.10 15.23 25.03
C THR A 110 1.59 15.04 25.07
N LEU A 111 1.10 13.96 24.43
CA LEU A 111 -0.33 13.73 24.27
C LEU A 111 -1.03 13.63 25.62
N LYS A 112 -2.24 14.19 25.68
CA LYS A 112 -3.07 14.26 26.87
C LYS A 112 -4.52 14.05 26.44
N ASP A 113 -5.21 13.14 27.13
CA ASP A 113 -6.65 12.79 27.00
C ASP A 113 -7.11 12.30 25.63
N LYS A 114 -6.32 12.49 24.57
CA LYS A 114 -6.56 12.03 23.20
C LYS A 114 -5.23 11.53 22.62
N LEU A 115 -5.29 10.87 21.46
CA LEU A 115 -4.13 10.57 20.61
C LEU A 115 -3.32 11.85 20.32
N GLU A 116 -2.02 11.70 20.04
CA GLU A 116 -1.20 12.79 19.53
C GLU A 116 -1.84 13.48 18.32
N GLU A 117 -1.73 14.80 18.26
CA GLU A 117 -2.37 15.65 17.26
C GLU A 117 -1.67 17.01 17.29
N TRP A 118 -1.80 17.83 16.23
CA TRP A 118 -1.15 19.14 16.13
C TRP A 118 -1.58 20.13 17.23
N ILE A 119 -2.77 19.96 17.81
CA ILE A 119 -3.31 20.83 18.86
C ILE A 119 -2.41 20.85 20.10
N GLU A 120 -2.54 21.90 20.90
CA GLU A 120 -1.90 21.96 22.22
C GLU A 120 -2.42 20.83 23.12
N MET A 121 -1.57 20.45 24.06
CA MET A 121 -1.80 19.46 25.12
C MET A 121 -1.44 20.02 26.50
N SER A 122 -0.96 21.28 26.57
CA SER A 122 -0.53 21.99 27.78
C SER A 122 0.70 21.34 28.43
N ASN A 123 1.15 21.90 29.55
CA ASN A 123 2.36 21.47 30.25
C ASN A 123 2.22 21.77 31.74
N ARG A 124 2.90 21.01 32.59
CA ARG A 124 3.03 21.22 34.03
C ARG A 124 4.44 20.77 34.43
N LYS A 125 4.96 21.27 35.57
CA LYS A 125 6.30 20.92 36.05
C LYS A 125 6.48 19.41 36.19
N ASP A 126 5.44 18.72 36.68
CA ASP A 126 5.34 17.27 36.73
C ASP A 126 3.85 16.89 36.67
N LEU A 127 3.56 15.63 36.35
CA LEU A 127 2.20 15.07 36.30
C LEU A 127 2.24 13.64 36.87
N ILE A 128 1.14 13.20 37.46
CA ILE A 128 1.00 11.82 37.99
C ILE A 128 1.32 10.79 36.90
N LYS A 129 2.06 9.75 37.30
CA LYS A 129 2.46 8.65 36.43
C LYS A 129 2.37 7.35 37.23
N LYS A 130 1.78 6.32 36.62
CA LYS A 130 1.85 4.95 37.12
C LYS A 130 3.31 4.57 37.27
N MET A 1 23.56 -16.44 10.59
CA MET A 1 24.69 -15.48 10.53
C MET A 1 24.13 -14.06 10.43
N ALA A 2 23.70 -13.62 9.23
CA ALA A 2 23.16 -12.29 9.00
C ALA A 2 22.18 -12.35 7.82
N ALA A 3 21.43 -11.27 7.61
CA ALA A 3 20.52 -11.08 6.48
C ALA A 3 20.49 -9.60 6.10
N LYS A 4 20.10 -9.29 4.87
CA LYS A 4 20.00 -7.91 4.37
C LYS A 4 18.87 -7.11 5.02
N PHE A 5 17.91 -7.79 5.64
CA PHE A 5 16.78 -7.22 6.35
C PHE A 5 16.63 -8.00 7.65
N GLU A 6 15.89 -7.47 8.63
CA GLU A 6 15.68 -8.10 9.92
C GLU A 6 14.23 -7.87 10.36
N VAL A 7 13.66 -8.83 11.08
CA VAL A 7 12.31 -8.78 11.63
C VAL A 7 12.08 -7.45 12.37
N GLY A 8 10.99 -6.77 12.01
CA GLY A 8 10.57 -5.53 12.64
C GLY A 8 11.17 -4.28 11.99
N SER A 9 12.12 -4.42 11.05
CA SER A 9 12.59 -3.31 10.25
C SER A 9 11.47 -2.77 9.35
N VAL A 10 11.67 -1.56 8.81
CA VAL A 10 10.72 -0.91 7.93
C VAL A 10 11.54 -0.25 6.82
N TYR A 11 11.13 -0.48 5.58
CA TYR A 11 11.78 0.08 4.40
C TYR A 11 10.69 0.52 3.40
N THR A 12 11.08 1.07 2.26
CA THR A 12 10.18 1.31 1.14
C THR A 12 10.52 0.34 0.01
N GLY A 13 9.52 -0.03 -0.78
CA GLY A 13 9.65 -0.95 -1.89
C GLY A 13 8.61 -0.66 -2.96
N LYS A 14 8.63 -1.43 -4.06
CA LYS A 14 7.81 -1.21 -5.24
C LYS A 14 7.08 -2.52 -5.52
N VAL A 15 5.75 -2.48 -5.52
CA VAL A 15 4.90 -3.64 -5.69
C VAL A 15 5.16 -4.25 -7.06
N THR A 16 5.59 -5.50 -7.08
CA THR A 16 5.98 -6.25 -8.26
C THR A 16 4.86 -7.15 -8.77
N GLY A 17 3.84 -7.45 -7.97
CA GLY A 17 2.68 -8.21 -8.42
C GLY A 17 1.67 -8.35 -7.30
N LEU A 18 0.47 -8.84 -7.65
CA LEU A 18 -0.58 -9.18 -6.70
C LEU A 18 -1.02 -10.61 -6.96
N GLN A 19 -1.46 -11.30 -5.91
CA GLN A 19 -1.86 -12.69 -5.88
C GLN A 19 -3.04 -12.78 -4.91
N ALA A 20 -3.85 -13.84 -5.01
CA ALA A 20 -4.99 -14.05 -4.11
C ALA A 20 -4.57 -14.27 -2.65
N TYR A 21 -3.27 -14.39 -2.36
CA TYR A 21 -2.72 -14.62 -1.03
C TYR A 21 -1.72 -13.54 -0.59
N GLY A 22 -1.44 -12.52 -1.42
CA GLY A 22 -0.48 -11.49 -1.04
C GLY A 22 0.00 -10.64 -2.21
N ALA A 23 0.89 -9.70 -1.93
CA ALA A 23 1.46 -8.76 -2.89
C ALA A 23 2.99 -8.88 -2.84
N PHE A 24 3.60 -9.18 -3.97
CA PHE A 24 5.05 -9.14 -4.08
C PHE A 24 5.49 -7.67 -4.05
N VAL A 25 6.58 -7.36 -3.34
CA VAL A 25 7.14 -6.01 -3.27
C VAL A 25 8.66 -6.15 -3.35
N ALA A 26 9.27 -5.66 -4.42
CA ALA A 26 10.71 -5.47 -4.50
C ALA A 26 11.19 -4.44 -3.49
N LEU A 27 12.39 -4.64 -2.95
CA LEU A 27 12.91 -3.90 -1.81
C LEU A 27 14.29 -3.33 -2.12
N ASP A 28 15.07 -4.04 -2.92
CA ASP A 28 16.44 -3.75 -3.29
C ASP A 28 16.68 -4.37 -4.67
N GLU A 29 17.75 -3.95 -5.34
CA GLU A 29 18.09 -4.37 -6.70
C GLU A 29 18.23 -5.90 -6.85
N GLU A 30 18.41 -6.63 -5.75
CA GLU A 30 18.54 -8.09 -5.75
C GLU A 30 17.62 -8.74 -4.69
N THR A 31 16.65 -8.00 -4.13
CA THR A 31 15.85 -8.52 -3.02
C THR A 31 14.41 -8.05 -3.13
N GLN A 32 13.46 -8.92 -2.77
CA GLN A 32 12.04 -8.61 -2.64
C GLN A 32 11.45 -9.39 -1.46
N GLY A 33 10.18 -9.11 -1.14
CA GLY A 33 9.42 -9.86 -0.17
C GLY A 33 7.95 -9.97 -0.60
N LEU A 34 7.12 -10.49 0.30
CA LEU A 34 5.75 -10.88 0.02
C LEU A 34 4.89 -10.40 1.19
N VAL A 35 4.17 -9.31 0.99
CA VAL A 35 3.09 -8.93 1.89
C VAL A 35 2.06 -10.05 1.87
N HIS A 36 1.85 -10.75 2.99
CA HIS A 36 0.79 -11.74 3.09
C HIS A 36 -0.56 -11.01 3.22
N ILE A 37 -1.60 -11.46 2.50
CA ILE A 37 -2.90 -10.79 2.45
C ILE A 37 -3.50 -10.51 3.83
N SER A 38 -3.28 -11.42 4.78
CA SER A 38 -3.75 -11.30 6.15
C SER A 38 -3.21 -10.06 6.88
N GLU A 39 -2.14 -9.45 6.36
CA GLU A 39 -1.43 -8.34 6.98
C GLU A 39 -1.36 -7.13 6.05
N VAL A 40 -2.13 -7.13 4.94
CA VAL A 40 -2.30 -5.97 4.09
C VAL A 40 -3.02 -4.82 4.81
N THR A 41 -3.97 -5.14 5.71
CA THR A 41 -4.71 -4.17 6.51
C THR A 41 -5.11 -4.86 7.81
N HIS A 42 -5.27 -4.10 8.90
CA HIS A 42 -5.72 -4.58 10.21
C HIS A 42 -7.24 -4.85 10.25
N GLY A 43 -7.78 -5.46 9.20
CA GLY A 43 -9.19 -5.80 9.03
C GLY A 43 -9.37 -6.61 7.75
N PHE A 44 -10.60 -7.06 7.50
CA PHE A 44 -10.94 -7.87 6.33
C PHE A 44 -10.63 -7.08 5.05
N VAL A 45 -9.64 -7.55 4.28
CA VAL A 45 -9.35 -7.08 2.94
C VAL A 45 -10.56 -7.37 2.05
N LYS A 46 -11.09 -6.35 1.36
CA LYS A 46 -12.24 -6.51 0.46
C LYS A 46 -11.83 -7.44 -0.69
N ASP A 47 -10.74 -7.05 -1.36
CA ASP A 47 -9.96 -7.79 -2.33
C ASP A 47 -8.62 -7.05 -2.35
N ILE A 48 -7.49 -7.73 -2.54
CA ILE A 48 -6.17 -7.11 -2.42
C ILE A 48 -5.97 -5.91 -3.37
N ASN A 49 -6.52 -5.94 -4.59
CA ASN A 49 -6.45 -4.78 -5.49
C ASN A 49 -7.19 -3.54 -4.98
N GLU A 50 -8.07 -3.68 -3.99
CA GLU A 50 -8.77 -2.55 -3.37
C GLU A 50 -7.97 -1.98 -2.18
N HIS A 51 -6.84 -2.61 -1.82
CA HIS A 51 -6.00 -2.22 -0.68
C HIS A 51 -4.53 -1.96 -1.06
N LEU A 52 -4.10 -2.49 -2.20
CA LEU A 52 -2.76 -2.34 -2.77
C LEU A 52 -2.85 -2.30 -4.30
N SER A 53 -1.75 -1.96 -4.97
CA SER A 53 -1.69 -1.78 -6.42
C SER A 53 -0.31 -2.24 -6.89
N VAL A 54 -0.24 -3.13 -7.87
CA VAL A 54 0.99 -3.39 -8.60
C VAL A 54 1.53 -2.10 -9.26
N GLY A 55 2.86 -2.00 -9.36
CA GLY A 55 3.51 -0.89 -10.00
C GLY A 55 3.38 0.40 -9.20
N ASP A 56 3.29 0.30 -7.88
CA ASP A 56 3.23 1.45 -6.97
C ASP A 56 4.34 1.31 -5.93
N GLU A 57 4.68 2.40 -5.24
CA GLU A 57 5.72 2.46 -4.22
C GLU A 57 5.08 2.60 -2.84
N VAL A 58 5.51 1.78 -1.88
CA VAL A 58 4.85 1.62 -0.58
C VAL A 58 5.92 1.39 0.49
N GLN A 59 5.72 1.99 1.68
CA GLN A 59 6.44 1.57 2.87
C GLN A 59 5.95 0.18 3.30
N VAL A 60 6.86 -0.70 3.72
CA VAL A 60 6.60 -2.09 4.10
C VAL A 60 7.37 -2.38 5.40
N LYS A 61 6.71 -3.06 6.34
CA LYS A 61 7.39 -3.60 7.51
C LYS A 61 7.84 -5.03 7.22
N VAL A 62 9.08 -5.37 7.56
CA VAL A 62 9.57 -6.74 7.59
C VAL A 62 8.84 -7.53 8.70
N LEU A 63 8.05 -8.51 8.28
CA LEU A 63 7.29 -9.38 9.17
C LEU A 63 8.09 -10.64 9.54
N ALA A 64 8.87 -11.17 8.60
CA ALA A 64 9.81 -12.27 8.82
C ALA A 64 10.87 -12.24 7.71
N VAL A 65 11.98 -12.94 7.89
CA VAL A 65 13.02 -13.11 6.88
C VAL A 65 13.68 -14.47 7.07
N ASP A 66 14.05 -15.09 5.94
CA ASP A 66 14.89 -16.28 5.87
C ASP A 66 15.78 -16.12 4.64
N GLU A 67 17.04 -15.77 4.86
CA GLU A 67 18.00 -15.47 3.82
C GLU A 67 18.50 -16.74 3.11
N GLU A 68 18.36 -17.92 3.71
CA GLU A 68 18.73 -19.18 3.07
C GLU A 68 17.67 -19.54 2.03
N LYS A 69 16.39 -19.41 2.39
CA LYS A 69 15.27 -19.52 1.45
C LYS A 69 15.23 -18.33 0.47
N GLY A 70 15.87 -17.22 0.80
CA GLY A 70 15.77 -15.96 0.06
C GLY A 70 14.34 -15.45 0.05
N LYS A 71 13.70 -15.37 1.23
CA LYS A 71 12.32 -14.92 1.37
C LYS A 71 12.22 -13.91 2.51
N ILE A 72 11.27 -12.99 2.39
CA ILE A 72 10.99 -11.95 3.36
C ILE A 72 9.46 -11.84 3.37
N SER A 73 8.80 -12.18 4.46
CA SER A 73 7.39 -11.83 4.64
C SER A 73 7.28 -10.36 5.02
N LEU A 74 6.25 -9.67 4.56
CA LEU A 74 6.06 -8.25 4.78
C LEU A 74 4.65 -7.98 5.31
N SER A 75 4.43 -6.76 5.79
CA SER A 75 3.13 -6.26 6.22
C SER A 75 2.94 -4.85 5.67
N ILE A 76 1.67 -4.48 5.46
CA ILE A 76 1.22 -3.15 5.08
C ILE A 76 0.21 -2.59 6.11
N ARG A 77 -0.42 -3.44 6.93
CA ARG A 77 -1.17 -2.96 8.10
C ARG A 77 -0.31 -2.08 9.02
N ALA A 78 1.00 -2.33 9.03
CA ALA A 78 1.96 -1.60 9.84
C ALA A 78 2.24 -0.20 9.28
N THR A 79 1.94 0.06 8.00
CA THR A 79 2.38 1.26 7.28
C THR A 79 1.21 2.05 6.70
N GLN A 80 0.01 1.47 6.61
CA GLN A 80 -1.23 2.18 6.31
C GLN A 80 -2.38 1.61 7.15
N ALA A 81 -3.39 2.43 7.42
CA ALA A 81 -4.64 2.01 8.06
C ALA A 81 -5.76 1.75 7.03
N ALA A 82 -5.60 2.23 5.80
CA ALA A 82 -6.58 2.23 4.73
C ALA A 82 -5.84 2.47 3.40
N PRO A 83 -6.45 2.16 2.23
CA PRO A 83 -5.93 2.56 0.93
C PRO A 83 -5.90 4.09 0.79
N GLU A 84 -5.29 4.57 -0.29
CA GLU A 84 -5.24 5.98 -0.66
C GLU A 84 -6.63 6.64 -0.77
N LYS A 85 -6.66 7.95 -0.53
CA LYS A 85 -7.86 8.77 -0.68
C LYS A 85 -8.37 8.77 -2.12
N LYS A 86 -9.65 9.13 -2.28
CA LYS A 86 -10.30 9.37 -3.56
C LYS A 86 -11.26 10.55 -3.45
N GLU A 87 -11.76 11.05 -4.58
CA GLU A 87 -12.81 12.08 -4.60
C GLU A 87 -14.07 11.60 -3.87
N SER A 88 -14.75 12.54 -3.20
CA SER A 88 -15.92 12.25 -2.38
C SER A 88 -17.16 12.00 -3.24
N LYS A 89 -17.26 12.66 -4.39
CA LYS A 89 -18.40 12.57 -5.31
C LYS A 89 -17.93 12.76 -6.76
N PRO A 90 -17.13 11.83 -7.31
CA PRO A 90 -16.68 11.91 -8.69
C PRO A 90 -17.86 11.81 -9.66
N ARG A 91 -17.67 12.33 -10.87
CA ARG A 91 -18.65 12.23 -11.96
C ARG A 91 -18.03 12.42 -13.34
N LYS A 92 -16.96 13.21 -13.43
CA LYS A 92 -16.15 13.43 -14.63
C LYS A 92 -14.67 13.40 -14.22
N PRO A 93 -13.74 13.19 -15.17
CA PRO A 93 -12.31 13.40 -14.95
C PRO A 93 -12.02 14.81 -14.44
N LYS A 94 -10.83 14.99 -13.84
CA LYS A 94 -10.38 16.27 -13.31
C LYS A 94 -9.20 16.86 -14.10
N ALA A 95 -8.83 16.24 -15.22
CA ALA A 95 -7.92 16.83 -16.19
C ALA A 95 -8.45 18.16 -16.75
N ALA A 96 -7.56 18.95 -17.37
CA ALA A 96 -7.91 20.17 -18.06
C ALA A 96 -8.96 19.91 -19.15
N GLN A 97 -10.08 20.62 -19.04
CA GLN A 97 -11.26 20.53 -19.89
C GLN A 97 -11.70 21.98 -20.13
N VAL A 98 -12.98 22.34 -19.96
CA VAL A 98 -13.44 23.74 -19.93
C VAL A 98 -12.69 24.61 -18.89
N SER A 99 -12.11 23.99 -17.86
CA SER A 99 -11.15 24.62 -16.97
C SER A 99 -10.00 25.37 -17.67
N GLU A 100 -9.57 24.93 -18.86
CA GLU A 100 -8.59 25.62 -19.70
C GLU A 100 -9.05 27.04 -20.13
N GLU A 101 -10.35 27.33 -20.03
CA GLU A 101 -10.97 28.59 -20.42
C GLU A 101 -11.60 29.30 -19.19
N ALA A 102 -11.45 28.72 -18.00
CA ALA A 102 -11.90 29.33 -16.75
C ALA A 102 -11.04 30.51 -16.27
N SER A 103 -10.00 30.88 -17.04
CA SER A 103 -9.00 31.90 -16.75
C SER A 103 -9.51 33.35 -16.84
N THR A 104 -10.83 33.58 -16.75
CA THR A 104 -11.40 34.91 -16.63
C THR A 104 -10.85 35.67 -15.39
N PRO A 105 -10.95 37.02 -15.35
CA PRO A 105 -10.45 37.84 -14.25
C PRO A 105 -10.86 37.29 -12.88
N GLN A 106 -9.88 37.10 -12.01
CA GLN A 106 -10.02 36.39 -10.74
C GLN A 106 -8.88 36.77 -9.79
N GLY A 107 -9.01 36.36 -8.53
CA GLY A 107 -7.97 36.42 -7.52
C GLY A 107 -8.36 35.56 -6.34
N PHE A 108 -7.38 35.17 -5.52
CA PHE A 108 -7.54 34.29 -4.37
C PHE A 108 -6.53 34.71 -3.29
N ASN A 109 -6.74 34.27 -2.05
CA ASN A 109 -5.82 34.44 -0.93
C ASN A 109 -5.94 33.21 -0.03
N THR A 110 -4.80 32.65 0.38
CA THR A 110 -4.71 31.48 1.26
C THR A 110 -3.59 31.65 2.32
N LEU A 111 -3.18 32.90 2.57
CA LEU A 111 -2.02 33.23 3.39
C LEU A 111 -2.19 32.88 4.87
N LYS A 112 -3.38 33.03 5.46
CA LYS A 112 -3.56 32.80 6.88
C LYS A 112 -3.47 31.31 7.23
N ASP A 113 -3.15 31.02 8.49
CA ASP A 113 -3.23 29.68 9.05
C ASP A 113 -4.66 29.15 8.88
N LYS A 114 -4.80 27.94 8.32
CA LYS A 114 -6.10 27.31 8.10
C LYS A 114 -6.92 27.15 9.39
N LEU A 115 -6.27 27.07 10.55
CA LEU A 115 -6.90 27.11 11.88
C LEU A 115 -7.69 28.40 12.18
N GLU A 116 -7.58 29.42 11.33
CA GLU A 116 -8.34 30.66 11.43
C GLU A 116 -8.98 31.04 10.07
N GLU A 117 -8.32 30.72 8.96
CA GLU A 117 -8.82 31.03 7.62
C GLU A 117 -10.04 30.16 7.24
N TRP A 118 -10.10 28.92 7.78
CA TRP A 118 -11.21 27.97 7.64
C TRP A 118 -11.83 27.98 6.23
N ILE A 119 -11.03 27.69 5.21
CA ILE A 119 -11.48 27.50 3.83
C ILE A 119 -12.19 26.15 3.60
N GLU A 120 -12.80 25.59 4.65
CA GLU A 120 -13.55 24.35 4.57
C GLU A 120 -14.76 24.51 3.64
N MET A 121 -15.04 23.48 2.83
CA MET A 121 -16.00 23.51 1.73
C MET A 121 -17.35 24.09 2.17
N SER A 122 -17.66 25.28 1.66
CA SER A 122 -18.94 25.99 1.82
C SER A 122 -19.35 26.20 3.28
N ASN A 123 -18.40 26.19 4.23
CA ASN A 123 -18.71 26.41 5.65
C ASN A 123 -19.17 27.85 5.95
N ARG A 124 -18.91 28.80 5.05
CA ARG A 124 -19.48 30.14 5.08
C ARG A 124 -19.73 30.61 3.65
N LYS A 125 -20.60 31.60 3.45
CA LYS A 125 -20.77 32.24 2.14
C LYS A 125 -19.50 32.96 1.67
N ASP A 126 -18.72 33.53 2.59
CA ASP A 126 -17.50 34.29 2.30
C ASP A 126 -16.28 33.35 2.13
N LEU A 127 -16.51 32.16 1.58
CA LEU A 127 -15.42 31.31 1.10
C LEU A 127 -14.82 31.93 -0.17
N ILE A 128 -13.49 31.82 -0.32
CA ILE A 128 -12.76 32.28 -1.50
C ILE A 128 -13.28 31.64 -2.78
N LYS A 129 -13.33 32.45 -3.84
CA LYS A 129 -13.80 32.12 -5.18
C LYS A 129 -13.35 33.23 -6.14
N LYS A 130 -13.43 32.98 -7.45
CA LYS A 130 -13.15 33.98 -8.47
C LYS A 130 -13.93 35.26 -8.19
N MET A 1 24.54 -16.26 6.22
CA MET A 1 24.02 -15.29 5.25
C MET A 1 22.61 -14.90 5.66
N ALA A 2 22.28 -13.61 5.56
CA ALA A 2 20.94 -13.07 5.76
C ALA A 2 20.81 -11.80 4.90
N ALA A 3 19.57 -11.32 4.76
CA ALA A 3 19.28 -10.05 4.11
C ALA A 3 19.92 -8.89 4.89
N LYS A 4 20.12 -7.76 4.20
CA LYS A 4 20.60 -6.51 4.81
C LYS A 4 19.53 -5.71 5.56
N PHE A 5 18.32 -6.28 5.70
CA PHE A 5 17.26 -5.79 6.59
C PHE A 5 16.78 -6.96 7.45
N GLU A 6 16.09 -6.68 8.56
CA GLU A 6 15.66 -7.65 9.55
C GLU A 6 14.27 -7.32 10.07
N VAL A 7 13.62 -8.31 10.69
CA VAL A 7 12.28 -8.22 11.24
C VAL A 7 12.14 -7.01 12.17
N GLY A 8 11.06 -6.26 11.97
CA GLY A 8 10.75 -5.07 12.75
C GLY A 8 11.29 -3.79 12.14
N SER A 9 12.26 -3.86 11.22
CA SER A 9 12.67 -2.70 10.42
C SER A 9 11.52 -2.24 9.53
N VAL A 10 11.57 -0.97 9.08
CA VAL A 10 10.70 -0.44 8.05
C VAL A 10 11.58 -0.08 6.85
N TYR A 11 11.07 -0.35 5.64
CA TYR A 11 11.75 -0.15 4.38
C TYR A 11 10.72 0.29 3.35
N THR A 12 11.13 0.60 2.13
CA THR A 12 10.26 1.13 1.09
C THR A 12 10.59 0.40 -0.20
N GLY A 13 9.60 0.17 -1.06
CA GLY A 13 9.75 -0.60 -2.27
C GLY A 13 8.64 -0.33 -3.27
N LYS A 14 8.62 -1.10 -4.35
CA LYS A 14 7.70 -0.93 -5.48
C LYS A 14 7.05 -2.29 -5.73
N VAL A 15 5.72 -2.32 -5.75
CA VAL A 15 4.95 -3.53 -5.86
C VAL A 15 5.18 -4.14 -7.25
N THR A 16 5.55 -5.42 -7.27
CA THR A 16 5.97 -6.18 -8.44
C THR A 16 4.94 -7.23 -8.84
N GLY A 17 3.95 -7.54 -8.01
CA GLY A 17 2.83 -8.39 -8.41
C GLY A 17 1.81 -8.50 -7.30
N LEU A 18 0.65 -9.06 -7.62
CA LEU A 18 -0.43 -9.36 -6.67
C LEU A 18 -0.89 -10.79 -6.92
N GLN A 19 -1.35 -11.46 -5.87
CA GLN A 19 -1.89 -12.82 -5.87
C GLN A 19 -2.97 -12.88 -4.79
N ALA A 20 -3.83 -13.90 -4.85
CA ALA A 20 -4.91 -14.11 -3.90
C ALA A 20 -4.44 -14.32 -2.44
N TYR A 21 -3.13 -14.41 -2.18
CA TYR A 21 -2.56 -14.55 -0.85
C TYR A 21 -1.48 -13.52 -0.51
N GLY A 22 -1.13 -12.58 -1.42
CA GLY A 22 -0.18 -11.54 -1.07
C GLY A 22 0.29 -10.71 -2.27
N ALA A 23 1.14 -9.72 -2.00
CA ALA A 23 1.67 -8.75 -2.94
C ALA A 23 3.19 -8.78 -2.88
N PHE A 24 3.85 -9.06 -4.00
CA PHE A 24 5.30 -8.97 -4.07
C PHE A 24 5.71 -7.51 -4.12
N VAL A 25 6.83 -7.18 -3.47
CA VAL A 25 7.39 -5.84 -3.41
C VAL A 25 8.90 -5.98 -3.56
N ALA A 26 9.45 -5.45 -4.65
CA ALA A 26 10.88 -5.25 -4.80
C ALA A 26 11.31 -4.08 -3.90
N LEU A 27 12.47 -4.19 -3.28
CA LEU A 27 12.96 -3.26 -2.26
C LEU A 27 14.31 -2.69 -2.66
N ASP A 28 15.13 -3.47 -3.36
CA ASP A 28 16.43 -3.13 -3.90
C ASP A 28 16.73 -4.12 -5.01
N GLU A 29 17.74 -3.85 -5.85
CA GLU A 29 18.20 -4.78 -6.88
C GLU A 29 18.61 -6.18 -6.36
N GLU A 30 18.86 -6.33 -5.05
CA GLU A 30 19.17 -7.60 -4.40
C GLU A 30 18.32 -7.78 -3.13
N THR A 31 17.15 -7.13 -3.01
CA THR A 31 16.22 -7.41 -1.90
C THR A 31 14.77 -7.27 -2.38
N GLN A 32 13.91 -8.22 -2.00
CA GLN A 32 12.51 -8.33 -2.43
C GLN A 32 11.77 -9.12 -1.35
N GLY A 33 10.47 -8.89 -1.17
CA GLY A 33 9.67 -9.64 -0.22
C GLY A 33 8.20 -9.70 -0.62
N LEU A 34 7.38 -10.22 0.28
CA LEU A 34 5.99 -10.61 0.04
C LEU A 34 5.17 -10.09 1.21
N VAL A 35 4.34 -9.08 0.98
CA VAL A 35 3.28 -8.72 1.90
C VAL A 35 2.24 -9.83 1.83
N HIS A 36 1.95 -10.53 2.91
CA HIS A 36 0.86 -11.51 2.93
C HIS A 36 -0.49 -10.77 2.97
N ILE A 37 -1.55 -11.32 2.37
CA ILE A 37 -2.84 -10.63 2.26
C ILE A 37 -3.40 -10.22 3.63
N SER A 38 -3.18 -11.06 4.65
CA SER A 38 -3.59 -10.83 6.04
C SER A 38 -2.85 -9.66 6.71
N GLU A 39 -1.88 -9.06 6.01
CA GLU A 39 -1.02 -8.00 6.47
C GLU A 39 -1.18 -6.75 5.60
N VAL A 40 -2.07 -6.76 4.59
CA VAL A 40 -2.35 -5.61 3.74
C VAL A 40 -3.25 -4.60 4.46
N THR A 41 -4.16 -5.08 5.32
CA THR A 41 -4.97 -4.24 6.21
C THR A 41 -5.31 -5.07 7.46
N HIS A 42 -5.61 -4.38 8.56
CA HIS A 42 -6.23 -4.96 9.74
C HIS A 42 -7.75 -5.18 9.57
N GLY A 43 -8.39 -4.54 8.57
CA GLY A 43 -9.78 -4.78 8.24
C GLY A 43 -9.98 -6.10 7.48
N PHE A 44 -11.25 -6.44 7.18
CA PHE A 44 -11.58 -7.52 6.27
C PHE A 44 -11.07 -7.15 4.86
N VAL A 45 -9.94 -7.72 4.45
CA VAL A 45 -9.36 -7.59 3.11
C VAL A 45 -10.29 -8.25 2.10
N LYS A 46 -11.09 -7.43 1.40
CA LYS A 46 -12.16 -7.91 0.52
C LYS A 46 -11.57 -8.68 -0.65
N ASP A 47 -10.59 -8.08 -1.31
CA ASP A 47 -9.71 -8.67 -2.31
C ASP A 47 -8.46 -7.77 -2.31
N ILE A 48 -7.27 -8.31 -2.50
CA ILE A 48 -6.03 -7.55 -2.36
C ILE A 48 -6.00 -6.27 -3.23
N ASN A 49 -6.55 -6.29 -4.45
CA ASN A 49 -6.58 -5.11 -5.32
C ASN A 49 -7.40 -3.94 -4.75
N GLU A 50 -8.28 -4.20 -3.78
CA GLU A 50 -9.07 -3.15 -3.14
C GLU A 50 -8.26 -2.41 -2.06
N HIS A 51 -7.08 -2.94 -1.68
CA HIS A 51 -6.32 -2.47 -0.52
C HIS A 51 -4.82 -2.26 -0.82
N LEU A 52 -4.32 -2.74 -1.97
CA LEU A 52 -3.00 -2.44 -2.51
C LEU A 52 -3.08 -2.43 -4.04
N SER A 53 -1.98 -2.08 -4.73
CA SER A 53 -1.93 -1.89 -6.17
C SER A 53 -0.55 -2.36 -6.67
N VAL A 54 -0.50 -3.13 -7.76
CA VAL A 54 0.74 -3.35 -8.49
C VAL A 54 1.23 -2.06 -9.13
N GLY A 55 2.53 -1.95 -9.35
CA GLY A 55 3.13 -0.81 -10.04
C GLY A 55 3.02 0.48 -9.23
N ASP A 56 3.03 0.37 -7.91
CA ASP A 56 2.97 1.52 -7.00
C ASP A 56 4.12 1.41 -6.02
N GLU A 57 4.49 2.53 -5.37
CA GLU A 57 5.48 2.57 -4.31
C GLU A 57 4.77 2.43 -2.95
N VAL A 58 5.36 1.65 -2.04
CA VAL A 58 4.79 1.33 -0.74
C VAL A 58 5.90 1.31 0.29
N GLN A 59 5.57 1.64 1.54
CA GLN A 59 6.45 1.55 2.69
C GLN A 59 5.97 0.37 3.53
N VAL A 60 6.86 -0.56 3.86
CA VAL A 60 6.57 -1.86 4.45
C VAL A 60 7.34 -2.03 5.76
N LYS A 61 6.78 -2.77 6.71
CA LYS A 61 7.55 -3.27 7.85
C LYS A 61 7.95 -4.71 7.56
N VAL A 62 9.21 -5.05 7.78
CA VAL A 62 9.68 -6.42 7.66
C VAL A 62 8.98 -7.26 8.75
N LEU A 63 8.57 -8.47 8.38
CA LEU A 63 7.75 -9.37 9.20
C LEU A 63 8.42 -10.73 9.37
N ALA A 64 9.19 -11.21 8.39
CA ALA A 64 10.06 -12.37 8.54
C ALA A 64 11.21 -12.24 7.54
N VAL A 65 12.31 -12.94 7.78
CA VAL A 65 13.40 -13.12 6.82
C VAL A 65 13.78 -14.61 6.89
N ASP A 66 13.93 -15.25 5.74
CA ASP A 66 14.34 -16.66 5.64
C ASP A 66 15.18 -16.81 4.37
N GLU A 67 16.50 -16.66 4.53
CA GLU A 67 17.46 -16.71 3.44
C GLU A 67 17.61 -18.14 2.86
N GLU A 68 17.28 -19.19 3.64
CA GLU A 68 17.29 -20.55 3.11
C GLU A 68 16.12 -20.75 2.14
N LYS A 69 14.92 -20.24 2.50
CA LYS A 69 13.80 -20.14 1.57
C LYS A 69 14.08 -19.12 0.45
N GLY A 70 14.91 -18.13 0.74
CA GLY A 70 15.25 -17.03 -0.16
C GLY A 70 14.14 -16.00 -0.22
N LYS A 71 13.46 -15.71 0.90
CA LYS A 71 12.27 -14.84 0.95
C LYS A 71 12.30 -13.93 2.18
N ILE A 72 11.45 -12.91 2.14
CA ILE A 72 11.23 -11.94 3.21
C ILE A 72 9.71 -11.75 3.24
N SER A 73 9.08 -11.96 4.40
CA SER A 73 7.69 -11.54 4.59
C SER A 73 7.65 -10.07 5.01
N LEU A 74 6.61 -9.37 4.61
CA LEU A 74 6.44 -7.93 4.78
C LEU A 74 5.04 -7.67 5.31
N SER A 75 4.79 -6.45 5.77
CA SER A 75 3.48 -6.03 6.27
C SER A 75 3.22 -4.57 5.91
N ILE A 76 1.94 -4.22 5.76
CA ILE A 76 1.45 -2.90 5.32
C ILE A 76 0.41 -2.37 6.31
N ARG A 77 -0.36 -3.23 6.98
CA ARG A 77 -1.17 -2.78 8.13
C ARG A 77 -0.32 -2.13 9.22
N ALA A 78 0.97 -2.48 9.29
CA ALA A 78 1.95 -1.86 10.16
C ALA A 78 2.31 -0.41 9.78
N THR A 79 2.12 0.00 8.52
CA THR A 79 2.63 1.26 7.98
C THR A 79 1.48 2.20 7.54
N GLN A 80 0.33 1.64 7.16
CA GLN A 80 -0.89 2.39 6.92
C GLN A 80 -1.36 3.10 8.20
N ALA A 81 -2.19 4.13 8.01
CA ALA A 81 -2.91 4.83 9.04
C ALA A 81 -4.24 5.32 8.45
N ALA A 82 -5.23 5.58 9.32
CA ALA A 82 -6.49 6.19 8.91
C ALA A 82 -6.27 7.61 8.36
N PRO A 83 -7.08 8.06 7.38
CA PRO A 83 -7.07 9.43 6.91
C PRO A 83 -7.63 10.39 7.98
N GLU A 84 -7.38 11.69 7.80
CA GLU A 84 -8.07 12.72 8.56
C GLU A 84 -9.59 12.67 8.29
N LYS A 85 -10.39 13.05 9.28
CA LYS A 85 -11.86 13.07 9.21
C LYS A 85 -12.36 14.26 8.37
N LYS A 86 -11.94 14.37 7.11
CA LYS A 86 -12.31 15.48 6.22
C LYS A 86 -13.82 15.71 6.13
N GLU A 87 -14.64 14.68 6.34
CA GLU A 87 -16.09 14.76 6.27
C GLU A 87 -16.69 15.57 7.42
N SER A 88 -15.99 15.74 8.56
CA SER A 88 -16.60 16.27 9.79
C SER A 88 -15.68 17.21 10.60
N LYS A 89 -14.36 17.10 10.47
CA LYS A 89 -13.40 17.97 11.15
C LYS A 89 -13.47 19.44 10.70
N PRO A 90 -13.35 19.79 9.39
CA PRO A 90 -13.46 21.18 8.98
C PRO A 90 -14.87 21.72 9.25
N ARG A 91 -14.99 23.02 9.45
CA ARG A 91 -16.28 23.65 9.74
C ARG A 91 -16.97 24.13 8.46
N LYS A 92 -16.23 24.39 7.39
CA LYS A 92 -16.77 24.87 6.12
C LYS A 92 -15.87 24.34 5.00
N PRO A 93 -16.43 23.92 3.85
CA PRO A 93 -15.63 23.59 2.67
C PRO A 93 -14.75 24.77 2.23
N LYS A 94 -13.71 24.46 1.46
CA LYS A 94 -12.85 25.43 0.79
C LYS A 94 -12.41 24.82 -0.54
N ALA A 95 -12.18 25.67 -1.55
CA ALA A 95 -11.67 25.23 -2.85
C ALA A 95 -10.29 24.56 -2.70
N ALA A 96 -9.94 23.68 -3.64
CA ALA A 96 -8.59 23.18 -3.80
C ALA A 96 -7.65 24.35 -4.13
N GLN A 97 -6.64 24.56 -3.28
CA GLN A 97 -5.67 25.64 -3.37
C GLN A 97 -4.32 25.12 -2.82
N VAL A 98 -3.25 25.90 -3.01
CA VAL A 98 -1.98 25.74 -2.32
C VAL A 98 -2.13 25.81 -0.78
N SER A 99 -1.07 25.44 -0.08
CA SER A 99 -0.97 25.48 1.38
C SER A 99 -1.40 26.86 1.92
N GLU A 100 -2.12 26.84 3.04
CA GLU A 100 -2.76 28.01 3.64
C GLU A 100 -2.85 27.78 5.15
N GLU A 101 -2.94 28.87 5.91
CA GLU A 101 -2.88 28.90 7.37
C GLU A 101 -3.79 29.97 7.99
N ALA A 102 -4.53 30.74 7.16
CA ALA A 102 -5.58 31.67 7.59
C ALA A 102 -6.79 31.52 6.65
N SER A 103 -7.97 31.94 7.12
CA SER A 103 -9.25 31.69 6.42
C SER A 103 -9.39 30.22 5.96
N THR A 104 -8.87 29.33 6.80
CA THR A 104 -8.79 27.89 6.61
C THR A 104 -10.17 27.22 6.72
N PRO A 105 -10.33 25.97 6.22
CA PRO A 105 -11.61 25.25 6.27
C PRO A 105 -11.98 24.83 7.72
N GLN A 106 -10.98 24.72 8.61
CA GLN A 106 -11.19 24.55 10.05
C GLN A 106 -11.67 25.84 10.75
N GLY A 107 -11.94 26.92 10.00
CA GLY A 107 -12.30 28.23 10.52
C GLY A 107 -11.16 29.23 10.30
N PHE A 108 -11.42 30.51 10.54
CA PHE A 108 -10.35 31.51 10.58
C PHE A 108 -9.29 31.15 11.64
N ASN A 109 -8.06 31.61 11.42
CA ASN A 109 -6.92 31.42 12.31
C ASN A 109 -6.07 32.69 12.23
N THR A 110 -5.69 33.22 13.38
CA THR A 110 -4.82 34.39 13.53
C THR A 110 -3.37 34.08 13.16
N LEU A 111 -2.52 35.12 13.17
CA LEU A 111 -1.07 35.02 13.01
C LEU A 111 -0.41 35.99 13.98
N LYS A 112 0.71 35.59 14.58
CA LYS A 112 1.54 36.41 15.47
C LYS A 112 3.00 36.12 15.16
N ASP A 113 3.91 37.01 15.59
CA ASP A 113 5.35 36.96 15.28
C ASP A 113 6.01 35.64 15.68
N LYS A 114 5.50 34.98 16.72
CA LYS A 114 6.06 33.74 17.27
C LYS A 114 5.01 32.62 17.34
N LEU A 115 3.93 32.72 16.56
CA LEU A 115 3.04 31.59 16.33
C LEU A 115 3.83 30.53 15.55
N GLU A 116 4.23 29.47 16.24
CA GLU A 116 4.97 28.34 15.69
C GLU A 116 4.69 27.13 16.61
N GLU A 117 5.12 25.94 16.21
CA GLU A 117 4.77 24.66 16.82
C GLU A 117 5.17 24.53 18.31
N TRP A 118 6.05 25.41 18.80
CA TRP A 118 6.37 25.50 20.23
C TRP A 118 5.19 25.94 21.13
N ILE A 119 4.16 26.61 20.61
CA ILE A 119 2.97 26.99 21.38
C ILE A 119 2.16 25.76 21.81
N GLU A 120 1.23 25.97 22.73
CA GLU A 120 0.22 25.00 23.08
C GLU A 120 -1.10 25.74 23.25
N MET A 121 -2.21 25.14 22.82
CA MET A 121 -3.56 25.68 22.95
C MET A 121 -4.53 24.51 23.08
N SER A 122 -5.61 24.61 23.86
CA SER A 122 -6.62 23.55 23.90
C SER A 122 -7.34 23.32 22.56
N ASN A 123 -7.32 24.28 21.63
CA ASN A 123 -7.73 24.04 20.23
C ASN A 123 -6.77 23.10 19.47
N ARG A 124 -5.47 23.19 19.79
CA ARG A 124 -4.40 22.39 19.19
C ARG A 124 -4.32 20.98 19.79
N LYS A 125 -4.68 20.79 21.07
CA LYS A 125 -4.70 19.47 21.71
C LYS A 125 -5.48 18.47 20.85
N ASP A 126 -5.00 17.22 20.81
CA ASP A 126 -5.77 16.09 20.23
C ASP A 126 -7.08 15.89 20.99
N LEU A 127 -7.02 15.95 22.33
CA LEU A 127 -8.18 16.08 23.19
C LEU A 127 -8.63 17.55 23.17
N ILE A 128 -9.17 17.96 22.02
CA ILE A 128 -9.58 19.32 21.74
C ILE A 128 -10.61 19.80 22.77
N LYS A 129 -10.43 21.04 23.23
CA LYS A 129 -11.37 21.72 24.11
C LYS A 129 -11.31 23.21 23.80
N LYS A 130 -12.46 23.86 23.82
CA LYS A 130 -12.65 25.29 23.76
C LYS A 130 -13.96 25.61 24.48
N MET A 1 22.15 -14.42 8.48
CA MET A 1 23.57 -14.14 8.62
C MET A 1 23.91 -12.86 7.87
N ALA A 2 24.10 -11.77 8.61
CA ALA A 2 24.43 -10.43 8.10
C ALA A 2 23.56 -9.98 6.90
N ALA A 3 22.27 -10.33 6.95
CA ALA A 3 21.31 -9.97 5.90
C ALA A 3 21.09 -8.45 5.85
N LYS A 4 20.65 -7.95 4.69
CA LYS A 4 20.32 -6.53 4.49
C LYS A 4 19.05 -6.10 5.25
N PHE A 5 18.26 -7.05 5.72
CA PHE A 5 16.98 -6.83 6.39
C PHE A 5 16.89 -7.78 7.58
N GLU A 6 16.17 -7.36 8.61
CA GLU A 6 15.95 -8.13 9.83
C GLU A 6 14.53 -7.82 10.31
N VAL A 7 13.89 -8.78 10.98
CA VAL A 7 12.51 -8.65 11.46
C VAL A 7 12.34 -7.40 12.31
N GLY A 8 11.24 -6.69 12.05
CA GLY A 8 10.90 -5.46 12.74
C GLY A 8 11.51 -4.21 12.12
N SER A 9 12.46 -4.34 11.17
CA SER A 9 12.93 -3.20 10.38
C SER A 9 11.80 -2.66 9.50
N VAL A 10 11.99 -1.47 8.94
CA VAL A 10 11.01 -0.81 8.07
C VAL A 10 11.79 -0.12 6.97
N TYR A 11 11.39 -0.34 5.72
CA TYR A 11 12.02 0.19 4.52
C TYR A 11 10.94 0.60 3.52
N THR A 12 11.35 1.01 2.33
CA THR A 12 10.46 1.40 1.24
C THR A 12 10.78 0.54 0.02
N GLY A 13 9.77 0.24 -0.79
CA GLY A 13 9.85 -0.68 -1.91
C GLY A 13 8.75 -0.40 -2.91
N LYS A 14 8.69 -1.19 -3.98
CA LYS A 14 7.81 -0.96 -5.14
C LYS A 14 7.04 -2.24 -5.37
N VAL A 15 5.72 -2.18 -5.35
CA VAL A 15 4.84 -3.33 -5.52
C VAL A 15 5.04 -3.88 -6.92
N THR A 16 5.41 -5.15 -7.02
CA THR A 16 5.79 -5.82 -8.27
C THR A 16 4.71 -6.77 -8.77
N GLY A 17 3.74 -7.16 -7.94
CA GLY A 17 2.60 -7.95 -8.39
C GLY A 17 1.60 -8.15 -7.26
N LEU A 18 0.39 -8.58 -7.62
CA LEU A 18 -0.66 -8.95 -6.68
C LEU A 18 -1.00 -10.42 -6.90
N GLN A 19 -1.29 -11.14 -5.82
CA GLN A 19 -1.44 -12.58 -5.75
C GLN A 19 -2.69 -12.89 -4.92
N ALA A 20 -3.27 -14.08 -5.09
CA ALA A 20 -4.48 -14.50 -4.35
C ALA A 20 -4.30 -14.60 -2.82
N TYR A 21 -3.09 -14.31 -2.32
CA TYR A 21 -2.65 -14.45 -0.94
C TYR A 21 -1.77 -13.29 -0.49
N GLY A 22 -1.63 -12.21 -1.27
CA GLY A 22 -0.73 -11.12 -0.90
C GLY A 22 -0.26 -10.29 -2.08
N ALA A 23 0.75 -9.45 -1.87
CA ALA A 23 1.36 -8.61 -2.89
C ALA A 23 2.88 -8.68 -2.78
N PHE A 24 3.55 -8.84 -3.92
CA PHE A 24 5.00 -8.81 -3.97
C PHE A 24 5.44 -7.35 -3.95
N VAL A 25 6.55 -7.07 -3.26
CA VAL A 25 7.15 -5.75 -3.18
C VAL A 25 8.65 -5.94 -3.31
N ALA A 26 9.24 -5.42 -4.39
CA ALA A 26 10.68 -5.32 -4.54
C ALA A 26 11.22 -4.32 -3.52
N LEU A 27 12.38 -4.65 -2.95
CA LEU A 27 12.97 -3.96 -1.80
C LEU A 27 14.33 -3.37 -2.18
N ASP A 28 15.04 -4.04 -3.08
CA ASP A 28 16.36 -3.64 -3.60
C ASP A 28 16.51 -4.28 -4.98
N GLU A 29 17.54 -3.91 -5.74
CA GLU A 29 17.75 -4.38 -7.12
C GLU A 29 17.94 -5.89 -7.26
N GLU A 30 18.17 -6.61 -6.16
CA GLU A 30 18.29 -8.06 -6.11
C GLU A 30 17.52 -8.66 -4.93
N THR A 31 16.54 -7.95 -4.36
CA THR A 31 15.79 -8.42 -3.18
C THR A 31 14.33 -7.99 -3.25
N GLN A 32 13.43 -8.89 -2.88
CA GLN A 32 11.98 -8.75 -3.02
C GLN A 32 11.34 -9.61 -1.93
N GLY A 33 10.23 -9.14 -1.37
CA GLY A 33 9.46 -9.87 -0.37
C GLY A 33 7.97 -9.82 -0.67
N LEU A 34 7.17 -10.43 0.20
CA LEU A 34 5.75 -10.68 -0.02
C LEU A 34 4.99 -10.26 1.23
N VAL A 35 4.14 -9.24 1.13
CA VAL A 35 3.16 -8.98 2.18
C VAL A 35 2.01 -9.93 1.97
N HIS A 36 1.73 -10.80 2.94
CA HIS A 36 0.57 -11.66 2.89
C HIS A 36 -0.68 -10.83 3.16
N ILE A 37 -1.79 -11.23 2.54
CA ILE A 37 -3.08 -10.50 2.53
C ILE A 37 -3.57 -10.13 3.92
N SER A 38 -3.31 -10.97 4.91
CA SER A 38 -3.69 -10.74 6.31
C SER A 38 -3.03 -9.51 6.93
N GLU A 39 -1.99 -8.97 6.30
CA GLU A 39 -1.18 -7.86 6.80
C GLU A 39 -1.21 -6.68 5.82
N VAL A 40 -2.11 -6.70 4.83
CA VAL A 40 -2.27 -5.60 3.87
C VAL A 40 -3.06 -4.44 4.46
N THR A 41 -3.97 -4.70 5.40
CA THR A 41 -4.78 -3.69 6.09
C THR A 41 -5.39 -4.31 7.34
N HIS A 42 -5.83 -3.47 8.28
CA HIS A 42 -6.69 -3.88 9.40
C HIS A 42 -8.13 -4.12 8.94
N GLY A 43 -8.55 -3.52 7.81
CA GLY A 43 -9.87 -3.72 7.24
C GLY A 43 -10.01 -5.09 6.57
N PHE A 44 -11.22 -5.42 6.13
CA PHE A 44 -11.44 -6.58 5.27
C PHE A 44 -10.73 -6.38 3.93
N VAL A 45 -10.27 -7.46 3.32
CA VAL A 45 -9.59 -7.51 2.02
C VAL A 45 -9.86 -8.89 1.44
N LYS A 46 -11.13 -9.12 1.06
CA LYS A 46 -11.59 -10.43 0.59
C LYS A 46 -10.86 -10.96 -0.65
N ASP A 47 -10.27 -10.05 -1.42
CA ASP A 47 -9.32 -10.34 -2.49
C ASP A 47 -8.31 -9.19 -2.44
N ILE A 48 -7.04 -9.44 -2.78
CA ILE A 48 -5.96 -8.46 -2.65
C ILE A 48 -6.31 -7.12 -3.31
N ASN A 49 -7.04 -7.12 -4.43
CA ASN A 49 -7.34 -5.90 -5.17
C ASN A 49 -8.24 -4.92 -4.40
N GLU A 50 -8.92 -5.40 -3.36
CA GLU A 50 -9.81 -4.57 -2.53
C GLU A 50 -9.01 -3.58 -1.66
N HIS A 51 -7.68 -3.69 -1.62
CA HIS A 51 -6.76 -2.73 -1.01
C HIS A 51 -5.49 -2.62 -1.86
N LEU A 52 -4.49 -1.89 -1.35
CA LEU A 52 -3.19 -1.65 -1.98
C LEU A 52 -3.33 -1.09 -3.40
N SER A 53 -2.19 -1.07 -4.08
CA SER A 53 -2.02 -0.72 -5.49
C SER A 53 -0.88 -1.63 -6.01
N VAL A 54 -0.70 -1.72 -7.33
CA VAL A 54 0.43 -2.43 -7.97
C VAL A 54 1.19 -1.45 -8.86
N GLY A 55 2.49 -1.69 -9.05
CA GLY A 55 3.35 -0.77 -9.77
C GLY A 55 3.42 0.59 -9.08
N ASP A 56 3.47 0.59 -7.75
CA ASP A 56 3.45 1.81 -6.92
C ASP A 56 4.47 1.64 -5.79
N GLU A 57 4.88 2.72 -5.15
CA GLU A 57 5.82 2.71 -4.04
C GLU A 57 5.05 2.63 -2.72
N VAL A 58 5.56 1.84 -1.78
CA VAL A 58 4.97 1.59 -0.46
C VAL A 58 6.08 1.47 0.57
N GLN A 59 5.82 1.91 1.80
CA GLN A 59 6.69 1.61 2.93
C GLN A 59 6.23 0.28 3.53
N VAL A 60 7.16 -0.58 3.87
CA VAL A 60 6.93 -1.98 4.26
C VAL A 60 7.72 -2.28 5.52
N LYS A 61 7.07 -2.92 6.49
CA LYS A 61 7.75 -3.47 7.66
C LYS A 61 8.22 -4.88 7.30
N VAL A 62 9.43 -5.23 7.69
CA VAL A 62 9.92 -6.61 7.61
C VAL A 62 9.16 -7.43 8.66
N LEU A 63 8.33 -8.36 8.19
CA LEU A 63 7.53 -9.25 9.04
C LEU A 63 8.31 -10.50 9.39
N ALA A 64 9.06 -11.06 8.44
CA ALA A 64 9.89 -12.25 8.61
C ALA A 64 11.00 -12.25 7.57
N VAL A 65 12.02 -13.07 7.78
CA VAL A 65 13.06 -13.40 6.79
C VAL A 65 13.31 -14.91 6.85
N ASP A 66 13.69 -15.48 5.72
CA ASP A 66 13.77 -16.93 5.49
C ASP A 66 15.05 -17.22 4.72
N GLU A 67 16.16 -17.21 5.45
CA GLU A 67 17.52 -17.37 4.92
C GLU A 67 17.68 -18.66 4.12
N GLU A 68 16.93 -19.71 4.46
CA GLU A 68 16.96 -20.99 3.75
C GLU A 68 16.45 -20.89 2.31
N LYS A 69 15.77 -19.79 1.94
CA LYS A 69 15.35 -19.49 0.57
C LYS A 69 15.83 -18.12 0.10
N GLY A 70 16.38 -17.29 0.99
CA GLY A 70 16.77 -15.92 0.70
C GLY A 70 15.54 -15.05 0.44
N LYS A 71 14.46 -15.23 1.21
CA LYS A 71 13.18 -14.54 1.00
C LYS A 71 12.78 -13.78 2.27
N ILE A 72 11.81 -12.89 2.11
CA ILE A 72 11.36 -11.94 3.13
C ILE A 72 9.83 -11.91 3.06
N SER A 73 9.18 -11.82 4.21
CA SER A 73 7.76 -11.52 4.32
C SER A 73 7.61 -10.12 4.87
N LEU A 74 6.55 -9.42 4.51
CA LEU A 74 6.38 -7.98 4.75
C LEU A 74 4.99 -7.74 5.35
N SER A 75 4.76 -6.52 5.84
CA SER A 75 3.45 -6.06 6.30
C SER A 75 3.26 -4.59 5.92
N ILE A 76 1.99 -4.19 5.74
CA ILE A 76 1.56 -2.85 5.31
C ILE A 76 0.59 -2.27 6.33
N ARG A 77 -0.23 -3.08 7.02
CA ARG A 77 -1.00 -2.59 8.15
C ARG A 77 -0.14 -1.94 9.22
N ALA A 78 1.14 -2.33 9.30
CA ALA A 78 2.13 -1.73 10.17
C ALA A 78 2.61 -0.35 9.72
N THR A 79 2.45 0.02 8.45
CA THR A 79 3.07 1.22 7.86
C THR A 79 2.03 2.24 7.39
N GLN A 80 0.78 1.83 7.14
CA GLN A 80 -0.33 2.73 6.88
C GLN A 80 -0.50 3.72 8.03
N ALA A 81 -0.99 4.90 7.68
CA ALA A 81 -1.24 6.04 8.57
C ALA A 81 -2.64 6.62 8.33
N ALA A 82 -3.52 5.83 7.72
CA ALA A 82 -4.94 6.11 7.44
C ALA A 82 -5.71 4.79 7.52
N PRO A 83 -7.04 4.82 7.68
CA PRO A 83 -7.86 3.60 7.77
C PRO A 83 -7.66 2.64 6.58
N GLU A 84 -7.43 3.19 5.40
CA GLU A 84 -7.13 2.46 4.16
C GLU A 84 -6.15 3.31 3.34
N LYS A 85 -5.51 2.72 2.33
CA LYS A 85 -4.70 3.40 1.32
C LYS A 85 -5.61 4.25 0.42
N LYS A 86 -6.11 5.39 0.93
CA LYS A 86 -6.79 6.38 0.11
C LYS A 86 -5.83 6.87 -0.98
N GLU A 87 -6.38 7.20 -2.14
CA GLU A 87 -5.62 7.85 -3.21
C GLU A 87 -5.14 9.24 -2.77
N SER A 88 -4.10 9.74 -3.43
CA SER A 88 -3.56 11.09 -3.21
C SER A 88 -4.63 12.16 -3.44
N LYS A 89 -4.51 13.29 -2.73
CA LYS A 89 -5.36 14.47 -2.94
C LYS A 89 -5.20 14.97 -4.39
N PRO A 90 -6.24 15.59 -4.97
CA PRO A 90 -6.11 16.30 -6.24
C PRO A 90 -5.18 17.50 -6.06
N ARG A 91 -4.63 18.02 -7.16
CA ARG A 91 -3.65 19.12 -7.13
C ARG A 91 -3.94 20.22 -8.17
N LYS A 92 -5.05 20.10 -8.93
CA LYS A 92 -5.52 21.21 -9.76
C LYS A 92 -5.88 22.39 -8.83
N PRO A 93 -5.55 23.64 -9.17
CA PRO A 93 -6.07 24.79 -8.44
C PRO A 93 -7.60 24.84 -8.62
N LYS A 94 -8.32 25.23 -7.56
CA LYS A 94 -9.79 25.33 -7.63
C LYS A 94 -10.21 26.51 -8.50
N ALA A 95 -9.48 27.63 -8.41
CA ALA A 95 -9.70 28.79 -9.27
C ALA A 95 -9.27 28.48 -10.71
N ALA A 96 -9.74 29.28 -11.65
CA ALA A 96 -9.25 29.35 -13.04
C ALA A 96 -7.89 30.05 -13.07
N GLN A 97 -6.92 29.48 -12.35
CA GLN A 97 -5.55 30.00 -12.23
C GLN A 97 -4.70 29.61 -13.45
N VAL A 98 -5.18 28.64 -14.25
CA VAL A 98 -4.58 28.16 -15.52
C VAL A 98 -3.08 27.88 -15.40
N SER A 99 -2.69 27.31 -14.25
CA SER A 99 -1.30 27.02 -13.86
C SER A 99 -0.73 25.77 -14.56
N GLU A 100 -1.18 25.46 -15.76
CA GLU A 100 -0.80 24.28 -16.54
C GLU A 100 -0.57 24.70 -18.00
N GLU A 101 -0.19 23.74 -18.84
CA GLU A 101 0.04 23.94 -20.28
C GLU A 101 -1.25 24.27 -21.06
N ALA A 102 -2.41 24.20 -20.40
CA ALA A 102 -3.72 24.55 -20.93
C ALA A 102 -4.56 25.17 -19.83
N SER A 103 -5.73 25.71 -20.19
CA SER A 103 -6.73 26.26 -19.28
C SER A 103 -7.56 25.16 -18.58
N THR A 104 -6.94 24.01 -18.32
CA THR A 104 -7.57 22.83 -17.70
C THR A 104 -8.29 23.13 -16.38
N PRO A 105 -7.67 23.74 -15.36
CA PRO A 105 -8.39 24.14 -14.16
C PRO A 105 -9.28 25.34 -14.48
N GLN A 106 -10.52 25.32 -14.00
CA GLN A 106 -11.52 26.37 -14.21
C GLN A 106 -12.33 26.53 -12.92
N GLY A 107 -12.87 27.72 -12.71
CA GLY A 107 -13.53 28.14 -11.47
C GLY A 107 -13.58 29.67 -11.43
N PHE A 108 -13.75 30.24 -10.24
CA PHE A 108 -13.60 31.68 -9.99
C PHE A 108 -12.19 32.16 -10.38
N ASN A 109 -12.03 33.46 -10.56
CA ASN A 109 -10.75 34.10 -10.91
C ASN A 109 -10.76 35.52 -10.34
N THR A 110 -9.60 36.10 -10.08
CA THR A 110 -9.49 37.46 -9.54
C THR A 110 -10.22 38.50 -10.40
N LEU A 111 -10.28 38.35 -11.73
CA LEU A 111 -11.10 39.22 -12.58
C LEU A 111 -12.58 39.00 -12.30
N LYS A 112 -13.05 37.76 -12.25
CA LYS A 112 -14.45 37.44 -11.96
C LYS A 112 -14.90 38.02 -10.61
N ASP A 113 -13.97 38.13 -9.66
CA ASP A 113 -14.24 38.70 -8.34
C ASP A 113 -14.42 40.23 -8.35
N LYS A 114 -14.00 40.95 -9.41
CA LYS A 114 -13.93 42.43 -9.38
C LYS A 114 -14.43 43.15 -10.63
N LEU A 115 -14.72 42.46 -11.73
CA LEU A 115 -15.28 43.09 -12.93
C LEU A 115 -16.61 43.78 -12.66
N GLU A 116 -17.07 44.57 -13.63
CA GLU A 116 -18.31 45.35 -13.52
C GLU A 116 -19.24 45.13 -14.71
N GLU A 117 -18.83 44.32 -15.70
CA GLU A 117 -19.56 44.16 -16.97
C GLU A 117 -20.98 43.60 -16.78
N TRP A 118 -21.25 42.94 -15.65
CA TRP A 118 -22.57 42.43 -15.27
C TRP A 118 -23.65 43.52 -15.16
N ILE A 119 -23.30 44.81 -15.09
CA ILE A 119 -24.26 45.93 -15.17
C ILE A 119 -24.90 46.07 -16.55
N GLU A 120 -24.38 45.42 -17.58
CA GLU A 120 -24.97 45.42 -18.92
C GLU A 120 -26.39 44.86 -18.86
N MET A 121 -27.34 45.49 -19.57
CA MET A 121 -28.76 45.17 -19.49
C MET A 121 -29.06 43.69 -19.74
N SER A 122 -28.30 43.06 -20.63
CA SER A 122 -28.37 41.63 -20.96
C SER A 122 -28.23 40.71 -19.74
N ASN A 123 -27.66 41.19 -18.64
CA ASN A 123 -27.59 40.49 -17.34
C ASN A 123 -28.33 41.26 -16.25
N ARG A 124 -28.31 42.59 -16.28
CA ARG A 124 -28.97 43.47 -15.30
C ARG A 124 -30.44 43.13 -15.12
N LYS A 125 -31.10 42.62 -16.16
CA LYS A 125 -32.48 42.11 -16.14
C LYS A 125 -32.80 41.19 -14.96
N ASP A 126 -31.80 40.54 -14.37
CA ASP A 126 -31.94 39.69 -13.17
C ASP A 126 -32.42 40.45 -11.93
N LEU A 127 -32.35 41.78 -11.92
CA LEU A 127 -32.78 42.62 -10.78
C LEU A 127 -34.20 42.36 -10.34
N ILE A 128 -34.47 42.70 -9.08
CA ILE A 128 -35.79 42.62 -8.42
C ILE A 128 -35.84 43.69 -7.33
N LYS A 129 -37.04 44.16 -7.01
CA LYS A 129 -37.31 45.11 -5.92
C LYS A 129 -38.68 44.85 -5.31
N LYS A 130 -38.91 45.36 -4.10
CA LYS A 130 -40.20 45.25 -3.42
C LYS A 130 -41.30 45.86 -4.30
N MET A 1 21.52 -9.04 13.16
CA MET A 1 21.42 -8.56 11.78
C MET A 1 22.66 -8.97 11.02
N ALA A 2 22.49 -9.83 10.02
CA ALA A 2 23.55 -10.34 9.15
C ALA A 2 23.09 -10.35 7.68
N ALA A 3 22.10 -9.53 7.35
CA ALA A 3 21.52 -9.34 6.03
C ALA A 3 21.05 -7.88 5.93
N LYS A 4 20.62 -7.45 4.74
CA LYS A 4 20.14 -6.08 4.50
C LYS A 4 18.85 -5.74 5.26
N PHE A 5 18.17 -6.74 5.82
CA PHE A 5 16.91 -6.57 6.54
C PHE A 5 16.94 -7.47 7.78
N GLU A 6 16.10 -7.13 8.76
CA GLU A 6 15.81 -7.93 9.94
C GLU A 6 14.35 -7.64 10.34
N VAL A 7 13.67 -8.62 10.93
CA VAL A 7 12.34 -8.47 11.50
C VAL A 7 12.20 -7.19 12.34
N GLY A 8 11.12 -6.45 12.09
CA GLY A 8 10.82 -5.22 12.77
C GLY A 8 11.40 -3.97 12.10
N SER A 9 12.34 -4.13 11.15
CA SER A 9 12.81 -3.01 10.34
C SER A 9 11.69 -2.47 9.46
N VAL A 10 11.87 -1.27 8.91
CA VAL A 10 10.91 -0.60 8.05
C VAL A 10 11.70 0.01 6.90
N TYR A 11 11.26 -0.27 5.67
CA TYR A 11 11.91 0.19 4.45
C TYR A 11 10.84 0.53 3.40
N THR A 12 11.25 1.05 2.25
CA THR A 12 10.37 1.41 1.15
C THR A 12 10.76 0.59 -0.07
N GLY A 13 9.78 0.17 -0.85
CA GLY A 13 9.94 -0.69 -2.01
C GLY A 13 8.83 -0.44 -3.02
N LYS A 14 8.81 -1.23 -4.10
CA LYS A 14 7.82 -1.10 -5.19
C LYS A 14 7.12 -2.43 -5.39
N VAL A 15 5.80 -2.38 -5.55
CA VAL A 15 4.97 -3.56 -5.65
C VAL A 15 5.18 -4.18 -7.04
N THR A 16 5.52 -5.47 -7.05
CA THR A 16 6.01 -6.19 -8.23
C THR A 16 5.07 -7.34 -8.60
N GLY A 17 4.07 -7.66 -7.80
CA GLY A 17 3.03 -8.61 -8.19
C GLY A 17 1.94 -8.66 -7.13
N LEU A 18 0.82 -9.29 -7.48
CA LEU A 18 -0.33 -9.48 -6.61
C LEU A 18 -0.83 -10.90 -6.78
N GLN A 19 -1.38 -11.47 -5.71
CA GLN A 19 -1.86 -12.83 -5.57
C GLN A 19 -3.02 -12.78 -4.57
N ALA A 20 -3.95 -13.73 -4.62
CA ALA A 20 -5.01 -13.86 -3.62
C ALA A 20 -4.50 -14.23 -2.21
N TYR A 21 -3.18 -14.34 -2.03
CA TYR A 21 -2.51 -14.55 -0.74
C TYR A 21 -1.44 -13.51 -0.42
N GLY A 22 -1.19 -12.52 -1.28
CA GLY A 22 -0.26 -11.44 -0.94
C GLY A 22 0.18 -10.57 -2.11
N ALA A 23 0.99 -9.56 -1.82
CA ALA A 23 1.54 -8.59 -2.77
C ALA A 23 3.05 -8.65 -2.66
N PHE A 24 3.73 -9.02 -3.74
CA PHE A 24 5.18 -8.96 -3.80
C PHE A 24 5.62 -7.50 -3.83
N VAL A 25 6.69 -7.18 -3.11
CA VAL A 25 7.28 -5.85 -3.07
C VAL A 25 8.79 -6.03 -3.15
N ALA A 26 9.38 -5.61 -4.27
CA ALA A 26 10.81 -5.46 -4.41
C ALA A 26 11.30 -4.34 -3.50
N LEU A 27 12.35 -4.60 -2.75
CA LEU A 27 12.82 -3.77 -1.64
C LEU A 27 14.10 -3.03 -2.03
N ASP A 28 14.89 -3.61 -2.93
CA ASP A 28 16.21 -3.07 -3.33
C ASP A 28 16.45 -3.34 -4.81
N GLU A 29 15.37 -3.58 -5.55
CA GLU A 29 15.28 -3.91 -6.99
C GLU A 29 15.96 -5.22 -7.40
N GLU A 30 16.75 -5.81 -6.51
CA GLU A 30 17.43 -7.10 -6.65
C GLU A 30 17.25 -7.91 -5.35
N THR A 31 16.31 -7.50 -4.51
CA THR A 31 15.86 -8.21 -3.32
C THR A 31 14.38 -7.88 -3.16
N GLN A 32 13.57 -8.81 -2.64
CA GLN A 32 12.11 -8.73 -2.64
C GLN A 32 11.56 -9.48 -1.42
N GLY A 33 10.37 -9.09 -0.99
CA GLY A 33 9.58 -9.81 -0.01
C GLY A 33 8.10 -9.82 -0.40
N LEU A 34 7.26 -10.37 0.48
CA LEU A 34 5.87 -10.69 0.19
C LEU A 34 5.02 -10.20 1.36
N VAL A 35 4.30 -9.09 1.14
CA VAL A 35 3.21 -8.71 2.04
C VAL A 35 2.18 -9.82 1.96
N HIS A 36 1.94 -10.57 3.04
CA HIS A 36 0.88 -11.58 3.06
C HIS A 36 -0.46 -10.84 3.11
N ILE A 37 -1.51 -11.36 2.45
CA ILE A 37 -2.77 -10.64 2.25
C ILE A 37 -3.39 -10.13 3.55
N SER A 38 -3.40 -10.92 4.61
CA SER A 38 -3.94 -10.52 5.90
C SER A 38 -3.19 -9.31 6.49
N GLU A 39 -1.93 -9.15 6.13
CA GLU A 39 -1.05 -8.09 6.61
C GLU A 39 -1.12 -6.84 5.71
N VAL A 40 -1.95 -6.83 4.67
CA VAL A 40 -2.15 -5.65 3.81
C VAL A 40 -2.96 -4.58 4.54
N THR A 41 -3.88 -4.97 5.44
CA THR A 41 -4.83 -4.08 6.07
C THR A 41 -5.19 -4.67 7.43
N HIS A 42 -5.49 -3.82 8.42
CA HIS A 42 -5.86 -4.16 9.79
C HIS A 42 -7.32 -4.66 9.90
N GLY A 43 -7.79 -5.43 8.91
CA GLY A 43 -9.19 -5.79 8.75
C GLY A 43 -9.37 -6.60 7.48
N PHE A 44 -10.62 -6.63 6.98
CA PHE A 44 -11.00 -7.29 5.73
C PHE A 44 -10.09 -6.85 4.56
N VAL A 45 -9.92 -7.76 3.59
CA VAL A 45 -9.07 -7.61 2.41
C VAL A 45 -9.67 -8.49 1.30
N LYS A 46 -10.96 -8.26 1.02
CA LYS A 46 -11.78 -9.09 0.12
C LYS A 46 -11.15 -9.36 -1.24
N ASP A 47 -10.42 -8.40 -1.81
CA ASP A 47 -9.57 -8.59 -2.98
C ASP A 47 -8.40 -7.63 -2.82
N ILE A 48 -7.16 -8.11 -3.00
CA ILE A 48 -5.96 -7.34 -2.71
C ILE A 48 -5.83 -6.08 -3.57
N ASN A 49 -6.31 -6.08 -4.82
CA ASN A 49 -6.24 -4.88 -5.67
C ASN A 49 -7.13 -3.73 -5.18
N GLU A 50 -8.06 -3.99 -4.25
CA GLU A 50 -8.85 -2.95 -3.59
C GLU A 50 -8.16 -2.40 -2.32
N HIS A 51 -6.96 -2.89 -2.00
CA HIS A 51 -6.25 -2.60 -0.73
C HIS A 51 -4.76 -2.30 -0.93
N LEU A 52 -4.17 -2.70 -2.06
CA LEU A 52 -2.84 -2.31 -2.54
C LEU A 52 -2.88 -2.26 -4.08
N SER A 53 -1.77 -1.92 -4.72
CA SER A 53 -1.70 -1.72 -6.18
C SER A 53 -0.32 -2.15 -6.67
N VAL A 54 -0.26 -2.93 -7.74
CA VAL A 54 0.99 -3.22 -8.45
C VAL A 54 1.55 -1.96 -9.10
N GLY A 55 2.87 -1.92 -9.26
CA GLY A 55 3.58 -0.84 -9.93
C GLY A 55 3.46 0.47 -9.16
N ASP A 56 3.37 0.40 -7.82
CA ASP A 56 3.32 1.56 -6.94
C ASP A 56 4.43 1.43 -5.91
N GLU A 57 4.82 2.53 -5.27
CA GLU A 57 5.83 2.56 -4.22
C GLU A 57 5.13 2.56 -2.85
N VAL A 58 5.61 1.74 -1.92
CA VAL A 58 4.99 1.52 -0.61
C VAL A 58 6.10 1.38 0.42
N GLN A 59 5.82 1.83 1.65
CA GLN A 59 6.66 1.58 2.80
C GLN A 59 6.09 0.41 3.60
N VAL A 60 6.95 -0.53 3.98
CA VAL A 60 6.63 -1.85 4.51
C VAL A 60 7.42 -2.07 5.79
N LYS A 61 6.83 -2.80 6.74
CA LYS A 61 7.56 -3.31 7.90
C LYS A 61 7.92 -4.78 7.64
N VAL A 62 9.19 -5.12 7.83
CA VAL A 62 9.70 -6.48 7.72
C VAL A 62 9.06 -7.32 8.84
N LEU A 63 8.45 -8.44 8.43
CA LEU A 63 7.67 -9.31 9.29
C LEU A 63 8.36 -10.65 9.51
N ALA A 64 9.10 -11.14 8.52
CA ALA A 64 9.97 -12.33 8.63
C ALA A 64 11.12 -12.20 7.64
N VAL A 65 12.22 -12.89 7.89
CA VAL A 65 13.31 -13.06 6.95
C VAL A 65 13.72 -14.54 7.02
N ASP A 66 13.88 -15.19 5.86
CA ASP A 66 14.33 -16.58 5.77
C ASP A 66 15.16 -16.72 4.49
N GLU A 67 16.44 -16.38 4.59
CA GLU A 67 17.38 -16.42 3.47
C GLU A 67 17.69 -17.85 3.02
N GLU A 68 17.42 -18.87 3.83
CA GLU A 68 17.59 -20.26 3.42
C GLU A 68 16.50 -20.62 2.40
N LYS A 69 15.23 -20.27 2.69
CA LYS A 69 14.14 -20.32 1.71
C LYS A 69 14.31 -19.25 0.63
N GLY A 70 15.04 -18.17 0.91
CA GLY A 70 15.34 -17.12 -0.04
C GLY A 70 14.21 -16.09 -0.12
N LYS A 71 13.60 -15.73 1.02
CA LYS A 71 12.43 -14.86 1.07
C LYS A 71 12.43 -13.92 2.27
N ILE A 72 11.52 -12.97 2.24
CA ILE A 72 11.22 -12.00 3.28
C ILE A 72 9.69 -11.88 3.30
N SER A 73 9.07 -11.88 4.48
CA SER A 73 7.66 -11.51 4.61
C SER A 73 7.57 -10.06 5.09
N LEU A 74 6.50 -9.38 4.71
CA LEU A 74 6.32 -7.95 4.90
C LEU A 74 4.91 -7.67 5.42
N SER A 75 4.65 -6.43 5.82
CA SER A 75 3.35 -5.98 6.28
C SER A 75 3.13 -4.52 5.85
N ILE A 76 1.85 -4.16 5.66
CA ILE A 76 1.35 -2.83 5.35
C ILE A 76 0.34 -2.37 6.40
N ARG A 77 -0.37 -3.27 7.08
CA ARG A 77 -1.16 -2.92 8.27
C ARG A 77 -0.33 -2.24 9.35
N ALA A 78 0.99 -2.48 9.36
CA ALA A 78 1.93 -1.83 10.24
C ALA A 78 2.28 -0.40 9.83
N THR A 79 2.09 -0.01 8.57
CA THR A 79 2.60 1.24 8.01
C THR A 79 1.48 2.16 7.48
N GLN A 80 0.29 1.62 7.22
CA GLN A 80 -0.85 2.30 6.63
C GLN A 80 -2.14 1.86 7.33
N ALA A 81 -3.25 2.52 6.99
CA ALA A 81 -4.58 2.26 7.53
C ALA A 81 -5.63 2.43 6.43
N ALA A 82 -6.86 1.94 6.68
CA ALA A 82 -7.98 2.02 5.76
C ALA A 82 -9.29 2.21 6.54
N PRO A 83 -10.31 2.86 5.95
CA PRO A 83 -11.63 2.97 6.56
C PRO A 83 -12.37 1.63 6.55
N GLU A 84 -13.49 1.56 7.27
CA GLU A 84 -14.45 0.47 7.16
C GLU A 84 -14.99 0.38 5.72
N LYS A 85 -15.32 -0.84 5.28
CA LYS A 85 -16.00 -1.10 4.01
C LYS A 85 -17.20 -1.97 4.33
N LYS A 86 -18.40 -1.52 3.94
CA LYS A 86 -19.66 -2.17 4.33
C LYS A 86 -20.17 -3.16 3.28
N GLU A 87 -19.49 -3.27 2.15
CA GLU A 87 -19.75 -4.26 1.12
C GLU A 87 -19.54 -5.69 1.68
N SER A 88 -20.14 -6.68 1.01
CA SER A 88 -19.95 -8.10 1.29
C SER A 88 -18.49 -8.53 1.08
N LYS A 89 -18.12 -9.68 1.64
CA LYS A 89 -16.80 -10.29 1.51
C LYS A 89 -16.96 -11.79 1.18
N PRO A 90 -15.99 -12.41 0.48
CA PRO A 90 -15.98 -13.85 0.28
C PRO A 90 -15.71 -14.57 1.61
N ARG A 91 -15.94 -15.89 1.64
CA ARG A 91 -15.64 -16.71 2.82
C ARG A 91 -14.17 -16.63 3.24
N LYS A 92 -13.26 -16.50 2.28
CA LYS A 92 -11.85 -16.22 2.48
C LYS A 92 -11.35 -15.51 1.22
N PRO A 93 -10.42 -14.54 1.29
CA PRO A 93 -9.87 -13.87 0.12
C PRO A 93 -9.31 -14.83 -0.95
N LYS A 94 -8.79 -15.99 -0.54
CA LYS A 94 -8.30 -17.03 -1.46
C LYS A 94 -9.37 -17.51 -2.47
N ALA A 95 -10.67 -17.28 -2.20
CA ALA A 95 -11.73 -17.53 -3.17
C ALA A 95 -11.53 -16.80 -4.50
N ALA A 96 -10.73 -15.73 -4.55
CA ALA A 96 -10.34 -15.03 -5.77
C ALA A 96 -9.32 -15.83 -6.62
N GLN A 97 -9.50 -17.14 -6.75
CA GLN A 97 -8.73 -18.07 -7.56
C GLN A 97 -9.67 -19.11 -8.18
N VAL A 98 -9.13 -20.08 -8.91
CA VAL A 98 -9.83 -21.23 -9.47
C VAL A 98 -9.15 -22.53 -9.02
N SER A 99 -9.42 -23.65 -9.68
CA SER A 99 -8.81 -24.96 -9.41
C SER A 99 -7.28 -25.02 -9.61
N GLU A 100 -6.68 -23.91 -10.05
CA GLU A 100 -5.26 -23.69 -10.22
C GLU A 100 -5.02 -22.20 -9.95
N GLU A 101 -3.76 -21.78 -9.79
CA GLU A 101 -3.39 -20.36 -9.73
C GLU A 101 -4.01 -19.61 -10.92
N ALA A 102 -4.70 -18.51 -10.64
CA ALA A 102 -5.44 -17.73 -11.64
C ALA A 102 -4.52 -16.86 -12.51
N SER A 103 -3.21 -17.12 -12.55
CA SER A 103 -2.20 -16.27 -13.17
C SER A 103 -2.34 -14.81 -12.71
N THR A 104 -2.59 -14.64 -11.41
CA THR A 104 -2.88 -13.36 -10.76
C THR A 104 -1.82 -12.26 -11.00
N PRO A 105 -0.50 -12.54 -10.91
CA PRO A 105 0.53 -11.54 -11.15
C PRO A 105 0.42 -10.93 -12.56
N GLN A 106 0.89 -9.69 -12.69
CA GLN A 106 0.92 -8.94 -13.93
C GLN A 106 2.05 -7.92 -13.91
N GLY A 107 2.35 -7.32 -15.06
CA GLY A 107 3.19 -6.14 -15.16
C GLY A 107 2.41 -4.84 -14.90
N PHE A 108 3.05 -3.71 -15.17
CA PHE A 108 2.47 -2.37 -15.08
C PHE A 108 3.08 -1.49 -16.20
N ASN A 109 2.37 -0.42 -16.56
CA ASN A 109 2.79 0.56 -17.57
C ASN A 109 4.24 0.99 -17.43
N THR A 110 4.65 1.31 -16.20
CA THR A 110 5.99 1.75 -15.83
C THR A 110 6.39 3.02 -16.58
N LEU A 111 6.86 2.92 -17.82
CA LEU A 111 7.28 4.04 -18.66
C LEU A 111 6.87 3.85 -20.14
N LYS A 112 6.06 2.84 -20.47
CA LYS A 112 5.57 2.63 -21.83
C LYS A 112 4.78 3.84 -22.35
N ASP A 113 4.08 4.51 -21.45
CA ASP A 113 3.45 5.82 -21.63
C ASP A 113 3.61 6.58 -20.29
N LYS A 114 3.33 7.88 -20.26
CA LYS A 114 3.46 8.70 -19.06
C LYS A 114 2.33 9.71 -18.96
N LEU A 115 2.07 10.16 -17.73
CA LEU A 115 1.05 11.13 -17.33
C LEU A 115 1.60 11.90 -16.13
N GLU A 116 0.94 12.98 -15.71
CA GLU A 116 1.28 13.70 -14.46
C GLU A 116 1.17 12.75 -13.26
N GLU A 117 0.13 11.92 -13.25
CA GLU A 117 -0.04 10.76 -12.38
C GLU A 117 -0.92 9.78 -13.16
N TRP A 118 -0.71 8.46 -13.00
CA TRP A 118 -1.33 7.47 -13.88
C TRP A 118 -2.86 7.52 -13.85
N ILE A 119 -3.48 7.93 -12.73
CA ILE A 119 -4.94 8.09 -12.63
C ILE A 119 -5.53 9.05 -13.66
N GLU A 120 -4.74 9.99 -14.20
CA GLU A 120 -5.23 11.00 -15.15
C GLU A 120 -5.74 10.38 -16.46
N MET A 121 -5.52 9.08 -16.69
CA MET A 121 -6.19 8.33 -17.77
C MET A 121 -7.72 8.41 -17.70
N SER A 122 -8.29 8.62 -16.49
CA SER A 122 -9.72 8.71 -16.28
C SER A 122 -10.10 9.81 -15.27
N ASN A 123 -9.28 10.02 -14.23
CA ASN A 123 -9.46 11.10 -13.25
C ASN A 123 -9.40 12.47 -13.92
N ARG A 124 -10.29 13.37 -13.50
CA ARG A 124 -10.43 14.73 -14.03
C ARG A 124 -10.72 15.66 -12.86
N LYS A 125 -10.53 16.98 -13.05
CA LYS A 125 -10.92 17.98 -12.06
C LYS A 125 -12.42 17.86 -11.78
N ASP A 126 -12.79 18.13 -10.53
CA ASP A 126 -14.18 18.11 -10.04
C ASP A 126 -14.25 18.98 -8.78
N LEU A 127 -15.41 19.61 -8.54
CA LEU A 127 -15.70 20.39 -7.34
C LEU A 127 -17.19 20.26 -7.03
N ILE A 128 -17.55 20.27 -5.74
CA ILE A 128 -18.94 20.26 -5.29
C ILE A 128 -19.72 21.48 -5.79
N LYS A 129 -21.04 21.33 -5.86
CA LYS A 129 -21.98 22.40 -6.18
C LYS A 129 -23.33 22.08 -5.52
N LYS A 130 -24.09 23.11 -5.19
CA LYS A 130 -25.45 23.04 -4.68
C LYS A 130 -26.20 24.29 -5.13
N MET A 1 24.25 -15.59 11.72
CA MET A 1 23.46 -15.36 10.50
C MET A 1 23.00 -13.91 10.45
N ALA A 2 23.14 -13.29 9.29
CA ALA A 2 22.64 -11.94 9.00
C ALA A 2 22.18 -11.88 7.53
N ALA A 3 21.45 -10.82 7.19
CA ALA A 3 20.92 -10.57 5.85
C ALA A 3 20.81 -9.05 5.62
N LYS A 4 20.46 -8.65 4.39
CA LYS A 4 20.27 -7.24 4.02
C LYS A 4 19.11 -6.56 4.74
N PHE A 5 18.23 -7.34 5.37
CA PHE A 5 17.07 -6.87 6.14
C PHE A 5 17.00 -7.71 7.42
N GLU A 6 16.21 -7.26 8.39
CA GLU A 6 15.96 -7.97 9.65
C GLU A 6 14.53 -7.66 10.09
N VAL A 7 13.91 -8.62 10.76
CA VAL A 7 12.56 -8.52 11.32
C VAL A 7 12.38 -7.23 12.11
N GLY A 8 11.24 -6.58 11.89
CA GLY A 8 10.86 -5.36 12.58
C GLY A 8 11.44 -4.10 11.94
N SER A 9 12.36 -4.21 10.99
CA SER A 9 12.81 -3.07 10.19
C SER A 9 11.67 -2.55 9.31
N VAL A 10 11.84 -1.37 8.73
CA VAL A 10 10.85 -0.71 7.89
C VAL A 10 11.61 -0.09 6.73
N TYR A 11 11.20 -0.38 5.51
CA TYR A 11 11.82 0.12 4.28
C TYR A 11 10.75 0.43 3.25
N THR A 12 11.14 1.08 2.15
CA THR A 12 10.24 1.46 1.07
C THR A 12 10.66 0.70 -0.19
N GLY A 13 9.69 0.30 -0.99
CA GLY A 13 9.87 -0.54 -2.16
C GLY A 13 8.76 -0.32 -3.16
N LYS A 14 8.74 -1.11 -4.24
CA LYS A 14 7.73 -1.01 -5.30
C LYS A 14 7.09 -2.36 -5.53
N VAL A 15 5.78 -2.34 -5.69
CA VAL A 15 4.96 -3.53 -5.76
C VAL A 15 5.20 -4.17 -7.13
N THR A 16 5.59 -5.43 -7.13
CA THR A 16 6.02 -6.16 -8.33
C THR A 16 5.00 -7.22 -8.75
N GLY A 17 3.98 -7.51 -7.93
CA GLY A 17 2.86 -8.34 -8.34
C GLY A 17 1.80 -8.38 -7.26
N LEU A 18 0.61 -8.85 -7.62
CA LEU A 18 -0.47 -9.18 -6.70
C LEU A 18 -0.85 -10.64 -6.94
N GLN A 19 -1.46 -11.24 -5.92
CA GLN A 19 -1.86 -12.64 -5.87
C GLN A 19 -3.11 -12.72 -5.01
N ALA A 20 -3.84 -13.85 -5.08
CA ALA A 20 -5.01 -14.10 -4.23
C ALA A 20 -4.68 -14.14 -2.73
N TYR A 21 -3.39 -14.15 -2.35
CA TYR A 21 -2.93 -14.30 -0.96
C TYR A 21 -1.81 -13.34 -0.59
N GLY A 22 -1.46 -12.36 -1.43
CA GLY A 22 -0.43 -11.40 -1.08
C GLY A 22 -0.03 -10.47 -2.22
N ALA A 23 0.90 -9.56 -1.93
CA ALA A 23 1.44 -8.56 -2.85
C ALA A 23 2.95 -8.60 -2.75
N PHE A 24 3.65 -8.89 -3.85
CA PHE A 24 5.10 -8.86 -3.88
C PHE A 24 5.57 -7.42 -3.92
N VAL A 25 6.65 -7.11 -3.21
CA VAL A 25 7.24 -5.78 -3.18
C VAL A 25 8.75 -5.96 -3.27
N ALA A 26 9.34 -5.52 -4.39
CA ALA A 26 10.78 -5.42 -4.53
C ALA A 26 11.28 -4.29 -3.65
N LEU A 27 12.44 -4.50 -3.03
CA LEU A 27 12.96 -3.66 -1.94
C LEU A 27 14.33 -3.08 -2.31
N ASP A 28 15.10 -3.81 -3.09
CA ASP A 28 16.50 -3.57 -3.41
C ASP A 28 16.79 -4.31 -4.71
N GLU A 29 17.89 -3.94 -5.37
CA GLU A 29 18.25 -4.43 -6.71
C GLU A 29 18.38 -5.96 -6.80
N GLU A 30 18.50 -6.65 -5.66
CA GLU A 30 18.63 -8.10 -5.57
C GLU A 30 17.64 -8.70 -4.55
N THR A 31 16.69 -7.93 -4.01
CA THR A 31 15.87 -8.36 -2.88
C THR A 31 14.41 -7.93 -3.05
N GLN A 32 13.51 -8.82 -2.66
CA GLN A 32 12.06 -8.68 -2.73
C GLN A 32 11.47 -9.44 -1.53
N GLY A 33 10.27 -9.06 -1.11
CA GLY A 33 9.50 -9.78 -0.12
C GLY A 33 8.03 -9.81 -0.51
N LEU A 34 7.21 -10.43 0.33
CA LEU A 34 5.80 -10.70 0.04
C LEU A 34 4.97 -10.22 1.22
N VAL A 35 4.14 -9.20 1.01
CA VAL A 35 3.11 -8.83 1.96
C VAL A 35 2.09 -9.95 1.88
N HIS A 36 1.81 -10.67 2.97
CA HIS A 36 0.73 -11.63 3.00
C HIS A 36 -0.58 -10.87 3.12
N ILE A 37 -1.66 -11.36 2.50
CA ILE A 37 -2.98 -10.73 2.55
C ILE A 37 -3.44 -10.40 3.97
N SER A 38 -3.09 -11.26 4.93
CA SER A 38 -3.38 -11.11 6.36
C SER A 38 -2.79 -9.83 6.98
N GLU A 39 -1.88 -9.17 6.26
CA GLU A 39 -1.12 -8.03 6.71
C GLU A 39 -1.31 -6.84 5.76
N VAL A 40 -2.21 -6.91 4.79
CA VAL A 40 -2.54 -5.79 3.88
C VAL A 40 -3.44 -4.77 4.58
N THR A 41 -4.36 -5.24 5.44
CA THR A 41 -5.30 -4.38 6.16
C THR A 41 -5.67 -5.15 7.43
N HIS A 42 -5.88 -4.44 8.55
CA HIS A 42 -6.31 -5.07 9.81
C HIS A 42 -7.78 -5.48 9.75
N GLY A 43 -8.62 -4.67 9.09
CA GLY A 43 -9.99 -5.04 8.75
C GLY A 43 -10.00 -6.00 7.55
N PHE A 44 -11.20 -6.52 7.23
CA PHE A 44 -11.36 -7.47 6.13
C PHE A 44 -10.97 -6.86 4.80
N VAL A 45 -9.84 -7.28 4.25
CA VAL A 45 -9.41 -7.01 2.87
C VAL A 45 -10.29 -7.84 1.93
N LYS A 46 -11.48 -7.32 1.63
CA LYS A 46 -12.44 -8.00 0.75
C LYS A 46 -11.87 -8.31 -0.63
N ASP A 47 -10.94 -7.49 -1.12
CA ASP A 47 -10.15 -7.78 -2.32
C ASP A 47 -8.83 -7.04 -2.18
N ILE A 48 -7.72 -7.77 -2.14
CA ILE A 48 -6.36 -7.22 -2.10
C ILE A 48 -6.10 -6.24 -3.24
N ASN A 49 -6.66 -6.47 -4.42
CA ASN A 49 -6.52 -5.58 -5.57
C ASN A 49 -7.19 -4.21 -5.37
N GLU A 50 -7.92 -4.03 -4.26
CA GLU A 50 -8.57 -2.77 -3.90
C GLU A 50 -7.96 -2.18 -2.62
N HIS A 51 -6.93 -2.83 -2.06
CA HIS A 51 -6.24 -2.42 -0.82
C HIS A 51 -4.71 -2.31 -1.01
N LEU A 52 -4.21 -2.84 -2.12
CA LEU A 52 -2.83 -2.75 -2.61
C LEU A 52 -2.91 -2.67 -4.14
N SER A 53 -1.80 -2.41 -4.83
CA SER A 53 -1.77 -2.19 -6.27
C SER A 53 -0.36 -2.45 -6.79
N VAL A 54 -0.22 -3.30 -7.81
CA VAL A 54 1.04 -3.49 -8.54
C VAL A 54 1.46 -2.19 -9.23
N GLY A 55 2.77 -2.01 -9.36
CA GLY A 55 3.35 -0.88 -10.07
C GLY A 55 3.18 0.42 -9.28
N ASP A 56 3.22 0.34 -7.95
CA ASP A 56 3.15 1.51 -7.06
C ASP A 56 4.28 1.41 -6.05
N GLU A 57 4.64 2.51 -5.40
CA GLU A 57 5.61 2.56 -4.32
C GLU A 57 4.88 2.48 -2.98
N VAL A 58 5.41 1.69 -2.05
CA VAL A 58 4.81 1.42 -0.74
C VAL A 58 5.92 1.34 0.30
N GLN A 59 5.60 1.68 1.54
CA GLN A 59 6.48 1.49 2.68
C GLN A 59 5.97 0.29 3.46
N VAL A 60 6.86 -0.64 3.76
CA VAL A 60 6.57 -1.97 4.30
C VAL A 60 7.38 -2.19 5.58
N LYS A 61 6.81 -2.93 6.53
CA LYS A 61 7.54 -3.44 7.67
C LYS A 61 8.00 -4.85 7.33
N VAL A 62 9.25 -5.20 7.67
CA VAL A 62 9.75 -6.56 7.57
C VAL A 62 9.04 -7.40 8.63
N LEU A 63 8.22 -8.35 8.18
CA LEU A 63 7.46 -9.26 9.04
C LEU A 63 8.31 -10.46 9.43
N ALA A 64 9.04 -11.03 8.47
CA ALA A 64 9.91 -12.20 8.65
C ALA A 64 11.01 -12.17 7.59
N VAL A 65 12.10 -12.88 7.83
CA VAL A 65 13.20 -13.07 6.89
C VAL A 65 13.51 -14.57 6.88
N ASP A 66 13.75 -15.11 5.69
CA ASP A 66 14.00 -16.52 5.44
C ASP A 66 15.08 -16.62 4.37
N GLU A 67 16.23 -16.01 4.68
CA GLU A 67 17.42 -15.96 3.81
C GLU A 67 17.96 -17.36 3.51
N GLU A 68 17.61 -18.37 4.32
CA GLU A 68 17.96 -19.76 4.04
C GLU A 68 17.36 -20.24 2.72
N LYS A 69 16.12 -19.83 2.41
CA LYS A 69 15.53 -19.99 1.08
C LYS A 69 16.01 -18.86 0.19
N GLY A 70 15.89 -17.63 0.68
CA GLY A 70 16.20 -16.41 -0.03
C GLY A 70 14.97 -15.52 -0.19
N LYS A 71 14.08 -15.47 0.81
CA LYS A 71 12.86 -14.65 0.76
C LYS A 71 12.63 -13.86 2.05
N ILE A 72 11.64 -12.97 2.00
CA ILE A 72 11.26 -12.05 3.08
C ILE A 72 9.73 -12.01 3.05
N SER A 73 9.11 -11.87 4.23
CA SER A 73 7.69 -11.59 4.36
C SER A 73 7.55 -10.17 4.91
N LEU A 74 6.45 -9.51 4.57
CA LEU A 74 6.27 -8.07 4.79
C LEU A 74 4.87 -7.82 5.36
N SER A 75 4.65 -6.63 5.88
CA SER A 75 3.36 -6.17 6.37
C SER A 75 3.14 -4.71 5.99
N ILE A 76 1.86 -4.32 5.86
CA ILE A 76 1.38 -3.02 5.37
C ILE A 76 0.37 -2.44 6.37
N ARG A 77 -0.45 -3.25 7.04
CA ARG A 77 -1.25 -2.76 8.16
C ARG A 77 -0.39 -2.11 9.24
N ALA A 78 0.86 -2.56 9.36
CA ALA A 78 1.87 -1.97 10.23
C ALA A 78 2.20 -0.52 9.83
N THR A 79 2.36 -0.23 8.55
CA THR A 79 2.81 1.09 8.07
C THR A 79 1.61 2.03 7.87
N GLN A 80 0.46 1.49 7.48
CA GLN A 80 -0.83 2.19 7.40
C GLN A 80 -1.50 2.36 8.77
N ALA A 81 -0.81 2.05 9.87
CA ALA A 81 -1.34 2.13 11.23
C ALA A 81 -1.65 3.57 11.70
N ALA A 82 -1.27 4.60 10.93
CA ALA A 82 -1.61 6.00 11.19
C ALA A 82 -3.13 6.19 11.37
N PRO A 83 -3.58 7.24 12.10
CA PRO A 83 -4.99 7.52 12.32
C PRO A 83 -5.84 7.63 11.05
N GLU A 84 -5.24 8.05 9.94
CA GLU A 84 -5.86 8.14 8.62
C GLU A 84 -4.78 7.86 7.57
N LYS A 85 -5.22 7.41 6.39
CA LYS A 85 -4.39 7.03 5.24
C LYS A 85 -4.76 7.80 3.97
N LYS A 86 -5.83 8.59 3.99
CA LYS A 86 -6.15 9.56 2.94
C LYS A 86 -4.97 10.51 2.73
N GLU A 87 -4.89 11.10 1.56
CA GLU A 87 -3.84 12.03 1.15
C GLU A 87 -4.48 13.16 0.33
N SER A 88 -3.80 14.30 0.25
CA SER A 88 -4.28 15.55 -0.35
C SER A 88 -4.47 15.50 -1.88
N LYS A 89 -4.36 14.34 -2.51
CA LYS A 89 -4.62 14.11 -3.93
C LYS A 89 -5.30 12.73 -4.07
N PRO A 90 -6.16 12.54 -5.09
CA PRO A 90 -6.87 11.28 -5.29
C PRO A 90 -5.92 10.15 -5.74
N ARG A 91 -6.45 8.93 -5.82
CA ARG A 91 -5.77 7.78 -6.44
C ARG A 91 -5.39 8.07 -7.89
N LYS A 92 -6.28 8.76 -8.63
CA LYS A 92 -6.04 9.12 -10.03
C LYS A 92 -4.76 9.96 -10.14
N PRO A 93 -3.97 9.81 -11.23
CA PRO A 93 -2.81 10.66 -11.50
C PRO A 93 -3.15 12.16 -11.45
N LYS A 94 -2.16 12.99 -11.12
CA LYS A 94 -2.26 14.45 -11.24
C LYS A 94 -2.35 14.88 -12.71
N ALA A 95 -1.79 14.08 -13.62
CA ALA A 95 -1.82 14.34 -15.07
C ALA A 95 -3.26 14.42 -15.60
N ALA A 96 -3.40 15.01 -16.77
CA ALA A 96 -4.64 15.13 -17.54
C ALA A 96 -4.32 15.09 -19.04
N GLN A 97 -5.33 14.93 -19.89
CA GLN A 97 -5.16 14.99 -21.34
C GLN A 97 -4.56 16.33 -21.75
N VAL A 98 -3.65 16.30 -22.74
CA VAL A 98 -2.93 17.48 -23.25
C VAL A 98 -2.76 17.44 -24.76
N SER A 99 -2.88 16.27 -25.38
CA SER A 99 -2.79 16.11 -26.84
C SER A 99 -3.83 16.95 -27.58
N GLU A 100 -5.03 17.07 -26.99
CA GLU A 100 -6.07 18.01 -27.39
C GLU A 100 -6.75 18.45 -26.08
N GLU A 101 -7.09 19.73 -25.97
CA GLU A 101 -7.75 20.28 -24.77
C GLU A 101 -9.12 19.62 -24.55
N ALA A 102 -9.81 19.30 -25.64
CA ALA A 102 -11.01 18.47 -25.71
C ALA A 102 -10.92 17.71 -27.03
N SER A 103 -11.18 16.41 -26.99
CA SER A 103 -11.02 15.52 -28.14
C SER A 103 -12.00 15.88 -29.27
N THR A 104 -11.67 15.43 -30.48
CA THR A 104 -12.47 15.65 -31.69
C THR A 104 -13.85 14.96 -31.61
N PRO A 105 -14.84 15.41 -32.41
CA PRO A 105 -16.11 14.72 -32.59
C PRO A 105 -15.92 13.25 -32.95
N GLN A 106 -16.87 12.42 -32.52
CA GLN A 106 -16.85 10.95 -32.71
C GLN A 106 -15.55 10.30 -32.20
N GLY A 107 -14.91 10.93 -31.21
CA GLY A 107 -13.65 10.48 -30.62
C GLY A 107 -13.46 11.06 -29.22
N PHE A 108 -14.56 11.31 -28.51
CA PHE A 108 -14.56 11.83 -27.15
C PHE A 108 -13.77 10.93 -26.19
N ASN A 109 -13.22 11.53 -25.14
CA ASN A 109 -12.57 10.83 -24.03
C ASN A 109 -12.93 11.58 -22.74
N THR A 110 -13.55 10.89 -21.79
CA THR A 110 -14.00 11.45 -20.52
C THR A 110 -12.80 12.02 -19.74
N LEU A 111 -13.00 13.17 -19.12
CA LEU A 111 -12.03 13.84 -18.24
C LEU A 111 -12.82 14.71 -17.26
N LYS A 112 -12.41 14.73 -15.99
CA LYS A 112 -12.96 15.60 -14.96
C LYS A 112 -11.84 15.89 -13.95
N ASP A 113 -11.85 17.08 -13.39
CA ASP A 113 -10.93 17.52 -12.33
C ASP A 113 -11.59 18.69 -11.58
N LYS A 114 -11.27 18.88 -10.31
CA LYS A 114 -11.69 20.03 -9.48
C LYS A 114 -10.55 20.60 -8.63
N LEU A 115 -9.30 20.17 -8.82
CA LEU A 115 -8.13 20.84 -8.24
C LEU A 115 -8.09 22.33 -8.59
N GLU A 116 -8.78 22.71 -9.67
CA GLU A 116 -9.09 24.09 -10.08
C GLU A 116 -9.42 25.03 -8.92
N GLU A 117 -10.11 24.55 -7.88
CA GLU A 117 -10.51 25.36 -6.73
C GLU A 117 -9.31 25.80 -5.88
N TRP A 118 -8.13 25.18 -6.04
CA TRP A 118 -6.95 25.41 -5.21
C TRP A 118 -5.65 25.44 -6.02
N ILE A 119 -5.70 25.24 -7.35
CA ILE A 119 -4.51 25.14 -8.23
C ILE A 119 -3.60 26.35 -8.09
N GLU A 120 -4.17 27.51 -7.81
CA GLU A 120 -3.46 28.72 -7.42
C GLU A 120 -4.27 29.40 -6.32
N MET A 121 -4.67 28.62 -5.30
CA MET A 121 -5.56 29.04 -4.23
C MET A 121 -6.80 29.68 -4.86
N SER A 122 -7.31 30.77 -4.28
CA SER A 122 -8.37 31.59 -4.88
C SER A 122 -7.83 32.63 -5.88
N ASN A 123 -6.51 32.71 -6.08
CA ASN A 123 -5.87 33.74 -6.91
C ASN A 123 -6.01 33.48 -8.42
N ARG A 124 -6.30 32.23 -8.83
CA ARG A 124 -6.63 31.90 -10.22
C ARG A 124 -7.73 32.82 -10.76
N LYS A 125 -7.67 33.10 -12.07
CA LYS A 125 -8.51 34.12 -12.72
C LYS A 125 -9.99 33.81 -12.52
N ASP A 126 -10.35 32.53 -12.68
CA ASP A 126 -11.67 32.02 -12.33
C ASP A 126 -11.55 30.59 -11.82
N LEU A 127 -10.91 29.72 -12.61
CA LEU A 127 -10.62 28.31 -12.26
C LEU A 127 -9.23 27.88 -12.73
N ILE A 128 -8.56 28.69 -13.54
CA ILE A 128 -7.18 28.51 -14.02
C ILE A 128 -6.54 29.90 -14.11
N LYS A 129 -5.25 29.96 -14.42
CA LYS A 129 -4.53 31.19 -14.77
C LYS A 129 -3.36 30.84 -15.67
N LYS A 130 -2.86 31.81 -16.45
CA LYS A 130 -1.59 31.67 -17.14
C LYS A 130 -0.49 31.39 -16.10
N MET A 1 22.44 -18.03 -1.34
CA MET A 1 21.62 -16.80 -1.30
C MET A 1 21.70 -16.18 0.10
N ALA A 2 21.61 -14.86 0.15
CA ALA A 2 21.59 -14.06 1.39
C ALA A 2 20.63 -12.88 1.21
N ALA A 3 20.34 -12.18 2.30
CA ALA A 3 19.48 -11.00 2.34
C ALA A 3 20.15 -9.87 3.11
N LYS A 4 19.49 -8.70 3.13
CA LYS A 4 20.01 -7.43 3.68
C LYS A 4 18.97 -6.72 4.55
N PHE A 5 18.05 -7.48 5.13
CA PHE A 5 16.97 -7.02 5.99
C PHE A 5 16.88 -7.93 7.21
N GLU A 6 16.18 -7.48 8.24
CA GLU A 6 15.92 -8.23 9.46
C GLU A 6 14.56 -7.80 10.03
N VAL A 7 13.91 -8.70 10.75
CA VAL A 7 12.56 -8.50 11.28
C VAL A 7 12.49 -7.25 12.15
N GLY A 8 11.38 -6.53 12.00
CA GLY A 8 11.08 -5.31 12.73
C GLY A 8 11.61 -4.06 12.01
N SER A 9 12.50 -4.20 11.04
CA SER A 9 12.97 -3.09 10.21
C SER A 9 11.82 -2.54 9.38
N VAL A 10 11.96 -1.31 8.88
CA VAL A 10 10.95 -0.64 8.06
C VAL A 10 11.72 0.04 6.93
N TYR A 11 11.33 -0.26 5.70
CA TYR A 11 11.93 0.30 4.49
C TYR A 11 10.83 0.54 3.44
N THR A 12 11.18 1.17 2.33
CA THR A 12 10.24 1.52 1.26
C THR A 12 10.63 0.74 0.01
N GLY A 13 9.63 0.33 -0.76
CA GLY A 13 9.78 -0.56 -1.91
C GLY A 13 8.65 -0.33 -2.91
N LYS A 14 8.62 -1.15 -3.96
CA LYS A 14 7.74 -0.96 -5.12
C LYS A 14 7.01 -2.27 -5.35
N VAL A 15 5.69 -2.25 -5.37
CA VAL A 15 4.86 -3.45 -5.52
C VAL A 15 5.11 -4.04 -6.89
N THR A 16 5.47 -5.32 -6.94
CA THR A 16 5.87 -6.04 -8.14
C THR A 16 4.86 -7.10 -8.56
N GLY A 17 3.86 -7.42 -7.74
CA GLY A 17 2.74 -8.26 -8.17
C GLY A 17 1.71 -8.41 -7.05
N LEU A 18 0.54 -8.92 -7.41
CA LEU A 18 -0.52 -9.30 -6.48
C LEU A 18 -0.90 -10.76 -6.76
N GLN A 19 -1.28 -11.47 -5.71
CA GLN A 19 -1.70 -12.87 -5.71
C GLN A 19 -2.81 -13.01 -4.66
N ALA A 20 -3.60 -14.09 -4.75
CA ALA A 20 -4.70 -14.36 -3.83
C ALA A 20 -4.28 -14.58 -2.37
N TYR A 21 -2.98 -14.55 -2.06
CA TYR A 21 -2.42 -14.70 -0.72
C TYR A 21 -1.37 -13.65 -0.37
N GLY A 22 -1.08 -12.66 -1.23
CA GLY A 22 -0.17 -11.59 -0.88
C GLY A 22 0.25 -10.70 -2.04
N ALA A 23 1.01 -9.66 -1.73
CA ALA A 23 1.52 -8.65 -2.66
C ALA A 23 3.04 -8.67 -2.60
N PHE A 24 3.69 -8.93 -3.72
CA PHE A 24 5.14 -8.86 -3.77
C PHE A 24 5.55 -7.40 -3.78
N VAL A 25 6.62 -7.07 -3.05
CA VAL A 25 7.19 -5.73 -3.01
C VAL A 25 8.70 -5.89 -3.13
N ALA A 26 9.25 -5.41 -4.23
CA ALA A 26 10.69 -5.34 -4.42
C ALA A 26 11.24 -4.23 -3.52
N LEU A 27 12.43 -4.46 -2.98
CA LEU A 27 13.03 -3.64 -1.93
C LEU A 27 14.39 -3.10 -2.38
N ASP A 28 15.07 -3.83 -3.26
CA ASP A 28 16.33 -3.47 -3.90
C ASP A 28 16.37 -4.17 -5.26
N GLU A 29 17.33 -3.84 -6.13
CA GLU A 29 17.48 -4.44 -7.46
C GLU A 29 17.71 -5.96 -7.42
N GLU A 30 17.96 -6.52 -6.25
CA GLU A 30 18.28 -7.92 -6.01
C GLU A 30 17.63 -8.43 -4.71
N THR A 31 16.59 -7.76 -4.18
CA THR A 31 15.89 -8.23 -2.99
C THR A 31 14.42 -7.84 -3.06
N GLN A 32 13.53 -8.73 -2.62
CA GLN A 32 12.08 -8.60 -2.66
C GLN A 32 11.51 -9.38 -1.47
N GLY A 33 10.31 -9.02 -1.03
CA GLY A 33 9.56 -9.75 -0.02
C GLY A 33 8.07 -9.76 -0.37
N LEU A 34 7.27 -10.40 0.48
CA LEU A 34 5.88 -10.71 0.22
C LEU A 34 5.03 -10.23 1.38
N VAL A 35 4.27 -9.16 1.17
CA VAL A 35 3.23 -8.75 2.11
C VAL A 35 2.20 -9.87 2.03
N HIS A 36 1.95 -10.59 3.12
CA HIS A 36 0.92 -11.62 3.14
C HIS A 36 -0.43 -10.92 3.22
N ILE A 37 -1.47 -11.50 2.62
CA ILE A 37 -2.79 -10.87 2.50
C ILE A 37 -3.36 -10.39 3.84
N SER A 38 -3.12 -11.13 4.91
CA SER A 38 -3.55 -10.83 6.28
C SER A 38 -2.88 -9.58 6.86
N GLU A 39 -1.91 -9.00 6.16
CA GLU A 39 -1.06 -7.91 6.61
C GLU A 39 -1.21 -6.67 5.72
N VAL A 40 -2.12 -6.69 4.74
CA VAL A 40 -2.30 -5.60 3.77
C VAL A 40 -3.06 -4.43 4.42
N THR A 41 -3.95 -4.69 5.36
CA THR A 41 -4.77 -3.67 6.03
C THR A 41 -5.31 -4.25 7.33
N HIS A 42 -5.83 -3.39 8.21
CA HIS A 42 -6.59 -3.81 9.39
C HIS A 42 -8.02 -4.22 9.03
N GLY A 43 -8.56 -3.77 7.88
CA GLY A 43 -9.87 -4.19 7.40
C GLY A 43 -9.84 -5.62 6.88
N PHE A 44 -11.02 -6.21 6.65
CA PHE A 44 -11.11 -7.48 5.93
C PHE A 44 -10.74 -7.20 4.47
N VAL A 45 -9.95 -8.08 3.85
CA VAL A 45 -9.59 -7.92 2.44
C VAL A 45 -10.76 -8.44 1.60
N LYS A 46 -11.38 -7.55 0.82
CA LYS A 46 -12.42 -7.91 -0.15
C LYS A 46 -11.80 -8.80 -1.23
N ASP A 47 -10.75 -8.26 -1.83
CA ASP A 47 -9.82 -8.87 -2.78
C ASP A 47 -8.57 -7.99 -2.66
N ILE A 48 -7.36 -8.54 -2.74
CA ILE A 48 -6.15 -7.76 -2.43
C ILE A 48 -6.02 -6.47 -3.25
N ASN A 49 -6.46 -6.44 -4.50
CA ASN A 49 -6.40 -5.23 -5.33
C ASN A 49 -7.35 -4.13 -4.85
N GLU A 50 -8.34 -4.44 -4.02
CA GLU A 50 -9.21 -3.44 -3.40
C GLU A 50 -8.51 -2.70 -2.25
N HIS A 51 -7.25 -3.04 -1.92
CA HIS A 51 -6.52 -2.47 -0.77
C HIS A 51 -5.06 -2.16 -1.10
N LEU A 52 -4.54 -2.55 -2.27
CA LEU A 52 -3.18 -2.26 -2.74
C LEU A 52 -3.16 -2.24 -4.27
N SER A 53 -2.01 -1.98 -4.89
CA SER A 53 -1.86 -1.79 -6.33
C SER A 53 -0.46 -2.27 -6.76
N VAL A 54 -0.33 -2.95 -7.90
CA VAL A 54 0.98 -3.22 -8.51
C VAL A 54 1.50 -1.90 -9.10
N GLY A 55 2.82 -1.78 -9.17
CA GLY A 55 3.46 -0.64 -9.82
C GLY A 55 3.29 0.64 -8.99
N ASP A 56 3.19 0.50 -7.67
CA ASP A 56 3.08 1.63 -6.73
C ASP A 56 4.20 1.52 -5.71
N GLU A 57 4.54 2.61 -5.05
CA GLU A 57 5.56 2.65 -4.01
C GLU A 57 4.87 2.58 -2.65
N VAL A 58 5.39 1.75 -1.75
CA VAL A 58 4.79 1.46 -0.45
C VAL A 58 5.90 1.33 0.57
N GLN A 59 5.61 1.70 1.83
CA GLN A 59 6.53 1.49 2.95
C GLN A 59 6.06 0.25 3.69
N VAL A 60 6.99 -0.63 4.01
CA VAL A 60 6.73 -1.98 4.53
C VAL A 60 7.51 -2.18 5.82
N LYS A 61 6.95 -2.97 6.74
CA LYS A 61 7.68 -3.44 7.92
C LYS A 61 8.03 -4.90 7.67
N VAL A 62 9.30 -5.24 7.82
CA VAL A 62 9.80 -6.60 7.69
C VAL A 62 9.18 -7.44 8.81
N LEU A 63 8.54 -8.55 8.44
CA LEU A 63 7.75 -9.39 9.32
C LEU A 63 8.42 -10.76 9.52
N ALA A 64 9.13 -11.27 8.51
CA ALA A 64 9.96 -12.47 8.61
C ALA A 64 11.08 -12.39 7.58
N VAL A 65 12.16 -13.12 7.79
CA VAL A 65 13.24 -13.32 6.82
C VAL A 65 13.64 -14.79 6.91
N ASP A 66 13.84 -15.42 5.76
CA ASP A 66 14.41 -16.75 5.63
C ASP A 66 15.28 -16.72 4.37
N GLU A 67 16.46 -16.10 4.51
CA GLU A 67 17.37 -15.88 3.40
C GLU A 67 17.96 -17.18 2.84
N GLU A 68 17.92 -18.28 3.60
CA GLU A 68 18.32 -19.60 3.13
C GLU A 68 17.28 -20.14 2.16
N LYS A 69 15.98 -20.02 2.48
CA LYS A 69 14.89 -20.31 1.54
C LYS A 69 14.89 -19.27 0.41
N GLY A 70 15.35 -18.05 0.69
CA GLY A 70 15.39 -16.94 -0.25
C GLY A 70 14.10 -16.13 -0.22
N LYS A 71 13.50 -15.94 0.96
CA LYS A 71 12.21 -15.27 1.13
C LYS A 71 12.27 -14.25 2.25
N ILE A 72 11.37 -13.28 2.18
CA ILE A 72 11.13 -12.24 3.18
C ILE A 72 9.61 -12.08 3.21
N SER A 73 9.03 -11.93 4.40
CA SER A 73 7.63 -11.60 4.58
C SER A 73 7.54 -10.17 5.10
N LEU A 74 6.51 -9.45 4.71
CA LEU A 74 6.38 -8.02 4.92
C LEU A 74 4.97 -7.73 5.46
N SER A 75 4.73 -6.49 5.87
CA SER A 75 3.44 -6.02 6.34
C SER A 75 3.22 -4.57 5.95
N ILE A 76 1.96 -4.18 5.79
CA ILE A 76 1.49 -2.85 5.36
C ILE A 76 0.51 -2.30 6.39
N ARG A 77 -0.28 -3.13 7.07
CA ARG A 77 -1.07 -2.68 8.22
C ARG A 77 -0.19 -2.10 9.33
N ALA A 78 1.09 -2.50 9.36
CA ALA A 78 2.10 -1.95 10.25
C ALA A 78 2.50 -0.51 9.90
N THR A 79 2.31 -0.06 8.66
CA THR A 79 2.84 1.21 8.15
C THR A 79 1.74 2.21 7.76
N GLN A 80 0.57 1.70 7.36
CA GLN A 80 -0.60 2.46 6.91
C GLN A 80 -1.86 1.62 7.17
N ALA A 81 -3.01 2.04 6.63
CA ALA A 81 -4.25 1.27 6.58
C ALA A 81 -4.96 1.57 5.26
N ALA A 82 -5.82 0.65 4.83
CA ALA A 82 -6.63 0.80 3.62
C ALA A 82 -7.96 0.07 3.84
N PRO A 83 -8.94 0.68 4.54
CA PRO A 83 -10.26 0.09 4.72
C PRO A 83 -10.90 -0.33 3.38
N GLU A 84 -10.73 0.51 2.36
CA GLU A 84 -11.06 0.24 0.96
C GLU A 84 -10.28 1.28 0.14
N LYS A 85 -9.53 0.85 -0.88
CA LYS A 85 -8.88 1.73 -1.85
C LYS A 85 -9.99 2.41 -2.65
N LYS A 86 -9.95 3.74 -2.76
CA LYS A 86 -11.00 4.55 -3.40
C LYS A 86 -10.37 5.77 -4.06
N GLU A 87 -11.12 6.36 -4.98
CA GLU A 87 -10.71 7.56 -5.74
C GLU A 87 -12.00 8.24 -6.23
N SER A 88 -11.88 9.46 -6.74
CA SER A 88 -12.97 10.31 -7.24
C SER A 88 -13.68 9.78 -8.50
N LYS A 89 -13.39 8.56 -8.95
CA LYS A 89 -14.03 7.90 -10.10
C LYS A 89 -14.04 6.39 -9.89
N PRO A 90 -14.94 5.64 -10.55
CA PRO A 90 -14.96 4.19 -10.47
C PRO A 90 -13.66 3.59 -11.04
N ARG A 91 -13.31 2.39 -10.58
CA ARG A 91 -12.06 1.71 -10.97
C ARG A 91 -12.06 1.42 -12.46
N LYS A 92 -11.03 1.87 -13.18
CA LYS A 92 -10.79 1.44 -14.56
C LYS A 92 -10.31 -0.03 -14.55
N PRO A 93 -10.36 -0.75 -15.68
CA PRO A 93 -9.73 -2.06 -15.81
C PRO A 93 -8.26 -2.06 -15.37
N LYS A 94 -7.73 -3.22 -14.99
CA LYS A 94 -6.32 -3.42 -14.70
C LYS A 94 -5.51 -3.14 -15.98
N ALA A 95 -5.90 -3.80 -17.06
CA ALA A 95 -5.48 -3.56 -18.44
C ALA A 95 -6.54 -4.15 -19.36
N ALA A 96 -6.70 -3.58 -20.56
CA ALA A 96 -7.70 -4.02 -21.53
C ALA A 96 -7.50 -5.50 -21.85
N GLN A 97 -8.61 -6.25 -21.90
CA GLN A 97 -8.73 -7.70 -22.10
C GLN A 97 -8.03 -8.59 -21.07
N VAL A 98 -6.97 -8.14 -20.40
CA VAL A 98 -6.28 -8.89 -19.36
C VAL A 98 -7.18 -9.00 -18.12
N SER A 99 -7.91 -7.94 -17.78
CA SER A 99 -8.79 -7.91 -16.62
C SER A 99 -9.89 -8.98 -16.76
N GLU A 100 -10.29 -9.58 -15.65
CA GLU A 100 -11.46 -10.48 -15.59
C GLU A 100 -12.78 -9.72 -15.78
N GLU A 101 -12.75 -8.40 -15.64
CA GLU A 101 -13.89 -7.49 -15.79
C GLU A 101 -13.42 -6.28 -16.58
N ALA A 102 -12.87 -6.54 -17.78
CA ALA A 102 -12.38 -5.51 -18.71
C ALA A 102 -13.50 -4.62 -19.28
N SER A 103 -14.75 -4.94 -19.00
CA SER A 103 -15.95 -4.19 -19.40
C SER A 103 -15.87 -2.72 -18.97
N THR A 104 -16.61 -1.87 -19.67
CA THR A 104 -16.84 -0.47 -19.28
C THR A 104 -17.49 -0.37 -17.90
N PRO A 105 -17.34 0.76 -17.17
CA PRO A 105 -18.03 1.00 -15.92
C PRO A 105 -19.55 1.08 -16.15
N GLN A 106 -20.33 0.80 -15.10
CA GLN A 106 -21.79 0.79 -15.17
C GLN A 106 -22.29 2.16 -15.65
N GLY A 107 -23.26 2.15 -16.57
CA GLY A 107 -23.82 3.34 -17.20
C GLY A 107 -22.78 4.26 -17.84
N PHE A 108 -21.58 3.74 -18.17
CA PHE A 108 -20.41 4.51 -18.59
C PHE A 108 -20.13 5.70 -17.65
N ASN A 109 -20.43 5.53 -16.35
CA ASN A 109 -20.10 6.54 -15.33
C ASN A 109 -18.58 6.67 -15.19
N THR A 110 -18.10 7.89 -14.96
CA THR A 110 -16.67 8.22 -14.92
C THR A 110 -16.32 9.13 -13.73
N LEU A 111 -17.21 9.29 -12.75
CA LEU A 111 -16.97 10.11 -11.55
C LEU A 111 -17.68 9.52 -10.34
N LYS A 112 -17.27 9.92 -9.13
CA LYS A 112 -18.00 9.62 -7.91
C LYS A 112 -19.33 10.36 -7.98
N ASP A 113 -20.43 9.62 -8.06
CA ASP A 113 -21.77 10.18 -8.25
C ASP A 113 -22.10 11.21 -7.17
N LYS A 114 -22.58 12.39 -7.60
CA LYS A 114 -22.85 13.51 -6.70
C LYS A 114 -24.06 13.21 -5.81
N LEU A 115 -24.14 13.92 -4.68
CA LEU A 115 -25.16 13.76 -3.64
C LEU A 115 -25.33 12.26 -3.30
N GLU A 116 -24.20 11.61 -3.02
CA GLU A 116 -24.19 10.26 -2.44
C GLU A 116 -24.88 10.27 -1.07
N GLU A 117 -24.71 11.37 -0.34
CA GLU A 117 -25.42 11.71 0.89
C GLU A 117 -25.73 13.22 0.82
N TRP A 118 -26.65 13.69 1.67
CA TRP A 118 -26.99 15.10 1.76
C TRP A 118 -25.80 15.95 2.20
N ILE A 119 -25.88 17.26 1.96
CA ILE A 119 -24.80 18.25 2.17
C ILE A 119 -25.38 19.48 2.85
N GLU A 120 -24.52 20.24 3.53
CA GLU A 120 -24.90 21.50 4.17
C GLU A 120 -25.27 22.53 3.09
N MET A 121 -26.18 23.45 3.42
CA MET A 121 -26.62 24.51 2.50
C MET A 121 -25.43 25.37 2.05
N SER A 122 -24.45 25.59 2.91
CA SER A 122 -23.25 26.38 2.62
C SER A 122 -22.27 25.68 1.66
N ASN A 123 -22.53 24.42 1.28
CA ASN A 123 -21.60 23.61 0.47
C ASN A 123 -21.72 23.90 -1.03
N ARG A 124 -22.40 24.98 -1.45
CA ARG A 124 -22.45 25.42 -2.84
C ARG A 124 -22.29 26.94 -2.88
N LYS A 125 -21.92 27.49 -4.03
CA LYS A 125 -21.83 28.95 -4.28
C LYS A 125 -23.16 29.66 -3.94
N ASP A 126 -24.28 28.95 -4.04
CA ASP A 126 -25.63 29.43 -3.71
C ASP A 126 -25.77 29.99 -2.29
N LEU A 127 -24.92 29.60 -1.34
CA LEU A 127 -24.87 30.19 0.00
C LEU A 127 -23.43 30.27 0.47
N ILE A 128 -22.93 31.50 0.61
CA ILE A 128 -21.56 31.83 1.04
C ILE A 128 -21.61 33.05 1.98
N LYS A 129 -20.51 33.29 2.70
CA LYS A 129 -20.34 34.49 3.51
C LYS A 129 -20.53 35.73 2.63
N LYS A 130 -21.57 36.52 2.94
CA LYS A 130 -21.79 37.82 2.30
C LYS A 130 -20.61 38.74 2.63
N MET A 1 24.89 -15.82 3.52
CA MET A 1 24.76 -14.59 4.31
C MET A 1 23.32 -14.09 4.21
N ALA A 2 22.74 -13.71 5.35
CA ALA A 2 21.42 -13.08 5.38
C ALA A 2 21.43 -11.73 4.63
N ALA A 3 20.24 -11.31 4.17
CA ALA A 3 20.04 -9.96 3.64
C ALA A 3 20.26 -8.87 4.71
N LYS A 4 20.37 -7.61 4.28
CA LYS A 4 20.41 -6.46 5.20
C LYS A 4 19.15 -6.32 6.05
N PHE A 5 18.01 -6.76 5.52
CA PHE A 5 16.72 -6.70 6.19
C PHE A 5 16.72 -7.69 7.35
N GLU A 6 16.06 -7.30 8.44
CA GLU A 6 15.87 -8.09 9.65
C GLU A 6 14.46 -7.80 10.15
N VAL A 7 13.84 -8.77 10.82
CA VAL A 7 12.49 -8.68 11.35
C VAL A 7 12.36 -7.43 12.24
N GLY A 8 11.32 -6.64 11.98
CA GLY A 8 11.01 -5.43 12.72
C GLY A 8 11.57 -4.17 12.07
N SER A 9 12.48 -4.28 11.09
CA SER A 9 12.94 -3.15 10.30
C SER A 9 11.79 -2.56 9.47
N VAL A 10 11.98 -1.36 8.94
CA VAL A 10 11.00 -0.67 8.10
C VAL A 10 11.77 -0.01 6.97
N TYR A 11 11.35 -0.26 5.74
CA TYR A 11 11.97 0.25 4.51
C TYR A 11 10.87 0.53 3.48
N THR A 12 11.23 1.08 2.32
CA THR A 12 10.28 1.46 1.28
C THR A 12 10.68 0.77 -0.02
N GLY A 13 9.68 0.39 -0.83
CA GLY A 13 9.88 -0.39 -2.04
C GLY A 13 8.73 -0.18 -3.02
N LYS A 14 8.79 -0.85 -4.18
CA LYS A 14 7.74 -0.76 -5.19
C LYS A 14 6.98 -2.08 -5.26
N VAL A 15 5.66 -2.04 -5.33
CA VAL A 15 4.83 -3.23 -5.49
C VAL A 15 5.07 -3.79 -6.89
N THR A 16 5.38 -5.08 -6.95
CA THR A 16 5.80 -5.78 -8.16
C THR A 16 4.85 -6.91 -8.56
N GLY A 17 3.84 -7.23 -7.74
CA GLY A 17 2.76 -8.12 -8.17
C GLY A 17 1.71 -8.24 -7.08
N LEU A 18 0.53 -8.76 -7.44
CA LEU A 18 -0.52 -9.17 -6.53
C LEU A 18 -0.86 -10.63 -6.80
N GLN A 19 -1.27 -11.33 -5.75
CA GLN A 19 -1.70 -12.73 -5.75
C GLN A 19 -2.84 -12.86 -4.73
N ALA A 20 -3.63 -13.93 -4.83
CA ALA A 20 -4.77 -14.18 -3.94
C ALA A 20 -4.39 -14.35 -2.46
N TYR A 21 -3.10 -14.32 -2.11
CA TYR A 21 -2.59 -14.45 -0.75
C TYR A 21 -1.53 -13.40 -0.38
N GLY A 22 -1.20 -12.44 -1.27
CA GLY A 22 -0.29 -11.37 -0.90
C GLY A 22 0.15 -10.49 -2.07
N ALA A 23 0.92 -9.45 -1.76
CA ALA A 23 1.45 -8.45 -2.69
C ALA A 23 2.97 -8.47 -2.61
N PHE A 24 3.63 -8.76 -3.72
CA PHE A 24 5.09 -8.67 -3.77
C PHE A 24 5.50 -7.21 -3.76
N VAL A 25 6.58 -6.89 -3.04
CA VAL A 25 7.18 -5.56 -3.02
C VAL A 25 8.68 -5.77 -3.15
N ALA A 26 9.24 -5.33 -4.28
CA ALA A 26 10.67 -5.28 -4.50
C ALA A 26 11.29 -4.15 -3.68
N LEU A 27 12.53 -4.40 -3.26
CA LEU A 27 13.26 -3.60 -2.28
C LEU A 27 14.64 -3.22 -2.82
N ASP A 28 15.18 -4.05 -3.71
CA ASP A 28 16.45 -3.87 -4.42
C ASP A 28 16.32 -4.63 -5.73
N GLU A 29 17.15 -4.34 -6.73
CA GLU A 29 17.23 -5.10 -7.98
C GLU A 29 17.46 -6.61 -7.80
N GLU A 30 17.91 -7.05 -6.61
CA GLU A 30 18.09 -8.45 -6.24
C GLU A 30 17.51 -8.75 -4.84
N THR A 31 16.50 -7.98 -4.37
CA THR A 31 15.75 -8.36 -3.17
C THR A 31 14.28 -7.93 -3.27
N GLN A 32 13.38 -8.78 -2.80
CA GLN A 32 11.93 -8.61 -2.80
C GLN A 32 11.38 -9.38 -1.59
N GLY A 33 10.19 -8.98 -1.12
CA GLY A 33 9.46 -9.71 -0.09
C GLY A 33 7.97 -9.69 -0.39
N LEU A 34 7.18 -10.35 0.46
CA LEU A 34 5.78 -10.64 0.19
C LEU A 34 4.95 -10.13 1.36
N VAL A 35 4.22 -9.03 1.16
CA VAL A 35 3.16 -8.61 2.06
C VAL A 35 2.10 -9.71 2.00
N HIS A 36 1.84 -10.40 3.10
CA HIS A 36 0.77 -11.39 3.16
C HIS A 36 -0.58 -10.65 3.23
N ILE A 37 -1.63 -11.20 2.61
CA ILE A 37 -2.92 -10.53 2.40
C ILE A 37 -3.52 -9.95 3.69
N SER A 38 -3.48 -10.68 4.81
CA SER A 38 -4.03 -10.24 6.09
C SER A 38 -3.26 -9.08 6.71
N GLU A 39 -2.11 -8.74 6.13
CA GLU A 39 -1.22 -7.66 6.55
C GLU A 39 -1.19 -6.53 5.52
N VAL A 40 -2.09 -6.50 4.54
CA VAL A 40 -2.22 -5.38 3.61
C VAL A 40 -2.90 -4.17 4.27
N THR A 41 -3.85 -4.39 5.19
CA THR A 41 -4.52 -3.34 5.96
C THR A 41 -5.24 -4.02 7.13
N HIS A 42 -6.23 -3.35 7.74
CA HIS A 42 -6.90 -3.70 8.99
C HIS A 42 -7.39 -5.16 9.04
N GLY A 43 -7.80 -5.74 7.92
CA GLY A 43 -8.10 -7.17 7.84
C GLY A 43 -9.23 -7.49 6.85
N PHE A 44 -9.96 -6.48 6.38
CA PHE A 44 -11.15 -6.60 5.52
C PHE A 44 -10.79 -6.90 4.05
N VAL A 45 -9.65 -7.53 3.82
CA VAL A 45 -8.99 -7.77 2.54
C VAL A 45 -9.65 -8.94 1.80
N LYS A 46 -10.95 -8.80 1.59
CA LYS A 46 -11.78 -9.71 0.80
C LYS A 46 -11.23 -9.94 -0.62
N ASP A 47 -10.60 -8.93 -1.20
CA ASP A 47 -9.79 -9.03 -2.41
C ASP A 47 -8.65 -8.02 -2.27
N ILE A 48 -7.44 -8.38 -2.68
CA ILE A 48 -6.24 -7.57 -2.45
C ILE A 48 -6.16 -6.34 -3.37
N ASN A 49 -6.65 -6.41 -4.60
CA ASN A 49 -6.63 -5.27 -5.52
C ASN A 49 -7.51 -4.11 -5.05
N GLU A 50 -8.45 -4.38 -4.16
CA GLU A 50 -9.26 -3.33 -3.54
C GLU A 50 -8.49 -2.59 -2.44
N HIS A 51 -7.27 -3.02 -2.09
CA HIS A 51 -6.56 -2.53 -0.90
C HIS A 51 -5.08 -2.20 -1.17
N LEU A 52 -4.48 -2.73 -2.24
CA LEU A 52 -3.15 -2.35 -2.73
C LEU A 52 -3.10 -2.43 -4.26
N SER A 53 -1.97 -2.03 -4.85
CA SER A 53 -1.83 -1.81 -6.29
C SER A 53 -0.41 -2.16 -6.73
N VAL A 54 -0.24 -2.89 -7.84
CA VAL A 54 1.07 -3.02 -8.49
C VAL A 54 1.46 -1.66 -9.07
N GLY A 55 2.77 -1.40 -9.17
CA GLY A 55 3.27 -0.15 -9.70
C GLY A 55 2.91 1.01 -8.78
N ASP A 56 2.99 0.79 -7.48
CA ASP A 56 2.93 1.84 -6.45
C ASP A 56 4.17 1.73 -5.58
N GLU A 57 4.59 2.83 -4.95
CA GLU A 57 5.61 2.82 -3.92
C GLU A 57 4.94 2.72 -2.55
N VAL A 58 5.43 1.82 -1.69
CA VAL A 58 4.84 1.53 -0.39
C VAL A 58 5.96 1.36 0.62
N GLN A 59 5.72 1.84 1.84
CA GLN A 59 6.59 1.60 2.98
C GLN A 59 6.11 0.33 3.67
N VAL A 60 7.03 -0.57 4.00
CA VAL A 60 6.80 -1.93 4.47
C VAL A 60 7.57 -2.15 5.76
N LYS A 61 6.95 -2.87 6.71
CA LYS A 61 7.67 -3.41 7.85
C LYS A 61 8.10 -4.84 7.51
N VAL A 62 9.35 -5.19 7.74
CA VAL A 62 9.84 -6.56 7.64
C VAL A 62 9.13 -7.41 8.70
N LEU A 63 8.32 -8.37 8.23
CA LEU A 63 7.50 -9.22 9.07
C LEU A 63 8.19 -10.55 9.36
N ALA A 64 8.99 -11.07 8.42
CA ALA A 64 9.84 -12.24 8.62
C ALA A 64 10.97 -12.21 7.59
N VAL A 65 12.04 -12.96 7.85
CA VAL A 65 13.11 -13.25 6.90
C VAL A 65 13.39 -14.76 7.02
N ASP A 66 13.71 -15.39 5.90
CA ASP A 66 13.89 -16.85 5.78
C ASP A 66 15.08 -17.11 4.86
N GLU A 67 16.27 -16.84 5.41
CA GLU A 67 17.55 -16.95 4.71
C GLU A 67 17.84 -18.35 4.15
N GLU A 68 17.17 -19.39 4.65
CA GLU A 68 17.30 -20.75 4.13
C GLU A 68 16.75 -20.84 2.69
N LYS A 69 15.84 -19.94 2.32
CA LYS A 69 15.21 -19.89 1.00
C LYS A 69 15.45 -18.54 0.32
N GLY A 70 16.07 -17.59 1.01
CA GLY A 70 16.24 -16.23 0.51
C GLY A 70 14.90 -15.51 0.33
N LYS A 71 13.96 -15.71 1.27
CA LYS A 71 12.63 -15.11 1.22
C LYS A 71 12.47 -14.11 2.36
N ILE A 72 11.52 -13.18 2.20
CA ILE A 72 11.18 -12.13 3.15
C ILE A 72 9.66 -12.02 3.12
N SER A 73 9.04 -11.87 4.28
CA SER A 73 7.63 -11.53 4.41
C SER A 73 7.54 -10.10 4.95
N LEU A 74 6.49 -9.38 4.58
CA LEU A 74 6.36 -7.95 4.83
C LEU A 74 4.97 -7.65 5.39
N SER A 75 4.76 -6.43 5.87
CA SER A 75 3.49 -5.93 6.35
C SER A 75 3.30 -4.50 5.86
N ILE A 76 2.04 -4.15 5.63
CA ILE A 76 1.55 -2.82 5.29
C ILE A 76 0.50 -2.38 6.33
N ARG A 77 -0.20 -3.29 7.02
CA ARG A 77 -1.00 -2.91 8.18
C ARG A 77 -0.15 -2.22 9.24
N ALA A 78 1.14 -2.55 9.32
CA ALA A 78 2.09 -1.85 10.17
C ALA A 78 2.32 -0.38 9.77
N THR A 79 2.15 -0.03 8.49
CA THR A 79 2.54 1.29 7.95
C THR A 79 1.32 2.15 7.57
N GLN A 80 0.15 1.53 7.38
CA GLN A 80 -1.16 2.18 7.29
C GLN A 80 -2.10 1.56 8.34
N ALA A 81 -1.69 1.71 9.59
CA ALA A 81 -2.37 1.25 10.80
C ALA A 81 -3.65 2.06 11.11
N ALA A 82 -4.58 2.09 10.14
CA ALA A 82 -5.78 2.91 10.13
C ALA A 82 -5.56 4.36 10.64
N PRO A 83 -4.66 5.14 9.99
CA PRO A 83 -4.53 6.57 10.25
C PRO A 83 -5.76 7.37 9.78
N GLU A 84 -6.57 6.75 8.94
CA GLU A 84 -7.83 7.24 8.38
C GLU A 84 -8.84 6.08 8.46
N LYS A 85 -10.05 6.24 7.89
CA LYS A 85 -10.94 5.09 7.65
C LYS A 85 -10.21 3.98 6.87
N LYS A 86 -10.73 2.75 6.94
CA LYS A 86 -10.21 1.62 6.18
C LYS A 86 -10.08 1.96 4.70
N GLU A 87 -9.18 1.27 4.00
CA GLU A 87 -8.81 1.57 2.63
C GLU A 87 -9.89 1.03 1.70
N SER A 88 -10.98 1.78 1.51
CA SER A 88 -12.09 1.41 0.61
C SER A 88 -11.62 1.17 -0.83
N LYS A 89 -10.55 1.85 -1.25
CA LYS A 89 -9.76 1.57 -2.46
C LYS A 89 -8.28 1.82 -2.13
N PRO A 90 -7.33 1.36 -2.96
CA PRO A 90 -5.90 1.53 -2.70
C PRO A 90 -5.48 3.00 -2.57
N ARG A 91 -4.29 3.23 -2.00
CA ARG A 91 -3.69 4.57 -1.96
C ARG A 91 -3.35 5.14 -3.35
N LYS A 92 -3.18 4.27 -4.35
CA LYS A 92 -2.99 4.63 -5.75
C LYS A 92 -3.91 3.72 -6.56
N PRO A 93 -5.20 4.09 -6.72
CA PRO A 93 -6.19 3.28 -7.45
C PRO A 93 -5.75 2.97 -8.89
N LYS A 94 -5.11 3.94 -9.55
CA LYS A 94 -4.49 3.80 -10.85
C LYS A 94 -3.24 4.67 -10.91
N ALA A 95 -3.42 5.98 -10.81
CA ALA A 95 -2.36 6.98 -10.69
C ALA A 95 -2.92 8.17 -9.93
N ALA A 96 -2.03 9.09 -9.52
CA ALA A 96 -2.40 10.30 -8.76
C ALA A 96 -3.14 11.33 -9.61
N GLN A 97 -3.22 11.14 -10.92
CA GLN A 97 -4.02 11.92 -11.86
C GLN A 97 -4.77 10.92 -12.75
N VAL A 98 -5.88 11.36 -13.36
CA VAL A 98 -6.83 10.51 -14.11
C VAL A 98 -7.14 9.20 -13.38
N SER A 99 -7.24 9.29 -12.05
CA SER A 99 -7.52 8.20 -11.14
C SER A 99 -8.87 7.58 -11.50
N GLU A 100 -8.99 6.25 -11.32
CA GLU A 100 -10.17 5.49 -11.69
C GLU A 100 -10.23 4.24 -10.82
N GLU A 101 -11.42 3.67 -10.64
CA GLU A 101 -11.70 2.59 -9.70
C GLU A 101 -11.10 1.24 -10.16
N ALA A 102 -10.81 1.09 -11.46
CA ALA A 102 -10.37 -0.18 -12.05
C ALA A 102 -9.47 0.06 -13.26
N SER A 103 -8.75 -1.00 -13.64
CA SER A 103 -7.74 -0.99 -14.69
C SER A 103 -7.94 -2.20 -15.60
N THR A 104 -7.18 -2.30 -16.69
CA THR A 104 -7.22 -3.39 -17.66
C THR A 104 -7.04 -4.76 -16.98
N PRO A 105 -7.56 -5.88 -17.53
CA PRO A 105 -7.59 -7.19 -16.85
C PRO A 105 -6.22 -7.87 -16.82
N GLN A 106 -5.28 -7.34 -17.59
CA GLN A 106 -3.86 -7.63 -17.56
C GLN A 106 -3.11 -6.30 -17.55
N GLY A 107 -1.79 -6.34 -17.38
CA GLY A 107 -0.87 -5.25 -17.60
C GLY A 107 0.45 -5.84 -18.08
N PHE A 108 1.45 -5.00 -18.33
CA PHE A 108 2.80 -5.42 -18.72
C PHE A 108 3.59 -5.91 -17.50
N ASN A 109 2.97 -6.80 -16.72
CA ASN A 109 3.44 -7.35 -15.46
C ASN A 109 2.76 -8.70 -15.15
N THR A 110 1.46 -8.82 -15.44
CA THR A 110 0.69 -10.02 -15.18
C THR A 110 1.10 -11.20 -16.07
N LEU A 111 0.64 -12.40 -15.72
CA LEU A 111 0.73 -13.60 -16.55
C LEU A 111 -0.57 -14.38 -16.35
N LYS A 112 -1.34 -14.57 -17.40
CA LYS A 112 -2.61 -15.30 -17.42
C LYS A 112 -2.68 -16.08 -18.73
N ASP A 113 -3.35 -17.23 -18.73
CA ASP A 113 -3.54 -18.05 -19.93
C ASP A 113 -4.49 -17.38 -20.93
N LYS A 114 -5.38 -16.51 -20.44
CA LYS A 114 -6.41 -15.84 -21.23
C LYS A 114 -6.50 -14.37 -20.79
N LEU A 115 -7.33 -13.58 -21.48
CA LEU A 115 -7.50 -12.15 -21.20
C LEU A 115 -7.89 -11.89 -19.75
N GLU A 116 -8.70 -12.78 -19.17
CA GLU A 116 -8.99 -12.82 -17.74
C GLU A 116 -9.07 -14.29 -17.33
N GLU A 117 -8.75 -14.56 -16.07
CA GLU A 117 -8.57 -15.89 -15.50
C GLU A 117 -9.29 -16.03 -14.14
N TRP A 118 -9.77 -14.92 -13.56
CA TRP A 118 -10.56 -14.92 -12.33
C TRP A 118 -11.68 -13.89 -12.42
N ILE A 119 -12.85 -14.22 -11.88
CA ILE A 119 -13.96 -13.30 -11.66
C ILE A 119 -14.80 -13.88 -10.51
N GLU A 120 -15.28 -12.98 -9.64
CA GLU A 120 -16.28 -13.31 -8.61
C GLU A 120 -17.00 -12.02 -8.20
N MET A 121 -16.24 -10.95 -7.97
CA MET A 121 -16.73 -9.63 -7.58
C MET A 121 -15.67 -8.59 -7.95
N SER A 122 -16.09 -7.33 -8.12
CA SER A 122 -15.20 -6.17 -8.28
C SER A 122 -14.12 -6.40 -9.36
N ASN A 123 -14.48 -7.12 -10.43
CA ASN A 123 -13.54 -7.50 -11.48
C ASN A 123 -13.00 -6.29 -12.25
N ARG A 124 -11.80 -6.46 -12.79
CA ARG A 124 -11.09 -5.47 -13.62
C ARG A 124 -11.87 -5.15 -14.90
N LYS A 125 -11.45 -4.10 -15.63
CA LYS A 125 -12.06 -3.71 -16.90
C LYS A 125 -12.02 -4.88 -17.90
N ASP A 126 -12.89 -4.83 -18.90
CA ASP A 126 -12.84 -5.75 -20.05
C ASP A 126 -11.81 -5.29 -21.09
N LEU A 127 -11.56 -3.99 -21.16
CA LEU A 127 -10.69 -3.35 -22.15
C LEU A 127 -9.26 -3.90 -22.03
N ILE A 128 -8.70 -4.37 -23.15
CA ILE A 128 -7.37 -4.98 -23.24
C ILE A 128 -6.25 -4.05 -22.75
N LYS A 129 -5.11 -4.63 -22.35
CA LYS A 129 -3.97 -3.88 -21.83
C LYS A 129 -3.29 -2.95 -22.84
N LYS A 130 -3.44 -3.21 -24.15
CA LYS A 130 -2.80 -2.42 -25.20
C LYS A 130 -3.15 -0.94 -25.04
N MET A 1 19.67 -16.24 10.08
CA MET A 1 18.43 -15.54 10.43
C MET A 1 18.42 -14.16 9.78
N ALA A 2 19.20 -13.21 10.29
CA ALA A 2 19.36 -11.88 9.67
C ALA A 2 19.92 -12.00 8.25
N ALA A 3 19.62 -11.01 7.42
CA ALA A 3 20.13 -10.87 6.05
C ALA A 3 20.31 -9.38 5.76
N LYS A 4 20.16 -8.96 4.50
CA LYS A 4 20.09 -7.54 4.10
C LYS A 4 18.97 -6.78 4.85
N PHE A 5 18.01 -7.50 5.40
CA PHE A 5 16.89 -6.98 6.20
C PHE A 5 16.82 -7.82 7.49
N GLU A 6 16.11 -7.30 8.48
CA GLU A 6 15.91 -7.92 9.79
C GLU A 6 14.49 -7.61 10.24
N VAL A 7 13.86 -8.54 10.96
CA VAL A 7 12.49 -8.40 11.46
C VAL A 7 12.33 -7.12 12.28
N GLY A 8 11.21 -6.45 12.05
CA GLY A 8 10.82 -5.23 12.73
C GLY A 8 11.31 -3.97 12.00
N SER A 9 12.28 -4.09 11.10
CA SER A 9 12.76 -2.96 10.30
C SER A 9 11.66 -2.43 9.38
N VAL A 10 11.85 -1.24 8.83
CA VAL A 10 10.87 -0.57 7.96
C VAL A 10 11.67 0.06 6.83
N TYR A 11 11.28 -0.23 5.59
CA TYR A 11 11.91 0.28 4.38
C TYR A 11 10.82 0.62 3.35
N THR A 12 11.24 1.15 2.21
CA THR A 12 10.34 1.52 1.12
C THR A 12 10.70 0.68 -0.10
N GLY A 13 9.69 0.31 -0.89
CA GLY A 13 9.83 -0.57 -2.03
C GLY A 13 8.71 -0.33 -3.03
N LYS A 14 8.66 -1.14 -4.09
CA LYS A 14 7.65 -1.01 -5.15
C LYS A 14 6.99 -2.35 -5.37
N VAL A 15 5.68 -2.33 -5.50
CA VAL A 15 4.86 -3.52 -5.61
C VAL A 15 5.10 -4.12 -6.98
N THR A 16 5.46 -5.40 -7.02
CA THR A 16 5.92 -6.10 -8.22
C THR A 16 4.98 -7.23 -8.62
N GLY A 17 3.98 -7.58 -7.81
CA GLY A 17 2.91 -8.50 -8.20
C GLY A 17 1.83 -8.55 -7.15
N LEU A 18 0.71 -9.16 -7.51
CA LEU A 18 -0.42 -9.44 -6.62
C LEU A 18 -0.83 -10.90 -6.83
N GLN A 19 -1.29 -11.52 -5.77
CA GLN A 19 -1.72 -12.91 -5.68
C GLN A 19 -2.92 -12.94 -4.72
N ALA A 20 -3.73 -13.99 -4.77
CA ALA A 20 -4.84 -14.19 -3.84
C ALA A 20 -4.40 -14.35 -2.37
N TYR A 21 -3.08 -14.39 -2.12
CA TYR A 21 -2.50 -14.55 -0.78
C TYR A 21 -1.48 -13.46 -0.43
N GLY A 22 -1.26 -12.45 -1.29
CA GLY A 22 -0.36 -11.37 -0.94
C GLY A 22 0.07 -10.50 -2.12
N ALA A 23 0.90 -9.51 -1.83
CA ALA A 23 1.46 -8.54 -2.77
C ALA A 23 2.97 -8.60 -2.67
N PHE A 24 3.65 -8.91 -3.76
CA PHE A 24 5.11 -8.88 -3.79
C PHE A 24 5.55 -7.42 -3.82
N VAL A 25 6.60 -7.09 -3.09
CA VAL A 25 7.18 -5.76 -3.06
C VAL A 25 8.68 -5.92 -3.14
N ALA A 26 9.26 -5.47 -4.25
CA ALA A 26 10.70 -5.39 -4.43
C ALA A 26 11.23 -4.27 -3.55
N LEU A 27 12.41 -4.49 -2.98
CA LEU A 27 13.00 -3.66 -1.93
C LEU A 27 14.36 -3.11 -2.37
N ASP A 28 15.03 -3.85 -3.24
CA ASP A 28 16.32 -3.52 -3.86
C ASP A 28 16.36 -4.22 -5.21
N GLU A 29 17.32 -3.87 -6.04
CA GLU A 29 17.51 -4.43 -7.38
C GLU A 29 17.72 -5.95 -7.38
N GLU A 30 18.00 -6.54 -6.21
CA GLU A 30 18.27 -7.97 -6.05
C GLU A 30 17.49 -8.57 -4.86
N THR A 31 16.53 -7.85 -4.25
CA THR A 31 15.83 -8.33 -3.05
C THR A 31 14.37 -7.89 -3.07
N GLN A 32 13.49 -8.76 -2.61
CA GLN A 32 12.04 -8.63 -2.64
C GLN A 32 11.46 -9.38 -1.44
N GLY A 33 10.26 -8.99 -1.01
CA GLY A 33 9.48 -9.71 -0.02
C GLY A 33 8.01 -9.74 -0.41
N LEU A 34 7.18 -10.33 0.45
CA LEU A 34 5.79 -10.65 0.17
C LEU A 34 4.93 -10.16 1.33
N VAL A 35 4.20 -9.08 1.11
CA VAL A 35 3.14 -8.66 2.02
C VAL A 35 2.09 -9.76 1.93
N HIS A 36 1.84 -10.48 3.01
CA HIS A 36 0.80 -11.51 3.02
C HIS A 36 -0.54 -10.79 3.06
N ILE A 37 -1.58 -11.38 2.47
CA ILE A 37 -2.91 -10.74 2.38
C ILE A 37 -3.46 -10.33 3.73
N SER A 38 -3.22 -11.15 4.75
CA SER A 38 -3.61 -10.89 6.16
C SER A 38 -2.82 -9.75 6.80
N GLU A 39 -1.86 -9.16 6.09
CA GLU A 39 -0.94 -8.14 6.56
C GLU A 39 -1.06 -6.88 5.70
N VAL A 40 -1.93 -6.86 4.69
CA VAL A 40 -2.17 -5.68 3.84
C VAL A 40 -2.89 -4.59 4.64
N THR A 41 -3.81 -4.96 5.54
CA THR A 41 -4.60 -4.02 6.32
C THR A 41 -5.06 -4.67 7.63
N HIS A 42 -5.73 -3.89 8.45
CA HIS A 42 -6.31 -4.19 9.77
C HIS A 42 -7.39 -5.29 9.77
N GLY A 43 -7.66 -5.94 8.65
CA GLY A 43 -8.74 -6.90 8.46
C GLY A 43 -8.67 -7.49 7.06
N PHE A 44 -9.71 -8.21 6.63
CA PHE A 44 -9.77 -8.73 5.26
C PHE A 44 -9.91 -7.57 4.27
N VAL A 45 -9.23 -7.69 3.14
CA VAL A 45 -9.14 -6.67 2.08
C VAL A 45 -10.35 -6.63 1.15
N LYS A 46 -11.28 -7.59 1.24
CA LYS A 46 -12.37 -7.89 0.30
C LYS A 46 -11.80 -8.54 -0.96
N ASP A 47 -10.81 -7.91 -1.56
CA ASP A 47 -9.93 -8.43 -2.61
C ASP A 47 -8.69 -7.54 -2.59
N ILE A 48 -7.49 -8.10 -2.73
CA ILE A 48 -6.24 -7.36 -2.53
C ILE A 48 -6.12 -6.13 -3.41
N ASN A 49 -6.63 -6.14 -4.64
CA ASN A 49 -6.58 -4.98 -5.53
C ASN A 49 -7.46 -3.81 -5.02
N GLU A 50 -8.35 -4.05 -4.07
CA GLU A 50 -9.20 -3.00 -3.49
C GLU A 50 -8.47 -2.25 -2.38
N HIS A 51 -7.28 -2.70 -1.94
CA HIS A 51 -6.55 -2.12 -0.81
C HIS A 51 -5.06 -1.92 -1.08
N LEU A 52 -4.54 -2.36 -2.23
CA LEU A 52 -3.18 -2.07 -2.69
C LEU A 52 -3.18 -1.97 -4.22
N SER A 53 -2.03 -1.63 -4.79
CA SER A 53 -1.85 -1.40 -6.23
C SER A 53 -0.53 -2.04 -6.65
N VAL A 54 -0.48 -2.74 -7.79
CA VAL A 54 0.77 -3.18 -8.40
C VAL A 54 1.40 -2.00 -9.12
N GLY A 55 2.72 -1.99 -9.21
CA GLY A 55 3.47 -0.93 -9.88
C GLY A 55 3.34 0.40 -9.15
N ASP A 56 3.24 0.36 -7.83
CA ASP A 56 3.17 1.56 -6.98
C ASP A 56 4.25 1.45 -5.90
N GLU A 57 4.59 2.55 -5.24
CA GLU A 57 5.63 2.61 -4.22
C GLU A 57 4.97 2.65 -2.84
N VAL A 58 5.51 1.88 -1.89
CA VAL A 58 4.89 1.62 -0.58
C VAL A 58 5.99 1.51 0.46
N GLN A 59 5.69 1.93 1.69
CA GLN A 59 6.55 1.66 2.84
C GLN A 59 6.05 0.38 3.49
N VAL A 60 6.95 -0.52 3.84
CA VAL A 60 6.68 -1.87 4.35
C VAL A 60 7.47 -2.10 5.63
N LYS A 61 6.88 -2.85 6.58
CA LYS A 61 7.59 -3.34 7.74
C LYS A 61 8.01 -4.78 7.45
N VAL A 62 9.27 -5.11 7.74
CA VAL A 62 9.78 -6.48 7.68
C VAL A 62 9.09 -7.29 8.77
N LEU A 63 8.34 -8.31 8.38
CA LEU A 63 7.61 -9.19 9.29
C LEU A 63 8.41 -10.45 9.59
N ALA A 64 9.11 -11.00 8.60
CA ALA A 64 9.97 -12.18 8.73
C ALA A 64 11.04 -12.12 7.64
N VAL A 65 12.13 -12.86 7.83
CA VAL A 65 13.16 -13.08 6.81
C VAL A 65 13.73 -14.48 7.03
N ASP A 66 14.01 -15.19 5.94
CA ASP A 66 14.60 -16.52 5.95
C ASP A 66 15.49 -16.66 4.72
N GLU A 67 16.80 -16.69 4.95
CA GLU A 67 17.81 -16.72 3.88
C GLU A 67 17.95 -18.10 3.24
N GLU A 68 17.54 -19.17 3.92
CA GLU A 68 17.59 -20.53 3.36
C GLU A 68 16.48 -20.67 2.31
N LYS A 69 15.27 -20.18 2.64
CA LYS A 69 14.17 -20.03 1.70
C LYS A 69 14.48 -18.93 0.68
N GLY A 70 15.30 -17.95 1.05
CA GLY A 70 15.55 -16.77 0.24
C GLY A 70 14.26 -15.95 0.12
N LYS A 71 13.60 -15.66 1.25
CA LYS A 71 12.30 -14.98 1.30
C LYS A 71 12.30 -13.95 2.43
N ILE A 72 11.39 -12.99 2.31
CA ILE A 72 11.10 -11.96 3.29
C ILE A 72 9.57 -11.85 3.29
N SER A 73 8.96 -11.82 4.47
CA SER A 73 7.54 -11.52 4.61
C SER A 73 7.43 -10.08 5.11
N LEU A 74 6.36 -9.39 4.72
CA LEU A 74 6.21 -7.95 4.93
C LEU A 74 4.80 -7.66 5.45
N SER A 75 4.60 -6.44 5.93
CA SER A 75 3.29 -5.93 6.33
C SER A 75 3.13 -4.50 5.82
N ILE A 76 1.87 -4.15 5.52
CA ILE A 76 1.38 -2.81 5.21
C ILE A 76 0.40 -2.35 6.28
N ARG A 77 -0.27 -3.26 7.01
CA ARG A 77 -1.07 -2.86 8.17
C ARG A 77 -0.27 -2.11 9.21
N ALA A 78 1.05 -2.36 9.27
CA ALA A 78 1.97 -1.62 10.12
C ALA A 78 2.21 -0.18 9.65
N THR A 79 2.16 0.08 8.34
CA THR A 79 2.51 1.38 7.75
C THR A 79 1.25 2.20 7.39
N GLN A 80 0.10 1.55 7.33
CA GLN A 80 -1.24 2.12 7.23
C GLN A 80 -2.03 1.76 8.50
N ALA A 81 -1.35 1.86 9.66
CA ALA A 81 -1.97 1.60 10.96
C ALA A 81 -3.10 2.59 11.22
N ALA A 82 -2.85 3.89 10.97
CA ALA A 82 -3.90 4.90 10.92
C ALA A 82 -4.74 4.64 9.67
N PRO A 83 -6.08 4.78 9.71
CA PRO A 83 -6.96 4.54 8.58
C PRO A 83 -6.49 5.22 7.28
N GLU A 84 -6.00 4.41 6.36
CA GLU A 84 -5.55 4.80 5.01
C GLU A 84 -5.78 3.59 4.09
N LYS A 85 -5.91 3.84 2.80
CA LYS A 85 -6.17 2.84 1.76
C LYS A 85 -5.38 3.21 0.51
N LYS A 86 -5.45 2.37 -0.53
CA LYS A 86 -4.93 2.71 -1.86
C LYS A 86 -5.55 4.01 -2.36
N GLU A 87 -5.00 4.52 -3.45
CA GLU A 87 -5.55 5.62 -4.24
C GLU A 87 -5.53 5.16 -5.70
N SER A 88 -6.24 5.89 -6.58
CA SER A 88 -6.34 5.55 -8.00
C SER A 88 -6.28 6.80 -8.89
N LYS A 89 -6.91 7.91 -8.47
CA LYS A 89 -6.88 9.17 -9.23
C LYS A 89 -5.53 9.89 -9.33
N PRO A 90 -4.57 9.80 -8.37
CA PRO A 90 -3.28 10.46 -8.53
C PRO A 90 -2.54 10.01 -9.80
N ARG A 91 -1.57 10.83 -10.26
CA ARG A 91 -0.65 10.43 -11.32
C ARG A 91 0.13 9.21 -10.82
N LYS A 92 0.01 8.07 -11.51
CA LYS A 92 0.73 6.85 -11.12
C LYS A 92 2.23 6.99 -11.34
N PRO A 93 2.76 7.34 -12.54
CA PRO A 93 4.17 7.61 -12.70
C PRO A 93 4.56 8.90 -11.97
N LYS A 94 5.84 9.02 -11.61
CA LYS A 94 6.40 10.20 -10.93
C LYS A 94 7.69 10.70 -11.60
N ALA A 95 8.13 10.06 -12.69
CA ALA A 95 9.27 10.54 -13.47
C ALA A 95 8.95 11.88 -14.14
N ALA A 96 10.00 12.60 -14.56
CA ALA A 96 9.85 13.79 -15.40
C ALA A 96 9.37 13.45 -16.82
N GLN A 97 9.61 12.21 -17.28
CA GLN A 97 9.03 11.66 -18.49
C GLN A 97 7.50 11.72 -18.39
N VAL A 98 6.84 12.00 -19.51
CA VAL A 98 5.37 12.12 -19.60
C VAL A 98 4.87 11.42 -20.86
N SER A 99 3.68 10.85 -20.78
CA SER A 99 2.98 10.17 -21.87
C SER A 99 1.54 10.70 -21.97
N GLU A 100 0.72 10.11 -22.85
CA GLU A 100 -0.69 10.47 -22.98
C GLU A 100 -1.45 10.37 -21.66
N GLU A 101 -1.16 9.32 -20.88
CA GLU A 101 -1.65 9.09 -19.51
C GLU A 101 -3.17 9.23 -19.40
N ALA A 102 -3.88 8.84 -20.47
CA ALA A 102 -5.34 8.93 -20.60
C ALA A 102 -5.92 7.71 -21.34
N SER A 103 -5.13 6.65 -21.49
CA SER A 103 -5.53 5.40 -22.13
C SER A 103 -6.71 4.75 -21.41
N THR A 104 -7.43 3.88 -22.13
CA THR A 104 -8.46 3.00 -21.56
C THR A 104 -7.86 2.04 -20.51
N PRO A 105 -8.69 1.46 -19.62
CA PRO A 105 -8.28 0.40 -18.72
C PRO A 105 -7.60 -0.75 -19.47
N GLN A 106 -6.62 -1.39 -18.84
CA GLN A 106 -5.89 -2.56 -19.35
C GLN A 106 -5.57 -3.47 -18.16
N GLY A 107 -5.35 -4.75 -18.42
CA GLY A 107 -5.06 -5.76 -17.41
C GLY A 107 -4.96 -7.15 -18.05
N PHE A 108 -4.96 -8.18 -17.22
CA PHE A 108 -4.98 -9.59 -17.65
C PHE A 108 -6.29 -10.01 -18.34
N ASN A 109 -7.28 -9.12 -18.37
CA ASN A 109 -8.61 -9.34 -18.94
C ASN A 109 -9.03 -8.08 -19.69
N THR A 110 -9.90 -8.22 -20.69
CA THR A 110 -10.40 -7.15 -21.55
C THR A 110 -10.90 -5.97 -20.71
N LEU A 111 -10.31 -4.79 -20.95
CA LEU A 111 -10.56 -3.54 -20.21
C LEU A 111 -10.58 -3.74 -18.68
N LYS A 112 -9.69 -4.62 -18.19
CA LYS A 112 -9.56 -5.07 -16.79
C LYS A 112 -10.87 -5.63 -16.23
N ASP A 113 -11.83 -4.79 -15.91
CA ASP A 113 -13.09 -5.15 -15.24
C ASP A 113 -14.27 -4.30 -15.73
N LYS A 114 -14.06 -3.39 -16.70
CA LYS A 114 -15.14 -2.58 -17.30
C LYS A 114 -16.20 -3.52 -17.89
N LEU A 115 -17.46 -3.13 -17.72
CA LEU A 115 -18.65 -3.80 -18.24
C LEU A 115 -19.67 -2.72 -18.58
N GLU A 116 -20.67 -3.05 -19.37
CA GLU A 116 -21.80 -2.20 -19.74
C GLU A 116 -23.06 -3.07 -19.85
N GLU A 117 -24.22 -2.43 -19.93
CA GLU A 117 -25.53 -3.07 -19.92
C GLU A 117 -26.45 -2.39 -20.94
N TRP A 118 -27.63 -2.97 -21.19
CA TRP A 118 -28.55 -2.57 -22.26
C TRP A 118 -29.97 -2.34 -21.70
N ILE A 119 -30.06 -2.02 -20.40
CA ILE A 119 -31.32 -1.76 -19.67
C ILE A 119 -32.14 -0.60 -20.25
N GLU A 120 -31.59 0.19 -21.16
CA GLU A 120 -32.35 1.16 -21.94
C GLU A 120 -33.53 0.50 -22.69
N MET A 121 -33.38 -0.76 -23.08
CA MET A 121 -34.43 -1.57 -23.72
C MET A 121 -35.37 -2.24 -22.69
N SER A 122 -35.32 -1.75 -21.45
CA SER A 122 -36.15 -2.16 -20.31
C SER A 122 -36.57 -0.91 -19.51
N ASN A 123 -36.60 0.24 -20.17
CA ASN A 123 -36.79 1.59 -19.61
C ASN A 123 -37.61 2.42 -20.60
N ARG A 124 -38.00 3.65 -20.25
CA ARG A 124 -38.91 4.49 -21.04
C ARG A 124 -38.51 4.67 -22.51
N LYS A 125 -37.22 4.54 -22.86
CA LYS A 125 -36.78 4.57 -24.26
C LYS A 125 -37.48 3.47 -25.08
N ASP A 126 -37.54 2.26 -24.57
CA ASP A 126 -38.25 1.13 -25.19
C ASP A 126 -38.54 0.08 -24.13
N LEU A 127 -39.82 -0.25 -23.94
CA LEU A 127 -40.31 -1.21 -22.96
C LEU A 127 -41.68 -1.74 -23.40
N ILE A 128 -42.10 -2.88 -22.86
CA ILE A 128 -43.43 -3.46 -23.10
C ILE A 128 -44.51 -2.55 -22.51
N LYS A 129 -45.69 -2.56 -23.14
CA LYS A 129 -46.87 -1.79 -22.74
C LYS A 129 -48.12 -2.66 -22.97
N LYS A 130 -49.22 -2.32 -22.28
CA LYS A 130 -50.51 -2.96 -22.54
C LYS A 130 -50.88 -2.78 -24.03
N MET A 1 19.99 -12.30 10.13
CA MET A 1 21.20 -12.03 10.91
C MET A 1 22.22 -11.32 10.03
N ALA A 2 22.54 -10.07 10.38
CA ALA A 2 23.40 -9.16 9.62
C ALA A 2 23.08 -9.10 8.11
N ALA A 3 21.83 -9.34 7.73
CA ALA A 3 21.34 -9.22 6.37
C ALA A 3 20.90 -7.78 6.07
N LYS A 4 20.50 -7.53 4.82
CA LYS A 4 19.94 -6.24 4.39
C LYS A 4 18.73 -5.86 5.26
N PHE A 5 17.88 -6.83 5.57
CA PHE A 5 16.62 -6.67 6.27
C PHE A 5 16.62 -7.62 7.45
N GLU A 6 15.95 -7.23 8.53
CA GLU A 6 15.79 -8.02 9.74
C GLU A 6 14.35 -7.82 10.25
N VAL A 7 13.80 -8.81 10.93
CA VAL A 7 12.44 -8.75 11.47
C VAL A 7 12.23 -7.49 12.33
N GLY A 8 11.14 -6.78 12.05
CA GLY A 8 10.79 -5.57 12.74
C GLY A 8 11.25 -4.29 12.03
N SER A 9 12.22 -4.37 11.10
CA SER A 9 12.63 -3.23 10.29
C SER A 9 11.47 -2.71 9.45
N VAL A 10 11.59 -1.49 8.94
CA VAL A 10 10.62 -0.86 8.07
C VAL A 10 11.42 -0.27 6.90
N TYR A 11 11.03 -0.55 5.67
CA TYR A 11 11.68 -0.02 4.48
C TYR A 11 10.63 0.34 3.43
N THR A 12 11.05 0.93 2.32
CA THR A 12 10.16 1.28 1.22
C THR A 12 10.56 0.45 0.00
N GLY A 13 9.57 0.07 -0.80
CA GLY A 13 9.74 -0.79 -1.97
C GLY A 13 8.63 -0.53 -2.98
N LYS A 14 8.63 -1.27 -4.08
CA LYS A 14 7.63 -1.12 -5.14
C LYS A 14 6.97 -2.46 -5.42
N VAL A 15 5.67 -2.44 -5.59
CA VAL A 15 4.83 -3.62 -5.68
C VAL A 15 5.06 -4.25 -7.05
N THR A 16 5.43 -5.52 -7.07
CA THR A 16 5.81 -6.26 -8.26
C THR A 16 4.72 -7.23 -8.71
N GLY A 17 3.72 -7.54 -7.88
CA GLY A 17 2.54 -8.28 -8.32
C GLY A 17 1.55 -8.44 -7.19
N LEU A 18 0.32 -8.84 -7.51
CA LEU A 18 -0.68 -9.30 -6.55
C LEU A 18 -1.00 -10.76 -6.84
N GLN A 19 -1.39 -11.50 -5.80
CA GLN A 19 -1.75 -12.90 -5.78
C GLN A 19 -2.95 -13.04 -4.85
N ALA A 20 -3.70 -14.14 -4.96
CA ALA A 20 -4.85 -14.43 -4.10
C ALA A 20 -4.50 -14.53 -2.60
N TYR A 21 -3.21 -14.51 -2.24
CA TYR A 21 -2.69 -14.66 -0.90
C TYR A 21 -1.74 -13.52 -0.49
N GLY A 22 -1.47 -12.53 -1.35
CA GLY A 22 -0.62 -11.41 -0.96
C GLY A 22 -0.09 -10.57 -2.12
N ALA A 23 0.74 -9.58 -1.81
CA ALA A 23 1.31 -8.62 -2.74
C ALA A 23 2.83 -8.71 -2.66
N PHE A 24 3.49 -9.07 -3.76
CA PHE A 24 4.94 -9.02 -3.82
C PHE A 24 5.41 -7.57 -3.87
N VAL A 25 6.51 -7.27 -3.18
CA VAL A 25 7.11 -5.94 -3.13
C VAL A 25 8.62 -6.14 -3.24
N ALA A 26 9.21 -5.66 -4.33
CA ALA A 26 10.66 -5.55 -4.46
C ALA A 26 11.16 -4.41 -3.54
N LEU A 27 12.35 -4.62 -2.97
CA LEU A 27 12.90 -3.81 -1.89
C LEU A 27 14.27 -3.28 -2.27
N ASP A 28 15.01 -4.01 -3.10
CA ASP A 28 16.32 -3.70 -3.62
C ASP A 28 16.42 -4.36 -4.99
N GLU A 29 17.40 -3.96 -5.79
CA GLU A 29 17.70 -4.54 -7.10
C GLU A 29 17.87 -6.06 -7.07
N GLU A 30 18.16 -6.67 -5.91
CA GLU A 30 18.40 -8.11 -5.77
C GLU A 30 17.62 -8.71 -4.59
N THR A 31 16.65 -7.98 -3.99
CA THR A 31 15.89 -8.49 -2.86
C THR A 31 14.44 -8.01 -2.89
N GLN A 32 13.52 -8.88 -2.45
CA GLN A 32 12.08 -8.77 -2.59
C GLN A 32 11.44 -9.52 -1.42
N GLY A 33 10.20 -9.18 -1.06
CA GLY A 33 9.40 -9.93 -0.10
C GLY A 33 7.93 -9.96 -0.50
N LEU A 34 7.09 -10.52 0.38
CA LEU A 34 5.68 -10.79 0.10
C LEU A 34 4.88 -10.29 1.29
N VAL A 35 4.06 -9.28 1.08
CA VAL A 35 3.03 -8.89 2.02
C VAL A 35 1.97 -9.98 1.98
N HIS A 36 1.70 -10.69 3.07
CA HIS A 36 0.59 -11.63 3.13
C HIS A 36 -0.75 -10.87 3.18
N ILE A 37 -1.81 -11.44 2.59
CA ILE A 37 -3.10 -10.76 2.44
C ILE A 37 -3.70 -10.30 3.77
N SER A 38 -3.61 -11.08 4.86
CA SER A 38 -4.14 -10.67 6.16
C SER A 38 -3.37 -9.47 6.76
N GLU A 39 -2.26 -9.08 6.13
CA GLU A 39 -1.39 -8.00 6.53
C GLU A 39 -1.36 -6.91 5.45
N VAL A 40 -2.18 -6.97 4.40
CA VAL A 40 -2.34 -5.89 3.41
C VAL A 40 -3.04 -4.65 3.98
N THR A 41 -3.91 -4.80 4.99
CA THR A 41 -4.65 -3.69 5.60
C THR A 41 -4.93 -4.03 7.07
N HIS A 42 -5.06 -3.00 7.93
CA HIS A 42 -5.39 -3.13 9.35
C HIS A 42 -6.91 -3.38 9.56
N GLY A 43 -7.45 -4.37 8.85
CA GLY A 43 -8.87 -4.67 8.79
C GLY A 43 -9.11 -5.78 7.77
N PHE A 44 -10.35 -5.92 7.31
CA PHE A 44 -10.66 -6.76 6.15
C PHE A 44 -9.82 -6.35 4.94
N VAL A 45 -9.59 -7.30 4.04
CA VAL A 45 -9.05 -7.07 2.71
C VAL A 45 -10.08 -7.68 1.77
N LYS A 46 -11.07 -6.86 1.42
CA LYS A 46 -12.27 -7.25 0.69
C LYS A 46 -11.91 -7.95 -0.62
N ASP A 47 -10.94 -7.40 -1.35
CA ASP A 47 -10.26 -8.02 -2.48
C ASP A 47 -8.92 -7.28 -2.53
N ILE A 48 -7.81 -7.99 -2.74
CA ILE A 48 -6.48 -7.38 -2.63
C ILE A 48 -6.28 -6.22 -3.62
N ASN A 49 -6.81 -6.28 -4.84
CA ASN A 49 -6.72 -5.17 -5.80
C ASN A 49 -7.52 -3.93 -5.37
N GLU A 50 -8.48 -4.07 -4.46
CA GLU A 50 -9.22 -2.94 -3.90
C GLU A 50 -8.49 -2.35 -2.68
N HIS A 51 -7.31 -2.87 -2.31
CA HIS A 51 -6.59 -2.50 -1.10
C HIS A 51 -5.11 -2.20 -1.37
N LEU A 52 -4.54 -2.71 -2.46
CA LEU A 52 -3.14 -2.59 -2.85
C LEU A 52 -3.08 -2.59 -4.39
N SER A 53 -1.94 -2.24 -4.99
CA SER A 53 -1.81 -1.96 -6.42
C SER A 53 -0.41 -2.34 -6.88
N VAL A 54 -0.30 -3.05 -8.01
CA VAL A 54 1.00 -3.29 -8.66
C VAL A 54 1.53 -1.97 -9.22
N GLY A 55 2.86 -1.84 -9.28
CA GLY A 55 3.53 -0.71 -9.90
C GLY A 55 3.34 0.57 -9.07
N ASP A 56 3.18 0.42 -7.76
CA ASP A 56 3.09 1.53 -6.82
C ASP A 56 4.21 1.39 -5.80
N GLU A 57 4.56 2.47 -5.10
CA GLU A 57 5.56 2.50 -4.04
C GLU A 57 4.85 2.46 -2.67
N VAL A 58 5.35 1.63 -1.76
CA VAL A 58 4.75 1.37 -0.46
C VAL A 58 5.87 1.20 0.56
N GLN A 59 5.63 1.64 1.82
CA GLN A 59 6.48 1.29 2.93
C GLN A 59 5.92 0.05 3.66
N VAL A 60 6.80 -0.87 4.00
CA VAL A 60 6.52 -2.21 4.50
C VAL A 60 7.29 -2.41 5.80
N LYS A 61 6.71 -3.15 6.74
CA LYS A 61 7.43 -3.68 7.88
C LYS A 61 7.86 -5.11 7.57
N VAL A 62 9.13 -5.45 7.81
CA VAL A 62 9.64 -6.80 7.72
C VAL A 62 8.96 -7.66 8.79
N LEU A 63 8.21 -8.67 8.33
CA LEU A 63 7.48 -9.59 9.19
C LEU A 63 8.29 -10.85 9.47
N ALA A 64 9.03 -11.36 8.49
CA ALA A 64 9.90 -12.54 8.62
C ALA A 64 11.01 -12.43 7.59
N VAL A 65 12.12 -13.13 7.82
CA VAL A 65 13.23 -13.25 6.87
C VAL A 65 13.64 -14.72 6.87
N ASP A 66 14.05 -15.24 5.71
CA ASP A 66 14.48 -16.62 5.48
C ASP A 66 15.67 -16.55 4.52
N GLU A 67 16.78 -16.02 5.04
CA GLU A 67 18.01 -15.77 4.30
C GLU A 67 18.63 -17.05 3.70
N GLU A 68 18.27 -18.24 4.22
CA GLU A 68 18.69 -19.52 3.67
C GLU A 68 18.10 -19.75 2.26
N LYS A 69 17.01 -19.05 1.94
CA LYS A 69 16.32 -19.15 0.64
C LYS A 69 16.24 -17.77 -0.04
N GLY A 70 16.68 -16.71 0.63
CA GLY A 70 16.57 -15.35 0.11
C GLY A 70 15.11 -14.91 0.00
N LYS A 71 14.28 -15.25 0.99
CA LYS A 71 12.85 -14.88 1.02
C LYS A 71 12.57 -13.99 2.23
N ILE A 72 11.54 -13.16 2.13
CA ILE A 72 11.14 -12.19 3.15
C ILE A 72 9.61 -12.16 3.13
N SER A 73 8.99 -12.08 4.30
CA SER A 73 7.57 -11.78 4.44
C SER A 73 7.43 -10.36 5.00
N LEU A 74 6.35 -9.66 4.68
CA LEU A 74 6.18 -8.24 4.90
C LEU A 74 4.77 -7.96 5.44
N SER A 75 4.56 -6.73 5.92
CA SER A 75 3.26 -6.25 6.36
C SER A 75 3.06 -4.82 5.87
N ILE A 76 1.81 -4.46 5.60
CA ILE A 76 1.33 -3.10 5.30
C ILE A 76 0.34 -2.66 6.39
N ARG A 77 -0.36 -3.58 7.06
CA ARG A 77 -1.20 -3.25 8.21
C ARG A 77 -0.40 -2.55 9.31
N ALA A 78 0.90 -2.86 9.42
CA ALA A 78 1.79 -2.21 10.36
C ALA A 78 2.10 -0.76 9.99
N THR A 79 2.14 -0.41 8.70
CA THR A 79 2.62 0.88 8.23
C THR A 79 1.46 1.84 7.97
N GLN A 80 0.38 1.37 7.31
CA GLN A 80 -0.89 2.09 7.22
C GLN A 80 -1.51 2.29 8.61
N ALA A 81 -1.34 1.28 9.47
CA ALA A 81 -1.79 1.25 10.85
C ALA A 81 -3.27 1.63 11.03
N ALA A 82 -3.60 2.06 12.25
CA ALA A 82 -4.89 2.58 12.68
C ALA A 82 -4.62 3.74 13.66
N PRO A 83 -5.62 4.60 13.96
CA PRO A 83 -5.46 5.81 14.78
C PRO A 83 -4.79 5.65 16.15
N GLU A 84 -4.64 4.41 16.65
CA GLU A 84 -3.88 4.10 17.87
C GLU A 84 -2.39 4.50 17.75
N LYS A 85 -1.85 4.67 16.54
CA LYS A 85 -0.49 5.17 16.33
C LYS A 85 -0.42 6.05 15.08
N LYS A 86 0.58 6.93 15.05
CA LYS A 86 1.01 7.60 13.83
C LYS A 86 1.52 6.59 12.80
N GLU A 87 1.49 6.95 11.52
CA GLU A 87 2.03 6.15 10.44
C GLU A 87 3.54 5.88 10.63
N SER A 88 3.99 4.69 10.23
CA SER A 88 5.40 4.34 10.31
C SER A 88 6.29 5.22 9.40
N LYS A 89 7.60 5.15 9.61
CA LYS A 89 8.64 5.70 8.75
C LYS A 89 9.84 4.74 8.85
N PRO A 90 10.57 4.44 7.76
CA PRO A 90 11.63 3.45 7.70
C PRO A 90 12.61 3.45 8.89
N ARG A 91 13.08 2.26 9.27
CA ARG A 91 13.93 2.00 10.44
C ARG A 91 14.55 0.61 10.33
N LYS A 92 15.56 0.33 11.16
CA LYS A 92 16.11 -0.99 11.39
C LYS A 92 16.36 -1.09 12.90
N PRO A 93 16.14 -2.25 13.56
CA PRO A 93 16.18 -2.37 15.02
C PRO A 93 17.62 -2.36 15.61
N LYS A 94 18.57 -1.67 14.97
CA LYS A 94 19.93 -1.48 15.49
C LYS A 94 19.95 -0.84 16.89
N ALA A 95 18.98 0.01 17.20
CA ALA A 95 18.78 0.64 18.49
C ALA A 95 17.28 0.80 18.76
N ALA A 96 16.93 0.97 20.04
CA ALA A 96 15.59 1.29 20.49
C ALA A 96 15.08 2.61 19.87
N GLN A 97 13.76 2.80 19.90
CA GLN A 97 13.07 3.90 19.23
C GLN A 97 12.13 4.58 20.23
N VAL A 98 11.93 5.88 20.07
CA VAL A 98 11.20 6.76 21.00
C VAL A 98 10.52 7.88 20.19
N SER A 99 9.71 8.70 20.87
CA SER A 99 9.03 9.87 20.29
C SER A 99 8.00 9.48 19.22
N GLU A 100 7.47 8.26 19.30
CA GLU A 100 6.44 7.73 18.41
C GLU A 100 5.47 6.92 19.28
N GLU A 101 4.17 7.03 19.00
CA GLU A 101 3.14 6.31 19.76
C GLU A 101 3.31 4.78 19.65
N ALA A 102 3.92 4.32 18.55
CA ALA A 102 4.24 2.91 18.33
C ALA A 102 5.31 2.37 19.29
N SER A 103 6.03 3.23 20.02
CA SER A 103 7.25 2.85 20.76
C SER A 103 7.34 3.52 22.14
N THR A 104 6.46 4.48 22.44
CA THR A 104 6.55 5.36 23.59
C THR A 104 5.16 5.92 23.91
N PRO A 105 4.94 6.48 25.12
CA PRO A 105 3.73 7.22 25.45
C PRO A 105 3.43 8.34 24.44
N GLN A 106 2.17 8.74 24.36
CA GLN A 106 1.68 9.79 23.46
C GLN A 106 2.21 11.20 23.82
N GLY A 107 2.75 11.38 25.03
CA GLY A 107 3.31 12.64 25.49
C GLY A 107 4.06 12.42 26.80
N PHE A 108 4.71 13.48 27.30
CA PHE A 108 5.50 13.48 28.52
C PHE A 108 5.45 14.88 29.15
N ASN A 109 6.02 15.05 30.35
CA ASN A 109 6.02 16.29 31.14
C ASN A 109 6.35 17.54 30.32
N THR A 110 7.28 17.44 29.38
CA THR A 110 7.72 18.54 28.51
C THR A 110 6.55 19.27 27.82
N LEU A 111 5.45 18.56 27.52
CA LEU A 111 4.24 19.14 26.93
C LEU A 111 3.57 20.21 27.81
N LYS A 112 3.83 20.20 29.12
CA LYS A 112 3.15 21.04 30.11
C LYS A 112 4.11 21.56 31.18
N ASP A 113 5.42 21.43 30.99
CA ASP A 113 6.45 21.79 31.98
C ASP A 113 6.48 23.29 32.26
N LYS A 114 6.07 24.09 31.26
CA LYS A 114 5.78 25.51 31.39
C LYS A 114 4.40 25.77 30.78
N LEU A 115 3.89 26.99 30.98
CA LEU A 115 2.55 27.41 30.53
C LEU A 115 2.60 28.79 29.86
N GLU A 116 3.59 29.62 30.19
CA GLU A 116 3.67 31.02 29.84
C GLU A 116 3.58 31.24 28.32
N GLU A 117 4.21 30.37 27.53
CA GLU A 117 4.21 30.44 26.06
C GLU A 117 2.85 30.10 25.42
N TRP A 118 1.87 29.68 26.22
CA TRP A 118 0.52 29.30 25.81
C TRP A 118 -0.56 29.94 26.71
N ILE A 119 -0.18 30.92 27.54
CA ILE A 119 -1.07 31.56 28.50
C ILE A 119 -2.26 32.23 27.79
N GLU A 120 -3.39 32.34 28.50
CA GLU A 120 -4.66 32.83 27.97
C GLU A 120 -4.64 34.33 27.66
N MET A 121 -3.73 35.10 28.27
CA MET A 121 -3.56 36.55 28.08
C MET A 121 -4.85 37.33 28.30
N SER A 122 -5.75 36.82 29.15
CA SER A 122 -7.06 37.43 29.40
C SER A 122 -6.97 38.81 30.06
N ASN A 123 -5.80 39.22 30.55
CA ASN A 123 -5.54 40.60 31.02
C ASN A 123 -5.94 41.68 30.00
N ARG A 124 -5.95 41.34 28.69
CA ARG A 124 -6.41 42.25 27.64
C ARG A 124 -7.90 42.64 27.76
N LYS A 125 -8.72 41.87 28.47
CA LYS A 125 -10.16 42.14 28.63
C LYS A 125 -10.34 43.52 29.26
N ASP A 126 -11.44 44.21 28.91
CA ASP A 126 -11.75 45.57 29.36
C ASP A 126 -11.88 45.66 30.88
N LEU A 127 -12.40 44.60 31.52
CA LEU A 127 -12.43 44.45 32.96
C LEU A 127 -12.25 42.97 33.28
N ILE A 128 -11.36 42.67 34.21
CA ILE A 128 -11.07 41.34 34.73
C ILE A 128 -10.51 41.51 36.15
N LYS A 129 -10.68 40.48 37.00
CA LYS A 129 -10.24 40.46 38.38
C LYS A 129 -9.65 39.07 38.68
N LYS A 130 -8.87 38.97 39.76
CA LYS A 130 -8.39 37.71 40.29
C LYS A 130 -9.56 36.79 40.56
N MET A 1 19.89 -16.64 -0.91
CA MET A 1 20.18 -15.21 -1.15
C MET A 1 20.20 -14.48 0.19
N ALA A 2 21.38 -13.97 0.59
CA ALA A 2 21.51 -13.16 1.80
C ALA A 2 20.67 -11.88 1.69
N ALA A 3 20.31 -11.30 2.83
CA ALA A 3 19.56 -10.05 2.95
C ALA A 3 20.31 -9.08 3.87
N LYS A 4 19.84 -7.84 3.91
CA LYS A 4 20.49 -6.72 4.61
C LYS A 4 19.48 -5.88 5.41
N PHE A 5 18.32 -6.47 5.70
CA PHE A 5 17.28 -5.95 6.59
C PHE A 5 16.89 -7.09 7.52
N GLU A 6 16.19 -6.77 8.62
CA GLU A 6 15.89 -7.69 9.70
C GLU A 6 14.46 -7.41 10.19
N VAL A 7 13.84 -8.42 10.81
CA VAL A 7 12.48 -8.35 11.33
C VAL A 7 12.32 -7.12 12.23
N GLY A 8 11.22 -6.40 12.01
CA GLY A 8 10.86 -5.21 12.75
C GLY A 8 11.34 -3.92 12.08
N SER A 9 12.27 -3.99 11.12
CA SER A 9 12.68 -2.83 10.33
C SER A 9 11.50 -2.33 9.50
N VAL A 10 11.52 -1.07 9.11
CA VAL A 10 10.54 -0.48 8.19
C VAL A 10 11.33 0.04 6.98
N TYR A 11 10.81 -0.19 5.79
CA TYR A 11 11.43 0.11 4.51
C TYR A 11 10.34 0.55 3.52
N THR A 12 10.71 0.78 2.27
CA THR A 12 9.81 1.21 1.21
C THR A 12 10.22 0.45 -0.05
N GLY A 13 9.24 -0.01 -0.83
CA GLY A 13 9.48 -0.82 -2.02
C GLY A 13 8.39 -0.61 -3.07
N LYS A 14 8.50 -1.33 -4.18
CA LYS A 14 7.65 -1.17 -5.36
C LYS A 14 7.00 -2.52 -5.60
N VAL A 15 5.68 -2.56 -5.60
CA VAL A 15 4.91 -3.79 -5.71
C VAL A 15 5.14 -4.38 -7.10
N THR A 16 5.59 -5.63 -7.15
CA THR A 16 5.97 -6.33 -8.38
C THR A 16 4.90 -7.32 -8.87
N GLY A 17 3.92 -7.69 -8.04
CA GLY A 17 2.80 -8.51 -8.48
C GLY A 17 1.79 -8.70 -7.37
N LEU A 18 0.62 -9.25 -7.70
CA LEU A 18 -0.45 -9.60 -6.76
C LEU A 18 -0.83 -11.06 -6.98
N GLN A 19 -1.36 -11.67 -5.93
CA GLN A 19 -1.85 -13.03 -5.86
C GLN A 19 -3.11 -13.00 -4.99
N ALA A 20 -3.91 -14.06 -5.02
CA ALA A 20 -5.14 -14.17 -4.23
C ALA A 20 -4.89 -14.14 -2.71
N TYR A 21 -3.63 -14.27 -2.26
CA TYR A 21 -3.27 -14.32 -0.84
C TYR A 21 -2.09 -13.41 -0.49
N GLY A 22 -1.65 -12.52 -1.38
CA GLY A 22 -0.58 -11.58 -1.05
C GLY A 22 -0.04 -10.81 -2.24
N ALA A 23 0.91 -9.91 -1.99
CA ALA A 23 1.51 -9.03 -2.98
C ALA A 23 3.03 -9.13 -2.89
N PHE A 24 3.71 -9.28 -4.03
CA PHE A 24 5.16 -9.28 -4.07
C PHE A 24 5.63 -7.83 -4.12
N VAL A 25 6.77 -7.54 -3.50
CA VAL A 25 7.34 -6.19 -3.45
C VAL A 25 8.83 -6.33 -3.66
N ALA A 26 9.39 -5.55 -4.58
CA ALA A 26 10.83 -5.40 -4.74
C ALA A 26 11.27 -4.26 -3.83
N LEU A 27 12.41 -4.41 -3.17
CA LEU A 27 12.90 -3.44 -2.18
C LEU A 27 14.28 -2.92 -2.56
N ASP A 28 15.10 -3.77 -3.17
CA ASP A 28 16.43 -3.46 -3.69
C ASP A 28 16.80 -4.56 -4.69
N GLU A 29 17.89 -4.37 -5.44
CA GLU A 29 18.49 -5.41 -6.28
C GLU A 29 18.82 -6.69 -5.48
N GLU A 30 18.96 -6.58 -4.15
CA GLU A 30 19.30 -7.68 -3.24
C GLU A 30 18.22 -7.86 -2.16
N THR A 31 17.01 -7.33 -2.32
CA THR A 31 15.96 -7.41 -1.29
C THR A 31 14.58 -7.41 -1.96
N GLN A 32 13.74 -8.38 -1.63
CA GLN A 32 12.44 -8.64 -2.26
C GLN A 32 11.63 -9.45 -1.23
N GLY A 33 10.31 -9.25 -1.14
CA GLY A 33 9.48 -9.98 -0.18
C GLY A 33 8.02 -10.05 -0.59
N LEU A 34 7.20 -10.60 0.31
CA LEU A 34 5.80 -10.95 0.09
C LEU A 34 4.97 -10.42 1.26
N VAL A 35 4.07 -9.50 0.97
CA VAL A 35 3.04 -9.06 1.92
C VAL A 35 1.97 -10.15 1.86
N HIS A 36 1.59 -10.76 2.98
CA HIS A 36 0.45 -11.65 3.02
C HIS A 36 -0.82 -10.80 3.04
N ILE A 37 -1.90 -11.29 2.45
CA ILE A 37 -3.19 -10.56 2.42
C ILE A 37 -3.65 -10.16 3.83
N SER A 38 -3.39 -11.01 4.83
CA SER A 38 -3.70 -10.78 6.24
C SER A 38 -2.96 -9.58 6.83
N GLU A 39 -2.02 -8.99 6.10
CA GLU A 39 -1.16 -7.89 6.50
C GLU A 39 -1.33 -6.68 5.58
N VAL A 40 -2.21 -6.74 4.57
CA VAL A 40 -2.40 -5.66 3.60
C VAL A 40 -3.15 -4.48 4.24
N THR A 41 -4.11 -4.75 5.12
CA THR A 41 -4.87 -3.76 5.89
C THR A 41 -5.28 -4.48 7.19
N HIS A 42 -5.89 -3.78 8.15
CA HIS A 42 -6.15 -4.26 9.52
C HIS A 42 -6.63 -5.71 9.58
N GLY A 43 -7.55 -6.10 8.68
CA GLY A 43 -7.93 -7.49 8.48
C GLY A 43 -9.05 -7.63 7.44
N PHE A 44 -9.95 -6.64 7.38
CA PHE A 44 -11.15 -6.64 6.53
C PHE A 44 -10.83 -6.30 5.07
N VAL A 45 -9.75 -6.84 4.51
CA VAL A 45 -9.39 -6.68 3.10
C VAL A 45 -10.50 -7.32 2.26
N LYS A 46 -11.32 -6.50 1.60
CA LYS A 46 -12.42 -6.97 0.75
C LYS A 46 -11.85 -7.79 -0.42
N ASP A 47 -10.82 -7.24 -1.06
CA ASP A 47 -9.98 -7.90 -2.06
C ASP A 47 -8.67 -7.12 -2.09
N ILE A 48 -7.55 -7.81 -2.29
CA ILE A 48 -6.22 -7.20 -2.24
C ILE A 48 -6.07 -6.05 -3.23
N ASN A 49 -6.66 -6.12 -4.43
CA ASN A 49 -6.52 -5.06 -5.43
C ASN A 49 -7.28 -3.78 -5.05
N GLU A 50 -8.15 -3.83 -4.02
CA GLU A 50 -8.82 -2.64 -3.50
C GLU A 50 -8.02 -1.99 -2.37
N HIS A 51 -6.90 -2.61 -1.94
CA HIS A 51 -6.15 -2.22 -0.74
C HIS A 51 -4.63 -2.13 -0.97
N LEU A 52 -4.15 -2.60 -2.11
CA LEU A 52 -2.79 -2.43 -2.61
C LEU A 52 -2.89 -2.43 -4.14
N SER A 53 -1.77 -2.31 -4.86
CA SER A 53 -1.75 -2.32 -6.32
C SER A 53 -0.36 -2.69 -6.80
N VAL A 54 -0.27 -3.51 -7.86
CA VAL A 54 0.99 -3.74 -8.56
C VAL A 54 1.40 -2.43 -9.23
N GLY A 55 2.72 -2.22 -9.34
CA GLY A 55 3.27 -1.05 -10.00
C GLY A 55 3.04 0.21 -9.17
N ASP A 56 3.02 0.10 -7.84
CA ASP A 56 2.89 1.23 -6.93
C ASP A 56 4.04 1.17 -5.92
N GLU A 57 4.33 2.25 -5.23
CA GLU A 57 5.38 2.34 -4.22
C GLU A 57 4.71 2.41 -2.85
N VAL A 58 5.17 1.59 -1.91
CA VAL A 58 4.51 1.36 -0.62
C VAL A 58 5.56 1.22 0.48
N GLN A 59 5.24 1.71 1.68
CA GLN A 59 6.03 1.45 2.88
C GLN A 59 5.65 0.05 3.36
N VAL A 60 6.63 -0.71 3.85
CA VAL A 60 6.44 -2.04 4.42
C VAL A 60 7.23 -2.19 5.71
N LYS A 61 6.73 -2.98 6.65
CA LYS A 61 7.47 -3.41 7.84
C LYS A 61 7.88 -4.86 7.59
N VAL A 62 9.15 -5.15 7.80
CA VAL A 62 9.71 -6.48 7.66
C VAL A 62 9.13 -7.35 8.77
N LEU A 63 8.54 -8.48 8.40
CA LEU A 63 7.78 -9.34 9.30
C LEU A 63 8.49 -10.68 9.52
N ALA A 64 9.25 -11.17 8.53
CA ALA A 64 10.10 -12.37 8.63
C ALA A 64 11.19 -12.27 7.58
N VAL A 65 12.29 -12.98 7.75
CA VAL A 65 13.37 -13.10 6.77
C VAL A 65 13.73 -14.59 6.67
N ASP A 66 13.97 -15.08 5.45
CA ASP A 66 14.34 -16.47 5.16
C ASP A 66 15.35 -16.43 4.02
N GLU A 67 16.61 -16.23 4.36
CA GLU A 67 17.70 -16.08 3.39
C GLU A 67 17.97 -17.37 2.62
N GLU A 68 17.62 -18.53 3.18
CA GLU A 68 17.77 -19.81 2.50
C GLU A 68 16.77 -19.91 1.36
N LYS A 69 15.51 -19.48 1.59
CA LYS A 69 14.52 -19.31 0.52
C LYS A 69 14.87 -18.12 -0.36
N GLY A 70 15.62 -17.14 0.17
CA GLY A 70 15.91 -15.89 -0.49
C GLY A 70 14.67 -14.98 -0.51
N LYS A 71 13.91 -14.98 0.59
CA LYS A 71 12.61 -14.31 0.68
C LYS A 71 12.48 -13.60 2.02
N ILE A 72 11.48 -12.72 2.10
CA ILE A 72 11.20 -11.86 3.23
C ILE A 72 9.67 -11.80 3.28
N SER A 73 9.08 -11.90 4.47
CA SER A 73 7.65 -11.63 4.65
C SER A 73 7.53 -10.18 5.10
N LEU A 74 6.49 -9.51 4.63
CA LEU A 74 6.32 -8.06 4.77
C LEU A 74 4.91 -7.79 5.30
N SER A 75 4.67 -6.57 5.75
CA SER A 75 3.36 -6.13 6.22
C SER A 75 3.14 -4.67 5.81
N ILE A 76 1.88 -4.32 5.55
CA ILE A 76 1.47 -2.98 5.12
C ILE A 76 0.64 -2.36 6.25
N ARG A 77 -0.26 -3.10 6.89
CA ARG A 77 -1.10 -2.61 7.98
C ARG A 77 -0.29 -2.01 9.13
N ALA A 78 0.97 -2.43 9.27
CA ALA A 78 1.92 -1.93 10.25
C ALA A 78 2.38 -0.49 9.98
N THR A 79 2.22 0.05 8.77
CA THR A 79 2.83 1.31 8.36
C THR A 79 1.98 2.13 7.37
N GLN A 80 0.89 1.58 6.82
CA GLN A 80 -0.10 2.28 6.00
C GLN A 80 -1.49 1.96 6.54
N ALA A 81 -2.45 2.85 6.28
CA ALA A 81 -3.87 2.72 6.63
C ALA A 81 -4.68 3.54 5.63
N ALA A 82 -6.02 3.36 5.66
CA ALA A 82 -6.98 3.95 4.71
C ALA A 82 -6.44 3.94 3.25
N PRO A 83 -6.14 2.75 2.69
CA PRO A 83 -5.45 2.63 1.41
C PRO A 83 -6.30 3.13 0.23
N GLU A 84 -5.64 3.23 -0.92
CA GLU A 84 -6.20 3.57 -2.22
C GLU A 84 -5.45 2.73 -3.27
N LYS A 85 -5.99 2.62 -4.48
CA LYS A 85 -5.49 1.72 -5.53
C LYS A 85 -5.25 2.47 -6.84
N LYS A 86 -4.54 1.82 -7.76
CA LYS A 86 -4.22 2.33 -9.10
C LYS A 86 -4.07 1.15 -10.06
N GLU A 87 -4.07 1.42 -11.36
CA GLU A 87 -3.99 0.40 -12.39
C GLU A 87 -3.26 1.00 -13.59
N SER A 88 -1.99 0.64 -13.75
CA SER A 88 -1.09 1.17 -14.78
C SER A 88 -1.55 0.86 -16.20
N LYS A 89 -2.26 -0.25 -16.40
CA LYS A 89 -2.82 -0.65 -17.69
C LYS A 89 -3.83 0.41 -18.17
N PRO A 90 -4.08 0.52 -19.49
CA PRO A 90 -5.18 1.35 -19.99
C PRO A 90 -6.53 0.78 -19.54
N ARG A 91 -7.56 1.63 -19.56
CA ARG A 91 -8.91 1.31 -19.08
C ARG A 91 -9.55 0.17 -19.88
N LYS A 92 -10.66 -0.35 -19.38
CA LYS A 92 -11.40 -1.50 -19.92
C LYS A 92 -12.90 -1.22 -19.81
N PRO A 93 -13.74 -1.84 -20.66
CA PRO A 93 -15.19 -1.59 -20.65
C PRO A 93 -15.88 -2.19 -19.42
N LYS A 94 -15.24 -3.13 -18.70
CA LYS A 94 -15.73 -3.73 -17.46
C LYS A 94 -14.52 -4.09 -16.59
N ALA A 95 -14.77 -4.32 -15.30
CA ALA A 95 -13.74 -4.82 -14.39
C ALA A 95 -13.30 -6.24 -14.81
N ALA A 96 -12.05 -6.59 -14.49
CA ALA A 96 -11.54 -7.95 -14.61
C ALA A 96 -12.17 -8.86 -13.55
N GLN A 97 -11.92 -10.16 -13.68
CA GLN A 97 -12.30 -11.19 -12.71
C GLN A 97 -11.20 -12.24 -12.69
N VAL A 98 -11.02 -12.93 -11.55
CA VAL A 98 -9.94 -13.90 -11.34
C VAL A 98 -10.01 -15.08 -12.32
N SER A 99 -11.21 -15.43 -12.77
CA SER A 99 -11.47 -16.54 -13.70
C SER A 99 -12.61 -16.11 -14.64
N GLU A 100 -12.78 -16.83 -15.75
CA GLU A 100 -13.73 -16.49 -16.81
C GLU A 100 -15.18 -16.90 -16.48
N GLU A 101 -15.40 -17.51 -15.30
CA GLU A 101 -16.69 -18.08 -14.89
C GLU A 101 -17.80 -17.03 -14.93
N ALA A 102 -18.94 -17.38 -15.54
CA ALA A 102 -20.15 -16.56 -15.61
C ALA A 102 -21.35 -17.47 -15.90
N SER A 103 -22.55 -16.98 -15.56
CA SER A 103 -23.81 -17.66 -15.88
C SER A 103 -23.99 -17.76 -17.40
N THR A 104 -24.72 -18.78 -17.85
CA THR A 104 -25.07 -18.98 -19.26
C THR A 104 -25.83 -17.73 -19.78
N PRO A 105 -25.53 -17.21 -20.98
CA PRO A 105 -26.24 -16.08 -21.55
C PRO A 105 -27.68 -16.49 -21.92
N GLN A 106 -28.58 -15.49 -21.98
CA GLN A 106 -29.99 -15.65 -22.37
C GLN A 106 -30.39 -14.58 -23.40
N GLY A 107 -29.42 -13.83 -23.92
CA GLY A 107 -29.59 -12.77 -24.91
C GLY A 107 -28.20 -12.19 -25.20
N PHE A 108 -28.11 -11.34 -26.22
CA PHE A 108 -26.85 -10.75 -26.69
C PHE A 108 -27.10 -9.32 -27.16
N ASN A 109 -26.05 -8.51 -27.15
CA ASN A 109 -26.05 -7.10 -27.56
C ASN A 109 -24.61 -6.74 -27.98
N THR A 110 -24.44 -5.61 -28.66
CA THR A 110 -23.12 -5.01 -28.92
C THR A 110 -22.43 -4.65 -27.59
N LEU A 111 -21.13 -4.30 -27.62
CA LEU A 111 -20.37 -3.95 -26.40
C LEU A 111 -21.07 -2.86 -25.59
N LYS A 112 -21.68 -1.89 -26.29
CA LYS A 112 -22.58 -0.88 -25.74
C LYS A 112 -23.53 -0.47 -26.86
N ASP A 113 -24.51 0.38 -26.56
CA ASP A 113 -25.33 1.00 -27.61
C ASP A 113 -24.44 1.95 -28.42
N LYS A 114 -24.43 1.82 -29.74
CA LYS A 114 -23.62 2.64 -30.64
C LYS A 114 -24.33 2.69 -31.99
N LEU A 115 -24.47 3.90 -32.55
CA LEU A 115 -24.92 4.08 -33.92
C LEU A 115 -23.81 3.57 -34.83
N GLU A 116 -24.12 2.59 -35.65
CA GLU A 116 -23.23 2.03 -36.66
C GLU A 116 -24.12 1.45 -37.78
N GLU A 117 -23.51 0.93 -38.84
CA GLU A 117 -24.20 0.44 -40.04
C GLU A 117 -25.25 -0.64 -39.73
N TRP A 118 -25.12 -1.35 -38.59
CA TRP A 118 -26.09 -2.34 -38.14
C TRP A 118 -27.51 -1.78 -37.96
N ILE A 119 -27.69 -0.46 -37.88
CA ILE A 119 -29.01 0.17 -37.89
C ILE A 119 -29.85 -0.26 -39.11
N GLU A 120 -29.20 -0.69 -40.19
CA GLU A 120 -29.86 -1.19 -41.40
C GLU A 120 -30.77 -2.40 -41.11
N MET A 121 -30.48 -3.21 -40.09
CA MET A 121 -31.18 -4.47 -39.84
C MET A 121 -31.41 -4.79 -38.35
N SER A 122 -30.87 -4.00 -37.43
CA SER A 122 -30.96 -4.24 -35.99
C SER A 122 -31.23 -2.92 -35.26
N ASN A 123 -32.04 -2.98 -34.21
CA ASN A 123 -32.36 -1.86 -33.32
C ASN A 123 -32.84 -2.43 -31.98
N ARG A 124 -32.66 -1.69 -30.89
CA ARG A 124 -33.23 -1.99 -29.57
C ARG A 124 -33.56 -0.67 -28.90
N LYS A 125 -34.64 -0.64 -28.10
CA LYS A 125 -35.12 0.55 -27.38
C LYS A 125 -35.67 0.20 -26.00
N ASP A 126 -35.33 -0.98 -25.49
CA ASP A 126 -35.78 -1.50 -24.20
C ASP A 126 -34.65 -2.36 -23.62
N LEU A 127 -34.64 -2.62 -22.31
CA LEU A 127 -33.54 -3.33 -21.65
C LEU A 127 -33.48 -4.78 -22.16
N ILE A 128 -32.29 -5.20 -22.62
CA ILE A 128 -32.09 -6.53 -23.24
C ILE A 128 -32.51 -7.69 -22.32
N LYS A 129 -32.36 -7.52 -21.00
CA LYS A 129 -32.68 -8.57 -20.02
C LYS A 129 -34.18 -8.87 -19.93
N LYS A 130 -35.05 -7.93 -20.29
CA LYS A 130 -36.50 -8.09 -20.17
C LYS A 130 -36.97 -9.13 -21.19
N MET A 1 23.55 -16.21 2.15
CA MET A 1 22.63 -15.09 1.93
C MET A 1 22.53 -14.25 3.19
N ALA A 2 22.67 -12.94 3.05
CA ALA A 2 22.36 -11.95 4.09
C ALA A 2 21.86 -10.68 3.42
N ALA A 3 21.18 -9.83 4.18
CA ALA A 3 20.71 -8.50 3.76
C ALA A 3 20.60 -7.60 4.99
N LYS A 4 20.46 -6.28 4.78
CA LYS A 4 20.26 -5.33 5.88
C LYS A 4 18.93 -5.54 6.59
N PHE A 5 17.92 -6.03 5.87
CA PHE A 5 16.59 -6.28 6.40
C PHE A 5 16.66 -7.31 7.52
N GLU A 6 15.92 -7.04 8.58
CA GLU A 6 15.74 -7.91 9.73
C GLU A 6 14.37 -7.62 10.35
N VAL A 7 13.79 -8.61 11.02
CA VAL A 7 12.44 -8.55 11.55
C VAL A 7 12.26 -7.32 12.44
N GLY A 8 11.21 -6.55 12.13
CA GLY A 8 10.84 -5.34 12.85
C GLY A 8 11.25 -4.08 12.11
N SER A 9 12.20 -4.16 11.18
CA SER A 9 12.65 -3.00 10.40
C SER A 9 11.53 -2.44 9.52
N VAL A 10 11.70 -1.22 9.02
CA VAL A 10 10.72 -0.54 8.16
C VAL A 10 11.52 0.12 7.06
N TYR A 11 11.12 -0.12 5.81
CA TYR A 11 11.76 0.38 4.61
C TYR A 11 10.70 0.69 3.56
N THR A 12 11.11 1.08 2.36
CA THR A 12 10.21 1.44 1.26
C THR A 12 10.59 0.60 0.04
N GLY A 13 9.61 0.23 -0.76
CA GLY A 13 9.78 -0.62 -1.93
C GLY A 13 8.64 -0.41 -2.92
N LYS A 14 8.67 -1.10 -4.06
CA LYS A 14 7.65 -0.99 -5.09
C LYS A 14 6.96 -2.32 -5.29
N VAL A 15 5.65 -2.28 -5.41
CA VAL A 15 4.81 -3.47 -5.54
C VAL A 15 5.10 -4.07 -6.90
N THR A 16 5.40 -5.36 -6.94
CA THR A 16 5.85 -6.09 -8.13
C THR A 16 4.87 -7.18 -8.55
N GLY A 17 3.85 -7.50 -7.75
CA GLY A 17 2.77 -8.37 -8.18
C GLY A 17 1.71 -8.52 -7.11
N LEU A 18 0.54 -9.03 -7.49
CA LEU A 18 -0.52 -9.45 -6.57
C LEU A 18 -0.82 -10.93 -6.80
N GLN A 19 -1.30 -11.58 -5.76
CA GLN A 19 -1.73 -12.96 -5.70
C GLN A 19 -2.96 -13.01 -4.79
N ALA A 20 -3.76 -14.08 -4.87
CA ALA A 20 -4.94 -14.26 -4.02
C ALA A 20 -4.61 -14.36 -2.53
N TYR A 21 -3.33 -14.42 -2.15
CA TYR A 21 -2.86 -14.54 -0.77
C TYR A 21 -1.78 -13.53 -0.40
N GLY A 22 -1.45 -12.55 -1.26
CA GLY A 22 -0.48 -11.52 -0.90
C GLY A 22 -0.03 -10.64 -2.06
N ALA A 23 0.83 -9.68 -1.76
CA ALA A 23 1.36 -8.68 -2.68
C ALA A 23 2.88 -8.69 -2.58
N PHE A 24 3.57 -8.93 -3.68
CA PHE A 24 5.02 -8.86 -3.72
C PHE A 24 5.44 -7.40 -3.73
N VAL A 25 6.50 -7.06 -3.00
CA VAL A 25 7.09 -5.74 -2.98
C VAL A 25 8.60 -5.92 -3.07
N ALA A 26 9.18 -5.48 -4.18
CA ALA A 26 10.62 -5.44 -4.38
C ALA A 26 11.22 -4.30 -3.57
N LEU A 27 12.44 -4.51 -3.12
CA LEU A 27 13.14 -3.67 -2.15
C LEU A 27 14.48 -3.20 -2.69
N ASP A 28 15.08 -3.99 -3.58
CA ASP A 28 16.38 -3.79 -4.22
C ASP A 28 16.38 -4.68 -5.48
N GLU A 29 17.27 -4.41 -6.43
CA GLU A 29 17.30 -5.11 -7.72
C GLU A 29 17.48 -6.63 -7.66
N GLU A 30 17.81 -7.19 -6.49
CA GLU A 30 17.93 -8.63 -6.24
C GLU A 30 17.21 -9.03 -4.94
N THR A 31 16.36 -8.17 -4.37
CA THR A 31 15.72 -8.42 -3.07
C THR A 31 14.26 -7.99 -3.12
N GLN A 32 13.37 -8.84 -2.61
CA GLN A 32 11.92 -8.69 -2.63
C GLN A 32 11.36 -9.43 -1.42
N GLY A 33 10.17 -9.04 -0.98
CA GLY A 33 9.41 -9.76 0.03
C GLY A 33 7.93 -9.79 -0.35
N LEU A 34 7.13 -10.44 0.49
CA LEU A 34 5.73 -10.74 0.23
C LEU A 34 4.90 -10.26 1.42
N VAL A 35 4.06 -9.27 1.19
CA VAL A 35 3.01 -8.89 2.14
C VAL A 35 1.97 -10.00 2.05
N HIS A 36 1.66 -10.71 3.14
CA HIS A 36 0.55 -11.65 3.15
C HIS A 36 -0.75 -10.86 3.15
N ILE A 37 -1.81 -11.37 2.51
CA ILE A 37 -3.12 -10.69 2.48
C ILE A 37 -3.62 -10.30 3.87
N SER A 38 -3.39 -11.14 4.89
CA SER A 38 -3.76 -10.87 6.28
C SER A 38 -2.95 -9.75 6.93
N GLU A 39 -1.99 -9.18 6.20
CA GLU A 39 -1.08 -8.12 6.63
C GLU A 39 -1.23 -6.89 5.73
N VAL A 40 -2.15 -6.91 4.76
CA VAL A 40 -2.43 -5.76 3.88
C VAL A 40 -3.27 -4.71 4.62
N THR A 41 -4.12 -5.12 5.55
CA THR A 41 -5.03 -4.26 6.29
C THR A 41 -5.30 -4.95 7.63
N HIS A 42 -5.61 -4.19 8.68
CA HIS A 42 -5.81 -4.69 10.05
C HIS A 42 -7.21 -5.27 10.23
N GLY A 43 -7.71 -5.99 9.23
CA GLY A 43 -9.06 -6.49 9.13
C GLY A 43 -9.24 -7.23 7.81
N PHE A 44 -10.50 -7.49 7.44
CA PHE A 44 -10.86 -8.11 6.16
C PHE A 44 -10.34 -7.27 4.98
N VAL A 45 -10.19 -7.93 3.83
CA VAL A 45 -9.75 -7.34 2.58
C VAL A 45 -10.86 -7.60 1.55
N LYS A 46 -11.33 -6.55 0.87
CA LYS A 46 -12.41 -6.62 -0.11
C LYS A 46 -12.00 -7.58 -1.22
N ASP A 47 -10.87 -7.25 -1.81
CA ASP A 47 -10.04 -8.02 -2.74
C ASP A 47 -8.71 -7.27 -2.73
N ILE A 48 -7.57 -7.94 -2.79
CA ILE A 48 -6.27 -7.30 -2.59
C ILE A 48 -6.01 -6.13 -3.56
N ASN A 49 -6.50 -6.19 -4.80
CA ASN A 49 -6.35 -5.06 -5.73
C ASN A 49 -7.13 -3.80 -5.31
N GLU A 50 -8.08 -3.92 -4.38
CA GLU A 50 -8.82 -2.79 -3.84
C GLU A 50 -8.09 -2.18 -2.62
N HIS A 51 -6.92 -2.71 -2.26
CA HIS A 51 -6.11 -2.28 -1.11
C HIS A 51 -4.65 -1.99 -1.46
N LEU A 52 -4.12 -2.62 -2.52
CA LEU A 52 -2.76 -2.43 -3.03
C LEU A 52 -2.77 -2.44 -4.55
N SER A 53 -1.68 -1.99 -5.16
CA SER A 53 -1.59 -1.70 -6.59
C SER A 53 -0.18 -2.06 -7.07
N VAL A 54 -0.06 -2.93 -8.08
CA VAL A 54 1.23 -3.21 -8.72
C VAL A 54 1.75 -1.93 -9.37
N GLY A 55 3.06 -1.74 -9.32
CA GLY A 55 3.73 -0.60 -9.92
C GLY A 55 3.49 0.68 -9.12
N ASP A 56 3.31 0.56 -7.80
CA ASP A 56 3.21 1.70 -6.89
C ASP A 56 4.29 1.55 -5.81
N GLU A 57 4.65 2.61 -5.12
CA GLU A 57 5.64 2.62 -4.06
C GLU A 57 4.94 2.66 -2.71
N VAL A 58 5.41 1.85 -1.75
CA VAL A 58 4.77 1.63 -0.46
C VAL A 58 5.87 1.46 0.59
N GLN A 59 5.61 1.94 1.81
CA GLN A 59 6.46 1.63 2.96
C GLN A 59 5.98 0.32 3.56
N VAL A 60 6.90 -0.56 3.94
CA VAL A 60 6.64 -1.91 4.42
C VAL A 60 7.42 -2.14 5.71
N LYS A 61 6.81 -2.89 6.65
CA LYS A 61 7.53 -3.39 7.82
C LYS A 61 7.98 -4.81 7.51
N VAL A 62 9.25 -5.12 7.77
CA VAL A 62 9.78 -6.47 7.70
C VAL A 62 9.13 -7.31 8.81
N LEU A 63 8.48 -8.39 8.41
CA LEU A 63 7.70 -9.27 9.29
C LEU A 63 8.38 -10.62 9.48
N ALA A 64 9.15 -11.09 8.51
CA ALA A 64 10.04 -12.25 8.64
C ALA A 64 11.16 -12.15 7.61
N VAL A 65 12.24 -12.87 7.82
CA VAL A 65 13.31 -13.09 6.83
C VAL A 65 13.64 -14.59 6.90
N ASP A 66 13.96 -15.18 5.75
CA ASP A 66 14.17 -16.61 5.58
C ASP A 66 15.36 -16.83 4.65
N GLU A 67 16.54 -16.57 5.20
CA GLU A 67 17.83 -16.62 4.50
C GLU A 67 18.15 -17.99 3.87
N GLU A 68 17.46 -19.05 4.30
CA GLU A 68 17.59 -20.39 3.70
C GLU A 68 17.11 -20.39 2.25
N LYS A 69 16.23 -19.44 1.87
CA LYS A 69 15.68 -19.27 0.52
C LYS A 69 15.87 -17.83 0.02
N GLY A 70 16.42 -16.94 0.85
CA GLY A 70 16.54 -15.52 0.53
C GLY A 70 15.17 -14.85 0.39
N LYS A 71 14.17 -15.29 1.16
CA LYS A 71 12.82 -14.74 1.12
C LYS A 71 12.62 -13.80 2.31
N ILE A 72 11.61 -12.94 2.20
CA ILE A 72 11.24 -11.94 3.21
C ILE A 72 9.71 -11.91 3.22
N SER A 73 9.11 -11.78 4.40
CA SER A 73 7.69 -11.52 4.57
C SER A 73 7.54 -10.10 5.10
N LEU A 74 6.45 -9.43 4.74
CA LEU A 74 6.27 -8.00 4.95
C LEU A 74 4.87 -7.74 5.52
N SER A 75 4.64 -6.52 6.00
CA SER A 75 3.34 -6.03 6.43
C SER A 75 3.13 -4.62 5.92
N ILE A 76 1.86 -4.28 5.71
CA ILE A 76 1.35 -2.98 5.28
C ILE A 76 0.33 -2.47 6.28
N ARG A 77 -0.41 -3.32 7.01
CA ARG A 77 -1.21 -2.86 8.13
C ARG A 77 -0.35 -2.13 9.16
N ALA A 78 0.92 -2.50 9.27
CA ALA A 78 1.90 -1.83 10.12
C ALA A 78 2.25 -0.41 9.67
N THR A 79 2.08 -0.06 8.40
CA THR A 79 2.57 1.19 7.80
C THR A 79 1.45 2.08 7.28
N GLN A 80 0.26 1.52 7.04
CA GLN A 80 -0.93 2.19 6.53
C GLN A 80 -2.10 1.86 7.47
N ALA A 81 -1.85 1.97 8.78
CA ALA A 81 -2.82 1.68 9.84
C ALA A 81 -4.04 2.64 9.85
N ALA A 82 -3.97 3.75 9.12
CA ALA A 82 -5.06 4.72 8.99
C ALA A 82 -6.36 4.04 8.49
N PRO A 83 -7.54 4.59 8.86
CA PRO A 83 -8.83 4.07 8.40
C PRO A 83 -8.98 4.20 6.88
N GLU A 84 -9.94 3.44 6.32
CA GLU A 84 -10.18 3.36 4.88
C GLU A 84 -10.70 4.68 4.29
N LYS A 85 -11.23 5.57 5.12
CA LYS A 85 -11.72 6.91 4.76
C LYS A 85 -11.45 7.85 5.93
N LYS A 86 -11.50 9.16 5.68
CA LYS A 86 -11.46 10.15 6.76
C LYS A 86 -12.68 9.93 7.65
N GLU A 87 -12.45 9.72 8.94
CA GLU A 87 -13.52 9.61 9.93
C GLU A 87 -14.00 11.00 10.40
N SER A 88 -13.22 12.04 10.09
CA SER A 88 -13.54 13.44 10.39
C SER A 88 -14.87 13.87 9.75
N LYS A 89 -15.53 14.86 10.35
CA LYS A 89 -16.72 15.49 9.76
C LYS A 89 -16.35 16.14 8.41
N PRO A 90 -17.30 16.22 7.46
CA PRO A 90 -17.07 16.91 6.19
C PRO A 90 -16.94 18.42 6.41
N ARG A 91 -16.44 19.14 5.39
CA ARG A 91 -16.46 20.60 5.35
C ARG A 91 -17.87 21.17 5.41
N LYS A 92 -17.98 22.48 5.67
CA LYS A 92 -19.23 23.20 5.52
C LYS A 92 -19.73 23.08 4.07
N PRO A 93 -21.06 23.04 3.85
CA PRO A 93 -21.63 23.01 2.50
C PRO A 93 -21.43 24.36 1.79
N LYS A 94 -21.67 24.35 0.47
CA LYS A 94 -21.76 25.55 -0.37
C LYS A 94 -22.83 25.29 -1.44
N ALA A 95 -23.51 26.34 -1.87
CA ALA A 95 -24.51 26.36 -2.94
C ALA A 95 -24.43 27.72 -3.62
N ALA A 96 -25.08 27.89 -4.78
CA ALA A 96 -24.94 29.07 -5.62
C ALA A 96 -25.19 30.38 -4.85
N GLN A 97 -26.22 30.39 -4.02
CA GLN A 97 -26.63 31.54 -3.20
C GLN A 97 -25.57 31.99 -2.17
N VAL A 98 -24.58 31.17 -1.88
CA VAL A 98 -23.50 31.42 -0.90
C VAL A 98 -22.13 31.07 -1.46
N SER A 99 -21.99 30.96 -2.79
CA SER A 99 -20.71 30.62 -3.41
C SER A 99 -19.72 31.78 -3.34
N GLU A 100 -20.19 33.02 -3.48
CA GLU A 100 -19.40 34.22 -3.21
C GLU A 100 -19.10 34.30 -1.70
N GLU A 101 -17.91 34.77 -1.36
CA GLU A 101 -17.44 34.94 0.02
C GLU A 101 -16.47 36.13 0.10
N ALA A 102 -16.07 36.48 1.32
CA ALA A 102 -15.25 37.64 1.66
C ALA A 102 -14.28 37.24 2.78
N SER A 103 -13.84 38.23 3.58
CA SER A 103 -12.97 38.06 4.74
C SER A 103 -13.47 36.93 5.65
N THR A 104 -12.53 36.16 6.20
CA THR A 104 -12.81 34.97 7.00
C THR A 104 -13.55 35.31 8.30
N PRO A 105 -14.32 34.37 8.88
CA PRO A 105 -14.88 34.52 10.21
C PRO A 105 -13.77 34.43 11.27
N GLN A 106 -12.80 33.54 11.08
CA GLN A 106 -11.58 33.47 11.86
C GLN A 106 -10.64 34.62 11.49
N GLY A 107 -9.65 34.90 12.34
CA GLY A 107 -8.69 35.99 12.14
C GLY A 107 -7.57 35.66 11.14
N PHE A 108 -7.82 34.80 10.15
CA PHE A 108 -6.89 34.60 9.04
C PHE A 108 -6.74 35.90 8.24
N ASN A 109 -7.86 36.57 7.94
CA ASN A 109 -7.87 37.93 7.41
C ASN A 109 -7.15 38.88 8.37
N THR A 110 -6.39 39.83 7.83
CA THR A 110 -5.64 40.84 8.58
C THR A 110 -6.06 42.27 8.20
N LEU A 111 -6.93 42.45 7.20
CA LEU A 111 -7.48 43.76 6.85
C LEU A 111 -8.41 44.21 7.98
N LYS A 112 -8.13 45.38 8.55
CA LYS A 112 -9.00 46.01 9.56
C LYS A 112 -10.33 46.44 8.95
N ASP A 113 -11.25 46.83 9.84
CA ASP A 113 -12.56 47.41 9.49
C ASP A 113 -12.97 48.37 10.62
N LYS A 114 -13.94 49.25 10.36
CA LYS A 114 -14.47 50.21 11.35
C LYS A 114 -15.05 49.45 12.55
N LEU A 115 -15.01 50.11 13.72
CA LEU A 115 -15.48 49.55 14.98
C LEU A 115 -16.98 49.27 14.90
N GLU A 116 -17.41 48.16 15.49
CA GLU A 116 -18.83 47.80 15.67
C GLU A 116 -19.51 48.63 16.77
N GLU A 117 -19.34 49.94 16.66
CA GLU A 117 -20.07 50.97 17.41
C GLU A 117 -20.39 52.12 16.44
N TRP A 118 -19.43 52.48 15.57
CA TRP A 118 -19.67 53.38 14.44
C TRP A 118 -20.57 52.69 13.39
N ILE A 119 -20.41 51.38 13.22
CA ILE A 119 -21.18 50.51 12.33
C ILE A 119 -21.52 49.21 13.08
N GLU A 120 -21.93 48.19 12.34
CA GLU A 120 -22.07 46.81 12.78
C GLU A 120 -21.64 45.91 11.62
N MET A 121 -21.23 44.67 11.88
CA MET A 121 -20.90 43.71 10.84
C MET A 121 -21.22 42.28 11.26
N SER A 122 -21.05 41.91 12.53
CA SER A 122 -21.37 40.58 13.06
C SER A 122 -22.77 40.12 12.69
N ASN A 123 -23.77 40.98 12.97
CA ASN A 123 -25.17 40.73 12.60
C ASN A 123 -25.34 40.55 11.10
N ARG A 124 -24.76 41.43 10.29
CA ARG A 124 -24.87 41.39 8.83
C ARG A 124 -24.24 40.11 8.27
N LYS A 125 -23.09 39.71 8.81
CA LYS A 125 -22.35 38.50 8.45
C LYS A 125 -23.03 37.22 9.00
N ASP A 126 -24.05 37.37 9.85
CA ASP A 126 -24.66 36.28 10.63
C ASP A 126 -23.59 35.43 11.33
N LEU A 127 -22.72 36.13 12.08
CA LEU A 127 -21.58 35.56 12.79
C LEU A 127 -21.58 36.10 14.22
N ILE A 128 -21.27 35.23 15.18
CA ILE A 128 -20.99 35.56 16.58
C ILE A 128 -19.97 34.54 17.09
N LYS A 129 -19.07 34.98 17.99
CA LYS A 129 -17.92 34.18 18.44
C LYS A 129 -17.75 34.21 19.97
N LYS A 130 -18.83 34.52 20.69
CA LYS A 130 -18.86 34.39 22.15
C LYS A 130 -18.48 32.96 22.54
N MET A 1 22.74 -18.88 -0.24
CA MET A 1 21.80 -17.75 -0.32
C MET A 1 21.90 -16.91 0.94
N ALA A 2 21.50 -15.65 0.83
CA ALA A 2 21.53 -14.67 1.91
C ALA A 2 20.31 -13.76 1.85
N ALA A 3 20.21 -12.83 2.80
CA ALA A 3 19.25 -11.72 2.82
C ALA A 3 19.95 -10.45 3.33
N LYS A 4 19.29 -9.29 3.19
CA LYS A 4 19.89 -7.97 3.41
C LYS A 4 19.06 -7.09 4.35
N PHE A 5 18.13 -7.69 5.08
CA PHE A 5 17.17 -7.02 5.96
C PHE A 5 17.07 -7.82 7.27
N GLU A 6 16.40 -7.24 8.27
CA GLU A 6 16.20 -7.85 9.58
C GLU A 6 14.77 -7.54 10.03
N VAL A 7 14.15 -8.48 10.76
CA VAL A 7 12.77 -8.38 11.26
C VAL A 7 12.57 -7.12 12.08
N GLY A 8 11.39 -6.52 11.91
CA GLY A 8 10.98 -5.31 12.60
C GLY A 8 11.49 -4.03 11.94
N SER A 9 12.41 -4.11 10.99
CA SER A 9 12.82 -2.97 10.18
C SER A 9 11.66 -2.48 9.31
N VAL A 10 11.81 -1.28 8.75
CA VAL A 10 10.81 -0.63 7.91
C VAL A 10 11.57 0.04 6.78
N TYR A 11 11.19 -0.25 5.54
CA TYR A 11 11.80 0.30 4.33
C TYR A 11 10.70 0.59 3.31
N THR A 12 11.08 1.10 2.14
CA THR A 12 10.16 1.44 1.07
C THR A 12 10.58 0.65 -0.17
N GLY A 13 9.59 0.21 -0.96
CA GLY A 13 9.78 -0.66 -2.10
C GLY A 13 8.63 -0.49 -3.08
N LYS A 14 8.64 -1.22 -4.19
CA LYS A 14 7.63 -1.13 -5.24
C LYS A 14 6.95 -2.47 -5.44
N VAL A 15 5.64 -2.44 -5.57
CA VAL A 15 4.80 -3.63 -5.66
C VAL A 15 5.04 -4.24 -7.03
N THR A 16 5.38 -5.53 -7.05
CA THR A 16 5.82 -6.26 -8.23
C THR A 16 4.83 -7.36 -8.63
N GLY A 17 3.81 -7.64 -7.82
CA GLY A 17 2.71 -8.51 -8.21
C GLY A 17 1.64 -8.52 -7.14
N LEU A 18 0.46 -9.04 -7.51
CA LEU A 18 -0.66 -9.28 -6.61
C LEU A 18 -1.15 -10.70 -6.85
N GLN A 19 -1.66 -11.32 -5.80
CA GLN A 19 -2.13 -12.70 -5.76
C GLN A 19 -3.30 -12.75 -4.78
N ALA A 20 -4.16 -13.76 -4.88
CA ALA A 20 -5.29 -13.94 -3.96
C ALA A 20 -4.89 -14.19 -2.51
N TYR A 21 -3.59 -14.29 -2.21
CA TYR A 21 -3.05 -14.46 -0.86
C TYR A 21 -1.92 -13.49 -0.51
N GLY A 22 -1.60 -12.50 -1.35
CA GLY A 22 -0.59 -11.52 -0.98
C GLY A 22 -0.13 -10.64 -2.14
N ALA A 23 0.77 -9.70 -1.84
CA ALA A 23 1.33 -8.71 -2.76
C ALA A 23 2.84 -8.77 -2.67
N PHE A 24 3.52 -9.05 -3.79
CA PHE A 24 4.97 -8.99 -3.83
C PHE A 24 5.41 -7.53 -3.85
N VAL A 25 6.50 -7.22 -3.15
CA VAL A 25 7.10 -5.89 -3.12
C VAL A 25 8.60 -6.06 -3.21
N ALA A 26 9.19 -5.66 -4.33
CA ALA A 26 10.63 -5.54 -4.47
C ALA A 26 11.14 -4.40 -3.60
N LEU A 27 12.31 -4.59 -3.00
CA LEU A 27 12.82 -3.73 -1.94
C LEU A 27 14.18 -3.15 -2.29
N ASP A 28 14.97 -3.91 -3.04
CA ASP A 28 16.38 -3.65 -3.33
C ASP A 28 16.74 -4.39 -4.61
N GLU A 29 17.85 -4.02 -5.24
CA GLU A 29 18.32 -4.57 -6.50
C GLU A 29 18.55 -6.09 -6.47
N GLU A 30 18.60 -6.69 -5.28
CA GLU A 30 18.83 -8.11 -5.06
C GLU A 30 17.78 -8.72 -4.12
N THR A 31 16.73 -7.96 -3.73
CA THR A 31 15.82 -8.39 -2.65
C THR A 31 14.38 -7.97 -2.92
N GLN A 32 13.47 -8.87 -2.56
CA GLN A 32 12.01 -8.74 -2.66
C GLN A 32 11.40 -9.49 -1.47
N GLY A 33 10.19 -9.11 -1.08
CA GLY A 33 9.40 -9.84 -0.09
C GLY A 33 7.93 -9.89 -0.49
N LEU A 34 7.10 -10.48 0.38
CA LEU A 34 5.70 -10.79 0.12
C LEU A 34 4.89 -10.32 1.31
N VAL A 35 4.04 -9.31 1.11
CA VAL A 35 2.99 -8.97 2.05
C VAL A 35 1.95 -10.09 1.96
N HIS A 36 1.67 -10.83 3.03
CA HIS A 36 0.57 -11.79 3.02
C HIS A 36 -0.74 -11.00 3.10
N ILE A 37 -1.83 -11.52 2.51
CA ILE A 37 -3.14 -10.86 2.57
C ILE A 37 -3.58 -10.53 3.99
N SER A 38 -3.22 -11.37 4.95
CA SER A 38 -3.47 -11.21 6.39
C SER A 38 -2.76 -10.00 7.00
N GLU A 39 -1.86 -9.36 6.26
CA GLU A 39 -0.94 -8.33 6.73
C GLU A 39 -1.12 -7.04 5.93
N VAL A 40 -2.06 -7.01 4.98
CA VAL A 40 -2.36 -5.83 4.17
C VAL A 40 -3.04 -4.74 5.01
N THR A 41 -3.93 -5.11 5.94
CA THR A 41 -4.61 -4.18 6.86
C THR A 41 -5.03 -4.92 8.13
N HIS A 42 -5.32 -4.18 9.19
CA HIS A 42 -5.96 -4.69 10.42
C HIS A 42 -7.46 -4.94 10.20
N GLY A 43 -7.79 -5.78 9.21
CA GLY A 43 -9.17 -6.08 8.85
C GLY A 43 -9.24 -7.08 7.71
N PHE A 44 -10.47 -7.43 7.30
CA PHE A 44 -10.73 -8.18 6.08
C PHE A 44 -10.22 -7.43 4.84
N VAL A 45 -10.06 -8.16 3.74
CA VAL A 45 -9.63 -7.62 2.45
C VAL A 45 -10.71 -7.95 1.42
N LYS A 46 -11.39 -6.93 0.90
CA LYS A 46 -12.46 -7.09 -0.09
C LYS A 46 -11.96 -7.85 -1.31
N ASP A 47 -10.87 -7.35 -1.86
CA ASP A 47 -10.04 -7.97 -2.89
C ASP A 47 -8.71 -7.22 -2.79
N ILE A 48 -7.54 -7.87 -2.87
CA ILE A 48 -6.27 -7.20 -2.60
C ILE A 48 -6.04 -5.95 -3.46
N ASN A 49 -6.51 -5.92 -4.70
CA ASN A 49 -6.40 -4.71 -5.54
C ASN A 49 -7.24 -3.53 -5.07
N GLU A 50 -8.17 -3.72 -4.13
CA GLU A 50 -8.83 -2.60 -3.45
C GLU A 50 -7.92 -1.93 -2.41
N HIS A 51 -6.89 -2.62 -1.94
CA HIS A 51 -6.07 -2.19 -0.80
C HIS A 51 -4.62 -1.88 -1.18
N LEU A 52 -4.13 -2.48 -2.26
CA LEU A 52 -2.78 -2.33 -2.80
C LEU A 52 -2.86 -2.28 -4.32
N SER A 53 -1.76 -1.87 -4.97
CA SER A 53 -1.69 -1.69 -6.42
C SER A 53 -0.32 -2.14 -6.90
N VAL A 54 -0.26 -3.07 -7.85
CA VAL A 54 0.98 -3.37 -8.58
C VAL A 54 1.49 -2.13 -9.29
N GLY A 55 2.83 -2.01 -9.35
CA GLY A 55 3.49 -0.90 -10.01
C GLY A 55 3.31 0.41 -9.25
N ASP A 56 3.22 0.33 -7.92
CA ASP A 56 3.16 1.51 -7.05
C ASP A 56 4.25 1.38 -5.98
N GLU A 57 4.62 2.47 -5.33
CA GLU A 57 5.63 2.50 -4.27
C GLU A 57 4.94 2.56 -2.90
N VAL A 58 5.41 1.77 -1.95
CA VAL A 58 4.80 1.57 -0.64
C VAL A 58 5.90 1.39 0.40
N GLN A 59 5.66 1.93 1.61
CA GLN A 59 6.47 1.62 2.77
C GLN A 59 5.98 0.29 3.33
N VAL A 60 6.87 -0.60 3.74
CA VAL A 60 6.60 -1.93 4.26
C VAL A 60 7.40 -2.17 5.54
N LYS A 61 6.82 -2.94 6.47
CA LYS A 61 7.55 -3.45 7.62
C LYS A 61 8.05 -4.86 7.30
N VAL A 62 9.30 -5.16 7.59
CA VAL A 62 9.84 -6.52 7.58
C VAL A 62 9.17 -7.31 8.70
N LEU A 63 8.37 -8.32 8.33
CA LEU A 63 7.66 -9.16 9.28
C LEU A 63 8.48 -10.38 9.67
N ALA A 64 9.16 -10.99 8.69
CA ALA A 64 10.01 -12.17 8.87
C ALA A 64 11.00 -12.24 7.71
N VAL A 65 12.02 -13.08 7.83
CA VAL A 65 13.00 -13.37 6.78
C VAL A 65 13.40 -14.84 6.88
N ASP A 66 13.68 -15.44 5.73
CA ASP A 66 14.31 -16.75 5.62
C ASP A 66 15.38 -16.63 4.54
N GLU A 67 16.63 -16.51 4.97
CA GLU A 67 17.76 -16.27 4.08
C GLU A 67 18.24 -17.51 3.33
N GLU A 68 17.78 -18.70 3.71
CA GLU A 68 18.05 -19.92 2.93
C GLU A 68 17.14 -19.94 1.71
N LYS A 69 15.86 -19.63 1.89
CA LYS A 69 14.92 -19.34 0.79
C LYS A 69 15.31 -18.05 0.08
N GLY A 70 16.01 -17.15 0.77
CA GLY A 70 16.33 -15.82 0.26
C GLY A 70 15.08 -14.96 0.08
N LYS A 71 14.17 -14.99 1.06
CA LYS A 71 12.87 -14.32 0.96
C LYS A 71 12.52 -13.61 2.25
N ILE A 72 11.57 -12.68 2.15
CA ILE A 72 11.13 -11.82 3.24
C ILE A 72 9.61 -11.84 3.25
N SER A 73 9.01 -11.91 4.43
CA SER A 73 7.59 -11.65 4.63
C SER A 73 7.43 -10.19 5.07
N LEU A 74 6.34 -9.53 4.68
CA LEU A 74 6.16 -8.10 4.86
C LEU A 74 4.77 -7.82 5.43
N SER A 75 4.58 -6.59 5.91
CA SER A 75 3.29 -6.08 6.33
C SER A 75 3.09 -4.67 5.79
N ILE A 76 1.82 -4.32 5.55
CA ILE A 76 1.35 -2.98 5.18
C ILE A 76 0.39 -2.46 6.26
N ARG A 77 -0.27 -3.30 7.04
CA ARG A 77 -1.03 -2.87 8.21
C ARG A 77 -0.18 -2.05 9.20
N ALA A 78 1.13 -2.29 9.21
CA ALA A 78 2.09 -1.57 10.02
C ALA A 78 2.43 -0.18 9.48
N THR A 79 2.18 0.10 8.21
CA THR A 79 2.68 1.30 7.52
C THR A 79 1.56 2.17 6.92
N GLN A 80 0.39 1.58 6.66
CA GLN A 80 -0.76 2.23 6.07
C GLN A 80 -2.03 1.68 6.73
N ALA A 81 -3.11 2.46 6.73
CA ALA A 81 -4.43 1.97 7.12
C ALA A 81 -4.95 0.96 6.11
N ALA A 82 -4.74 1.23 4.81
CA ALA A 82 -5.21 0.46 3.66
C ALA A 82 -6.64 -0.13 3.87
N PRO A 83 -7.65 0.73 4.12
CA PRO A 83 -8.98 0.27 4.49
C PRO A 83 -9.73 -0.40 3.32
N GLU A 84 -10.78 -1.15 3.66
CA GLU A 84 -11.72 -1.72 2.70
C GLU A 84 -12.45 -0.60 1.93
N LYS A 85 -12.70 -0.83 0.65
CA LYS A 85 -13.58 -0.03 -0.21
C LYS A 85 -14.05 -0.88 -1.39
N LYS A 86 -14.99 -0.37 -2.18
CA LYS A 86 -15.50 -1.02 -3.38
C LYS A 86 -15.43 0.00 -4.52
N GLU A 87 -14.32 0.01 -5.24
CA GLU A 87 -14.00 1.01 -6.27
C GLU A 87 -13.12 0.45 -7.39
N SER A 88 -12.66 -0.81 -7.25
CA SER A 88 -11.64 -1.44 -8.08
C SER A 88 -12.05 -2.87 -8.45
N LYS A 89 -13.34 -3.19 -8.35
CA LYS A 89 -13.93 -4.41 -8.91
C LYS A 89 -13.62 -4.53 -10.41
N PRO A 90 -13.61 -5.74 -10.98
CA PRO A 90 -13.52 -5.92 -12.41
C PRO A 90 -14.75 -5.31 -13.12
N ARG A 91 -14.60 -5.01 -14.41
CA ARG A 91 -15.59 -4.23 -15.18
C ARG A 91 -16.06 -4.94 -16.44
N LYS A 92 -15.57 -6.17 -16.69
CA LYS A 92 -15.83 -6.97 -17.90
C LYS A 92 -15.83 -6.09 -19.16
N PRO A 93 -14.71 -5.43 -19.50
CA PRO A 93 -14.56 -4.76 -20.78
C PRO A 93 -14.52 -5.78 -21.92
N LYS A 94 -14.89 -5.38 -23.14
CA LYS A 94 -14.72 -6.23 -24.33
C LYS A 94 -13.23 -6.45 -24.59
N ALA A 95 -12.85 -7.66 -24.97
CA ALA A 95 -11.53 -7.99 -25.52
C ALA A 95 -11.70 -9.14 -26.50
N ALA A 96 -10.90 -9.14 -27.56
CA ALA A 96 -10.93 -10.13 -28.64
C ALA A 96 -9.53 -10.33 -29.21
N GLN A 97 -9.34 -11.41 -29.97
CA GLN A 97 -8.07 -11.66 -30.66
C GLN A 97 -7.76 -10.56 -31.68
N VAL A 98 -6.48 -10.29 -31.87
CA VAL A 98 -5.92 -9.21 -32.71
C VAL A 98 -4.58 -9.66 -33.30
N SER A 99 -4.03 -8.88 -34.24
CA SER A 99 -2.65 -9.04 -34.67
C SER A 99 -1.73 -8.95 -33.46
N GLU A 100 -0.72 -9.82 -33.39
CA GLU A 100 0.11 -9.99 -32.19
C GLU A 100 1.49 -10.50 -32.59
N GLU A 101 2.48 -10.21 -31.74
CA GLU A 101 3.88 -10.60 -31.88
C GLU A 101 4.48 -11.11 -30.56
N ALA A 102 3.86 -10.82 -29.41
CA ALA A 102 4.22 -11.43 -28.13
C ALA A 102 4.00 -12.94 -28.16
N SER A 103 4.80 -13.67 -27.38
CA SER A 103 4.82 -15.13 -27.35
C SER A 103 4.83 -15.63 -25.91
N THR A 104 4.42 -16.87 -25.72
CA THR A 104 4.50 -17.59 -24.44
C THR A 104 5.93 -17.59 -23.87
N PRO A 105 6.10 -17.58 -22.53
CA PRO A 105 7.41 -17.52 -21.90
C PRO A 105 8.20 -18.83 -22.03
N GLN A 106 7.54 -19.97 -22.18
CA GLN A 106 8.20 -21.27 -22.37
C GLN A 106 9.05 -21.24 -23.64
N GLY A 107 10.22 -21.87 -23.58
CA GLY A 107 11.18 -21.93 -24.68
C GLY A 107 12.44 -22.67 -24.27
N PHE A 108 12.28 -23.73 -23.46
CA PHE A 108 13.39 -24.44 -22.80
C PHE A 108 14.30 -25.17 -23.79
N ASN A 109 13.76 -25.59 -24.93
CA ASN A 109 14.48 -26.20 -26.04
C ASN A 109 13.72 -25.91 -27.34
N THR A 110 14.38 -25.99 -28.49
CA THR A 110 13.74 -25.98 -29.80
C THR A 110 12.75 -27.16 -29.96
N LEU A 111 11.79 -27.02 -30.88
CA LEU A 111 10.78 -28.03 -31.19
C LEU A 111 10.41 -27.90 -32.67
N LYS A 112 10.44 -29.01 -33.42
CA LYS A 112 10.09 -29.02 -34.84
C LYS A 112 8.60 -28.75 -35.05
N ASP A 113 7.75 -29.39 -34.24
CA ASP A 113 6.30 -29.18 -34.27
C ASP A 113 5.94 -27.73 -33.99
N LYS A 114 4.93 -27.22 -34.70
CA LYS A 114 4.41 -25.85 -34.58
C LYS A 114 2.91 -25.89 -34.86
N LEU A 115 2.17 -24.96 -34.24
CA LEU A 115 0.75 -24.72 -34.52
C LEU A 115 0.42 -23.24 -34.34
N GLU A 116 0.95 -22.66 -33.28
CA GLU A 116 0.91 -21.24 -32.96
C GLU A 116 2.11 -20.91 -32.07
N GLU A 117 2.45 -19.63 -31.96
CA GLU A 117 3.64 -19.15 -31.24
C GLU A 117 3.39 -17.79 -30.60
N TRP A 118 2.15 -17.49 -30.21
CA TRP A 118 1.73 -16.19 -29.71
C TRP A 118 0.95 -16.34 -28.40
N ILE A 119 0.73 -15.24 -27.68
CA ILE A 119 -0.13 -15.17 -26.50
C ILE A 119 -0.96 -13.90 -26.57
N GLU A 120 -2.24 -14.03 -26.26
CA GLU A 120 -3.23 -12.96 -26.21
C GLU A 120 -4.42 -13.45 -25.36
N MET A 121 -5.43 -12.59 -25.15
CA MET A 121 -6.63 -12.92 -24.38
C MET A 121 -7.85 -12.29 -25.06
N SER A 122 -9.03 -12.80 -24.71
CA SER A 122 -10.34 -12.29 -25.10
C SER A 122 -11.29 -12.38 -23.90
N ASN A 123 -12.37 -11.59 -23.90
CA ASN A 123 -13.35 -11.56 -22.82
C ASN A 123 -14.70 -11.04 -23.34
N ARG A 124 -15.77 -11.81 -23.13
CA ARG A 124 -17.14 -11.32 -23.33
C ARG A 124 -17.38 -10.14 -22.39
N LYS A 125 -17.79 -9.01 -22.96
CA LYS A 125 -18.14 -7.82 -22.20
C LYS A 125 -19.33 -8.06 -21.26
N ASP A 126 -19.57 -7.11 -20.37
CA ASP A 126 -20.80 -7.03 -19.57
C ASP A 126 -22.04 -6.95 -20.48
N LEU A 127 -23.25 -7.02 -19.91
CA LEU A 127 -24.51 -6.86 -20.64
C LEU A 127 -24.76 -5.46 -21.22
N ILE A 128 -23.84 -4.51 -21.00
CA ILE A 128 -23.90 -3.13 -21.49
C ILE A 128 -24.14 -3.05 -22.99
N LYS A 129 -24.96 -2.07 -23.40
CA LYS A 129 -25.31 -1.86 -24.81
C LYS A 129 -24.18 -1.28 -25.66
N LYS A 130 -23.19 -0.65 -25.03
CA LYS A 130 -22.03 -0.08 -25.74
C LYS A 130 -21.36 -1.17 -26.60
N MET A 1 20.52 -18.98 0.11
CA MET A 1 20.55 -17.64 -0.52
C MET A 1 20.93 -16.63 0.56
N ALA A 2 20.64 -15.34 0.37
CA ALA A 2 20.93 -14.27 1.32
C ALA A 2 19.83 -13.21 1.22
N ALA A 3 19.79 -12.31 2.20
CA ALA A 3 18.89 -11.17 2.29
C ALA A 3 19.64 -9.95 2.83
N LYS A 4 18.98 -8.79 2.84
CA LYS A 4 19.57 -7.48 3.14
C LYS A 4 18.74 -6.72 4.17
N PHE A 5 17.86 -7.42 4.89
CA PHE A 5 16.88 -6.87 5.81
C PHE A 5 16.81 -7.76 7.05
N GLU A 6 16.22 -7.26 8.13
CA GLU A 6 16.07 -7.94 9.42
C GLU A 6 14.67 -7.63 9.96
N VAL A 7 14.09 -8.57 10.71
CA VAL A 7 12.74 -8.48 11.25
C VAL A 7 12.55 -7.21 12.10
N GLY A 8 11.37 -6.60 11.97
CA GLY A 8 10.97 -5.44 12.73
C GLY A 8 11.34 -4.14 12.03
N SER A 9 12.33 -4.14 11.12
CA SER A 9 12.74 -2.97 10.37
C SER A 9 11.61 -2.46 9.48
N VAL A 10 11.73 -1.22 8.97
CA VAL A 10 10.73 -0.59 8.13
C VAL A 10 11.48 0.14 7.04
N TYR A 11 11.09 -0.09 5.79
CA TYR A 11 11.65 0.54 4.61
C TYR A 11 10.53 0.87 3.61
N THR A 12 10.89 1.36 2.43
CA THR A 12 9.97 1.64 1.34
C THR A 12 10.41 0.81 0.13
N GLY A 13 9.45 0.35 -0.66
CA GLY A 13 9.65 -0.50 -1.83
C GLY A 13 8.54 -0.28 -2.85
N LYS A 14 8.55 -1.04 -3.94
CA LYS A 14 7.55 -0.92 -5.00
C LYS A 14 6.88 -2.25 -5.27
N VAL A 15 5.56 -2.23 -5.40
CA VAL A 15 4.75 -3.42 -5.55
C VAL A 15 5.00 -4.00 -6.94
N THR A 16 5.34 -5.28 -6.98
CA THR A 16 5.76 -5.99 -8.18
C THR A 16 4.74 -7.03 -8.62
N GLY A 17 3.74 -7.37 -7.80
CA GLY A 17 2.60 -8.16 -8.25
C GLY A 17 1.61 -8.35 -7.12
N LEU A 18 0.41 -8.81 -7.46
CA LEU A 18 -0.59 -9.29 -6.50
C LEU A 18 -0.90 -10.75 -6.82
N GLN A 19 -1.27 -11.50 -5.77
CA GLN A 19 -1.59 -12.92 -5.78
C GLN A 19 -2.77 -13.08 -4.81
N ALA A 20 -3.51 -14.19 -4.92
CA ALA A 20 -4.62 -14.49 -4.01
C ALA A 20 -4.19 -14.67 -2.54
N TYR A 21 -2.88 -14.69 -2.26
CA TYR A 21 -2.31 -14.85 -0.93
C TYR A 21 -1.43 -13.68 -0.49
N GLY A 22 -1.22 -12.65 -1.33
CA GLY A 22 -0.36 -11.55 -0.93
C GLY A 22 0.10 -10.66 -2.09
N ALA A 23 0.92 -9.66 -1.77
CA ALA A 23 1.45 -8.66 -2.69
C ALA A 23 2.97 -8.71 -2.61
N PHE A 24 3.63 -8.99 -3.73
CA PHE A 24 5.08 -8.87 -3.82
C PHE A 24 5.46 -7.40 -3.82
N VAL A 25 6.51 -7.06 -3.07
CA VAL A 25 7.07 -5.72 -3.01
C VAL A 25 8.58 -5.88 -3.10
N ALA A 26 9.15 -5.45 -4.23
CA ALA A 26 10.59 -5.29 -4.37
C ALA A 26 11.09 -4.19 -3.45
N LEU A 27 12.28 -4.41 -2.89
CA LEU A 27 12.84 -3.62 -1.79
C LEU A 27 14.17 -3.00 -2.21
N ASP A 28 14.90 -3.68 -3.10
CA ASP A 28 16.17 -3.25 -3.66
C ASP A 28 16.30 -3.92 -5.03
N GLU A 29 17.31 -3.52 -5.80
CA GLU A 29 17.63 -4.04 -7.14
C GLU A 29 17.93 -5.54 -7.15
N GLU A 30 18.11 -6.16 -5.98
CA GLU A 30 18.43 -7.57 -5.83
C GLU A 30 17.64 -8.24 -4.68
N THR A 31 16.58 -7.59 -4.17
CA THR A 31 15.84 -8.11 -3.01
C THR A 31 14.35 -7.72 -3.08
N GLN A 32 13.48 -8.64 -2.66
CA GLN A 32 12.03 -8.51 -2.68
C GLN A 32 11.46 -9.29 -1.49
N GLY A 33 10.26 -8.94 -1.04
CA GLY A 33 9.51 -9.71 -0.06
C GLY A 33 8.03 -9.78 -0.42
N LEU A 34 7.25 -10.44 0.43
CA LEU A 34 5.87 -10.80 0.15
C LEU A 34 5.03 -10.36 1.34
N VAL A 35 4.30 -9.26 1.16
CA VAL A 35 3.20 -8.91 2.05
C VAL A 35 2.20 -10.04 1.96
N HIS A 36 1.96 -10.78 3.05
CA HIS A 36 0.88 -11.78 3.08
C HIS A 36 -0.47 -11.03 3.13
N ILE A 37 -1.53 -11.56 2.52
CA ILE A 37 -2.82 -10.88 2.35
C ILE A 37 -3.39 -10.36 3.68
N SER A 38 -3.21 -11.09 4.77
CA SER A 38 -3.67 -10.73 6.12
C SER A 38 -2.97 -9.49 6.70
N GLU A 39 -1.94 -8.98 6.03
CA GLU A 39 -1.09 -7.88 6.47
C GLU A 39 -1.22 -6.67 5.54
N VAL A 40 -2.08 -6.73 4.52
CA VAL A 40 -2.25 -5.65 3.56
C VAL A 40 -3.01 -4.46 4.18
N THR A 41 -4.02 -4.71 5.03
CA THR A 41 -4.79 -3.69 5.74
C THR A 41 -5.40 -4.35 6.97
N HIS A 42 -5.72 -3.59 8.03
CA HIS A 42 -6.36 -4.14 9.24
C HIS A 42 -7.81 -4.58 9.00
N GLY A 43 -8.59 -3.80 8.23
CA GLY A 43 -9.89 -4.22 7.73
C GLY A 43 -9.78 -5.47 6.85
N PHE A 44 -10.86 -6.26 6.78
CA PHE A 44 -10.87 -7.51 6.04
C PHE A 44 -10.56 -7.27 4.56
N VAL A 45 -9.50 -7.90 4.08
CA VAL A 45 -8.99 -7.77 2.72
C VAL A 45 -9.82 -8.69 1.81
N LYS A 46 -11.09 -8.33 1.60
CA LYS A 46 -12.02 -9.11 0.78
C LYS A 46 -11.54 -9.32 -0.67
N ASP A 47 -10.79 -8.36 -1.21
CA ASP A 47 -10.04 -8.52 -2.45
C ASP A 47 -8.78 -7.65 -2.32
N ILE A 48 -7.60 -8.23 -2.56
CA ILE A 48 -6.32 -7.55 -2.37
C ILE A 48 -6.12 -6.35 -3.30
N ASN A 49 -6.63 -6.37 -4.53
CA ASN A 49 -6.54 -5.23 -5.43
C ASN A 49 -7.35 -4.01 -4.98
N GLU A 50 -8.30 -4.17 -4.06
CA GLU A 50 -8.98 -3.05 -3.42
C GLU A 50 -8.16 -2.47 -2.26
N HIS A 51 -7.02 -3.07 -1.91
CA HIS A 51 -6.25 -2.74 -0.70
C HIS A 51 -4.76 -2.49 -0.96
N LEU A 52 -4.26 -2.78 -2.18
CA LEU A 52 -2.96 -2.36 -2.67
C LEU A 52 -2.97 -2.35 -4.20
N SER A 53 -1.89 -1.91 -4.83
CA SER A 53 -1.81 -1.68 -6.27
C SER A 53 -0.41 -2.05 -6.78
N VAL A 54 -0.32 -2.84 -7.85
CA VAL A 54 0.95 -3.09 -8.53
C VAL A 54 1.48 -1.79 -9.13
N GLY A 55 2.81 -1.66 -9.20
CA GLY A 55 3.47 -0.53 -9.82
C GLY A 55 3.28 0.75 -9.01
N ASP A 56 3.12 0.62 -7.70
CA ASP A 56 3.03 1.75 -6.77
C ASP A 56 4.14 1.60 -5.73
N GLU A 57 4.51 2.69 -5.07
CA GLU A 57 5.49 2.73 -4.00
C GLU A 57 4.79 2.70 -2.63
N VAL A 58 5.29 1.87 -1.72
CA VAL A 58 4.64 1.55 -0.46
C VAL A 58 5.69 1.42 0.64
N GLN A 59 5.34 1.87 1.85
CA GLN A 59 6.13 1.55 3.04
C GLN A 59 5.81 0.10 3.45
N VAL A 60 6.81 -0.65 3.91
CA VAL A 60 6.68 -2.04 4.33
C VAL A 60 7.50 -2.26 5.60
N LYS A 61 6.90 -2.92 6.59
CA LYS A 61 7.62 -3.46 7.73
C LYS A 61 8.12 -4.87 7.38
N VAL A 62 9.38 -5.17 7.66
CA VAL A 62 9.91 -6.53 7.61
C VAL A 62 9.24 -7.35 8.72
N LEU A 63 8.50 -8.39 8.33
CA LEU A 63 7.75 -9.23 9.25
C LEU A 63 8.48 -10.55 9.51
N ALA A 64 9.18 -11.09 8.52
CA ALA A 64 10.05 -12.27 8.64
C ALA A 64 11.11 -12.23 7.55
N VAL A 65 12.19 -12.99 7.71
CA VAL A 65 13.16 -13.29 6.66
C VAL A 65 13.70 -14.71 6.91
N ASP A 66 13.95 -15.43 5.82
CA ASP A 66 14.53 -16.77 5.81
C ASP A 66 15.45 -16.87 4.59
N GLU A 67 16.76 -16.82 4.83
CA GLU A 67 17.78 -16.79 3.80
C GLU A 67 18.03 -18.17 3.17
N GLU A 68 17.67 -19.27 3.86
CA GLU A 68 17.74 -20.61 3.30
C GLU A 68 16.60 -20.83 2.30
N LYS A 69 15.39 -20.38 2.61
CA LYS A 69 14.29 -20.29 1.65
C LYS A 69 14.52 -19.19 0.63
N GLY A 70 15.36 -18.20 0.93
CA GLY A 70 15.57 -17.02 0.10
C GLY A 70 14.30 -16.18 0.00
N LYS A 71 13.69 -15.80 1.14
CA LYS A 71 12.39 -15.13 1.20
C LYS A 71 12.40 -14.08 2.31
N ILE A 72 11.47 -13.13 2.19
CA ILE A 72 11.18 -12.11 3.18
C ILE A 72 9.65 -12.01 3.19
N SER A 73 9.05 -11.93 4.37
CA SER A 73 7.63 -11.63 4.54
C SER A 73 7.51 -10.21 5.06
N LEU A 74 6.43 -9.51 4.69
CA LEU A 74 6.29 -8.07 4.91
C LEU A 74 4.90 -7.76 5.47
N SER A 75 4.72 -6.55 5.98
CA SER A 75 3.41 -6.02 6.32
C SER A 75 3.30 -4.61 5.77
N ILE A 76 2.08 -4.25 5.37
CA ILE A 76 1.68 -2.92 4.91
C ILE A 76 0.89 -2.26 6.02
N ARG A 77 -0.06 -2.97 6.64
CA ARG A 77 -0.90 -2.46 7.72
C ARG A 77 -0.08 -1.96 8.91
N ALA A 78 1.12 -2.50 9.12
CA ALA A 78 2.01 -2.07 10.19
C ALA A 78 2.58 -0.66 10.00
N THR A 79 2.43 -0.01 8.83
CA THR A 79 3.15 1.22 8.49
C THR A 79 2.33 2.18 7.60
N GLN A 80 1.36 1.66 6.83
CA GLN A 80 0.36 2.44 6.11
C GLN A 80 -1.00 1.71 6.16
N ALA A 81 -1.94 2.09 5.29
CA ALA A 81 -3.16 1.37 5.03
C ALA A 81 -3.35 1.20 3.51
N ALA A 82 -4.51 0.73 3.08
CA ALA A 82 -4.92 0.74 1.68
C ALA A 82 -4.78 2.15 1.07
N PRO A 83 -4.45 2.26 -0.23
CA PRO A 83 -4.42 3.54 -0.95
C PRO A 83 -5.75 4.29 -0.91
N GLU A 84 -6.88 3.54 -0.97
CA GLU A 84 -8.25 4.08 -1.02
C GLU A 84 -8.47 5.12 -2.14
N LYS A 85 -7.62 5.06 -3.18
CA LYS A 85 -7.80 5.85 -4.39
C LYS A 85 -9.09 5.44 -5.10
N LYS A 86 -9.77 6.40 -5.73
CA LYS A 86 -10.86 6.19 -6.67
C LYS A 86 -10.63 7.07 -7.89
N GLU A 87 -11.58 7.18 -8.80
CA GLU A 87 -11.52 8.15 -9.90
C GLU A 87 -11.40 9.57 -9.32
N SER A 88 -10.48 10.38 -9.85
CA SER A 88 -10.23 11.73 -9.36
C SER A 88 -11.37 12.70 -9.69
N LYS A 89 -12.17 12.40 -10.71
CA LYS A 89 -13.32 13.18 -11.18
C LYS A 89 -14.42 12.20 -11.61
N PRO A 90 -15.68 12.65 -11.73
CA PRO A 90 -16.77 11.81 -12.22
C PRO A 90 -16.52 11.33 -13.65
N ARG A 91 -17.24 10.27 -14.03
CA ARG A 91 -17.13 9.61 -15.34
C ARG A 91 -17.33 10.62 -16.46
N LYS A 92 -16.45 10.54 -17.47
CA LYS A 92 -16.48 11.30 -18.71
C LYS A 92 -15.79 10.43 -19.77
N PRO A 93 -16.17 10.49 -21.07
CA PRO A 93 -15.58 9.65 -22.11
C PRO A 93 -14.06 9.68 -22.16
N LYS A 94 -13.44 10.85 -21.95
CA LYS A 94 -12.02 11.02 -21.71
C LYS A 94 -11.87 12.07 -20.62
N ALA A 95 -10.91 11.87 -19.70
CA ALA A 95 -10.52 12.82 -18.67
C ALA A 95 -9.12 12.47 -18.16
N ALA A 96 -8.49 13.43 -17.47
CA ALA A 96 -7.27 13.27 -16.69
C ALA A 96 -7.32 14.29 -15.55
N GLN A 97 -6.59 14.03 -14.46
CA GLN A 97 -6.54 14.87 -13.26
C GLN A 97 -5.68 16.15 -13.40
N VAL A 98 -5.48 16.63 -14.63
CA VAL A 98 -4.77 17.87 -14.97
C VAL A 98 -5.53 19.16 -14.62
N SER A 99 -6.57 19.04 -13.79
CA SER A 99 -7.43 20.14 -13.34
C SER A 99 -6.63 21.33 -12.81
N GLU A 100 -7.01 22.54 -13.23
CA GLU A 100 -6.33 23.80 -12.84
C GLU A 100 -6.39 24.03 -11.32
N GLU A 101 -7.45 23.53 -10.66
CA GLU A 101 -7.62 23.60 -9.21
C GLU A 101 -6.57 22.78 -8.46
N ALA A 102 -5.95 21.79 -9.13
CA ALA A 102 -4.89 20.92 -8.59
C ALA A 102 -5.26 20.29 -7.23
N SER A 103 -6.55 20.01 -7.02
CA SER A 103 -7.09 19.42 -5.81
C SER A 103 -6.38 18.11 -5.46
N THR A 104 -6.26 17.83 -4.16
CA THR A 104 -5.77 16.53 -3.69
C THR A 104 -6.66 15.38 -4.19
N PRO A 105 -6.10 14.17 -4.43
CA PRO A 105 -6.90 12.98 -4.66
C PRO A 105 -7.57 12.55 -3.35
N GLN A 106 -8.52 11.63 -3.44
CA GLN A 106 -9.01 10.90 -2.28
C GLN A 106 -7.99 9.82 -1.83
N GLY A 107 -8.11 9.38 -0.58
CA GLY A 107 -7.43 8.20 -0.06
C GLY A 107 -6.07 8.55 0.54
N PHE A 108 -5.32 9.46 -0.08
CA PHE A 108 -4.05 9.96 0.43
C PHE A 108 -3.84 11.43 0.07
N ASN A 109 -2.98 12.11 0.82
CA ASN A 109 -2.66 13.52 0.63
C ASN A 109 -1.54 13.69 -0.40
N THR A 110 -1.56 14.81 -1.14
CA THR A 110 -0.49 15.26 -2.03
C THR A 110 -0.11 16.73 -1.81
N LEU A 111 -0.89 17.50 -1.03
CA LEU A 111 -0.49 18.80 -0.50
C LEU A 111 0.72 18.65 0.42
N LYS A 112 1.64 19.63 0.42
CA LYS A 112 2.79 19.64 1.32
C LYS A 112 2.33 19.72 2.78
N ASP A 113 1.45 20.68 3.09
CA ASP A 113 0.74 20.75 4.37
C ASP A 113 -0.26 19.59 4.52
N LYS A 114 -0.62 19.26 5.76
CA LYS A 114 -1.64 18.27 6.06
C LYS A 114 -3.00 18.70 5.47
N LEU A 115 -3.51 17.91 4.53
CA LEU A 115 -4.89 18.01 4.09
C LEU A 115 -5.84 17.76 5.27
N GLU A 116 -7.03 18.36 5.19
CA GLU A 116 -8.18 18.06 6.02
C GLU A 116 -9.40 17.99 5.10
N GLU A 117 -10.41 17.19 5.46
CA GLU A 117 -11.66 17.00 4.72
C GLU A 117 -12.58 18.23 4.79
N TRP A 118 -12.08 19.37 5.27
CA TRP A 118 -12.83 20.57 5.62
C TRP A 118 -12.15 21.83 5.08
N ILE A 119 -11.23 21.68 4.12
CA ILE A 119 -10.68 22.77 3.32
C ILE A 119 -10.91 22.49 1.84
N GLU A 120 -10.97 23.54 1.02
CA GLU A 120 -11.40 23.48 -0.38
C GLU A 120 -10.51 22.56 -1.23
N MET A 121 -9.24 22.39 -0.82
CA MET A 121 -8.29 21.50 -1.48
C MET A 121 -8.84 20.07 -1.61
N SER A 122 -9.61 19.59 -0.62
CA SER A 122 -10.21 18.26 -0.64
C SER A 122 -11.16 18.03 -1.82
N ASN A 123 -11.77 19.11 -2.33
CA ASN A 123 -12.88 19.09 -3.30
C ASN A 123 -14.00 18.08 -2.93
N ARG A 124 -14.19 17.87 -1.62
CA ARG A 124 -15.29 17.06 -1.10
C ARG A 124 -16.64 17.67 -1.49
N LYS A 125 -17.66 16.81 -1.60
CA LYS A 125 -19.03 17.23 -1.94
C LYS A 125 -19.57 18.26 -0.95
N ASP A 126 -20.53 19.05 -1.42
CA ASP A 126 -21.27 20.04 -0.62
C ASP A 126 -22.04 19.40 0.55
N LEU A 127 -22.43 18.13 0.40
CA LEU A 127 -22.90 17.29 1.50
C LEU A 127 -21.75 16.93 2.46
N ILE A 128 -21.21 17.91 3.18
CA ILE A 128 -20.14 17.76 4.18
C ILE A 128 -20.48 16.79 5.33
N LYS A 129 -21.76 16.41 5.50
CA LYS A 129 -22.12 15.28 6.35
C LYS A 129 -21.37 13.99 5.99
N LYS A 130 -21.10 13.71 4.71
CA LYS A 130 -20.39 12.53 4.27
C LYS A 130 -19.62 12.88 3.00
N MET A 1 25.22 -5.89 -4.09
CA MET A 1 25.19 -5.85 -2.63
C MET A 1 23.96 -5.07 -2.19
N ALA A 2 23.29 -5.53 -1.13
CA ALA A 2 22.13 -4.89 -0.52
C ALA A 2 22.17 -5.11 1.00
N ALA A 3 21.35 -4.36 1.74
CA ALA A 3 21.16 -4.55 3.17
C ALA A 3 20.65 -5.96 3.49
N LYS A 4 20.96 -6.46 4.70
CA LYS A 4 20.47 -7.75 5.18
C LYS A 4 18.97 -7.73 5.49
N PHE A 5 18.45 -6.59 5.94
CA PHE A 5 17.15 -6.43 6.59
C PHE A 5 17.02 -7.32 7.84
N GLU A 6 16.05 -7.00 8.70
CA GLU A 6 15.79 -7.75 9.93
C GLU A 6 14.35 -7.48 10.35
N VAL A 7 13.72 -8.44 11.01
CA VAL A 7 12.34 -8.36 11.50
C VAL A 7 12.10 -7.08 12.32
N GLY A 8 10.98 -6.44 12.06
CA GLY A 8 10.59 -5.21 12.73
C GLY A 8 11.22 -3.94 12.16
N SER A 9 12.19 -4.05 11.25
CA SER A 9 12.66 -2.90 10.48
C SER A 9 11.56 -2.39 9.55
N VAL A 10 11.70 -1.17 9.05
CA VAL A 10 10.74 -0.52 8.17
C VAL A 10 11.54 0.19 7.08
N TYR A 11 11.17 -0.07 5.83
CA TYR A 11 11.79 0.52 4.65
C TYR A 11 10.70 0.83 3.62
N THR A 12 11.07 1.28 2.43
CA THR A 12 10.16 1.53 1.32
C THR A 12 10.57 0.66 0.14
N GLY A 13 9.59 0.23 -0.65
CA GLY A 13 9.78 -0.59 -1.83
C GLY A 13 8.65 -0.34 -2.83
N LYS A 14 8.66 -1.06 -3.96
CA LYS A 14 7.62 -0.95 -4.99
C LYS A 14 6.95 -2.29 -5.22
N VAL A 15 5.63 -2.27 -5.33
CA VAL A 15 4.82 -3.45 -5.50
C VAL A 15 5.07 -4.01 -6.90
N THR A 16 5.43 -5.27 -6.97
CA THR A 16 5.90 -5.95 -8.18
C THR A 16 4.91 -7.01 -8.66
N GLY A 17 3.88 -7.34 -7.87
CA GLY A 17 2.78 -8.16 -8.33
C GLY A 17 1.72 -8.28 -7.25
N LEU A 18 0.55 -8.82 -7.63
CA LEU A 18 -0.51 -9.21 -6.73
C LEU A 18 -0.81 -10.70 -6.96
N GLN A 19 -1.44 -11.33 -5.96
CA GLN A 19 -1.94 -12.69 -5.99
C GLN A 19 -3.18 -12.72 -5.09
N ALA A 20 -4.04 -13.72 -5.28
CA ALA A 20 -5.24 -13.92 -4.44
C ALA A 20 -4.95 -14.13 -2.95
N TYR A 21 -3.68 -14.23 -2.52
CA TYR A 21 -3.27 -14.42 -1.13
C TYR A 21 -2.16 -13.46 -0.66
N GLY A 22 -1.73 -12.49 -1.48
CA GLY A 22 -0.73 -11.52 -1.06
C GLY A 22 -0.15 -10.73 -2.23
N ALA A 23 0.74 -9.79 -1.94
CA ALA A 23 1.37 -8.93 -2.94
C ALA A 23 2.88 -8.99 -2.80
N PHE A 24 3.59 -8.99 -3.93
CA PHE A 24 5.04 -8.91 -3.94
C PHE A 24 5.45 -7.45 -3.88
N VAL A 25 6.50 -7.13 -3.11
CA VAL A 25 7.08 -5.81 -3.03
C VAL A 25 8.60 -6.01 -3.10
N ALA A 26 9.22 -5.43 -4.13
CA ALA A 26 10.66 -5.37 -4.26
C ALA A 26 11.22 -4.20 -3.44
N LEU A 27 12.44 -4.37 -2.95
CA LEU A 27 13.14 -3.46 -2.05
C LEU A 27 14.45 -2.96 -2.70
N ASP A 28 15.06 -3.78 -3.54
CA ASP A 28 16.31 -3.55 -4.25
C ASP A 28 16.32 -4.46 -5.47
N GLU A 29 17.18 -4.20 -6.45
CA GLU A 29 17.44 -5.07 -7.59
C GLU A 29 17.76 -6.54 -7.19
N GLU A 30 18.19 -6.78 -5.95
CA GLU A 30 18.60 -8.09 -5.46
C GLU A 30 17.78 -8.51 -4.21
N THR A 31 16.77 -7.73 -3.78
CA THR A 31 16.02 -8.02 -2.57
C THR A 31 14.54 -7.70 -2.79
N GLN A 32 13.66 -8.64 -2.44
CA GLN A 32 12.22 -8.60 -2.71
C GLN A 32 11.53 -9.55 -1.73
N GLY A 33 10.27 -9.25 -1.39
CA GLY A 33 9.50 -10.01 -0.41
C GLY A 33 8.01 -10.00 -0.72
N LEU A 34 7.22 -10.55 0.19
CA LEU A 34 5.81 -10.87 0.01
C LEU A 34 5.06 -10.41 1.26
N VAL A 35 4.00 -9.62 1.11
CA VAL A 35 3.03 -9.35 2.16
C VAL A 35 1.81 -10.24 1.92
N HIS A 36 1.42 -11.01 2.93
CA HIS A 36 0.23 -11.84 2.85
C HIS A 36 -1.00 -10.92 2.89
N ILE A 37 -2.10 -11.36 2.26
CA ILE A 37 -3.35 -10.60 2.17
C ILE A 37 -3.87 -10.13 3.54
N SER A 38 -3.71 -10.93 4.59
CA SER A 38 -4.09 -10.56 5.96
C SER A 38 -3.26 -9.39 6.53
N GLU A 39 -2.07 -9.17 6.00
CA GLU A 39 -1.15 -8.12 6.44
C GLU A 39 -1.22 -6.89 5.54
N VAL A 40 -2.11 -6.86 4.53
CA VAL A 40 -2.32 -5.71 3.67
C VAL A 40 -3.03 -4.57 4.40
N THR A 41 -3.92 -4.87 5.37
CA THR A 41 -4.72 -3.88 6.08
C THR A 41 -5.12 -4.45 7.45
N HIS A 42 -5.37 -3.57 8.43
CA HIS A 42 -5.77 -3.89 9.80
C HIS A 42 -7.27 -4.28 9.91
N GLY A 43 -7.79 -4.98 8.90
CA GLY A 43 -9.19 -5.38 8.78
C GLY A 43 -9.33 -6.38 7.64
N PHE A 44 -10.56 -6.77 7.34
CA PHE A 44 -10.82 -7.70 6.23
C PHE A 44 -10.39 -7.06 4.90
N VAL A 45 -9.95 -7.93 3.98
CA VAL A 45 -9.45 -7.58 2.65
C VAL A 45 -10.20 -8.49 1.69
N LYS A 46 -11.45 -8.14 1.39
CA LYS A 46 -12.30 -8.93 0.49
C LYS A 46 -11.69 -9.14 -0.90
N ASP A 47 -10.90 -8.18 -1.37
CA ASP A 47 -10.03 -8.37 -2.53
C ASP A 47 -8.79 -7.49 -2.35
N ILE A 48 -7.61 -8.02 -2.65
CA ILE A 48 -6.35 -7.29 -2.49
C ILE A 48 -6.26 -6.06 -3.39
N ASN A 49 -6.80 -6.06 -4.61
CA ASN A 49 -6.68 -4.90 -5.50
C ASN A 49 -7.47 -3.67 -5.02
N GLU A 50 -8.41 -3.86 -4.08
CA GLU A 50 -9.08 -2.75 -3.43
C GLU A 50 -8.23 -2.10 -2.32
N HIS A 51 -7.13 -2.74 -1.90
CA HIS A 51 -6.37 -2.40 -0.70
C HIS A 51 -4.86 -2.22 -0.96
N LEU A 52 -4.35 -2.71 -2.09
CA LEU A 52 -3.01 -2.44 -2.60
C LEU A 52 -3.05 -2.40 -4.13
N SER A 53 -1.92 -2.07 -4.76
CA SER A 53 -1.82 -1.81 -6.20
C SER A 53 -0.42 -2.19 -6.64
N VAL A 54 -0.30 -3.06 -7.67
CA VAL A 54 0.96 -3.26 -8.38
C VAL A 54 1.42 -1.95 -9.04
N GLY A 55 2.75 -1.79 -9.14
CA GLY A 55 3.36 -0.63 -9.78
C GLY A 55 3.18 0.63 -8.95
N ASP A 56 3.14 0.52 -7.62
CA ASP A 56 3.08 1.65 -6.70
C ASP A 56 4.19 1.52 -5.67
N GLU A 57 4.54 2.60 -4.99
CA GLU A 57 5.58 2.65 -3.97
C GLU A 57 4.93 2.70 -2.58
N VAL A 58 5.43 1.89 -1.64
CA VAL A 58 4.80 1.67 -0.34
C VAL A 58 5.88 1.47 0.72
N GLN A 59 5.66 2.02 1.91
CA GLN A 59 6.42 1.64 3.09
C GLN A 59 6.01 0.21 3.49
N VAL A 60 6.97 -0.60 3.90
CA VAL A 60 6.79 -1.99 4.32
C VAL A 60 7.54 -2.22 5.63
N LYS A 61 6.89 -2.87 6.60
CA LYS A 61 7.58 -3.41 7.77
C LYS A 61 8.05 -4.82 7.42
N VAL A 62 9.31 -5.13 7.69
CA VAL A 62 9.84 -6.49 7.61
C VAL A 62 9.12 -7.37 8.65
N LEU A 63 8.37 -8.35 8.16
CA LEU A 63 7.60 -9.28 8.97
C LEU A 63 8.41 -10.52 9.32
N ALA A 64 9.21 -11.04 8.38
CA ALA A 64 10.07 -12.21 8.56
C ALA A 64 11.23 -12.12 7.59
N VAL A 65 12.32 -12.82 7.88
CA VAL A 65 13.46 -13.01 6.98
C VAL A 65 13.87 -14.48 7.11
N ASP A 66 14.19 -15.14 5.99
CA ASP A 66 14.67 -16.51 5.95
C ASP A 66 15.69 -16.64 4.82
N GLU A 67 16.97 -16.52 5.17
CA GLU A 67 18.07 -16.54 4.23
C GLU A 67 18.36 -17.95 3.69
N GLU A 68 17.83 -19.01 4.31
CA GLU A 68 17.97 -20.36 3.77
C GLU A 68 17.02 -20.55 2.59
N LYS A 69 15.76 -20.11 2.73
CA LYS A 69 14.82 -19.99 1.63
C LYS A 69 15.23 -18.90 0.64
N GLY A 70 15.98 -17.89 1.10
CA GLY A 70 16.27 -16.68 0.33
C GLY A 70 15.01 -15.82 0.16
N LYS A 71 14.25 -15.62 1.24
CA LYS A 71 12.96 -14.93 1.22
C LYS A 71 12.87 -13.91 2.36
N ILE A 72 11.96 -12.96 2.18
CA ILE A 72 11.56 -11.97 3.17
C ILE A 72 10.03 -11.91 3.09
N SER A 73 9.38 -11.82 4.26
CA SER A 73 7.97 -11.49 4.34
C SER A 73 7.81 -10.07 4.87
N LEU A 74 6.74 -9.40 4.50
CA LEU A 74 6.54 -7.96 4.67
C LEU A 74 5.13 -7.74 5.20
N SER A 75 4.81 -6.52 5.65
CA SER A 75 3.48 -6.16 6.08
C SER A 75 3.20 -4.70 5.74
N ILE A 76 1.91 -4.35 5.58
CA ILE A 76 1.42 -3.04 5.19
C ILE A 76 0.42 -2.52 6.22
N ARG A 77 -0.31 -3.38 6.95
CA ARG A 77 -1.11 -2.92 8.09
C ARG A 77 -0.26 -2.22 9.16
N ALA A 78 1.04 -2.50 9.19
CA ALA A 78 2.01 -1.83 10.02
C ALA A 78 2.40 -0.43 9.55
N THR A 79 2.16 -0.07 8.29
CA THR A 79 2.73 1.13 7.67
C THR A 79 1.63 2.06 7.09
N GLN A 80 0.46 1.51 6.77
CA GLN A 80 -0.67 2.20 6.20
C GLN A 80 -1.95 1.75 6.92
N ALA A 81 -3.09 2.36 6.57
CA ALA A 81 -4.37 2.18 7.24
C ALA A 81 -5.50 1.94 6.23
N ALA A 82 -6.60 1.36 6.72
CA ALA A 82 -7.82 1.18 5.93
C ALA A 82 -8.37 2.52 5.40
N PRO A 83 -9.05 2.52 4.24
CA PRO A 83 -9.74 3.71 3.75
C PRO A 83 -10.92 4.06 4.66
N GLU A 84 -11.41 5.29 4.55
CA GLU A 84 -12.50 5.82 5.39
C GLU A 84 -13.85 5.15 5.08
N LYS A 85 -14.00 4.57 3.90
CA LYS A 85 -15.21 3.89 3.44
C LYS A 85 -14.79 2.80 2.45
N LYS A 86 -15.62 1.77 2.28
CA LYS A 86 -15.51 0.77 1.24
C LYS A 86 -16.89 0.62 0.59
N GLU A 87 -16.96 -0.14 -0.51
CA GLU A 87 -18.20 -0.43 -1.21
C GLU A 87 -18.21 -1.92 -1.56
N SER A 88 -19.40 -2.49 -1.78
CA SER A 88 -19.57 -3.92 -2.02
C SER A 88 -18.81 -4.37 -3.27
N LYS A 89 -19.09 -3.70 -4.39
CA LYS A 89 -18.36 -3.83 -5.64
C LYS A 89 -17.03 -3.06 -5.56
N PRO A 90 -15.93 -3.54 -6.18
CA PRO A 90 -14.71 -2.76 -6.34
C PRO A 90 -14.97 -1.37 -6.94
N ARG A 91 -14.08 -0.43 -6.64
CA ARG A 91 -14.27 0.99 -7.00
C ARG A 91 -14.01 1.28 -8.48
N LYS A 92 -13.38 0.38 -9.23
CA LYS A 92 -13.19 0.54 -10.67
C LYS A 92 -14.56 0.65 -11.36
N PRO A 93 -14.68 1.43 -12.46
CA PRO A 93 -15.99 1.77 -13.05
C PRO A 93 -16.77 0.56 -13.57
N LYS A 94 -16.09 -0.55 -13.92
CA LYS A 94 -16.72 -1.79 -14.37
C LYS A 94 -16.14 -3.03 -13.68
N ALA A 95 -15.49 -2.84 -12.53
CA ALA A 95 -14.86 -3.89 -11.73
C ALA A 95 -13.93 -4.82 -12.54
N ALA A 96 -13.34 -4.34 -13.64
CA ALA A 96 -12.38 -5.10 -14.46
C ALA A 96 -10.99 -5.11 -13.81
N GLN A 97 -10.93 -5.58 -12.56
CA GLN A 97 -9.70 -5.73 -11.79
C GLN A 97 -8.71 -6.72 -12.44
N VAL A 98 -7.51 -6.77 -11.85
CA VAL A 98 -6.50 -7.79 -12.07
C VAL A 98 -6.14 -8.40 -10.70
N SER A 99 -5.76 -9.66 -10.68
CA SER A 99 -5.56 -10.42 -9.43
C SER A 99 -4.23 -11.16 -9.41
N GLU A 100 -3.70 -11.47 -10.59
CA GLU A 100 -2.33 -11.94 -10.85
C GLU A 100 -1.92 -11.28 -12.17
N GLU A 101 -2.81 -11.43 -13.14
CA GLU A 101 -2.93 -10.73 -14.41
C GLU A 101 -4.44 -10.44 -14.54
N ALA A 102 -4.99 -10.36 -15.76
CA ALA A 102 -6.44 -10.41 -16.01
C ALA A 102 -7.03 -11.82 -15.76
N SER A 103 -6.53 -12.53 -14.75
CA SER A 103 -7.03 -13.81 -14.27
C SER A 103 -8.51 -13.72 -13.91
N THR A 104 -8.89 -12.73 -13.12
CA THR A 104 -10.28 -12.34 -12.93
C THR A 104 -10.80 -11.62 -14.20
N PRO A 105 -11.94 -12.01 -14.77
CA PRO A 105 -12.57 -11.22 -15.83
C PRO A 105 -13.15 -9.92 -15.25
N GLN A 106 -13.79 -10.02 -14.09
CA GLN A 106 -14.24 -8.93 -13.26
C GLN A 106 -14.10 -9.38 -11.79
N GLY A 107 -14.25 -8.44 -10.85
CA GLY A 107 -14.27 -8.70 -9.43
C GLY A 107 -15.58 -9.35 -8.97
N PHE A 108 -15.71 -9.56 -7.66
CA PHE A 108 -16.85 -10.18 -6.99
C PHE A 108 -17.03 -9.52 -5.61
N ASN A 109 -18.07 -9.91 -4.86
CA ASN A 109 -18.39 -9.35 -3.56
C ASN A 109 -18.62 -10.47 -2.55
N THR A 110 -17.93 -10.42 -1.42
CA THR A 110 -18.06 -11.37 -0.32
C THR A 110 -19.35 -11.14 0.48
N LEU A 111 -19.63 -9.88 0.83
CA LEU A 111 -20.78 -9.44 1.62
C LEU A 111 -21.03 -7.97 1.32
N LYS A 112 -22.29 -7.54 1.29
CA LYS A 112 -22.68 -6.15 1.07
C LYS A 112 -22.05 -5.27 2.15
N ASP A 113 -21.53 -4.10 1.77
CA ASP A 113 -20.82 -3.18 2.69
C ASP A 113 -21.74 -2.67 3.82
N LYS A 114 -23.02 -2.49 3.53
CA LYS A 114 -24.05 -2.14 4.51
C LYS A 114 -25.31 -2.89 4.10
N LEU A 115 -25.91 -3.65 5.01
CA LEU A 115 -27.13 -4.40 4.74
C LEU A 115 -28.28 -3.44 4.38
N GLU A 116 -28.90 -3.69 3.23
CA GLU A 116 -30.14 -3.08 2.77
C GLU A 116 -30.89 -4.15 1.96
N GLU A 117 -32.14 -3.88 1.58
CA GLU A 117 -33.01 -4.86 0.89
C GLU A 117 -33.56 -4.30 -0.43
N TRP A 118 -33.39 -3.00 -0.69
CA TRP A 118 -33.74 -2.39 -1.97
C TRP A 118 -32.82 -2.86 -3.11
N ILE A 119 -33.21 -2.54 -4.36
CA ILE A 119 -32.46 -2.85 -5.57
C ILE A 119 -31.10 -2.14 -5.62
N GLU A 120 -30.97 -0.97 -4.96
CA GLU A 120 -29.73 -0.19 -4.76
C GLU A 120 -29.22 0.48 -6.04
N MET A 121 -29.37 -0.18 -7.19
CA MET A 121 -29.08 0.33 -8.52
C MET A 121 -30.03 -0.39 -9.47
N SER A 122 -30.46 0.30 -10.53
CA SER A 122 -31.48 -0.17 -11.48
C SER A 122 -31.11 -1.48 -12.19
N ASN A 123 -29.83 -1.86 -12.20
CA ASN A 123 -29.32 -3.08 -12.83
C ASN A 123 -28.27 -3.77 -11.95
N ARG A 124 -28.39 -3.68 -10.61
CA ARG A 124 -27.59 -4.52 -9.71
C ARG A 124 -27.80 -6.00 -10.09
N LYS A 125 -26.75 -6.81 -10.03
CA LYS A 125 -26.86 -8.27 -10.13
C LYS A 125 -27.87 -8.78 -9.09
N ASP A 126 -28.69 -9.75 -9.48
CA ASP A 126 -29.59 -10.50 -8.58
C ASP A 126 -28.81 -11.59 -7.81
N LEU A 127 -27.69 -11.18 -7.21
CA LEU A 127 -26.85 -12.06 -6.42
C LEU A 127 -27.64 -12.65 -5.23
N ILE A 128 -27.44 -13.95 -4.99
CA ILE A 128 -28.07 -14.73 -3.92
C ILE A 128 -27.01 -15.66 -3.31
N LYS A 129 -27.37 -16.33 -2.22
CA LYS A 129 -26.54 -17.37 -1.59
C LYS A 129 -26.51 -18.64 -2.45
N LYS A 130 -25.78 -18.57 -3.57
CA LYS A 130 -25.50 -19.71 -4.43
C LYS A 130 -24.93 -20.84 -3.60
N MET A 1 22.79 -11.47 8.17
CA MET A 1 22.29 -10.25 7.53
C MET A 1 22.98 -10.05 6.19
N ALA A 2 22.49 -10.72 5.15
CA ALA A 2 22.94 -10.54 3.77
C ALA A 2 22.57 -9.16 3.20
N ALA A 3 21.61 -8.47 3.83
CA ALA A 3 21.17 -7.13 3.51
C ALA A 3 20.83 -6.39 4.81
N LYS A 4 20.55 -5.09 4.70
CA LYS A 4 20.26 -4.20 5.85
C LYS A 4 19.02 -4.58 6.63
N PHE A 5 18.08 -5.27 5.99
CA PHE A 5 16.78 -5.61 6.56
C PHE A 5 16.96 -6.59 7.72
N GLU A 6 16.15 -6.38 8.75
CA GLU A 6 15.96 -7.28 9.89
C GLU A 6 14.52 -7.11 10.37
N VAL A 7 13.98 -8.13 11.02
CA VAL A 7 12.62 -8.16 11.55
C VAL A 7 12.28 -6.91 12.33
N GLY A 8 11.12 -6.35 12.04
CA GLY A 8 10.57 -5.17 12.69
C GLY A 8 10.98 -3.86 12.02
N SER A 9 11.99 -3.85 11.15
CA SER A 9 12.42 -2.65 10.43
C SER A 9 11.32 -2.16 9.49
N VAL A 10 11.45 -0.94 8.99
CA VAL A 10 10.46 -0.31 8.12
C VAL A 10 11.24 0.43 7.04
N TYR A 11 10.94 0.16 5.78
CA TYR A 11 11.59 0.74 4.61
C TYR A 11 10.56 0.92 3.49
N THR A 12 10.98 1.36 2.32
CA THR A 12 10.09 1.64 1.18
C THR A 12 10.53 0.79 -0.02
N GLY A 13 9.56 0.39 -0.84
CA GLY A 13 9.73 -0.51 -1.97
C GLY A 13 8.61 -0.30 -2.99
N LYS A 14 8.59 -1.08 -4.07
CA LYS A 14 7.61 -0.93 -5.15
C LYS A 14 6.91 -2.25 -5.41
N VAL A 15 5.61 -2.22 -5.54
CA VAL A 15 4.77 -3.41 -5.66
C VAL A 15 5.00 -4.00 -7.05
N THR A 16 5.38 -5.27 -7.08
CA THR A 16 5.78 -5.99 -8.30
C THR A 16 4.72 -7.00 -8.75
N GLY A 17 3.74 -7.33 -7.91
CA GLY A 17 2.57 -8.11 -8.31
C GLY A 17 1.57 -8.20 -7.18
N LEU A 18 0.35 -8.60 -7.51
CA LEU A 18 -0.74 -8.83 -6.56
C LEU A 18 -1.36 -10.20 -6.86
N GLN A 19 -1.88 -10.86 -5.83
CA GLN A 19 -2.34 -12.24 -5.87
C GLN A 19 -3.39 -12.40 -4.77
N ALA A 20 -4.27 -13.39 -4.88
CA ALA A 20 -5.26 -13.72 -3.85
C ALA A 20 -4.64 -14.02 -2.47
N TYR A 21 -3.34 -14.34 -2.42
CA TYR A 21 -2.64 -14.71 -1.20
C TYR A 21 -1.69 -13.62 -0.70
N GLY A 22 -1.39 -12.59 -1.50
CA GLY A 22 -0.45 -11.56 -1.09
C GLY A 22 0.15 -10.77 -2.26
N ALA A 23 0.93 -9.74 -1.92
CA ALA A 23 1.51 -8.76 -2.84
C ALA A 23 3.02 -8.89 -2.82
N PHE A 24 3.66 -9.03 -3.98
CA PHE A 24 5.11 -8.96 -4.07
C PHE A 24 5.53 -7.50 -4.03
N VAL A 25 6.66 -7.19 -3.37
CA VAL A 25 7.19 -5.84 -3.27
C VAL A 25 8.70 -5.93 -3.41
N ALA A 26 9.23 -5.27 -4.43
CA ALA A 26 10.65 -5.04 -4.64
C ALA A 26 11.26 -4.24 -3.49
N LEU A 27 12.51 -4.56 -3.18
CA LEU A 27 13.38 -3.82 -2.27
C LEU A 27 14.75 -3.72 -2.94
N ASP A 28 15.21 -4.85 -3.44
CA ASP A 28 16.35 -5.07 -4.33
C ASP A 28 16.07 -6.41 -5.02
N GLU A 29 16.60 -6.63 -6.22
CA GLU A 29 16.28 -7.78 -7.08
C GLU A 29 16.63 -9.16 -6.52
N GLU A 30 17.35 -9.24 -5.41
CA GLU A 30 17.66 -10.47 -4.69
C GLU A 30 17.16 -10.41 -3.23
N THR A 31 16.35 -9.40 -2.90
CA THR A 31 15.96 -9.06 -1.52
C THR A 31 14.47 -8.72 -1.42
N GLN A 32 13.73 -8.70 -2.55
CA GLN A 32 12.28 -8.49 -2.57
C GLN A 32 11.54 -9.44 -1.62
N GLY A 33 10.31 -9.07 -1.29
CA GLY A 33 9.52 -9.80 -0.30
C GLY A 33 8.05 -9.91 -0.68
N LEU A 34 7.28 -10.49 0.22
CA LEU A 34 5.88 -10.86 0.01
C LEU A 34 5.09 -10.40 1.23
N VAL A 35 4.16 -9.47 1.02
CA VAL A 35 3.13 -9.13 2.00
C VAL A 35 2.08 -10.22 1.86
N HIS A 36 1.79 -11.02 2.89
CA HIS A 36 0.65 -11.93 2.87
C HIS A 36 -0.63 -11.10 2.99
N ILE A 37 -1.72 -11.53 2.36
CA ILE A 37 -2.99 -10.78 2.34
C ILE A 37 -3.50 -10.44 3.74
N SER A 38 -3.35 -11.33 4.71
CA SER A 38 -3.74 -11.09 6.12
C SER A 38 -2.83 -10.06 6.82
N GLU A 39 -1.82 -9.54 6.12
CA GLU A 39 -0.88 -8.54 6.57
C GLU A 39 -0.97 -7.29 5.69
N VAL A 40 -1.86 -7.25 4.68
CA VAL A 40 -2.18 -6.04 3.92
C VAL A 40 -3.10 -5.11 4.71
N THR A 41 -4.01 -5.71 5.47
CA THR A 41 -4.91 -5.08 6.44
C THR A 41 -5.25 -6.19 7.44
N HIS A 42 -5.70 -5.84 8.65
CA HIS A 42 -5.88 -6.78 9.77
C HIS A 42 -6.88 -7.93 9.50
N GLY A 43 -7.73 -7.81 8.49
CA GLY A 43 -8.58 -8.91 8.03
C GLY A 43 -9.66 -8.44 7.06
N PHE A 44 -10.14 -7.21 7.23
CA PHE A 44 -11.19 -6.58 6.42
C PHE A 44 -10.70 -6.11 5.04
N VAL A 45 -9.77 -6.83 4.42
CA VAL A 45 -9.42 -6.64 3.01
C VAL A 45 -10.68 -6.83 2.17
N LYS A 46 -11.18 -5.76 1.54
CA LYS A 46 -12.25 -5.83 0.55
C LYS A 46 -11.79 -6.70 -0.62
N ASP A 47 -10.64 -6.35 -1.18
CA ASP A 47 -9.86 -7.14 -2.12
C ASP A 47 -8.45 -6.56 -2.06
N ILE A 48 -7.41 -7.38 -2.19
CA ILE A 48 -6.02 -6.89 -2.19
C ILE A 48 -5.80 -5.82 -3.25
N ASN A 49 -6.48 -5.90 -4.39
CA ASN A 49 -6.39 -4.93 -5.48
C ASN A 49 -7.07 -3.60 -5.16
N GLU A 50 -7.81 -3.49 -4.05
CA GLU A 50 -8.31 -2.23 -3.53
C GLU A 50 -7.40 -1.71 -2.41
N HIS A 51 -6.84 -2.59 -1.59
CA HIS A 51 -6.00 -2.22 -0.45
C HIS A 51 -4.54 -1.94 -0.84
N LEU A 52 -4.14 -2.34 -2.04
CA LEU A 52 -2.83 -2.12 -2.65
C LEU A 52 -3.02 -1.96 -4.17
N SER A 53 -1.94 -1.57 -4.86
CA SER A 53 -1.89 -1.44 -6.31
C SER A 53 -0.52 -1.92 -6.79
N VAL A 54 -0.47 -2.74 -7.83
CA VAL A 54 0.79 -3.06 -8.53
C VAL A 54 1.35 -1.81 -9.19
N GLY A 55 2.68 -1.76 -9.30
CA GLY A 55 3.38 -0.65 -9.93
C GLY A 55 3.22 0.64 -9.15
N ASP A 56 3.12 0.55 -7.82
CA ASP A 56 3.05 1.70 -6.92
C ASP A 56 4.17 1.58 -5.89
N GLU A 57 4.52 2.67 -5.22
CA GLU A 57 5.56 2.72 -4.20
C GLU A 57 4.89 2.76 -2.82
N VAL A 58 5.38 1.93 -1.90
CA VAL A 58 4.75 1.68 -0.61
C VAL A 58 5.83 1.52 0.46
N GLN A 59 5.55 2.04 1.66
CA GLN A 59 6.35 1.74 2.84
C GLN A 59 5.90 0.37 3.35
N VAL A 60 6.82 -0.50 3.72
CA VAL A 60 6.58 -1.84 4.22
C VAL A 60 7.29 -2.03 5.56
N LYS A 61 6.72 -2.83 6.45
CA LYS A 61 7.41 -3.29 7.66
C LYS A 61 7.92 -4.70 7.39
N VAL A 62 9.18 -4.96 7.69
CA VAL A 62 9.76 -6.30 7.68
C VAL A 62 9.05 -7.13 8.76
N LEU A 63 8.36 -8.19 8.35
CA LEU A 63 7.60 -9.06 9.23
C LEU A 63 8.39 -10.31 9.59
N ALA A 64 9.19 -10.84 8.66
CA ALA A 64 10.11 -11.96 8.87
C ALA A 64 11.19 -11.92 7.80
N VAL A 65 12.28 -12.64 8.00
CA VAL A 65 13.37 -12.79 7.03
C VAL A 65 13.72 -14.28 6.99
N ASP A 66 14.02 -14.79 5.80
CA ASP A 66 14.48 -16.15 5.56
C ASP A 66 15.66 -16.07 4.59
N GLU A 67 16.83 -15.79 5.16
CA GLU A 67 18.07 -15.57 4.41
C GLU A 67 18.52 -16.82 3.65
N GLU A 68 18.18 -18.02 4.15
CA GLU A 68 18.48 -19.26 3.45
C GLU A 68 17.65 -19.37 2.17
N LYS A 69 16.37 -19.00 2.21
CA LYS A 69 15.52 -18.89 1.02
C LYS A 69 15.89 -17.66 0.18
N GLY A 70 16.48 -16.63 0.79
CA GLY A 70 16.65 -15.33 0.16
C GLY A 70 15.32 -14.61 -0.01
N LYS A 71 14.46 -14.64 1.01
CA LYS A 71 13.12 -14.04 1.00
C LYS A 71 12.89 -13.24 2.28
N ILE A 72 11.88 -12.37 2.22
CA ILE A 72 11.46 -11.50 3.31
C ILE A 72 9.93 -11.53 3.30
N SER A 73 9.30 -11.76 4.45
CA SER A 73 7.87 -11.56 4.62
C SER A 73 7.66 -10.12 5.08
N LEU A 74 6.59 -9.49 4.62
CA LEU A 74 6.36 -8.06 4.78
C LEU A 74 4.95 -7.84 5.36
N SER A 75 4.73 -6.64 5.87
CA SER A 75 3.44 -6.18 6.34
C SER A 75 3.21 -4.80 5.72
N ILE A 76 1.93 -4.54 5.44
CA ILE A 76 1.39 -3.26 5.00
C ILE A 76 0.32 -2.80 5.97
N ARG A 77 -0.35 -3.67 6.74
CA ARG A 77 -1.20 -3.21 7.84
C ARG A 77 -0.44 -2.35 8.84
N ALA A 78 0.87 -2.58 9.00
CA ALA A 78 1.76 -1.73 9.78
C ALA A 78 1.90 -0.31 9.23
N THR A 79 1.67 -0.09 7.94
CA THR A 79 1.98 1.15 7.21
C THR A 79 0.76 1.74 6.48
N GLN A 80 -0.41 1.10 6.60
CA GLN A 80 -1.66 1.46 5.92
C GLN A 80 -2.09 2.89 6.22
N ALA A 81 -2.99 3.38 5.37
CA ALA A 81 -3.74 4.62 5.57
C ALA A 81 -5.21 4.40 5.23
N ALA A 82 -5.50 4.00 3.99
CA ALA A 82 -6.84 3.64 3.51
C ALA A 82 -6.71 2.89 2.17
N PRO A 83 -7.67 2.02 1.83
CA PRO A 83 -7.77 1.46 0.49
C PRO A 83 -8.17 2.53 -0.54
N GLU A 84 -8.25 2.15 -1.81
CA GLU A 84 -8.76 2.97 -2.89
C GLU A 84 -9.82 2.16 -3.65
N LYS A 85 -10.88 2.82 -4.12
CA LYS A 85 -11.93 2.19 -4.90
C LYS A 85 -11.37 1.85 -6.28
N LYS A 86 -11.30 0.55 -6.57
CA LYS A 86 -10.62 0.00 -7.75
C LYS A 86 -11.57 -1.02 -8.40
N GLU A 87 -12.87 -0.73 -8.37
CA GLU A 87 -13.93 -1.60 -8.90
C GLU A 87 -13.75 -1.89 -10.39
N SER A 88 -13.21 -0.91 -11.13
CA SER A 88 -12.94 -1.01 -12.55
C SER A 88 -11.76 -0.10 -12.92
N LYS A 89 -11.21 -0.29 -14.13
CA LYS A 89 -10.04 0.47 -14.59
C LYS A 89 -10.38 1.97 -14.70
N PRO A 90 -9.40 2.87 -14.48
CA PRO A 90 -9.56 4.28 -14.76
C PRO A 90 -9.70 4.52 -16.26
N ARG A 91 -10.30 5.67 -16.62
CA ARG A 91 -10.52 6.11 -18.02
C ARG A 91 -11.22 5.03 -18.86
N LYS A 92 -12.03 4.18 -18.25
CA LYS A 92 -12.94 3.28 -18.95
C LYS A 92 -13.90 4.07 -19.84
N PRO A 93 -14.41 3.47 -20.94
CA PRO A 93 -15.50 4.08 -21.70
C PRO A 93 -16.77 4.12 -20.85
N LYS A 94 -17.65 5.09 -21.12
CA LYS A 94 -18.96 5.14 -20.47
C LYS A 94 -19.77 3.91 -20.87
N ALA A 95 -20.31 3.20 -19.88
CA ALA A 95 -21.20 2.05 -20.04
C ALA A 95 -22.01 1.88 -18.76
N ALA A 96 -23.20 1.28 -18.88
CA ALA A 96 -23.96 0.84 -17.71
C ALA A 96 -23.21 -0.27 -16.97
N GLN A 97 -23.33 -0.27 -15.65
CA GLN A 97 -22.82 -1.31 -14.76
C GLN A 97 -23.60 -1.30 -13.45
N VAL A 98 -23.28 -2.22 -12.54
CA VAL A 98 -23.90 -2.35 -11.23
C VAL A 98 -22.78 -2.24 -10.19
N SER A 99 -22.32 -1.01 -10.00
CA SER A 99 -21.27 -0.64 -9.04
C SER A 99 -21.63 -1.07 -7.61
N GLU A 100 -20.60 -1.22 -6.76
CA GLU A 100 -20.78 -1.38 -5.33
C GLU A 100 -21.43 -0.11 -4.76
N GLU A 101 -22.48 -0.27 -3.94
CA GLU A 101 -23.27 0.85 -3.42
C GLU A 101 -22.65 1.43 -2.14
N ALA A 102 -21.67 0.73 -1.54
CA ALA A 102 -21.01 1.09 -0.29
C ALA A 102 -19.98 2.23 -0.47
N SER A 103 -20.30 3.26 -1.25
CA SER A 103 -19.40 4.35 -1.58
C SER A 103 -18.94 5.09 -0.31
N THR A 104 -19.88 5.52 0.54
CA THR A 104 -19.60 6.34 1.72
C THR A 104 -18.53 5.75 2.65
N PRO A 105 -18.61 4.50 3.14
CA PRO A 105 -17.58 3.95 4.03
C PRO A 105 -16.21 3.76 3.36
N GLN A 106 -16.08 4.06 2.07
CA GLN A 106 -14.86 3.95 1.26
C GLN A 106 -14.56 5.28 0.55
N GLY A 107 -15.22 6.38 0.92
CA GLY A 107 -15.22 7.63 0.17
C GLY A 107 -16.25 8.58 0.76
N PHE A 108 -16.04 8.99 2.02
CA PHE A 108 -17.00 9.72 2.85
C PHE A 108 -17.44 11.08 2.28
N ASN A 109 -16.79 11.58 1.22
CA ASN A 109 -17.19 12.81 0.51
C ASN A 109 -18.65 12.81 0.06
N THR A 110 -19.25 11.64 -0.15
CA THR A 110 -20.68 11.49 -0.44
C THR A 110 -21.57 12.12 0.65
N LEU A 111 -21.15 12.06 1.92
CA LEU A 111 -21.88 12.55 3.09
C LEU A 111 -21.71 14.06 3.25
N LYS A 112 -22.04 14.81 2.19
CA LYS A 112 -22.04 16.27 2.23
C LYS A 112 -23.00 16.76 3.31
N ASP A 113 -22.66 17.89 3.93
CA ASP A 113 -23.45 18.56 4.96
C ASP A 113 -23.07 20.04 4.98
N LYS A 114 -23.99 20.92 5.37
CA LYS A 114 -23.76 22.37 5.49
C LYS A 114 -24.69 22.91 6.58
N LEU A 115 -24.26 24.00 7.22
CA LEU A 115 -25.06 24.79 8.16
C LEU A 115 -24.63 26.25 8.00
N GLU A 116 -25.52 27.19 8.30
CA GLU A 116 -25.29 28.64 8.16
C GLU A 116 -24.23 29.20 9.12
N GLU A 117 -23.83 28.42 10.11
CA GLU A 117 -22.77 28.73 11.08
C GLU A 117 -22.11 27.40 11.47
N TRP A 118 -20.90 27.45 12.03
CA TRP A 118 -20.05 26.28 12.23
C TRP A 118 -19.54 26.19 13.69
N ILE A 119 -20.07 27.02 14.59
CA ILE A 119 -19.84 26.91 16.04
C ILE A 119 -20.26 25.52 16.52
N GLU A 120 -19.58 25.02 17.56
CA GLU A 120 -19.84 23.69 18.14
C GLU A 120 -21.29 23.56 18.65
N MET A 121 -21.90 24.68 19.07
CA MET A 121 -23.31 24.72 19.50
C MET A 121 -24.30 24.54 18.35
N SER A 122 -23.86 24.47 17.10
CA SER A 122 -24.72 24.46 15.89
C SER A 122 -25.68 25.66 15.87
N ASN A 123 -25.25 26.79 16.45
CA ASN A 123 -26.03 28.01 16.69
C ASN A 123 -27.38 27.77 17.38
N ARG A 124 -27.56 26.65 18.08
CA ARG A 124 -28.82 26.37 18.80
C ARG A 124 -29.13 27.43 19.86
N LYS A 125 -28.11 28.03 20.47
CA LYS A 125 -28.26 29.14 21.42
C LYS A 125 -28.85 30.39 20.77
N ASP A 126 -28.64 30.58 19.47
CA ASP A 126 -28.90 31.77 18.63
C ASP A 126 -29.02 33.09 19.40
N LEU A 127 -30.23 33.43 19.88
CA LEU A 127 -30.50 34.59 20.73
C LEU A 127 -31.61 34.22 21.72
N ILE A 128 -31.45 33.09 22.40
CA ILE A 128 -32.34 32.64 23.47
C ILE A 128 -32.50 33.72 24.54
N LYS A 129 -33.70 33.79 25.13
CA LYS A 129 -34.05 34.69 26.24
C LYS A 129 -34.97 33.93 27.20
N LYS A 130 -35.07 34.41 28.44
CA LYS A 130 -36.05 33.89 29.41
C LYS A 130 -37.46 33.98 28.80
N MET A 1 28.57 -11.45 5.81
CA MET A 1 27.60 -10.84 4.87
C MET A 1 26.18 -11.31 5.23
N ALA A 2 25.26 -10.36 5.38
CA ALA A 2 23.84 -10.61 5.63
C ALA A 2 23.02 -9.46 5.03
N ALA A 3 21.73 -9.70 4.78
CA ALA A 3 20.80 -8.68 4.33
C ALA A 3 20.67 -7.57 5.39
N LYS A 4 20.39 -6.34 4.93
CA LYS A 4 20.14 -5.20 5.83
C LYS A 4 18.85 -5.40 6.66
N PHE A 5 17.89 -6.12 6.10
CA PHE A 5 16.57 -6.31 6.70
C PHE A 5 16.67 -7.29 7.86
N GLU A 6 15.90 -6.99 8.90
CA GLU A 6 15.72 -7.81 10.10
C GLU A 6 14.26 -7.64 10.52
N VAL A 7 13.70 -8.64 11.21
CA VAL A 7 12.32 -8.57 11.72
C VAL A 7 12.14 -7.31 12.57
N GLY A 8 11.14 -6.51 12.19
CA GLY A 8 10.78 -5.27 12.86
C GLY A 8 11.31 -4.04 12.13
N SER A 9 12.25 -4.17 11.18
CA SER A 9 12.65 -3.06 10.32
C SER A 9 11.46 -2.60 9.49
N VAL A 10 11.50 -1.35 9.02
CA VAL A 10 10.46 -0.76 8.18
C VAL A 10 11.18 0.10 7.15
N TYR A 11 10.87 -0.14 5.88
CA TYR A 11 11.51 0.48 4.73
C TYR A 11 10.44 0.76 3.65
N THR A 12 10.87 1.13 2.45
CA THR A 12 9.99 1.41 1.32
C THR A 12 10.44 0.52 0.15
N GLY A 13 9.49 0.12 -0.69
CA GLY A 13 9.70 -0.75 -1.84
C GLY A 13 8.61 -0.51 -2.87
N LYS A 14 8.62 -1.28 -3.95
CA LYS A 14 7.64 -1.14 -5.04
C LYS A 14 6.99 -2.47 -5.31
N VAL A 15 5.69 -2.45 -5.49
CA VAL A 15 4.86 -3.64 -5.62
C VAL A 15 5.15 -4.26 -6.98
N THR A 16 5.51 -5.53 -7.00
CA THR A 16 5.96 -6.27 -8.18
C THR A 16 4.97 -7.35 -8.60
N GLY A 17 3.95 -7.66 -7.79
CA GLY A 17 2.85 -8.51 -8.19
C GLY A 17 1.75 -8.47 -7.14
N LEU A 18 0.54 -8.86 -7.53
CA LEU A 18 -0.63 -8.98 -6.65
C LEU A 18 -1.30 -10.32 -6.96
N GLN A 19 -1.85 -10.96 -5.94
CA GLN A 19 -2.40 -12.31 -5.99
C GLN A 19 -3.46 -12.44 -4.90
N ALA A 20 -4.38 -13.40 -5.04
CA ALA A 20 -5.46 -13.65 -4.09
C ALA A 20 -4.98 -14.06 -2.67
N TYR A 21 -3.67 -14.22 -2.46
CA TYR A 21 -3.08 -14.55 -1.16
C TYR A 21 -1.94 -13.61 -0.76
N GLY A 22 -1.55 -12.62 -1.57
CA GLY A 22 -0.50 -11.70 -1.17
C GLY A 22 0.01 -10.79 -2.29
N ALA A 23 0.89 -9.87 -1.92
CA ALA A 23 1.46 -8.84 -2.80
C ALA A 23 2.97 -8.93 -2.70
N PHE A 24 3.65 -9.13 -3.82
CA PHE A 24 5.10 -9.07 -3.83
C PHE A 24 5.51 -7.61 -3.82
N VAL A 25 6.56 -7.28 -3.05
CA VAL A 25 7.12 -5.95 -3.00
C VAL A 25 8.63 -6.10 -3.07
N ALA A 26 9.21 -5.61 -4.16
CA ALA A 26 10.65 -5.52 -4.32
C ALA A 26 11.16 -4.38 -3.45
N LEU A 27 12.34 -4.58 -2.88
CA LEU A 27 12.94 -3.72 -1.86
C LEU A 27 14.25 -3.10 -2.38
N ASP A 28 14.89 -3.80 -3.31
CA ASP A 28 16.18 -3.50 -3.91
C ASP A 28 16.23 -4.30 -5.21
N GLU A 29 17.14 -3.95 -6.12
CA GLU A 29 17.22 -4.53 -7.47
C GLU A 29 17.43 -6.05 -7.46
N GLU A 30 17.83 -6.66 -6.34
CA GLU A 30 18.07 -8.09 -6.20
C GLU A 30 17.38 -8.64 -4.93
N THR A 31 16.46 -7.89 -4.30
CA THR A 31 15.85 -8.28 -3.02
C THR A 31 14.35 -7.94 -3.05
N GLN A 32 13.51 -8.86 -2.57
CA GLN A 32 12.06 -8.76 -2.60
C GLN A 32 11.51 -9.53 -1.39
N GLY A 33 10.29 -9.19 -0.99
CA GLY A 33 9.53 -9.92 0.00
C GLY A 33 8.06 -10.00 -0.41
N LEU A 34 7.27 -10.66 0.42
CA LEU A 34 5.87 -10.98 0.14
C LEU A 34 5.02 -10.55 1.33
N VAL A 35 4.09 -9.64 1.09
CA VAL A 35 3.04 -9.30 2.03
C VAL A 35 1.99 -10.41 1.87
N HIS A 36 1.62 -11.12 2.93
CA HIS A 36 0.49 -12.04 2.85
C HIS A 36 -0.78 -11.20 2.93
N ILE A 37 -1.83 -11.59 2.21
CA ILE A 37 -3.09 -10.83 2.15
C ILE A 37 -3.64 -10.51 3.54
N SER A 38 -3.46 -11.41 4.50
CA SER A 38 -3.87 -11.26 5.90
C SER A 38 -3.28 -10.01 6.57
N GLU A 39 -2.15 -9.51 6.05
CA GLU A 39 -1.34 -8.47 6.65
C GLU A 39 -1.33 -7.21 5.78
N VAL A 40 -2.19 -7.12 4.78
CA VAL A 40 -2.32 -5.96 3.89
C VAL A 40 -3.01 -4.79 4.59
N THR A 41 -3.83 -5.06 5.61
CA THR A 41 -4.61 -4.06 6.33
C THR A 41 -4.86 -4.62 7.74
N HIS A 42 -4.99 -3.73 8.74
CA HIS A 42 -5.34 -4.08 10.12
C HIS A 42 -6.87 -4.31 10.22
N GLY A 43 -7.40 -5.15 9.33
CA GLY A 43 -8.82 -5.43 9.15
C GLY A 43 -9.00 -6.34 7.94
N PHE A 44 -10.25 -6.63 7.58
CA PHE A 44 -10.58 -7.42 6.40
C PHE A 44 -10.08 -6.74 5.12
N VAL A 45 -9.88 -7.52 4.06
CA VAL A 45 -9.43 -7.05 2.75
C VAL A 45 -10.50 -7.47 1.74
N LYS A 46 -11.09 -6.48 1.05
CA LYS A 46 -12.17 -6.70 0.09
C LYS A 46 -11.67 -7.60 -1.04
N ASP A 47 -10.53 -7.19 -1.60
CA ASP A 47 -9.67 -7.88 -2.54
C ASP A 47 -8.33 -7.15 -2.42
N ILE A 48 -7.20 -7.81 -2.63
CA ILE A 48 -5.91 -7.14 -2.49
C ILE A 48 -5.79 -5.94 -3.43
N ASN A 49 -6.40 -6.02 -4.61
CA ASN A 49 -6.37 -4.96 -5.62
C ASN A 49 -7.24 -3.76 -5.21
N GLU A 50 -8.06 -3.89 -4.17
CA GLU A 50 -8.83 -2.78 -3.59
C GLU A 50 -8.05 -2.10 -2.45
N HIS A 51 -6.92 -2.67 -2.01
CA HIS A 51 -6.16 -2.22 -0.83
C HIS A 51 -4.68 -1.93 -1.16
N LEU A 52 -4.21 -2.37 -2.33
CA LEU A 52 -2.84 -2.21 -2.84
C LEU A 52 -2.90 -2.04 -4.36
N SER A 53 -1.76 -1.80 -5.00
CA SER A 53 -1.67 -1.65 -6.45
C SER A 53 -0.29 -2.12 -6.91
N VAL A 54 -0.24 -2.93 -7.97
CA VAL A 54 1.02 -3.32 -8.60
C VAL A 54 1.62 -2.09 -9.28
N GLY A 55 2.96 -2.03 -9.32
CA GLY A 55 3.68 -0.95 -9.96
C GLY A 55 3.54 0.37 -9.20
N ASP A 56 3.34 0.31 -7.88
CA ASP A 56 3.22 1.48 -7.02
C ASP A 56 4.26 1.34 -5.89
N GLU A 57 4.56 2.42 -5.20
CA GLU A 57 5.55 2.45 -4.12
C GLU A 57 4.81 2.40 -2.80
N VAL A 58 5.31 1.63 -1.85
CA VAL A 58 4.66 1.38 -0.55
C VAL A 58 5.73 1.25 0.53
N GLN A 59 5.40 1.72 1.74
CA GLN A 59 6.20 1.47 2.92
C GLN A 59 5.81 0.07 3.42
N VAL A 60 6.78 -0.72 3.86
CA VAL A 60 6.61 -2.12 4.25
C VAL A 60 7.35 -2.36 5.56
N LYS A 61 6.71 -3.08 6.50
CA LYS A 61 7.37 -3.54 7.72
C LYS A 61 7.80 -4.99 7.49
N VAL A 62 9.05 -5.31 7.81
CA VAL A 62 9.58 -6.67 7.77
C VAL A 62 9.03 -7.46 8.96
N LEU A 63 8.42 -8.61 8.69
CA LEU A 63 7.83 -9.49 9.70
C LEU A 63 8.52 -10.85 9.78
N ALA A 64 9.22 -11.29 8.73
CA ALA A 64 10.10 -12.47 8.78
C ALA A 64 11.22 -12.28 7.76
N VAL A 65 12.34 -12.95 7.98
CA VAL A 65 13.45 -13.06 7.03
C VAL A 65 13.92 -14.52 7.10
N ASP A 66 14.26 -15.11 5.96
CA ASP A 66 14.88 -16.43 5.87
C ASP A 66 15.89 -16.37 4.73
N GLU A 67 17.16 -16.18 5.06
CA GLU A 67 18.22 -15.98 4.09
C GLU A 67 18.65 -17.29 3.42
N GLU A 68 18.24 -18.45 3.94
CA GLU A 68 18.52 -19.75 3.31
C GLU A 68 17.55 -19.95 2.16
N LYS A 69 16.26 -19.65 2.39
CA LYS A 69 15.24 -19.59 1.35
C LYS A 69 15.47 -18.38 0.43
N GLY A 70 16.12 -17.33 0.94
CA GLY A 70 16.25 -16.07 0.22
C GLY A 70 14.90 -15.36 0.13
N LYS A 71 14.16 -15.30 1.25
CA LYS A 71 12.79 -14.79 1.33
C LYS A 71 12.66 -13.82 2.49
N ILE A 72 11.67 -12.94 2.40
CA ILE A 72 11.32 -11.95 3.40
C ILE A 72 9.79 -11.92 3.41
N SER A 73 9.17 -11.93 4.60
CA SER A 73 7.74 -11.69 4.74
C SER A 73 7.58 -10.25 5.22
N LEU A 74 6.57 -9.57 4.67
CA LEU A 74 6.35 -8.14 4.84
C LEU A 74 4.92 -7.93 5.33
N SER A 75 4.59 -6.72 5.77
CA SER A 75 3.24 -6.35 6.14
C SER A 75 3.00 -4.89 5.77
N ILE A 76 1.73 -4.58 5.48
CA ILE A 76 1.25 -3.23 5.15
C ILE A 76 0.24 -2.78 6.21
N ARG A 77 -0.34 -3.68 7.02
CA ARG A 77 -1.14 -3.30 8.19
C ARG A 77 -0.39 -2.35 9.11
N ALA A 78 0.93 -2.48 9.16
CA ALA A 78 1.85 -1.64 9.91
C ALA A 78 2.00 -0.24 9.31
N THR A 79 1.77 -0.07 8.01
CA THR A 79 2.08 1.14 7.25
C THR A 79 0.84 1.81 6.62
N GLN A 80 -0.36 1.19 6.67
CA GLN A 80 -1.63 1.81 6.25
C GLN A 80 -1.90 3.11 7.03
N ALA A 81 -1.39 3.21 8.28
CA ALA A 81 -1.51 4.42 9.08
C ALA A 81 -0.63 5.52 8.49
N ALA A 82 -1.26 6.65 8.13
CA ALA A 82 -0.66 7.87 7.56
C ALA A 82 0.59 7.61 6.68
N PRO A 83 0.45 6.95 5.51
CA PRO A 83 1.55 6.73 4.58
C PRO A 83 2.25 8.04 4.17
N GLU A 84 3.52 7.92 3.79
CA GLU A 84 4.31 9.02 3.20
C GLU A 84 3.88 9.29 1.75
N LYS A 85 3.06 8.41 1.15
CA LYS A 85 2.57 8.51 -0.23
C LYS A 85 1.87 9.84 -0.47
N LYS A 86 1.95 10.36 -1.70
CA LYS A 86 1.21 11.56 -2.12
C LYS A 86 -0.30 11.33 -2.05
N GLU A 87 -0.75 10.09 -2.24
CA GLU A 87 -2.13 9.67 -2.04
C GLU A 87 -2.06 8.30 -1.37
N SER A 88 -2.56 8.22 -0.14
CA SER A 88 -2.61 7.02 0.67
C SER A 88 -3.46 5.92 0.01
N LYS A 89 -4.55 6.28 -0.67
CA LYS A 89 -5.43 5.31 -1.32
C LYS A 89 -4.68 4.62 -2.48
N PRO A 90 -5.01 3.37 -2.83
CA PRO A 90 -4.42 2.65 -3.96
C PRO A 90 -4.86 3.22 -5.32
N ARG A 91 -4.12 2.89 -6.39
CA ARG A 91 -4.52 3.17 -7.78
C ARG A 91 -5.74 2.32 -8.15
N LYS A 92 -5.84 1.11 -7.56
CA LYS A 92 -6.83 0.06 -7.80
C LYS A 92 -6.74 -0.51 -9.23
N PRO A 93 -5.81 -1.44 -9.50
CA PRO A 93 -5.77 -2.18 -10.76
C PRO A 93 -7.15 -2.76 -11.12
N LYS A 94 -7.46 -2.78 -12.42
CA LYS A 94 -8.74 -3.25 -13.01
C LYS A 94 -9.99 -2.49 -12.51
N ALA A 95 -9.83 -1.46 -11.68
CA ALA A 95 -10.91 -0.60 -11.17
C ALA A 95 -10.33 0.79 -10.92
N ALA A 96 -9.49 1.27 -11.86
CA ALA A 96 -8.66 2.46 -11.73
C ALA A 96 -9.46 3.65 -11.21
N GLN A 97 -8.96 4.27 -10.15
CA GLN A 97 -9.47 5.54 -9.64
C GLN A 97 -9.18 6.68 -10.63
N VAL A 98 -9.66 7.89 -10.31
CA VAL A 98 -9.45 9.10 -11.12
C VAL A 98 -7.96 9.37 -11.37
N SER A 99 -7.67 10.12 -12.43
CA SER A 99 -6.31 10.43 -12.90
C SER A 99 -5.45 11.09 -11.81
N GLU A 100 -4.14 10.94 -11.94
CA GLU A 100 -3.13 11.43 -11.00
C GLU A 100 -1.96 12.01 -11.81
N GLU A 101 -1.09 12.78 -11.16
CA GLU A 101 0.08 13.39 -11.80
C GLU A 101 1.09 12.33 -12.25
N ALA A 102 1.14 11.19 -11.55
CA ALA A 102 2.04 10.07 -11.85
C ALA A 102 1.86 9.61 -13.30
N SER A 103 2.91 9.81 -14.11
CA SER A 103 2.92 9.54 -15.55
C SER A 103 4.24 8.86 -15.99
N THR A 104 5.03 8.40 -15.02
CA THR A 104 6.37 7.83 -15.19
C THR A 104 6.31 6.57 -16.08
N PRO A 105 7.35 6.29 -16.91
CA PRO A 105 7.50 5.03 -17.63
C PRO A 105 7.37 3.75 -16.78
N GLN A 106 7.45 3.86 -15.45
CA GLN A 106 7.12 2.79 -14.50
C GLN A 106 5.79 2.12 -14.84
N GLY A 107 4.79 2.87 -15.32
CA GLY A 107 3.50 2.31 -15.71
C GLY A 107 3.62 1.22 -16.78
N PHE A 108 4.53 1.40 -17.74
CA PHE A 108 4.87 0.36 -18.73
C PHE A 108 5.76 -0.70 -18.07
N ASN A 109 6.84 -0.28 -17.41
CA ASN A 109 7.87 -1.17 -16.88
C ASN A 109 7.34 -2.17 -15.84
N THR A 110 6.17 -1.88 -15.25
CA THR A 110 5.42 -2.78 -14.37
C THR A 110 5.10 -4.13 -15.05
N LEU A 111 5.10 -4.24 -16.39
CA LEU A 111 4.78 -5.49 -17.08
C LEU A 111 5.63 -6.65 -16.55
N LYS A 112 4.98 -7.76 -16.19
CA LYS A 112 5.61 -8.87 -15.47
C LYS A 112 6.26 -9.87 -16.42
N ASP A 113 5.94 -9.81 -17.71
CA ASP A 113 6.49 -10.69 -18.74
C ASP A 113 6.51 -9.94 -20.07
N LYS A 114 7.35 -10.38 -21.01
CA LYS A 114 7.44 -9.81 -22.34
C LYS A 114 6.05 -9.90 -23.00
N LEU A 115 5.66 -8.81 -23.69
CA LEU A 115 4.41 -8.71 -24.44
C LEU A 115 3.15 -9.05 -23.60
N GLU A 116 3.21 -8.88 -22.27
CA GLU A 116 2.07 -9.14 -21.38
C GLU A 116 0.86 -8.29 -21.82
N GLU A 117 -0.34 -8.87 -21.73
CA GLU A 117 -1.59 -8.28 -22.23
C GLU A 117 -1.46 -7.79 -23.68
N TRP A 118 -0.59 -8.43 -24.47
CA TRP A 118 -0.27 -8.12 -25.86
C TRP A 118 0.20 -6.67 -26.06
N ILE A 119 0.79 -6.03 -25.03
CA ILE A 119 1.35 -4.69 -25.16
C ILE A 119 2.42 -4.71 -26.25
N GLU A 120 2.33 -3.80 -27.23
CA GLU A 120 3.33 -3.70 -28.27
C GLU A 120 4.56 -3.00 -27.70
N MET A 121 5.51 -3.78 -27.17
CA MET A 121 6.75 -3.26 -26.61
C MET A 121 7.55 -2.42 -27.61
N SER A 122 7.37 -2.63 -28.91
CA SER A 122 8.02 -1.82 -29.93
C SER A 122 7.59 -0.34 -29.85
N ASN A 123 6.45 -0.02 -29.23
CA ASN A 123 6.08 1.37 -28.93
C ASN A 123 7.09 2.00 -27.96
N ARG A 124 7.49 1.28 -26.91
CA ARG A 124 8.50 1.77 -25.96
C ARG A 124 9.85 1.91 -26.65
N LYS A 125 10.17 1.02 -27.59
CA LYS A 125 11.38 1.13 -28.43
C LYS A 125 11.31 2.30 -29.42
N ASP A 126 10.17 3.00 -29.52
CA ASP A 126 9.90 4.01 -30.56
C ASP A 126 10.20 3.46 -31.96
N LEU A 127 9.71 2.23 -32.20
CA LEU A 127 9.99 1.41 -33.39
C LEU A 127 8.66 0.82 -33.85
N ILE A 128 7.68 1.68 -34.11
CA ILE A 128 6.30 1.32 -34.42
C ILE A 128 5.79 2.23 -35.54
N LYS A 129 4.87 1.70 -36.36
CA LYS A 129 4.21 2.42 -37.46
C LYS A 129 2.84 1.76 -37.67
N LYS A 130 1.88 2.49 -38.23
CA LYS A 130 0.57 1.95 -38.59
C LYS A 130 0.77 0.74 -39.51
#